data_3RMD
#
_entry.id   3RMD
#
_cell.length_a   132.837
_cell.length_b   123.025
_cell.length_c   168.775
_cell.angle_alpha   90.000
_cell.angle_beta   95.870
_cell.angle_gamma   90.000
#
_symmetry.space_group_name_H-M   'P 1 21 1'
#
loop_
_entity.id
_entity.type
_entity.pdbx_description
1 polymer 'DNA polymerase'
2 polymer "DNA (5'-D(*CP*GP*TP*(CTG)P*G*AP*AP*TP*GP*AP*CP*AP*GP*CP*CP*GP*CP*G)-3')"
3 polymer "DNA (5'-D(*GP*CP*GP*GP*CP*TP*GP*TP*CP*AP*TP*TP*CP*AP*A)-3')"
4 non-polymer "2'-DEOXYADENOSINE 5'-TRIPHOSPHATE"
5 water water
#
loop_
_entity_poly.entity_id
_entity_poly.type
_entity_poly.pdbx_seq_one_letter_code
_entity_poly.pdbx_strand_id
1 'polypeptide(L)'
;MKEFYLTVEQIGDSIFERYIDSNGRERTREVEYKPSLFAHCPESQATKYFDIYGKPCTRKLFANMRDASQWIKRMEDIGL
EALGMDDFKLAYLSDTYNYEIKYDHTKIRVANFDIEVTSPDGFPEPSQAKHPIDAITHYDSIDDRFYVFDLLNSPYGNVE
EWSIEIAAKLQEQGGDEVPSEIIDKIIYMPFDNEKELLMEYLNFWQQKTPVILTGWNVESFAIPYVYNRIKNIFGESTAK
RLSPHRKTRVKVIENMYGSREIITLFGISVLDYIDLYKKFSFTNQPSYSLDYISEFELNVGKLKYDGPISKLRESNHQRY
ISYNIIAVYRVLQIDAKRQFINLSLDMGYYAKIQIQSVFSPIKTWDAIIFNSLKEQNKVIPQGRSHPVQPYPGAFVKEPI
PNRYKYVMSFDLTSLYPSIIRQVNISPETIAGTFKVAPLHDYINAVAERPSDVYSCSPNGMMYYKDRDGVVPTEITKVFN
QRKEHKGYMLAAQRNGEIIKEALHNPNLSVDEPLDVDYRFDFSDEIKEKIKKLSAKSLNEMLFRAQRTEVAGMTAQINRK
LLINSLYGALGNVWFRYYDLRNATAITTFGQMALQWIERKVNEYLNEVCGTEGEAFVLYGDTDSIYVSADKIIDKVGESK
FRDTNHWVDFLDKFARERMEPAIDRGFREMCEYMNNKQHLMFMDREAIAGPPLGSKGIGGFWTGKKRYALNVWDMEGTRY
AEPKLKIMGLETQKSSTPKAVQKALKECIRRMLQEGEESLQEYFKEFEKEFRQLNYISIASVSSANNIAKYDVGGFPGPK
CPFHIRGILTYNRAIKGNIDAPQVVEGEKVYVLPLREGNPFGDKCIAWPSGTEITDLIKDDVLHWMDYTVLLEKTFIKPL
EGFTSAAKLDYEKKASLFDMFDFHHH
;
A,B,C,D
2 'polydeoxyribonucleotide' (DC)(DG)(DT)(CTG)(DG)(DA)(DA)(DT)(DG)(DA)(DC)(DA)(DG)(DC)(DC)(DG)(DC)(DG) E,G,I,K
3 'polydeoxyribonucleotide' (DG)(DC)(DG)(DG)(DC)(DT)(DG)(DT)(DC)(DA)(DT)(DT)(DC)(DA)(DA) F,H,J,L
#
# COMPACT_ATOMS: atom_id res chain seq x y z
N MET A 1 -41.17 21.12 -5.61
CA MET A 1 -40.72 21.74 -4.33
C MET A 1 -41.34 20.98 -3.16
N LYS A 2 -40.59 20.83 -2.08
CA LYS A 2 -41.12 20.15 -0.88
C LYS A 2 -41.99 21.17 -0.12
N GLU A 3 -43.24 20.78 0.19
CA GLU A 3 -44.19 21.64 0.90
C GLU A 3 -43.78 22.00 2.32
N PHE A 4 -44.04 23.23 2.75
CA PHE A 4 -43.74 23.64 4.11
C PHE A 4 -44.84 24.54 4.66
N TYR A 5 -45.03 24.52 5.98
CA TYR A 5 -46.06 25.33 6.59
C TYR A 5 -45.65 26.76 6.88
N LEU A 6 -46.65 27.62 7.03
CA LEU A 6 -46.41 29.02 7.32
C LEU A 6 -46.89 29.29 8.72
N THR A 7 -48.16 28.97 8.99
CA THR A 7 -48.71 29.16 10.32
C THR A 7 -49.73 28.08 10.57
N VAL A 8 -49.88 27.71 11.84
CA VAL A 8 -50.85 26.71 12.21
C VAL A 8 -51.50 27.15 13.51
N GLU A 9 -52.81 26.98 13.59
CA GLU A 9 -53.55 27.36 14.77
C GLU A 9 -54.58 26.31 15.05
N GLN A 10 -55.07 26.29 16.28
CA GLN A 10 -56.09 25.35 16.68
C GLN A 10 -57.32 26.10 17.18
N ILE A 11 -58.41 25.95 16.45
CA ILE A 11 -59.66 26.60 16.82
C ILE A 11 -60.70 25.51 16.96
N GLY A 12 -61.00 25.13 18.20
CA GLY A 12 -61.97 24.08 18.42
C GLY A 12 -61.41 22.71 18.07
N ASP A 13 -62.17 21.93 17.31
CA ASP A 13 -61.73 20.61 16.93
C ASP A 13 -61.01 20.62 15.60
N SER A 14 -60.69 21.80 15.09
CA SER A 14 -59.98 21.84 13.83
C SER A 14 -58.72 22.69 13.87
N ILE A 15 -57.76 22.31 13.04
CA ILE A 15 -56.47 22.97 12.91
C ILE A 15 -56.54 23.82 11.65
N PHE A 16 -56.13 25.08 11.74
CA PHE A 16 -56.11 25.95 10.56
C PHE A 16 -54.68 26.20 10.16
N GLU A 17 -54.31 25.76 8.97
CA GLU A 17 -52.96 25.92 8.52
C GLU A 17 -52.83 26.71 7.24
N ARG A 18 -51.79 27.52 7.17
CA ARG A 18 -51.48 28.29 5.97
C ARG A 18 -50.15 27.67 5.59
N TYR A 19 -50.01 27.30 4.32
CA TYR A 19 -48.78 26.65 3.88
C TYR A 19 -48.44 26.97 2.44
N ILE A 20 -47.21 26.63 2.08
CA ILE A 20 -46.76 26.81 0.72
C ILE A 20 -46.85 25.40 0.18
N ASP A 21 -47.53 25.23 -0.96
CA ASP A 21 -47.69 23.91 -1.53
C ASP A 21 -46.59 23.51 -2.52
N SER A 22 -46.73 22.29 -3.03
CA SER A 22 -45.81 21.67 -3.98
C SER A 22 -45.40 22.62 -5.09
N ASN A 23 -46.35 23.42 -5.55
CA ASN A 23 -46.03 24.36 -6.60
C ASN A 23 -45.68 25.76 -6.16
N GLY A 24 -45.46 25.91 -4.86
CA GLY A 24 -45.07 27.20 -4.32
C GLY A 24 -46.18 28.21 -4.09
N ARG A 25 -47.43 27.76 -4.19
CA ARG A 25 -48.60 28.61 -3.98
C ARG A 25 -48.95 28.68 -2.50
N GLU A 26 -49.40 29.83 -2.01
CA GLU A 26 -49.81 29.90 -0.60
C GLU A 26 -51.24 29.42 -0.48
N ARG A 27 -51.44 28.34 0.28
CA ARG A 27 -52.76 27.80 0.44
C ARG A 27 -53.14 27.83 1.89
N THR A 28 -54.38 27.49 2.17
CA THR A 28 -54.83 27.47 3.54
C THR A 28 -55.90 26.39 3.64
N ARG A 29 -55.86 25.62 4.73
CA ARG A 29 -56.81 24.52 4.90
C ARG A 29 -57.30 24.28 6.33
N GLU A 30 -58.50 23.73 6.45
CA GLU A 30 -59.06 23.40 7.75
C GLU A 30 -58.98 21.88 7.88
N VAL A 31 -58.52 21.40 9.03
CA VAL A 31 -58.36 19.96 9.25
C VAL A 31 -58.90 19.48 10.60
N GLU A 32 -59.80 18.50 10.56
CA GLU A 32 -60.39 17.94 11.75
C GLU A 32 -59.39 16.96 12.34
N TYR A 33 -58.20 17.43 12.66
CA TYR A 33 -57.16 16.57 13.18
C TYR A 33 -57.58 15.62 14.29
N LYS A 34 -57.17 14.36 14.12
CA LYS A 34 -57.44 13.30 15.08
C LYS A 34 -56.13 12.99 15.78
N PRO A 35 -55.96 13.52 16.98
CA PRO A 35 -54.74 13.30 17.76
C PRO A 35 -54.67 11.92 18.37
N SER A 36 -53.48 11.52 18.76
CA SER A 36 -53.27 10.24 19.40
C SER A 36 -52.55 10.51 20.71
N LEU A 37 -52.88 9.75 21.74
CA LEU A 37 -52.24 9.86 23.05
C LEU A 37 -51.96 8.44 23.51
N PHE A 38 -51.22 8.29 24.60
CA PHE A 38 -50.89 6.95 25.07
C PHE A 38 -51.08 6.74 26.55
N ALA A 39 -51.42 5.51 26.89
CA ALA A 39 -51.59 5.16 28.28
C ALA A 39 -50.75 3.92 28.49
N HIS A 40 -50.34 3.70 29.74
CA HIS A 40 -49.54 2.54 30.07
C HIS A 40 -50.42 1.30 29.93
N CYS A 41 -49.83 0.18 29.52
CA CYS A 41 -50.59 -1.05 29.38
C CYS A 41 -49.84 -2.23 29.96
N PRO A 42 -50.52 -3.36 30.18
CA PRO A 42 -49.85 -4.52 30.75
C PRO A 42 -48.83 -5.13 29.78
N GLU A 43 -47.85 -5.81 30.33
CA GLU A 43 -46.81 -6.43 29.52
C GLU A 43 -47.39 -7.22 28.35
N SER A 44 -48.37 -8.05 28.64
CA SER A 44 -49.03 -8.88 27.62
C SER A 44 -49.40 -8.09 26.38
N GLN A 45 -50.07 -6.97 26.58
CA GLN A 45 -50.51 -6.11 25.49
C GLN A 45 -49.33 -5.64 24.65
N ALA A 46 -48.85 -6.51 23.75
CA ALA A 46 -47.71 -6.20 22.90
C ALA A 46 -47.97 -5.03 21.95
N THR A 47 -47.06 -4.06 21.97
CA THR A 47 -47.15 -2.87 21.11
C THR A 47 -45.78 -2.46 20.63
N LYS A 48 -45.75 -1.41 19.83
CA LYS A 48 -44.52 -0.87 19.28
C LYS A 48 -44.13 0.38 20.05
N TYR A 49 -45.01 0.82 20.93
CA TYR A 49 -44.78 2.04 21.70
C TYR A 49 -44.31 1.84 23.12
N PHE A 50 -43.31 2.62 23.51
CA PHE A 50 -42.77 2.59 24.86
C PHE A 50 -42.42 4.01 25.32
N ASP A 51 -42.49 4.23 26.64
CA ASP A 51 -42.14 5.54 27.18
C ASP A 51 -40.61 5.60 27.36
N ILE A 52 -40.08 6.79 27.66
CA ILE A 52 -38.64 6.95 27.84
C ILE A 52 -38.05 6.05 28.93
N TYR A 53 -38.93 5.37 29.68
CA TYR A 53 -38.48 4.48 30.74
C TYR A 53 -38.58 3.02 30.33
N GLY A 54 -38.87 2.77 29.05
CA GLY A 54 -38.98 1.40 28.57
C GLY A 54 -40.31 0.72 28.81
N LYS A 55 -41.19 1.32 29.62
CA LYS A 55 -42.50 0.74 29.89
C LYS A 55 -43.40 0.83 28.64
N PRO A 56 -44.17 -0.23 28.37
CA PRO A 56 -45.07 -0.36 27.22
C PRO A 56 -46.32 0.51 27.30
N CYS A 57 -46.71 1.11 26.17
CA CYS A 57 -47.88 1.96 26.09
C CYS A 57 -48.74 1.60 24.90
N THR A 58 -50.03 1.90 25.01
CA THR A 58 -50.93 1.63 23.89
C THR A 58 -51.44 2.95 23.34
N ARG A 59 -51.45 3.05 22.02
CA ARG A 59 -51.90 4.25 21.36
C ARG A 59 -53.41 4.36 21.31
N LYS A 60 -53.91 5.50 21.78
CA LYS A 60 -55.33 5.80 21.79
C LYS A 60 -55.60 6.91 20.77
N LEU A 61 -56.35 6.61 19.72
CA LEU A 61 -56.67 7.62 18.71
C LEU A 61 -58.03 8.25 19.06
N PHE A 62 -58.13 9.57 19.02
CA PHE A 62 -59.40 10.21 19.35
C PHE A 62 -60.14 10.74 18.14
N ALA A 63 -61.43 10.99 18.32
CA ALA A 63 -62.30 11.48 17.26
C ALA A 63 -61.99 12.92 16.92
N ASN A 64 -61.55 13.68 17.92
CA ASN A 64 -61.26 15.08 17.71
C ASN A 64 -60.46 15.57 18.90
N MET A 65 -59.79 16.71 18.73
CA MET A 65 -58.96 17.23 19.81
C MET A 65 -59.70 17.46 21.12
N ARG A 66 -60.97 17.81 21.05
CA ARG A 66 -61.75 18.07 22.27
C ARG A 66 -61.74 16.84 23.17
N ASP A 67 -62.01 15.68 22.57
CA ASP A 67 -62.04 14.40 23.28
C ASP A 67 -60.70 14.08 23.91
N ALA A 68 -59.64 14.29 23.13
CA ALA A 68 -58.30 14.04 23.61
C ALA A 68 -58.07 14.85 24.89
N SER A 69 -58.43 16.12 24.84
CA SER A 69 -58.29 17.04 25.97
C SER A 69 -59.06 16.53 27.17
N GLN A 70 -60.35 16.31 26.95
CA GLN A 70 -61.26 15.81 28.00
C GLN A 70 -60.71 14.53 28.61
N TRP A 71 -60.17 13.66 27.75
CA TRP A 71 -59.60 12.41 28.21
C TRP A 71 -58.42 12.67 29.14
N ILE A 72 -57.59 13.64 28.79
CA ILE A 72 -56.44 13.93 29.62
C ILE A 72 -56.86 14.47 30.98
N LYS A 73 -57.95 15.24 31.01
CA LYS A 73 -58.41 15.78 32.27
C LYS A 73 -58.85 14.61 33.13
N ARG A 74 -59.63 13.71 32.53
CA ARG A 74 -60.16 12.50 33.18
C ARG A 74 -59.03 11.68 33.80
N MET A 75 -58.08 11.28 32.96
CA MET A 75 -56.93 10.52 33.41
C MET A 75 -56.30 11.18 34.63
N GLU A 76 -56.04 12.50 34.50
CA GLU A 76 -55.47 13.36 35.55
C GLU A 76 -56.26 13.20 36.84
N ASP A 77 -57.58 13.23 36.67
CA ASP A 77 -58.53 13.10 37.78
C ASP A 77 -58.18 11.87 38.58
N ILE A 78 -58.40 10.74 37.91
CA ILE A 78 -58.19 9.39 38.42
C ILE A 78 -56.78 9.13 38.95
N GLY A 79 -55.79 9.83 38.41
CA GLY A 79 -54.43 9.64 38.86
C GLY A 79 -53.56 8.81 37.94
N LEU A 80 -53.98 8.60 36.70
CA LEU A 80 -53.17 7.81 35.78
C LEU A 80 -52.48 8.71 34.78
N GLU A 81 -51.25 8.37 34.43
CA GLU A 81 -50.48 9.17 33.51
C GLU A 81 -51.05 9.14 32.11
N ALA A 82 -51.08 10.30 31.47
CA ALA A 82 -51.58 10.44 30.11
C ALA A 82 -50.38 10.87 29.28
N LEU A 83 -49.82 9.93 28.54
CA LEU A 83 -48.64 10.19 27.74
C LEU A 83 -48.92 10.69 26.33
N GLY A 84 -47.93 11.33 25.72
CA GLY A 84 -48.07 11.86 24.39
C GLY A 84 -47.96 13.38 24.35
N MET A 85 -47.96 13.94 23.14
CA MET A 85 -47.86 15.38 22.94
C MET A 85 -49.24 16.04 23.17
N ASP A 86 -49.37 16.75 24.27
CA ASP A 86 -50.63 17.40 24.59
C ASP A 86 -50.90 18.66 23.74
N ASP A 87 -49.85 19.21 23.12
CA ASP A 87 -49.96 20.40 22.26
C ASP A 87 -50.22 19.88 20.84
N PHE A 88 -51.49 19.74 20.50
CA PHE A 88 -51.88 19.19 19.22
C PHE A 88 -51.32 19.90 18.00
N LYS A 89 -51.08 21.21 18.09
CA LYS A 89 -50.52 21.94 16.95
C LYS A 89 -49.16 21.32 16.62
N LEU A 90 -48.39 21.05 17.65
CA LEU A 90 -47.06 20.45 17.49
C LEU A 90 -47.13 19.06 16.88
N ALA A 91 -48.15 18.29 17.27
CA ALA A 91 -48.32 16.94 16.77
C ALA A 91 -48.73 17.01 15.30
N TYR A 92 -49.72 17.85 15.02
CA TYR A 92 -50.23 18.03 13.66
C TYR A 92 -49.07 18.37 12.73
N LEU A 93 -48.22 19.29 13.17
CA LEU A 93 -47.07 19.73 12.41
C LEU A 93 -46.13 18.57 12.16
N SER A 94 -45.80 17.85 13.23
CA SER A 94 -44.93 16.69 13.19
C SER A 94 -45.44 15.60 12.26
N ASP A 95 -46.75 15.43 12.25
CA ASP A 95 -47.38 14.43 11.39
C ASP A 95 -47.37 14.92 9.96
N THR A 96 -47.77 16.16 9.74
CA THR A 96 -47.85 16.70 8.38
C THR A 96 -46.53 16.99 7.71
N TYR A 97 -45.45 17.04 8.48
CA TYR A 97 -44.13 17.28 7.91
C TYR A 97 -43.15 16.33 8.53
N ASN A 98 -43.34 15.05 8.20
CA ASN A 98 -42.48 14.00 8.72
C ASN A 98 -41.15 13.94 7.98
N TYR A 99 -40.43 15.06 7.98
CA TYR A 99 -39.15 15.12 7.31
C TYR A 99 -38.49 16.43 7.60
N GLU A 100 -37.32 16.65 7.01
CA GLU A 100 -36.60 17.87 7.24
C GLU A 100 -37.17 18.99 6.39
N ILE A 101 -37.76 19.96 7.06
CA ILE A 101 -38.36 21.10 6.37
C ILE A 101 -37.32 21.91 5.66
N LYS A 102 -37.52 22.09 4.35
CA LYS A 102 -36.65 22.91 3.54
C LYS A 102 -37.62 23.99 3.11
N TYR A 103 -37.38 25.22 3.59
CA TYR A 103 -38.24 26.34 3.27
C TYR A 103 -37.57 27.34 2.38
N ASP A 104 -38.39 27.98 1.57
CA ASP A 104 -37.98 29.00 0.61
C ASP A 104 -38.54 30.33 1.12
N HIS A 105 -37.74 31.10 1.86
CA HIS A 105 -38.23 32.36 2.43
C HIS A 105 -38.85 33.32 1.42
N THR A 106 -38.57 33.11 0.14
CA THR A 106 -39.09 33.96 -0.91
C THR A 106 -40.60 33.82 -1.05
N LYS A 107 -41.13 32.72 -0.57
CA LYS A 107 -42.57 32.47 -0.65
C LYS A 107 -43.29 32.87 0.65
N ILE A 108 -42.52 33.23 1.68
CA ILE A 108 -43.09 33.63 2.96
C ILE A 108 -43.28 35.15 3.05
N ARG A 109 -44.52 35.60 3.20
CA ARG A 109 -44.80 37.03 3.29
C ARG A 109 -44.47 37.59 4.65
N VAL A 110 -43.46 38.45 4.71
CA VAL A 110 -43.05 39.11 5.96
C VAL A 110 -43.35 40.60 5.88
N ALA A 111 -44.34 41.06 6.67
CA ALA A 111 -44.71 42.47 6.67
C ALA A 111 -44.03 43.23 7.79
N ASN A 112 -43.67 44.45 7.46
CA ASN A 112 -42.97 45.34 8.37
C ASN A 112 -43.76 46.64 8.34
N PHE A 113 -44.36 47.03 9.45
CA PHE A 113 -45.13 48.27 9.45
C PHE A 113 -45.02 49.13 10.69
N ASP A 114 -45.52 50.35 10.56
CA ASP A 114 -45.51 51.32 11.65
C ASP A 114 -46.56 52.35 11.32
N ILE A 115 -47.24 52.85 12.35
CA ILE A 115 -48.29 53.84 12.14
C ILE A 115 -47.94 55.12 12.88
N GLU A 116 -48.70 56.18 12.62
CA GLU A 116 -48.51 57.48 13.25
C GLU A 116 -49.83 57.95 13.80
N VAL A 117 -49.79 58.49 15.02
CA VAL A 117 -51.00 58.97 15.69
C VAL A 117 -50.81 60.32 16.36
N THR A 118 -51.36 61.37 15.77
CA THR A 118 -51.23 62.69 16.36
C THR A 118 -52.07 62.70 17.63
N SER A 119 -51.43 62.97 18.76
CA SER A 119 -52.12 63.01 20.02
C SER A 119 -51.69 64.21 20.84
N PRO A 120 -52.53 65.24 20.91
CA PRO A 120 -52.12 66.40 21.68
C PRO A 120 -52.04 66.17 23.18
N ASP A 121 -52.85 65.27 23.70
CA ASP A 121 -52.87 65.03 25.14
C ASP A 121 -52.04 63.88 25.71
N GLY A 122 -50.81 63.72 25.24
CA GLY A 122 -49.98 62.65 25.77
C GLY A 122 -49.97 61.41 24.92
N PHE A 123 -49.26 60.38 25.37
CA PHE A 123 -49.17 59.14 24.62
C PHE A 123 -50.51 58.53 24.32
N PRO A 124 -50.80 58.27 23.04
CA PRO A 124 -52.05 57.68 22.59
C PRO A 124 -52.20 56.24 23.03
N GLU A 125 -52.83 56.02 24.18
CA GLU A 125 -53.06 54.69 24.70
C GLU A 125 -53.74 53.81 23.67
N PRO A 126 -53.16 52.63 23.38
CA PRO A 126 -53.69 51.67 22.40
C PRO A 126 -54.94 50.97 22.89
N SER A 127 -55.08 50.86 24.20
CA SER A 127 -56.24 50.20 24.74
C SER A 127 -57.50 50.98 24.45
N GLN A 128 -57.34 52.25 24.10
CA GLN A 128 -58.49 53.11 23.82
C GLN A 128 -58.51 53.68 22.42
N ALA A 129 -57.35 53.83 21.80
CA ALA A 129 -57.27 54.34 20.44
C ALA A 129 -58.24 55.49 20.23
N LYS A 130 -58.09 56.54 21.03
CA LYS A 130 -58.94 57.71 20.98
C LYS A 130 -58.74 58.53 19.72
N HIS A 131 -57.48 58.74 19.37
CA HIS A 131 -57.16 59.58 18.21
C HIS A 131 -57.05 58.82 16.89
N PRO A 132 -57.21 59.53 15.76
CA PRO A 132 -57.13 58.97 14.42
C PRO A 132 -55.72 58.53 14.06
N ILE A 133 -55.64 57.53 13.19
CA ILE A 133 -54.36 57.07 12.72
C ILE A 133 -54.05 57.95 11.52
N ASP A 134 -53.09 58.86 11.68
CA ASP A 134 -52.70 59.81 10.65
C ASP A 134 -51.94 59.23 9.49
N ALA A 135 -51.21 58.15 9.74
CA ALA A 135 -50.40 57.56 8.67
C ALA A 135 -50.06 56.12 8.97
N ILE A 136 -49.76 55.39 7.90
CA ILE A 136 -49.42 53.98 8.00
C ILE A 136 -48.46 53.65 6.89
N THR A 137 -47.33 53.05 7.23
CA THR A 137 -46.40 52.63 6.21
C THR A 137 -46.26 51.15 6.44
N HIS A 138 -46.58 50.37 5.42
CA HIS A 138 -46.59 48.91 5.50
C HIS A 138 -45.74 48.31 4.37
N TYR A 139 -44.59 47.72 4.72
CA TYR A 139 -43.70 47.10 3.73
C TYR A 139 -43.94 45.61 3.59
N ASP A 140 -44.07 45.15 2.36
CA ASP A 140 -44.31 43.73 2.09
C ASP A 140 -43.10 43.07 1.42
N SER A 141 -42.59 42.03 2.05
CA SER A 141 -41.43 41.29 1.55
C SER A 141 -41.64 40.64 0.18
N ILE A 142 -42.85 40.19 -0.10
CA ILE A 142 -43.16 39.55 -1.37
C ILE A 142 -43.11 40.56 -2.51
N ASP A 143 -43.72 41.73 -2.32
CA ASP A 143 -43.72 42.78 -3.35
C ASP A 143 -42.52 43.68 -3.24
N ASP A 144 -41.87 43.67 -2.09
CA ASP A 144 -40.73 44.55 -1.88
C ASP A 144 -41.18 45.98 -2.20
N ARG A 145 -42.20 46.42 -1.48
CA ARG A 145 -42.76 47.75 -1.64
C ARG A 145 -43.19 48.33 -0.31
N PHE A 146 -43.08 49.64 -0.19
CA PHE A 146 -43.54 50.29 1.01
C PHE A 146 -44.89 50.85 0.58
N TYR A 147 -45.95 50.48 1.28
CA TYR A 147 -47.28 51.00 0.96
C TYR A 147 -47.58 52.07 1.99
N VAL A 148 -47.75 53.31 1.55
CA VAL A 148 -48.01 54.36 2.50
C VAL A 148 -49.45 54.80 2.43
N PHE A 149 -50.05 54.96 3.59
CA PHE A 149 -51.42 55.41 3.71
C PHE A 149 -51.37 56.73 4.50
N ASP A 150 -51.72 57.81 3.80
CA ASP A 150 -51.70 59.16 4.36
C ASP A 150 -53.09 59.73 4.56
N LEU A 151 -53.38 60.18 5.76
CA LEU A 151 -54.67 60.79 6.05
C LEU A 151 -54.45 62.28 5.82
N LEU A 152 -55.24 62.87 4.92
CA LEU A 152 -55.11 64.28 4.58
C LEU A 152 -55.91 65.21 5.44
N ASN A 153 -56.93 64.69 6.13
CA ASN A 153 -57.72 65.53 7.02
C ASN A 153 -58.06 64.81 8.30
N SER A 154 -57.90 65.49 9.42
CA SER A 154 -58.23 64.92 10.71
C SER A 154 -58.52 66.10 11.61
N PRO A 155 -59.18 65.88 12.74
CA PRO A 155 -59.49 66.99 13.64
C PRO A 155 -58.27 67.83 14.03
N TYR A 156 -57.09 67.31 13.75
CA TYR A 156 -55.86 68.02 14.09
C TYR A 156 -55.21 68.66 12.88
N GLY A 157 -55.99 68.95 11.85
CA GLY A 157 -55.43 69.62 10.70
C GLY A 157 -55.72 69.01 9.35
N ASN A 158 -55.72 69.85 8.32
CA ASN A 158 -55.94 69.42 6.96
C ASN A 158 -54.63 69.72 6.26
N VAL A 159 -53.94 68.69 5.79
CA VAL A 159 -52.66 68.90 5.15
C VAL A 159 -52.68 68.53 3.71
N GLU A 160 -51.63 68.90 3.00
CA GLU A 160 -51.47 68.61 1.58
C GLU A 160 -50.90 67.20 1.43
N GLU A 161 -50.79 66.73 0.19
CA GLU A 161 -50.24 65.40 -0.05
C GLU A 161 -48.74 65.39 0.17
N TRP A 162 -48.20 64.18 0.25
CA TRP A 162 -46.78 64.00 0.45
C TRP A 162 -46.13 64.00 -0.93
N SER A 163 -44.94 64.56 -1.02
CA SER A 163 -44.21 64.64 -2.27
C SER A 163 -43.03 63.70 -2.31
N ILE A 164 -43.05 62.75 -3.23
CA ILE A 164 -41.94 61.82 -3.33
C ILE A 164 -40.70 62.58 -3.81
N GLU A 165 -40.91 63.59 -4.64
CA GLU A 165 -39.81 64.41 -5.16
C GLU A 165 -39.11 65.18 -4.06
N ILE A 166 -39.88 65.87 -3.24
CA ILE A 166 -39.33 66.67 -2.14
C ILE A 166 -38.64 65.76 -1.14
N ALA A 167 -39.20 64.57 -0.97
CA ALA A 167 -38.69 63.58 -0.03
C ALA A 167 -37.32 63.07 -0.41
N ALA A 168 -37.10 62.83 -1.70
CA ALA A 168 -35.81 62.32 -2.16
C ALA A 168 -34.71 63.36 -2.10
N LYS A 169 -35.07 64.63 -2.13
CA LYS A 169 -34.08 65.69 -2.09
C LYS A 169 -33.25 65.71 -0.82
N LEU A 170 -32.15 66.46 -0.86
CA LEU A 170 -31.23 66.60 0.26
C LEU A 170 -31.75 67.54 1.33
N GLN A 171 -31.30 67.33 2.57
CA GLN A 171 -31.72 68.13 3.69
C GLN A 171 -31.53 69.63 3.46
N GLU A 172 -30.41 70.00 2.84
CA GLU A 172 -30.08 71.40 2.57
C GLU A 172 -30.99 72.03 1.53
N GLN A 173 -31.56 71.20 0.67
CA GLN A 173 -32.46 71.71 -0.35
C GLN A 173 -33.89 71.59 0.14
N GLY A 174 -34.03 71.41 1.44
CA GLY A 174 -35.33 71.28 2.06
C GLY A 174 -35.96 69.94 1.76
N GLY A 175 -35.15 68.89 1.73
CA GLY A 175 -35.66 67.57 1.43
C GLY A 175 -35.74 66.70 2.67
N ASP A 176 -36.16 65.45 2.50
CA ASP A 176 -36.28 64.52 3.62
C ASP A 176 -35.16 63.52 3.63
N GLU A 177 -34.40 63.48 2.54
CA GLU A 177 -33.28 62.57 2.41
C GLU A 177 -33.65 61.09 2.51
N VAL A 178 -34.78 60.75 1.90
CA VAL A 178 -35.27 59.38 1.86
C VAL A 178 -34.36 58.69 0.85
N PRO A 179 -33.60 57.66 1.27
CA PRO A 179 -32.66 56.89 0.45
C PRO A 179 -33.15 56.56 -0.94
N SER A 180 -32.23 56.53 -1.90
CA SER A 180 -32.63 56.23 -3.26
C SER A 180 -33.00 54.76 -3.47
N GLU A 181 -32.50 53.86 -2.65
CA GLU A 181 -32.81 52.44 -2.78
C GLU A 181 -34.28 52.12 -2.55
N ILE A 182 -34.99 52.95 -1.81
CA ILE A 182 -36.39 52.69 -1.55
C ILE A 182 -37.30 53.73 -2.19
N ILE A 183 -36.70 54.79 -2.72
CA ILE A 183 -37.47 55.85 -3.32
C ILE A 183 -38.37 55.37 -4.46
N ASP A 184 -37.99 54.29 -5.11
CA ASP A 184 -38.81 53.76 -6.19
C ASP A 184 -39.78 52.69 -5.73
N LYS A 185 -39.56 52.18 -4.53
CA LYS A 185 -40.42 51.13 -4.00
C LYS A 185 -41.59 51.68 -3.16
N ILE A 186 -41.82 52.99 -3.24
CA ILE A 186 -42.90 53.63 -2.50
C ILE A 186 -44.19 53.75 -3.30
N ILE A 187 -45.29 53.36 -2.69
CA ILE A 187 -46.60 53.47 -3.31
C ILE A 187 -47.41 54.34 -2.36
N TYR A 188 -47.66 55.58 -2.77
CA TYR A 188 -48.38 56.50 -1.91
C TYR A 188 -49.89 56.43 -2.09
N MET A 189 -50.65 56.54 -1.01
CA MET A 189 -52.10 56.51 -1.09
C MET A 189 -52.70 57.47 -0.06
N PRO A 190 -53.07 58.70 -0.48
CA PRO A 190 -53.66 59.73 0.37
C PRO A 190 -55.15 59.49 0.56
N PHE A 191 -55.68 59.80 1.74
CA PHE A 191 -57.09 59.59 1.96
C PHE A 191 -57.78 60.84 2.46
N ASP A 192 -59.03 61.04 2.05
CA ASP A 192 -59.80 62.22 2.44
C ASP A 192 -60.27 62.17 3.87
N ASN A 193 -60.52 60.96 4.36
CA ASN A 193 -60.94 60.75 5.76
C ASN A 193 -60.40 59.45 6.31
N GLU A 194 -60.32 59.37 7.63
CA GLU A 194 -59.80 58.19 8.30
C GLU A 194 -60.52 56.92 7.96
N LYS A 195 -61.84 56.96 7.97
CA LYS A 195 -62.64 55.78 7.67
C LYS A 195 -62.29 55.18 6.32
N GLU A 196 -62.04 56.02 5.33
CA GLU A 196 -61.69 55.54 4.01
C GLU A 196 -60.32 54.87 4.09
N LEU A 197 -59.45 55.42 4.94
CA LEU A 197 -58.10 54.90 5.11
C LEU A 197 -58.11 53.53 5.74
N LEU A 198 -58.71 53.43 6.93
CA LEU A 198 -58.75 52.16 7.63
C LEU A 198 -59.46 51.09 6.81
N MET A 199 -60.47 51.47 6.06
CA MET A 199 -61.21 50.52 5.25
C MET A 199 -60.42 49.99 4.08
N GLU A 200 -59.61 50.83 3.49
CA GLU A 200 -58.79 50.42 2.37
C GLU A 200 -57.58 49.64 2.92
N TYR A 201 -57.10 50.00 4.10
CA TYR A 201 -55.98 49.30 4.67
C TYR A 201 -56.36 47.86 5.01
N LEU A 202 -57.58 47.68 5.49
CA LEU A 202 -58.05 46.36 5.87
C LEU A 202 -58.22 45.48 4.64
N ASN A 203 -58.62 46.10 3.53
CA ASN A 203 -58.80 45.35 2.29
C ASN A 203 -57.41 44.88 1.86
N PHE A 204 -56.49 45.84 1.82
CA PHE A 204 -55.08 45.63 1.46
C PHE A 204 -54.52 44.45 2.27
N TRP A 205 -54.88 44.40 3.54
CA TRP A 205 -54.43 43.37 4.46
C TRP A 205 -54.99 42.01 4.10
N GLN A 206 -56.17 42.00 3.49
CA GLN A 206 -56.77 40.73 3.10
C GLN A 206 -56.10 40.23 1.84
N GLN A 207 -55.70 41.14 0.96
CA GLN A 207 -55.05 40.79 -0.31
C GLN A 207 -53.60 40.37 -0.09
N LYS A 208 -53.01 40.81 1.00
CA LYS A 208 -51.63 40.50 1.29
C LYS A 208 -51.50 40.19 2.77
N THR A 209 -52.27 39.23 3.27
CA THR A 209 -52.21 38.92 4.70
C THR A 209 -50.83 38.44 5.09
N PRO A 210 -50.23 39.11 6.10
CA PRO A 210 -48.90 38.76 6.58
C PRO A 210 -48.80 37.34 7.18
N VAL A 211 -47.66 36.71 6.99
CA VAL A 211 -47.41 35.41 7.57
C VAL A 211 -46.60 35.75 8.80
N ILE A 212 -45.55 36.55 8.59
CA ILE A 212 -44.72 37.05 9.71
C ILE A 212 -44.99 38.56 9.80
N LEU A 213 -45.37 39.02 10.98
CA LEU A 213 -45.69 40.42 11.20
C LEU A 213 -44.67 41.04 12.13
N THR A 214 -43.86 41.94 11.59
CA THR A 214 -42.84 42.59 12.39
C THR A 214 -42.86 44.11 12.30
N GLY A 215 -41.95 44.73 13.04
CA GLY A 215 -41.84 46.16 13.08
C GLY A 215 -41.17 46.44 14.41
N TRP A 216 -41.23 47.68 14.86
CA TRP A 216 -40.59 48.04 16.12
C TRP A 216 -41.64 48.37 17.17
N ASN A 217 -41.79 47.52 18.17
CA ASN A 217 -42.76 47.72 19.25
C ASN A 217 -44.17 47.54 18.73
N VAL A 218 -44.23 46.98 17.53
CA VAL A 218 -45.45 46.73 16.82
C VAL A 218 -46.49 45.92 17.60
N GLU A 219 -46.07 45.02 18.48
CA GLU A 219 -47.06 44.23 19.19
C GLU A 219 -47.59 44.85 20.46
N SER A 220 -47.02 45.96 20.86
CA SER A 220 -47.50 46.58 22.09
C SER A 220 -48.08 47.95 21.83
N PHE A 221 -48.01 48.38 20.57
CA PHE A 221 -48.57 49.66 20.18
C PHE A 221 -49.29 49.61 18.82
N ALA A 222 -48.54 49.42 17.73
CA ALA A 222 -49.12 49.39 16.39
C ALA A 222 -50.30 48.44 16.24
N ILE A 223 -50.14 47.16 16.53
CA ILE A 223 -51.25 46.25 16.38
C ILE A 223 -52.43 46.58 17.31
N PRO A 224 -52.18 46.65 18.63
CA PRO A 224 -53.27 46.95 19.55
C PRO A 224 -54.04 48.20 19.14
N TYR A 225 -53.32 49.22 18.65
CA TYR A 225 -53.95 50.47 18.25
C TYR A 225 -54.84 50.29 17.02
N VAL A 226 -54.26 49.85 15.93
CA VAL A 226 -55.01 49.62 14.71
C VAL A 226 -56.20 48.70 15.00
N TYR A 227 -55.99 47.70 15.85
CA TYR A 227 -57.08 46.79 16.19
C TYR A 227 -58.21 47.53 16.87
N ASN A 228 -57.93 48.13 18.02
CA ASN A 228 -58.97 48.85 18.74
C ASN A 228 -59.51 50.04 17.99
N ARG A 229 -58.70 50.64 17.13
CA ARG A 229 -59.18 51.79 16.38
C ARG A 229 -60.29 51.30 15.48
N ILE A 230 -59.97 50.34 14.63
CA ILE A 230 -60.98 49.79 13.73
C ILE A 230 -62.15 49.24 14.52
N LYS A 231 -61.87 48.65 15.68
CA LYS A 231 -62.93 48.08 16.48
C LYS A 231 -63.92 49.14 16.88
N ASN A 232 -63.44 50.25 17.42
CA ASN A 232 -64.36 51.29 17.84
C ASN A 232 -65.11 51.95 16.69
N ILE A 233 -64.42 52.25 15.60
CA ILE A 233 -65.09 52.88 14.46
C ILE A 233 -65.96 51.96 13.60
N PHE A 234 -65.73 50.65 13.64
CA PHE A 234 -66.55 49.74 12.83
C PHE A 234 -67.17 48.59 13.58
N GLY A 235 -66.56 48.22 14.69
CA GLY A 235 -67.10 47.12 15.47
C GLY A 235 -66.20 45.91 15.48
N GLU A 236 -66.13 45.26 16.63
CA GLU A 236 -65.29 44.07 16.80
C GLU A 236 -65.37 43.12 15.61
N SER A 237 -66.52 43.11 14.95
CA SER A 237 -66.71 42.26 13.80
C SER A 237 -65.66 42.56 12.74
N THR A 238 -65.68 43.76 12.18
CA THR A 238 -64.73 44.09 11.12
C THR A 238 -63.29 44.16 11.60
N ALA A 239 -63.09 44.42 12.89
CA ALA A 239 -61.73 44.47 13.43
C ALA A 239 -61.11 43.06 13.37
N LYS A 240 -61.91 42.03 13.57
CA LYS A 240 -61.42 40.67 13.53
C LYS A 240 -60.86 40.32 12.16
N ARG A 241 -61.23 41.06 11.13
CA ARG A 241 -60.73 40.74 9.79
C ARG A 241 -59.22 40.85 9.73
N LEU A 242 -58.64 41.43 10.77
CA LEU A 242 -57.20 41.58 10.82
C LEU A 242 -56.58 40.19 10.90
N SER A 243 -57.37 39.22 11.36
CA SER A 243 -56.92 37.84 11.47
C SER A 243 -57.50 37.06 10.30
N PRO A 244 -56.67 36.26 9.62
CA PRO A 244 -57.14 35.48 8.48
C PRO A 244 -58.18 34.42 8.85
N HIS A 245 -58.38 34.19 10.15
CA HIS A 245 -59.36 33.20 10.57
C HIS A 245 -60.41 33.90 11.38
N ARG A 246 -60.37 35.23 11.30
CA ARG A 246 -61.32 36.10 11.99
C ARG A 246 -61.52 35.73 13.45
N LYS A 247 -60.45 35.28 14.08
CA LYS A 247 -60.48 34.89 15.47
C LYS A 247 -59.32 35.61 16.14
N THR A 248 -59.60 36.29 17.24
CA THR A 248 -58.60 37.05 17.97
C THR A 248 -58.89 37.01 19.48
N ARG A 249 -57.84 37.10 20.30
CA ARG A 249 -57.97 37.09 21.76
C ARG A 249 -57.17 38.25 22.33
N VAL A 250 -57.67 38.86 23.39
CA VAL A 250 -56.95 39.96 24.03
C VAL A 250 -56.19 39.40 25.24
N LYS A 251 -54.87 39.33 25.09
CA LYS A 251 -54.01 38.82 26.13
C LYS A 251 -53.54 40.00 26.97
N VAL A 252 -53.62 39.86 28.29
CA VAL A 252 -53.19 40.92 29.20
C VAL A 252 -51.95 40.48 29.99
N ILE A 253 -50.87 41.24 29.88
CA ILE A 253 -49.62 40.92 30.58
C ILE A 253 -49.30 41.96 31.66
N GLU A 254 -48.93 41.49 32.85
CA GLU A 254 -48.58 42.37 33.98
C GLU A 254 -47.06 42.35 34.17
N ASN A 255 -46.42 43.50 33.93
CA ASN A 255 -44.95 43.62 34.03
C ASN A 255 -44.40 44.20 35.33
N MET A 256 -43.11 44.52 35.32
CA MET A 256 -42.38 45.07 36.46
C MET A 256 -43.13 46.11 37.30
N TYR A 257 -43.79 47.05 36.63
CA TYR A 257 -44.53 48.09 37.34
C TYR A 257 -46.05 47.94 37.22
N GLY A 258 -46.54 47.64 36.00
CA GLY A 258 -47.97 47.49 35.80
C GLY A 258 -48.46 46.38 34.88
N SER A 259 -49.34 46.74 33.95
CA SER A 259 -49.91 45.78 33.00
C SER A 259 -50.34 46.43 31.69
N ARG A 260 -50.31 45.66 30.61
CA ARG A 260 -50.70 46.15 29.28
C ARG A 260 -51.25 45.02 28.42
N GLU A 261 -52.32 45.30 27.66
CA GLU A 261 -52.92 44.29 26.80
C GLU A 261 -52.32 44.24 25.39
N ILE A 262 -52.39 43.08 24.74
CA ILE A 262 -51.87 42.92 23.40
C ILE A 262 -52.84 42.05 22.64
N ILE A 263 -52.93 42.24 21.33
CA ILE A 263 -53.89 41.47 20.53
C ILE A 263 -53.28 40.25 19.86
N THR A 264 -54.00 39.13 19.95
CA THR A 264 -53.53 37.90 19.33
C THR A 264 -54.26 37.65 18.02
N LEU A 265 -53.53 37.69 16.92
CA LEU A 265 -54.17 37.47 15.64
C LEU A 265 -54.00 36.04 15.15
N PHE A 266 -54.97 35.17 15.42
CA PHE A 266 -54.87 33.78 14.96
C PHE A 266 -54.58 33.70 13.46
N GLY A 267 -53.51 33.01 13.09
CA GLY A 267 -53.21 32.90 11.68
C GLY A 267 -52.03 33.75 11.30
N ILE A 268 -51.48 34.45 12.28
CA ILE A 268 -50.33 35.29 12.03
C ILE A 268 -49.28 35.03 13.11
N SER A 269 -48.02 35.20 12.72
CA SER A 269 -46.91 35.02 13.63
C SER A 269 -46.28 36.37 13.87
N VAL A 270 -46.48 36.94 15.05
CA VAL A 270 -45.91 38.25 15.33
C VAL A 270 -44.52 38.16 15.94
N LEU A 271 -43.54 38.75 15.27
CA LEU A 271 -42.17 38.75 15.75
C LEU A 271 -41.76 40.19 15.84
N ASP A 272 -42.13 40.83 16.96
CA ASP A 272 -41.81 42.23 17.17
C ASP A 272 -40.28 42.36 17.18
N TYR A 273 -39.73 43.12 16.24
CA TYR A 273 -38.29 43.26 16.16
C TYR A 273 -37.60 43.71 17.43
N ILE A 274 -38.33 44.41 18.29
CA ILE A 274 -37.72 44.88 19.53
C ILE A 274 -37.44 43.68 20.44
N ASP A 275 -38.29 42.67 20.34
CA ASP A 275 -38.15 41.47 21.14
C ASP A 275 -37.13 40.58 20.45
N LEU A 276 -37.17 40.57 19.12
CA LEU A 276 -36.23 39.78 18.39
C LEU A 276 -34.87 40.30 18.83
N TYR A 277 -34.61 41.58 18.57
CA TYR A 277 -33.34 42.20 18.92
C TYR A 277 -32.96 41.87 20.36
N LYS A 278 -33.85 42.16 21.29
CA LYS A 278 -33.59 41.89 22.69
C LYS A 278 -33.16 40.46 22.98
N LYS A 279 -33.74 39.51 22.27
CA LYS A 279 -33.41 38.12 22.54
C LYS A 279 -32.18 37.58 21.83
N PHE A 280 -31.85 38.11 20.64
CA PHE A 280 -30.72 37.58 19.91
C PHE A 280 -29.51 38.49 19.73
N SER A 281 -29.66 39.77 20.03
CA SER A 281 -28.54 40.69 19.86
C SER A 281 -27.46 40.44 20.90
N PHE A 282 -27.85 39.91 22.05
CA PHE A 282 -26.91 39.65 23.12
C PHE A 282 -26.03 40.84 23.32
N THR A 283 -26.64 41.86 23.91
CA THR A 283 -25.99 43.12 24.21
C THR A 283 -26.98 44.01 24.92
N ASN A 284 -26.61 44.50 26.10
CA ASN A 284 -27.47 45.39 26.88
C ASN A 284 -27.31 46.80 26.35
N GLN A 285 -28.41 47.48 26.06
CA GLN A 285 -28.34 48.85 25.56
C GLN A 285 -28.99 49.84 26.53
N PRO A 286 -28.48 51.06 26.61
CA PRO A 286 -29.13 51.99 27.54
C PRO A 286 -30.59 52.31 27.15
N SER A 287 -30.90 52.26 25.86
CA SER A 287 -32.26 52.53 25.37
C SER A 287 -32.63 51.63 24.20
N TYR A 288 -33.92 51.36 24.05
CA TYR A 288 -34.35 50.52 22.95
C TYR A 288 -35.19 51.26 21.93
N SER A 289 -35.05 52.58 21.88
CA SER A 289 -35.80 53.34 20.90
C SER A 289 -35.22 52.93 19.55
N LEU A 290 -36.04 52.92 18.51
CA LEU A 290 -35.57 52.52 17.20
C LEU A 290 -34.47 53.46 16.82
N ASP A 291 -34.60 54.68 17.32
CA ASP A 291 -33.65 55.74 17.05
C ASP A 291 -32.27 55.44 17.60
N TYR A 292 -32.22 54.96 18.84
CA TYR A 292 -30.96 54.63 19.47
C TYR A 292 -30.35 53.41 18.83
N ILE A 293 -31.13 52.34 18.76
CA ILE A 293 -30.66 51.09 18.17
C ILE A 293 -30.24 51.22 16.71
N SER A 294 -30.95 52.03 15.95
CA SER A 294 -30.63 52.18 14.55
C SER A 294 -29.30 52.89 14.41
N GLU A 295 -29.06 53.85 15.30
CA GLU A 295 -27.85 54.63 15.30
C GLU A 295 -26.66 53.73 15.63
N PHE A 296 -26.89 52.87 16.62
CA PHE A 296 -25.89 51.91 17.10
C PHE A 296 -25.52 50.91 16.02
N GLU A 297 -26.52 50.33 15.36
CA GLU A 297 -26.32 49.32 14.35
C GLU A 297 -26.02 49.84 12.96
N LEU A 298 -26.76 50.86 12.54
CA LEU A 298 -26.63 51.42 11.20
C LEU A 298 -25.81 52.69 11.05
N ASN A 299 -25.45 53.31 12.18
CA ASN A 299 -24.70 54.58 12.17
C ASN A 299 -25.53 55.62 11.45
N VAL A 300 -26.70 55.89 12.00
CA VAL A 300 -27.66 56.84 11.45
C VAL A 300 -29.01 56.43 12.06
N GLY A 301 -29.84 57.41 12.42
CA GLY A 301 -31.12 57.06 13.03
C GLY A 301 -32.37 57.51 12.29
N LYS A 302 -32.96 58.59 12.77
CA LYS A 302 -34.17 59.16 12.18
C LYS A 302 -34.06 60.68 12.06
N LEU A 303 -34.68 61.19 11.00
CA LEU A 303 -34.72 62.63 10.65
C LEU A 303 -34.83 63.60 11.83
N LYS A 304 -33.80 64.40 12.07
CA LYS A 304 -33.86 65.37 13.16
C LYS A 304 -34.90 66.45 12.83
N TYR A 305 -36.16 66.21 13.18
CA TYR A 305 -37.24 67.17 12.91
C TYR A 305 -37.39 68.15 14.06
N ASP A 306 -37.82 69.37 13.74
CA ASP A 306 -37.97 70.41 14.75
C ASP A 306 -39.36 70.48 15.33
N GLY A 307 -39.42 70.85 16.61
CA GLY A 307 -40.70 70.97 17.29
C GLY A 307 -41.19 69.64 17.80
N PRO A 308 -42.18 69.63 18.71
CA PRO A 308 -42.73 68.39 19.27
C PRO A 308 -43.43 67.53 18.21
N ILE A 309 -43.51 66.23 18.48
CA ILE A 309 -44.14 65.33 17.53
C ILE A 309 -45.63 65.59 17.37
N SER A 310 -46.30 65.93 18.47
CA SER A 310 -47.73 66.19 18.38
C SER A 310 -48.04 67.22 17.29
N LYS A 311 -47.24 68.26 17.20
CA LYS A 311 -47.49 69.26 16.18
C LYS A 311 -46.61 69.15 14.94
N LEU A 312 -46.00 67.99 14.72
CA LEU A 312 -45.16 67.83 13.54
C LEU A 312 -45.98 67.54 12.31
N ARG A 313 -47.15 66.95 12.48
CA ARG A 313 -47.98 66.66 11.32
C ARG A 313 -48.45 67.93 10.67
N GLU A 314 -48.98 68.84 11.49
CA GLU A 314 -49.47 70.13 11.05
C GLU A 314 -48.34 70.99 10.50
N SER A 315 -47.41 71.35 11.37
CA SER A 315 -46.27 72.16 10.99
C SER A 315 -45.53 71.68 9.74
N ASN A 316 -45.16 70.41 9.68
CA ASN A 316 -44.45 69.93 8.51
C ASN A 316 -44.90 68.54 8.05
N HIS A 317 -46.13 68.43 7.55
CA HIS A 317 -46.64 67.15 7.10
C HIS A 317 -45.73 66.42 6.14
N GLN A 318 -44.87 67.15 5.44
CA GLN A 318 -43.97 66.50 4.50
C GLN A 318 -43.04 65.60 5.28
N ARG A 319 -42.27 66.20 6.16
CA ARG A 319 -41.34 65.46 6.97
C ARG A 319 -42.04 64.30 7.67
N TYR A 320 -43.14 64.60 8.33
CA TYR A 320 -43.95 63.63 9.06
C TYR A 320 -44.16 62.28 8.39
N ILE A 321 -44.50 62.29 7.11
CA ILE A 321 -44.72 61.06 6.37
C ILE A 321 -43.42 60.38 6.03
N SER A 322 -42.41 61.16 5.65
CA SER A 322 -41.12 60.59 5.30
C SER A 322 -40.50 60.00 6.52
N TYR A 323 -40.80 60.59 7.67
CA TYR A 323 -40.29 60.11 8.94
C TYR A 323 -40.84 58.74 9.21
N ASN A 324 -42.07 58.53 8.79
CA ASN A 324 -42.73 57.24 8.99
C ASN A 324 -42.18 56.22 8.02
N ILE A 325 -41.82 56.65 6.82
CA ILE A 325 -41.28 55.74 5.84
C ILE A 325 -39.91 55.25 6.28
N ILE A 326 -39.03 56.18 6.64
CA ILE A 326 -37.70 55.81 7.06
C ILE A 326 -37.72 55.00 8.35
N ALA A 327 -38.70 55.21 9.21
CA ALA A 327 -38.78 54.42 10.44
C ALA A 327 -38.93 52.92 10.10
N VAL A 328 -39.74 52.62 9.09
CA VAL A 328 -39.95 51.25 8.69
C VAL A 328 -38.65 50.74 8.08
N TYR A 329 -38.10 51.50 7.13
CA TYR A 329 -36.86 51.12 6.47
C TYR A 329 -35.73 50.77 7.44
N ARG A 330 -35.58 51.56 8.50
CA ARG A 330 -34.53 51.33 9.49
C ARG A 330 -34.57 49.91 10.06
N VAL A 331 -35.73 49.46 10.51
CA VAL A 331 -35.87 48.11 11.05
C VAL A 331 -35.42 47.14 9.96
N LEU A 332 -35.86 47.40 8.73
CA LEU A 332 -35.50 46.54 7.63
C LEU A 332 -33.99 46.51 7.44
N GLN A 333 -33.32 47.62 7.70
CA GLN A 333 -31.86 47.67 7.55
C GLN A 333 -31.19 46.91 8.68
N ILE A 334 -31.65 47.18 9.89
CA ILE A 334 -31.11 46.48 11.01
C ILE A 334 -31.24 44.98 10.75
N ASP A 335 -32.35 44.54 10.18
CA ASP A 335 -32.50 43.10 9.94
C ASP A 335 -31.62 42.68 8.79
N ALA A 336 -31.45 43.55 7.81
CA ALA A 336 -30.62 43.23 6.67
C ALA A 336 -29.25 42.88 7.24
N LYS A 337 -28.91 43.50 8.35
CA LYS A 337 -27.61 43.26 8.95
C LYS A 337 -27.64 42.07 9.88
N ARG A 338 -28.41 42.17 10.96
CA ARG A 338 -28.50 41.11 11.95
C ARG A 338 -29.19 39.81 11.52
N GLN A 339 -30.05 39.89 10.52
CA GLN A 339 -30.73 38.70 10.02
C GLN A 339 -31.52 37.91 11.07
N PHE A 340 -32.22 38.60 11.96
CA PHE A 340 -32.97 37.90 12.99
C PHE A 340 -34.30 37.31 12.50
N ILE A 341 -34.91 37.92 11.48
CA ILE A 341 -36.16 37.36 11.02
C ILE A 341 -35.85 36.02 10.45
N ASN A 342 -34.75 35.92 9.70
CA ASN A 342 -34.42 34.64 9.11
C ASN A 342 -33.95 33.61 10.14
N LEU A 343 -33.21 34.06 11.14
CA LEU A 343 -32.74 33.13 12.16
C LEU A 343 -33.96 32.46 12.81
N SER A 344 -35.03 33.23 13.02
CA SER A 344 -36.26 32.73 13.64
C SER A 344 -36.89 31.64 12.80
N LEU A 345 -37.03 31.90 11.50
CA LEU A 345 -37.61 30.93 10.59
C LEU A 345 -36.81 29.65 10.62
N ASP A 346 -35.50 29.80 10.50
CA ASP A 346 -34.60 28.68 10.53
C ASP A 346 -34.83 27.85 11.79
N MET A 347 -34.80 28.49 12.95
CA MET A 347 -35.01 27.74 14.18
C MET A 347 -36.39 27.13 14.29
N GLY A 348 -37.42 27.87 13.87
CA GLY A 348 -38.77 27.36 13.96
C GLY A 348 -38.96 26.08 13.19
N TYR A 349 -38.60 26.11 11.91
CA TYR A 349 -38.78 24.95 11.06
C TYR A 349 -37.93 23.78 11.49
N TYR A 350 -36.80 24.02 12.15
CA TYR A 350 -35.98 22.92 12.58
C TYR A 350 -36.65 22.20 13.72
N ALA A 351 -37.32 22.94 14.60
CA ALA A 351 -38.00 22.33 15.72
C ALA A 351 -39.44 21.98 15.38
N LYS A 352 -39.92 22.45 14.23
CA LYS A 352 -41.29 22.20 13.80
C LYS A 352 -42.30 22.74 14.81
N ILE A 353 -42.23 24.05 15.03
CA ILE A 353 -43.12 24.75 15.94
C ILE A 353 -43.67 25.98 15.23
N GLN A 354 -44.49 26.75 15.94
CA GLN A 354 -45.02 27.99 15.38
C GLN A 354 -43.80 28.91 15.43
N ILE A 355 -43.57 29.69 14.38
CA ILE A 355 -42.38 30.53 14.38
C ILE A 355 -42.22 31.44 15.58
N GLN A 356 -43.33 31.91 16.16
CA GLN A 356 -43.22 32.80 17.32
C GLN A 356 -42.78 32.10 18.59
N SER A 357 -42.84 30.78 18.59
CA SER A 357 -42.46 30.02 19.78
C SER A 357 -40.93 29.98 19.93
N VAL A 358 -40.27 30.66 19.00
CA VAL A 358 -38.84 30.76 19.00
C VAL A 358 -38.39 31.46 20.27
N PHE A 359 -39.27 32.30 20.82
CA PHE A 359 -38.97 33.05 22.02
C PHE A 359 -39.00 32.17 23.26
N SER A 360 -39.57 30.97 23.14
CA SER A 360 -39.62 30.08 24.29
C SER A 360 -38.71 28.85 24.16
N PRO A 361 -37.69 28.71 25.03
CA PRO A 361 -36.78 27.57 24.98
C PRO A 361 -37.56 26.30 25.32
N ILE A 362 -38.37 26.39 26.37
CA ILE A 362 -39.20 25.28 26.79
C ILE A 362 -39.95 24.70 25.60
N LYS A 363 -40.64 25.55 24.86
CA LYS A 363 -41.40 25.07 23.71
C LYS A 363 -40.51 24.55 22.62
N THR A 364 -39.45 25.29 22.31
CA THR A 364 -38.53 24.87 21.24
C THR A 364 -37.99 23.47 21.52
N TRP A 365 -37.34 23.29 22.67
CA TRP A 365 -36.78 22.00 23.02
C TRP A 365 -37.82 20.90 23.16
N ASP A 366 -38.98 21.20 23.74
CA ASP A 366 -40.01 20.18 23.89
C ASP A 366 -40.32 19.55 22.53
N ALA A 367 -40.41 20.39 21.50
CA ALA A 367 -40.71 19.91 20.17
C ALA A 367 -39.53 19.13 19.61
N ILE A 368 -38.33 19.67 19.78
CA ILE A 368 -37.16 18.98 19.26
C ILE A 368 -37.02 17.58 19.83
N ILE A 369 -37.32 17.41 21.10
CA ILE A 369 -37.22 16.08 21.67
C ILE A 369 -38.43 15.24 21.27
N PHE A 370 -39.63 15.84 21.24
CA PHE A 370 -40.83 15.10 20.85
C PHE A 370 -40.62 14.44 19.50
N ASN A 371 -40.29 15.25 18.49
CA ASN A 371 -40.09 14.72 17.16
C ASN A 371 -38.99 13.66 17.11
N SER A 372 -37.94 13.81 17.92
CA SER A 372 -36.85 12.84 17.93
C SER A 372 -37.36 11.51 18.48
N LEU A 373 -38.02 11.54 19.64
CA LEU A 373 -38.53 10.31 20.23
C LEU A 373 -39.63 9.67 19.40
N LYS A 374 -40.43 10.47 18.72
CA LYS A 374 -41.51 9.95 17.90
C LYS A 374 -40.96 9.10 16.76
N GLU A 375 -39.81 9.50 16.20
CA GLU A 375 -39.21 8.77 15.11
C GLU A 375 -38.79 7.38 15.59
N GLN A 376 -38.58 7.25 16.90
CA GLN A 376 -38.18 5.96 17.49
C GLN A 376 -39.38 5.29 18.14
N ASN A 377 -40.57 5.70 17.75
CA ASN A 377 -41.79 5.13 18.35
C ASN A 377 -41.81 5.17 19.86
N LYS A 378 -41.15 6.18 20.44
CA LYS A 378 -41.13 6.34 21.90
C LYS A 378 -42.18 7.38 22.27
N VAL A 379 -42.61 7.42 23.52
CA VAL A 379 -43.62 8.41 23.89
C VAL A 379 -43.17 9.31 25.04
N ILE A 380 -43.31 10.61 24.85
CA ILE A 380 -42.93 11.61 25.85
C ILE A 380 -43.75 11.57 27.10
N PRO A 381 -43.12 11.90 28.24
CA PRO A 381 -43.72 11.92 29.57
C PRO A 381 -44.88 12.88 29.61
N GLN A 382 -45.79 12.69 30.56
CA GLN A 382 -46.86 13.65 30.67
C GLN A 382 -46.21 14.84 31.35
N GLY A 383 -46.50 16.06 30.90
CA GLY A 383 -45.91 17.22 31.53
C GLY A 383 -46.43 17.31 32.96
N ARG A 384 -45.56 17.10 33.94
CA ARG A 384 -46.00 17.17 35.32
C ARG A 384 -45.82 18.56 35.87
N SER A 385 -46.52 18.84 36.96
CA SER A 385 -46.45 20.16 37.59
C SER A 385 -45.58 20.07 38.83
N HIS A 386 -44.65 21.00 38.96
CA HIS A 386 -43.75 21.01 40.11
C HIS A 386 -43.75 22.36 40.79
N PRO A 387 -43.28 22.41 42.04
CA PRO A 387 -43.21 23.62 42.86
C PRO A 387 -41.94 24.39 42.57
N VAL A 388 -42.05 25.68 42.25
CA VAL A 388 -40.84 26.44 41.98
C VAL A 388 -39.99 26.53 43.23
N GLN A 389 -38.97 25.68 43.31
CA GLN A 389 -38.07 25.67 44.45
C GLN A 389 -36.71 26.20 44.01
N PRO A 390 -36.15 27.14 44.76
CA PRO A 390 -34.85 27.67 44.37
C PRO A 390 -33.79 26.60 44.44
N TYR A 391 -32.72 26.73 43.67
CA TYR A 391 -31.66 25.75 43.77
C TYR A 391 -30.26 26.30 43.59
N PRO A 392 -29.27 25.59 44.15
CA PRO A 392 -27.87 26.00 44.06
C PRO A 392 -27.35 26.35 42.68
N GLY A 393 -26.77 27.54 42.58
CA GLY A 393 -26.23 27.99 41.31
C GLY A 393 -24.72 27.75 41.14
N ALA A 394 -24.05 28.68 40.46
CA ALA A 394 -22.63 28.60 40.20
C ALA A 394 -21.80 29.07 41.38
N PHE A 395 -20.50 28.80 41.36
CA PHE A 395 -19.62 29.22 42.42
C PHE A 395 -18.80 30.44 42.05
N VAL A 396 -18.81 31.46 42.91
CA VAL A 396 -18.04 32.67 42.66
C VAL A 396 -17.05 32.94 43.79
N LYS A 397 -15.78 32.78 43.44
CA LYS A 397 -14.66 32.99 44.34
C LYS A 397 -14.65 34.42 44.85
N GLU A 398 -14.50 34.61 46.16
CA GLU A 398 -14.43 35.96 46.68
C GLU A 398 -12.96 36.35 46.45
N PRO A 399 -12.72 37.30 45.55
CA PRO A 399 -11.38 37.78 45.22
C PRO A 399 -10.83 38.79 46.24
N ILE A 400 -9.52 38.81 46.42
CA ILE A 400 -8.91 39.74 47.33
C ILE A 400 -8.69 41.05 46.59
N PRO A 401 -9.50 42.08 46.88
CA PRO A 401 -9.41 43.39 46.24
C PRO A 401 -7.96 43.79 46.12
N ASN A 402 -7.48 44.05 44.91
CA ASN A 402 -6.08 44.37 44.74
C ASN A 402 -5.73 44.55 43.28
N ARG A 403 -4.48 44.95 43.04
CA ARG A 403 -3.96 45.11 41.69
C ARG A 403 -3.37 43.76 41.34
N TYR A 404 -3.27 43.46 40.04
CA TYR A 404 -2.72 42.19 39.58
C TYR A 404 -1.99 42.49 38.27
N LYS A 405 -0.66 42.58 38.37
CA LYS A 405 0.19 42.93 37.23
C LYS A 405 -0.01 41.97 36.07
N TYR A 406 0.25 40.69 36.30
CA TYR A 406 0.10 39.69 35.24
C TYR A 406 -1.03 38.74 35.54
N VAL A 407 -1.92 38.56 34.56
CA VAL A 407 -3.05 37.67 34.72
C VAL A 407 -3.30 36.88 33.45
N MET A 408 -3.70 35.64 33.61
CA MET A 408 -4.00 34.77 32.48
C MET A 408 -5.26 33.97 32.87
N SER A 409 -6.30 34.03 32.02
CA SER A 409 -7.56 33.35 32.29
C SER A 409 -7.88 32.14 31.39
N PHE A 410 -8.58 31.17 31.95
CA PHE A 410 -8.96 29.97 31.21
C PHE A 410 -10.47 29.69 31.41
N ASP A 411 -11.18 29.33 30.33
CA ASP A 411 -12.62 29.04 30.41
C ASP A 411 -12.92 27.60 30.11
N LEU A 412 -13.99 27.08 30.70
CA LEU A 412 -14.37 25.71 30.39
C LEU A 412 -15.34 25.79 29.22
N THR A 413 -15.26 24.79 28.34
CA THR A 413 -16.12 24.77 27.17
C THR A 413 -17.54 24.31 27.47
N SER A 414 -18.51 25.18 27.18
CA SER A 414 -19.93 24.93 27.40
C SER A 414 -20.14 24.07 28.61
N LEU A 415 -19.66 24.55 29.75
CA LEU A 415 -19.74 23.78 30.97
C LEU A 415 -21.02 22.96 31.18
N TYR A 416 -22.14 23.63 31.36
CA TYR A 416 -23.37 22.89 31.62
C TYR A 416 -23.78 21.84 30.60
N PRO A 417 -23.79 22.18 29.31
CA PRO A 417 -24.18 21.13 28.37
C PRO A 417 -23.18 19.98 28.45
N SER A 418 -21.90 20.31 28.61
CA SER A 418 -20.87 19.28 28.70
C SER A 418 -21.11 18.41 29.93
N ILE A 419 -21.35 19.03 31.08
CA ILE A 419 -21.59 18.29 32.32
C ILE A 419 -22.75 17.33 32.11
N ILE A 420 -23.80 17.78 31.44
CA ILE A 420 -24.92 16.91 31.19
C ILE A 420 -24.49 15.71 30.38
N ARG A 421 -23.61 15.92 29.41
CA ARG A 421 -23.13 14.80 28.60
C ARG A 421 -22.17 13.92 29.38
N GLN A 422 -21.22 14.53 30.07
CA GLN A 422 -20.25 13.77 30.83
C GLN A 422 -20.89 12.88 31.88
N VAL A 423 -21.76 13.46 32.69
CA VAL A 423 -22.41 12.69 33.73
C VAL A 423 -23.55 11.85 33.20
N ASN A 424 -24.09 12.29 32.07
CA ASN A 424 -25.20 11.58 31.44
C ASN A 424 -26.47 11.80 32.26
N ILE A 425 -26.76 13.06 32.58
CA ILE A 425 -27.94 13.41 33.36
C ILE A 425 -29.19 13.50 32.48
N SER A 426 -30.25 12.83 32.89
CA SER A 426 -31.50 12.82 32.14
C SER A 426 -32.60 12.28 33.04
N PRO A 427 -33.84 12.74 32.86
CA PRO A 427 -34.92 12.24 33.72
C PRO A 427 -35.04 10.73 33.82
N GLU A 428 -34.54 10.01 32.83
CA GLU A 428 -34.69 8.55 32.88
C GLU A 428 -33.40 7.75 33.05
N THR A 429 -32.28 8.42 33.28
CA THR A 429 -31.07 7.67 33.46
C THR A 429 -30.67 7.72 34.92
N ILE A 430 -31.63 8.07 35.77
CA ILE A 430 -31.35 8.14 37.20
C ILE A 430 -31.25 6.72 37.74
N ALA A 431 -30.08 6.36 38.25
CA ALA A 431 -29.89 5.02 38.79
C ALA A 431 -30.23 4.99 40.27
N GLY A 432 -29.76 5.97 41.03
CA GLY A 432 -30.05 6.01 42.44
C GLY A 432 -29.29 7.13 43.13
N THR A 433 -29.06 7.00 44.43
CA THR A 433 -28.33 8.03 45.15
C THR A 433 -27.20 7.44 46.00
N PHE A 434 -26.55 8.27 46.80
CA PHE A 434 -25.48 7.78 47.62
C PHE A 434 -25.14 8.76 48.75
N LYS A 435 -24.65 8.22 49.85
CA LYS A 435 -24.28 9.01 51.02
C LYS A 435 -23.40 10.18 50.56
N VAL A 436 -23.88 11.42 50.75
CA VAL A 436 -23.16 12.61 50.32
C VAL A 436 -22.21 13.28 51.30
N ALA A 437 -20.95 13.41 50.92
CA ALA A 437 -19.97 14.05 51.77
C ALA A 437 -19.93 15.53 51.40
N PRO A 438 -19.49 16.38 52.31
CA PRO A 438 -19.42 17.82 52.07
C PRO A 438 -18.71 18.10 50.77
N LEU A 439 -19.18 19.09 50.02
CA LEU A 439 -18.57 19.41 48.74
C LEU A 439 -17.07 19.60 48.83
N HIS A 440 -16.59 20.27 49.87
CA HIS A 440 -15.16 20.47 50.00
C HIS A 440 -14.43 19.15 49.94
N ASP A 441 -14.98 18.14 50.61
CA ASP A 441 -14.39 16.80 50.62
C ASP A 441 -14.13 16.27 49.20
N TYR A 442 -15.11 16.44 48.32
CA TYR A 442 -14.96 15.97 46.97
C TYR A 442 -14.00 16.84 46.18
N ILE A 443 -13.96 18.13 46.49
CA ILE A 443 -13.08 19.03 45.78
C ILE A 443 -11.62 18.67 46.05
N ASN A 444 -11.33 18.23 47.26
CA ASN A 444 -9.98 17.86 47.61
C ASN A 444 -9.73 16.39 47.43
N ALA A 445 -10.75 15.68 46.97
CA ALA A 445 -10.66 14.25 46.70
C ALA A 445 -10.33 13.43 47.92
N VAL A 446 -10.93 13.77 49.05
CA VAL A 446 -10.68 13.02 50.27
C VAL A 446 -11.89 12.20 50.63
N ALA A 447 -13.06 12.56 50.09
CA ALA A 447 -14.28 11.83 50.37
C ALA A 447 -14.24 10.53 49.59
N GLU A 448 -14.95 9.54 50.11
CA GLU A 448 -15.01 8.22 49.50
C GLU A 448 -15.62 8.26 48.10
N ARG A 449 -14.99 7.58 47.14
CA ARG A 449 -15.51 7.57 45.78
C ARG A 449 -16.97 7.10 45.79
N PRO A 450 -17.88 7.95 45.28
CA PRO A 450 -19.31 7.73 45.20
C PRO A 450 -19.75 6.34 44.77
N SER A 451 -19.25 5.89 43.64
CA SER A 451 -19.63 4.57 43.14
C SER A 451 -18.68 4.16 42.05
N ASP A 452 -18.73 2.89 41.67
CA ASP A 452 -17.88 2.33 40.63
C ASP A 452 -18.75 1.64 39.60
N VAL A 453 -20.03 1.97 39.62
CA VAL A 453 -20.99 1.38 38.68
C VAL A 453 -21.76 2.46 37.91
N TYR A 454 -22.10 3.54 38.60
CA TYR A 454 -22.87 4.62 38.01
C TYR A 454 -22.10 5.94 37.94
N SER A 455 -22.46 6.80 36.99
CA SER A 455 -21.83 8.11 36.83
C SER A 455 -22.44 8.97 37.94
N CYS A 456 -21.60 9.73 38.64
CA CYS A 456 -22.10 10.50 39.76
C CYS A 456 -21.94 11.99 39.73
N SER A 457 -22.59 12.63 40.69
CA SER A 457 -22.53 14.07 40.85
C SER A 457 -22.46 14.32 42.34
N PRO A 458 -21.61 15.25 42.76
CA PRO A 458 -21.39 15.64 44.15
C PRO A 458 -22.64 15.90 44.97
N ASN A 459 -23.80 16.00 44.34
CA ASN A 459 -25.03 16.27 45.08
C ASN A 459 -25.70 15.00 45.59
N GLY A 460 -25.27 13.85 45.08
CA GLY A 460 -25.84 12.59 45.55
C GLY A 460 -26.54 11.76 44.50
N MET A 461 -26.58 12.26 43.27
CA MET A 461 -27.24 11.56 42.20
C MET A 461 -26.33 10.61 41.43
N MET A 462 -26.88 9.46 41.01
CA MET A 462 -26.11 8.45 40.25
C MET A 462 -26.85 8.16 38.96
N TYR A 463 -26.14 8.11 37.84
CA TYR A 463 -26.78 7.84 36.56
C TYR A 463 -26.20 6.62 35.86
N TYR A 464 -27.01 5.98 35.03
CA TYR A 464 -26.56 4.81 34.30
C TYR A 464 -25.50 5.20 33.30
N LYS A 465 -24.51 4.33 33.10
CA LYS A 465 -23.41 4.57 32.15
C LYS A 465 -23.61 3.82 30.86
N ASP A 466 -24.39 2.75 30.93
CA ASP A 466 -24.66 1.90 29.77
C ASP A 466 -25.44 2.61 28.67
N ARG A 467 -26.73 2.84 28.93
CA ARG A 467 -27.62 3.51 27.98
C ARG A 467 -27.37 5.02 28.00
N ASP A 468 -27.54 5.68 26.86
CA ASP A 468 -27.36 7.13 26.81
C ASP A 468 -28.75 7.71 26.98
N GLY A 469 -28.87 8.71 27.83
CA GLY A 469 -30.17 9.30 28.09
C GLY A 469 -30.79 10.07 26.95
N VAL A 470 -32.04 10.48 27.15
CA VAL A 470 -32.76 11.23 26.14
C VAL A 470 -32.16 12.62 26.03
N VAL A 471 -31.92 13.26 27.17
CA VAL A 471 -31.37 14.60 27.10
C VAL A 471 -29.94 14.62 26.53
N PRO A 472 -28.97 13.99 27.22
CA PRO A 472 -27.63 14.05 26.64
C PRO A 472 -27.56 13.64 25.15
N THR A 473 -28.46 12.79 24.70
CA THR A 473 -28.45 12.38 23.31
C THR A 473 -28.84 13.54 22.41
N GLU A 474 -29.87 14.28 22.79
CA GLU A 474 -30.32 15.40 21.97
C GLU A 474 -29.33 16.54 21.88
N ILE A 475 -28.64 16.84 22.99
CA ILE A 475 -27.68 17.93 22.96
C ILE A 475 -26.51 17.50 22.12
N THR A 476 -26.09 16.26 22.28
CA THR A 476 -24.98 15.81 21.48
C THR A 476 -25.39 15.89 20.01
N LYS A 477 -26.60 15.41 19.71
CA LYS A 477 -27.07 15.46 18.34
C LYS A 477 -26.88 16.89 17.85
N VAL A 478 -27.23 17.86 18.69
CA VAL A 478 -27.08 19.27 18.32
C VAL A 478 -25.61 19.66 18.25
N PHE A 479 -24.83 19.24 19.24
CA PHE A 479 -23.40 19.54 19.28
C PHE A 479 -22.74 19.09 17.99
N ASN A 480 -23.05 17.87 17.58
CA ASN A 480 -22.51 17.30 16.36
C ASN A 480 -22.97 18.12 15.16
N GLN A 481 -24.28 18.26 15.02
CA GLN A 481 -24.83 19.04 13.92
C GLN A 481 -24.03 20.33 13.75
N ARG A 482 -23.70 20.98 14.86
CA ARG A 482 -22.95 22.21 14.76
C ARG A 482 -21.65 21.97 14.01
N LYS A 483 -20.81 21.08 14.51
CA LYS A 483 -19.56 20.82 13.81
C LYS A 483 -19.80 20.20 12.44
N GLU A 484 -21.02 19.81 12.15
CA GLU A 484 -21.33 19.24 10.84
C GLU A 484 -21.44 20.38 9.83
N HIS A 485 -22.25 21.39 10.15
CA HIS A 485 -22.44 22.55 9.26
C HIS A 485 -21.21 23.44 9.24
N LYS A 486 -20.40 23.38 10.28
CA LYS A 486 -19.18 24.18 10.31
C LYS A 486 -18.13 23.38 9.57
N GLY A 487 -18.53 22.22 9.08
CA GLY A 487 -17.64 21.37 8.32
C GLY A 487 -17.92 21.76 6.88
N TYR A 488 -19.11 22.30 6.68
CA TYR A 488 -19.54 22.76 5.37
C TYR A 488 -19.08 24.21 5.27
N MET A 489 -18.50 24.71 6.36
CA MET A 489 -18.02 26.09 6.41
C MET A 489 -16.81 26.24 5.48
N LEU A 490 -15.75 25.50 5.78
CA LEU A 490 -14.54 25.56 4.97
C LEU A 490 -14.69 24.70 3.72
N ALA A 491 -15.88 24.14 3.55
CA ALA A 491 -16.20 23.28 2.40
C ALA A 491 -16.94 24.06 1.31
N ALA A 492 -17.04 25.36 1.49
CA ALA A 492 -17.70 26.24 0.53
C ALA A 492 -16.99 27.58 0.58
N GLN A 493 -16.27 27.80 1.68
CA GLN A 493 -15.52 29.03 1.88
C GLN A 493 -14.07 28.74 1.54
N ARG A 494 -13.39 28.04 2.45
CA ARG A 494 -12.00 27.69 2.27
C ARG A 494 -11.81 27.05 0.89
N ASN A 495 -12.86 26.40 0.39
CA ASN A 495 -12.80 25.77 -0.92
C ASN A 495 -13.01 26.78 -2.02
N GLY A 496 -13.70 27.87 -1.70
CA GLY A 496 -13.94 28.91 -2.68
C GLY A 496 -12.62 29.60 -2.98
N GLU A 497 -11.53 28.96 -2.59
CA GLU A 497 -10.18 29.49 -2.81
C GLU A 497 -9.52 29.01 -4.10
N ILE A 498 -9.79 27.77 -4.50
CA ILE A 498 -9.21 27.25 -5.74
C ILE A 498 -9.91 28.00 -6.89
N ILE A 499 -10.90 28.82 -6.53
CA ILE A 499 -11.70 29.61 -7.47
C ILE A 499 -11.12 31.02 -7.65
N LYS A 500 -10.63 31.61 -6.55
CA LYS A 500 -10.04 32.94 -6.57
C LYS A 500 -8.57 32.84 -6.95
N GLU A 501 -8.02 31.63 -6.82
CA GLU A 501 -6.63 31.35 -7.16
C GLU A 501 -6.53 31.09 -8.65
N ALA A 502 -7.56 30.46 -9.20
CA ALA A 502 -7.61 30.17 -10.62
C ALA A 502 -8.21 31.38 -11.33
N LEU A 503 -8.60 32.39 -10.54
CA LEU A 503 -9.18 33.61 -11.07
C LEU A 503 -8.15 34.62 -11.57
N HIS A 504 -6.88 34.32 -11.37
CA HIS A 504 -5.79 35.21 -11.81
C HIS A 504 -5.43 34.92 -13.27
N ASN A 505 -5.72 33.70 -13.73
CA ASN A 505 -5.42 33.29 -15.09
C ASN A 505 -6.60 32.61 -15.80
N PRO A 506 -7.78 33.26 -15.82
CA PRO A 506 -8.96 32.68 -16.46
C PRO A 506 -8.81 32.44 -17.95
N ASN A 507 -8.86 31.17 -18.35
CA ASN A 507 -8.75 30.81 -19.76
C ASN A 507 -9.82 31.60 -20.49
N LEU A 508 -9.57 31.89 -21.77
CA LEU A 508 -10.53 32.65 -22.55
C LEU A 508 -11.47 31.76 -23.36
N SER A 509 -12.69 31.59 -22.86
CA SER A 509 -13.70 30.76 -23.52
C SER A 509 -15.09 31.08 -22.98
N VAL A 510 -16.11 30.50 -23.60
CA VAL A 510 -17.48 30.72 -23.16
C VAL A 510 -18.08 29.45 -22.56
N ASP A 511 -17.81 29.22 -21.28
CA ASP A 511 -18.33 28.04 -20.58
C ASP A 511 -19.12 28.45 -19.33
N GLU A 512 -20.06 27.61 -18.93
CA GLU A 512 -20.87 27.89 -17.75
C GLU A 512 -20.25 27.20 -16.55
N PRO A 513 -20.51 27.72 -15.34
CA PRO A 513 -19.97 27.14 -14.10
C PRO A 513 -20.25 25.64 -13.99
N LEU A 514 -19.39 24.93 -13.27
CA LEU A 514 -19.55 23.50 -13.08
C LEU A 514 -20.69 23.21 -12.11
N ASP A 515 -21.92 23.37 -12.61
CA ASP A 515 -23.14 23.15 -11.82
C ASP A 515 -23.08 21.92 -10.93
N VAL A 516 -22.51 22.09 -9.73
CA VAL A 516 -22.39 21.02 -8.75
C VAL A 516 -22.39 21.62 -7.34
N ASP A 517 -23.05 20.96 -6.39
CA ASP A 517 -23.14 21.43 -5.00
C ASP A 517 -21.78 21.71 -4.37
N TYR A 518 -21.70 22.82 -3.65
CA TYR A 518 -20.46 23.24 -2.99
C TYR A 518 -20.36 22.77 -1.54
N ARG A 519 -21.50 22.66 -0.88
CA ARG A 519 -21.55 22.22 0.52
C ARG A 519 -20.43 21.23 0.82
N PHE A 520 -20.16 20.34 -0.14
CA PHE A 520 -19.11 19.36 0.01
C PHE A 520 -17.86 19.84 -0.70
N ASP A 521 -16.72 19.75 -0.01
CA ASP A 521 -15.44 20.19 -0.54
C ASP A 521 -15.19 19.59 -1.93
N PHE A 522 -15.14 20.45 -2.96
CA PHE A 522 -14.92 20.00 -4.33
C PHE A 522 -13.59 19.27 -4.50
N SER A 523 -13.58 18.26 -5.36
CA SER A 523 -12.39 17.46 -5.62
C SER A 523 -11.99 17.50 -7.10
N ASP A 524 -10.77 17.08 -7.40
CA ASP A 524 -10.28 17.08 -8.76
C ASP A 524 -10.85 15.93 -9.61
N GLU A 525 -11.96 15.35 -9.15
CA GLU A 525 -12.61 14.26 -9.86
C GLU A 525 -13.68 14.81 -10.80
N ILE A 526 -14.14 16.02 -10.49
CA ILE A 526 -15.15 16.72 -11.26
C ILE A 526 -14.76 18.19 -11.33
N LYS A 527 -14.30 18.71 -10.20
CA LYS A 527 -13.88 20.10 -10.12
C LYS A 527 -12.54 20.24 -10.84
N GLU A 528 -12.06 19.15 -11.42
CA GLU A 528 -10.81 19.16 -12.15
C GLU A 528 -10.79 20.35 -13.10
N LYS A 529 -11.97 20.75 -13.54
CA LYS A 529 -12.12 21.88 -14.44
C LYS A 529 -11.68 23.15 -13.71
N ILE A 530 -10.36 23.39 -13.67
CA ILE A 530 -9.79 24.56 -13.00
C ILE A 530 -9.43 25.67 -13.97
N LYS A 531 -8.69 25.32 -15.03
CA LYS A 531 -8.26 26.30 -16.03
C LYS A 531 -9.31 26.42 -17.14
N LYS A 532 -9.93 25.30 -17.48
CA LYS A 532 -10.95 25.26 -18.54
C LYS A 532 -12.02 26.30 -18.27
N LEU A 533 -12.07 26.78 -17.04
CA LEU A 533 -13.04 27.78 -16.63
C LEU A 533 -12.71 29.11 -17.32
N SER A 534 -13.70 29.98 -17.43
CA SER A 534 -13.51 31.28 -18.06
C SER A 534 -13.62 32.43 -17.06
N ALA A 535 -14.21 33.54 -17.48
CA ALA A 535 -14.37 34.69 -16.61
C ALA A 535 -15.77 34.73 -16.02
N LYS A 536 -16.74 34.14 -16.72
CA LYS A 536 -18.11 34.11 -16.24
C LYS A 536 -18.36 32.86 -15.41
N SER A 537 -17.31 32.06 -15.25
CA SER A 537 -17.40 30.82 -14.48
C SER A 537 -16.77 31.00 -13.11
N LEU A 538 -15.44 31.09 -13.08
CA LEU A 538 -14.71 31.27 -11.84
C LEU A 538 -15.41 32.28 -10.93
N ASN A 539 -15.66 33.46 -11.49
CA ASN A 539 -16.32 34.53 -10.75
C ASN A 539 -17.74 34.14 -10.33
N GLU A 540 -18.31 33.15 -11.00
CA GLU A 540 -19.66 32.69 -10.66
C GLU A 540 -19.58 31.49 -9.72
N MET A 541 -18.42 30.84 -9.72
CA MET A 541 -18.21 29.69 -8.86
C MET A 541 -17.83 30.07 -7.44
N LEU A 542 -17.70 31.38 -7.19
CA LEU A 542 -17.38 31.84 -5.84
C LEU A 542 -18.54 32.64 -5.25
N PHE A 543 -19.66 32.66 -5.99
CA PHE A 543 -20.87 33.32 -5.53
C PHE A 543 -21.62 32.22 -4.78
N ARG A 544 -21.83 31.11 -5.48
CA ARG A 544 -22.51 29.96 -4.91
C ARG A 544 -21.74 29.49 -3.69
N ALA A 545 -20.45 29.25 -3.88
CA ALA A 545 -19.58 28.81 -2.78
C ALA A 545 -19.83 29.68 -1.57
N GLN A 546 -19.75 30.99 -1.76
CA GLN A 546 -19.97 31.95 -0.68
C GLN A 546 -21.44 32.16 -0.36
N ARG A 547 -22.32 31.78 -1.29
CA ARG A 547 -23.76 31.93 -1.10
C ARG A 547 -24.26 30.89 -0.10
N THR A 548 -23.79 29.66 -0.24
CA THR A 548 -24.19 28.58 0.66
C THR A 548 -23.29 28.57 1.90
N GLU A 549 -21.99 28.70 1.67
CA GLU A 549 -21.03 28.72 2.76
C GLU A 549 -21.56 29.49 3.97
N VAL A 550 -22.21 30.62 3.69
CA VAL A 550 -22.77 31.45 4.75
C VAL A 550 -23.98 30.75 5.34
N ALA A 551 -24.77 30.11 4.47
CA ALA A 551 -25.97 29.41 4.90
C ALA A 551 -25.58 28.48 6.05
N GLY A 552 -24.34 28.02 6.05
CA GLY A 552 -23.88 27.16 7.11
C GLY A 552 -23.92 27.99 8.38
N MET A 553 -23.24 29.14 8.35
CA MET A 553 -23.17 30.04 9.50
C MET A 553 -24.51 30.25 10.19
N THR A 554 -25.59 30.08 9.44
CA THR A 554 -26.92 30.25 10.02
C THR A 554 -27.23 29.05 10.89
N ALA A 555 -26.83 27.88 10.42
CA ALA A 555 -27.06 26.65 11.15
C ALA A 555 -26.15 26.55 12.36
N GLN A 556 -24.89 26.91 12.19
CA GLN A 556 -23.94 26.86 13.29
C GLN A 556 -24.36 27.77 14.44
N ILE A 557 -24.74 28.99 14.10
CA ILE A 557 -25.14 29.96 15.09
C ILE A 557 -26.44 29.57 15.76
N ASN A 558 -27.31 28.89 15.03
CA ASN A 558 -28.57 28.47 15.59
C ASN A 558 -28.36 27.28 16.53
N ARG A 559 -27.44 26.39 16.17
CA ARG A 559 -27.14 25.23 17.01
C ARG A 559 -26.55 25.71 18.33
N LYS A 560 -25.75 26.77 18.26
CA LYS A 560 -25.13 27.36 19.44
C LYS A 560 -26.23 27.85 20.37
N LEU A 561 -27.26 28.45 19.79
CA LEU A 561 -28.39 28.98 20.54
C LEU A 561 -29.24 27.95 21.27
N LEU A 562 -29.51 26.80 20.64
CA LEU A 562 -30.28 25.74 21.29
C LEU A 562 -29.41 25.18 22.41
N ILE A 563 -28.14 24.91 22.07
CA ILE A 563 -27.19 24.38 23.01
C ILE A 563 -27.10 25.24 24.26
N ASN A 564 -27.09 26.55 24.07
CA ASN A 564 -27.00 27.44 25.22
C ASN A 564 -28.31 27.64 25.94
N SER A 565 -29.43 27.40 25.27
CA SER A 565 -30.74 27.57 25.88
C SER A 565 -31.23 26.30 26.57
N LEU A 566 -30.55 25.19 26.31
CA LEU A 566 -30.99 23.93 26.90
C LEU A 566 -31.00 23.88 28.39
N TYR A 567 -29.94 24.38 29.01
CA TYR A 567 -29.94 24.36 30.46
C TYR A 567 -31.11 25.19 30.93
N GLY A 568 -31.42 26.23 30.16
CA GLY A 568 -32.52 27.10 30.48
C GLY A 568 -33.78 26.30 30.72
N ALA A 569 -34.27 25.64 29.68
CA ALA A 569 -35.46 24.83 29.80
C ALA A 569 -35.35 23.82 30.94
N LEU A 570 -34.24 23.10 30.98
CA LEU A 570 -33.99 22.07 31.97
C LEU A 570 -34.21 22.43 33.42
N GLY A 571 -33.78 23.62 33.82
CA GLY A 571 -33.95 24.02 35.19
C GLY A 571 -35.21 24.81 35.44
N ASN A 572 -36.16 24.68 34.51
CA ASN A 572 -37.45 25.38 34.57
C ASN A 572 -38.61 24.42 34.79
N VAL A 573 -39.34 24.62 35.88
CA VAL A 573 -40.46 23.75 36.26
C VAL A 573 -41.50 23.45 35.22
N TRP A 574 -41.71 24.34 34.25
CA TRP A 574 -42.72 24.07 33.23
C TRP A 574 -42.20 23.16 32.12
N PHE A 575 -40.90 22.85 32.15
CA PHE A 575 -40.31 22.00 31.12
C PHE A 575 -40.71 20.56 31.29
N ARG A 576 -41.01 19.90 30.19
CA ARG A 576 -41.45 18.51 30.22
C ARG A 576 -40.42 17.54 30.83
N TYR A 577 -39.15 17.93 30.83
CA TYR A 577 -38.12 17.05 31.37
C TYR A 577 -37.41 17.61 32.59
N TYR A 578 -38.01 18.61 33.22
CA TYR A 578 -37.43 19.21 34.41
C TYR A 578 -37.38 18.18 35.51
N ASP A 579 -36.38 18.31 36.37
CA ASP A 579 -36.21 17.43 37.52
C ASP A 579 -35.24 18.11 38.45
N LEU A 580 -35.76 18.58 39.57
CA LEU A 580 -34.99 19.28 40.57
C LEU A 580 -33.68 18.60 40.89
N ARG A 581 -33.71 17.29 41.03
CA ARG A 581 -32.51 16.55 41.33
C ARG A 581 -31.46 16.69 40.24
N ASN A 582 -31.89 16.62 38.97
CA ASN A 582 -30.97 16.74 37.85
C ASN A 582 -30.45 18.16 37.68
N ALA A 583 -31.32 19.14 37.92
CA ALA A 583 -30.95 20.55 37.81
C ALA A 583 -29.85 20.80 38.82
N THR A 584 -30.03 20.25 40.01
CA THR A 584 -29.03 20.42 41.06
C THR A 584 -27.79 19.62 40.76
N ALA A 585 -27.97 18.43 40.20
CA ALA A 585 -26.84 17.58 39.85
C ALA A 585 -25.90 18.37 38.95
N ILE A 586 -26.46 18.99 37.93
CA ILE A 586 -25.66 19.78 37.02
C ILE A 586 -24.89 20.92 37.69
N THR A 587 -25.58 21.85 38.35
CA THR A 587 -24.90 22.98 38.98
C THR A 587 -23.91 22.60 40.05
N THR A 588 -24.25 21.58 40.84
CA THR A 588 -23.35 21.14 41.91
C THR A 588 -22.06 20.59 41.29
N PHE A 589 -22.20 19.71 40.31
CA PHE A 589 -21.05 19.12 39.64
C PHE A 589 -20.15 20.24 39.13
N GLY A 590 -20.75 21.28 38.57
CA GLY A 590 -19.96 22.39 38.05
C GLY A 590 -19.20 23.04 39.20
N GLN A 591 -19.91 23.26 40.29
CA GLN A 591 -19.35 23.85 41.47
C GLN A 591 -18.03 23.17 41.79
N MET A 592 -18.09 21.85 41.82
CA MET A 592 -16.94 21.01 42.12
C MET A 592 -15.83 21.19 41.09
N ALA A 593 -16.21 20.99 39.83
CA ALA A 593 -15.28 21.08 38.73
C ALA A 593 -14.41 22.33 38.79
N LEU A 594 -15.03 23.51 38.86
CA LEU A 594 -14.24 24.73 38.89
C LEU A 594 -13.31 24.85 40.08
N GLN A 595 -13.73 24.38 41.24
CA GLN A 595 -12.91 24.46 42.44
C GLN A 595 -11.89 23.32 42.50
N TRP A 596 -12.19 22.23 41.80
CA TRP A 596 -11.28 21.11 41.74
C TRP A 596 -10.09 21.57 40.91
N ILE A 597 -10.36 22.03 39.70
CA ILE A 597 -9.30 22.51 38.83
C ILE A 597 -8.52 23.67 39.47
N GLU A 598 -9.21 24.46 40.29
CA GLU A 598 -8.59 25.59 40.97
C GLU A 598 -7.51 24.99 41.84
N ARG A 599 -7.88 23.94 42.57
CA ARG A 599 -6.94 23.25 43.43
C ARG A 599 -5.78 22.73 42.60
N LYS A 600 -6.11 21.96 41.57
CA LYS A 600 -5.09 21.41 40.69
C LYS A 600 -4.15 22.49 40.13
N VAL A 601 -4.70 23.54 39.55
CA VAL A 601 -3.84 24.57 39.02
C VAL A 601 -2.89 25.05 40.10
N ASN A 602 -3.42 25.41 41.26
CA ASN A 602 -2.57 25.91 42.34
C ASN A 602 -1.46 24.92 42.70
N GLU A 603 -1.79 23.64 42.72
CA GLU A 603 -0.80 22.61 43.03
C GLU A 603 0.29 22.59 41.98
N TYR A 604 -0.10 22.60 40.71
CA TYR A 604 0.86 22.57 39.61
C TYR A 604 1.80 23.77 39.65
N LEU A 605 1.27 24.97 39.47
CA LEU A 605 2.10 26.17 39.49
C LEU A 605 3.02 26.26 40.70
N ASN A 606 2.54 25.90 41.88
CA ASN A 606 3.39 25.95 43.07
C ASN A 606 4.56 25.02 42.95
N GLU A 607 4.32 23.81 42.46
CA GLU A 607 5.39 22.85 42.29
C GLU A 607 6.39 23.27 41.21
N VAL A 608 5.89 23.76 40.08
CA VAL A 608 6.79 24.15 39.01
C VAL A 608 7.45 25.49 39.29
N CYS A 609 6.97 26.20 40.30
CA CYS A 609 7.56 27.47 40.67
C CYS A 609 8.36 27.29 41.94
N GLY A 610 8.33 26.07 42.47
CA GLY A 610 9.06 25.74 43.68
C GLY A 610 8.64 26.50 44.94
N THR A 611 7.37 26.84 45.02
CA THR A 611 6.84 27.57 46.16
C THR A 611 5.97 26.64 47.00
N GLU A 612 5.34 27.20 48.02
CA GLU A 612 4.50 26.45 48.96
C GLU A 612 3.17 27.13 49.26
N GLY A 613 2.07 26.45 48.99
CA GLY A 613 0.76 27.02 49.26
C GLY A 613 0.47 28.39 48.67
N GLU A 614 1.22 28.79 47.64
CA GLU A 614 0.99 30.07 47.00
C GLU A 614 -0.30 30.01 46.17
N ALA A 615 -1.17 30.98 46.37
CA ALA A 615 -2.46 31.03 45.66
C ALA A 615 -2.32 31.69 44.29
N PHE A 616 -2.30 30.88 43.24
CA PHE A 616 -2.16 31.40 41.88
C PHE A 616 -3.47 31.79 41.22
N VAL A 617 -4.54 31.11 41.59
CA VAL A 617 -5.84 31.44 41.03
C VAL A 617 -6.42 32.50 41.94
N LEU A 618 -6.50 33.72 41.43
CA LEU A 618 -7.00 34.85 42.18
C LEU A 618 -8.52 35.01 42.17
N TYR A 619 -9.16 34.38 41.20
CA TYR A 619 -10.60 34.51 41.10
C TYR A 619 -11.20 33.47 40.18
N GLY A 620 -12.32 32.90 40.59
CA GLY A 620 -12.99 31.90 39.79
C GLY A 620 -14.42 32.37 39.61
N ASP A 621 -15.15 31.79 38.67
CA ASP A 621 -16.52 32.23 38.44
C ASP A 621 -17.27 31.37 37.45
N THR A 622 -18.08 30.44 37.93
CA THR A 622 -18.88 29.60 37.05
C THR A 622 -18.07 28.64 36.20
N ASP A 623 -17.36 29.19 35.23
CA ASP A 623 -16.56 28.37 34.35
C ASP A 623 -15.28 29.05 33.90
N SER A 624 -14.81 30.03 34.65
CA SER A 624 -13.57 30.71 34.32
C SER A 624 -12.71 30.84 35.55
N ILE A 625 -11.40 30.78 35.36
CA ILE A 625 -10.46 30.95 36.44
C ILE A 625 -9.42 31.92 35.94
N TYR A 626 -8.94 32.79 36.81
CA TYR A 626 -7.94 33.76 36.43
C TYR A 626 -6.70 33.52 37.28
N VAL A 627 -5.57 33.31 36.62
CA VAL A 627 -4.31 33.05 37.30
C VAL A 627 -3.37 34.25 37.30
N SER A 628 -2.59 34.36 38.37
CA SER A 628 -1.63 35.44 38.52
C SER A 628 -0.31 34.94 37.94
N ALA A 629 0.11 35.54 36.84
CA ALA A 629 1.33 35.16 36.17
C ALA A 629 2.57 35.74 36.83
N ASP A 630 2.38 36.66 37.76
CA ASP A 630 3.50 37.30 38.46
C ASP A 630 4.66 36.33 38.72
N LYS A 631 4.40 35.31 39.51
CA LYS A 631 5.40 34.31 39.88
C LYS A 631 6.09 33.68 38.68
N ILE A 632 5.35 33.48 37.60
CA ILE A 632 5.89 32.88 36.39
C ILE A 632 6.84 33.86 35.69
N ILE A 633 6.39 35.09 35.48
CA ILE A 633 7.23 36.08 34.81
C ILE A 633 8.50 36.33 35.61
N ASP A 634 8.43 36.19 36.93
CA ASP A 634 9.59 36.40 37.79
C ASP A 634 10.61 35.26 37.64
N LYS A 635 10.12 34.03 37.43
CA LYS A 635 11.02 32.89 37.28
C LYS A 635 11.92 33.07 36.05
N VAL A 636 11.73 34.17 35.34
CA VAL A 636 12.52 34.49 34.17
C VAL A 636 13.12 35.88 34.34
N GLY A 637 12.32 36.79 34.88
CA GLY A 637 12.75 38.16 35.11
C GLY A 637 12.33 39.06 33.96
N GLU A 638 11.54 40.10 34.26
CA GLU A 638 11.06 41.03 33.23
C GLU A 638 12.20 41.59 32.39
N SER A 639 13.41 41.58 32.96
CA SER A 639 14.56 42.08 32.24
C SER A 639 14.91 41.23 31.02
N LYS A 640 14.66 39.92 31.09
CA LYS A 640 14.96 39.04 29.95
C LYS A 640 14.01 39.09 28.76
N PHE A 641 13.06 40.03 28.78
CA PHE A 641 12.13 40.14 27.68
C PHE A 641 12.42 41.37 26.82
N ARG A 642 12.51 41.15 25.50
CA ARG A 642 12.76 42.20 24.51
C ARG A 642 11.75 43.32 24.63
N ASP A 643 10.47 42.98 24.48
CA ASP A 643 9.38 43.95 24.56
C ASP A 643 8.16 43.32 25.19
N THR A 644 7.02 44.00 25.08
CA THR A 644 5.77 43.51 25.66
C THR A 644 5.35 42.20 25.01
N ASN A 645 5.28 42.24 23.68
CA ASN A 645 4.86 41.08 22.93
C ASN A 645 5.71 39.86 23.25
N HIS A 646 6.88 40.10 23.83
CA HIS A 646 7.82 39.03 24.19
C HIS A 646 7.30 38.15 25.31
N TRP A 647 6.89 38.77 26.42
CA TRP A 647 6.39 37.98 27.53
C TRP A 647 4.99 37.47 27.27
N VAL A 648 4.27 38.12 26.35
CA VAL A 648 2.92 37.67 26.02
C VAL A 648 3.02 36.29 25.40
N ASP A 649 3.96 36.14 24.46
CA ASP A 649 4.21 34.88 23.78
C ASP A 649 4.72 33.86 24.78
N PHE A 650 5.59 34.31 25.67
CA PHE A 650 6.14 33.43 26.68
C PHE A 650 5.02 32.78 27.44
N LEU A 651 4.08 33.61 27.89
CA LEU A 651 2.93 33.12 28.66
C LEU A 651 2.05 32.23 27.79
N ASP A 652 1.82 32.62 26.56
CA ASP A 652 0.98 31.83 25.66
C ASP A 652 1.56 30.43 25.50
N LYS A 653 2.87 30.37 25.37
CA LYS A 653 3.56 29.10 25.19
C LYS A 653 3.48 28.29 26.48
N PHE A 654 3.77 28.96 27.59
CA PHE A 654 3.76 28.30 28.88
C PHE A 654 2.41 27.70 29.18
N ALA A 655 1.37 28.46 28.89
CA ALA A 655 0.01 28.02 29.14
C ALA A 655 -0.30 26.78 28.33
N ARG A 656 -0.17 26.90 27.01
CA ARG A 656 -0.44 25.79 26.08
C ARG A 656 0.41 24.54 26.33
N GLU A 657 1.71 24.74 26.41
CA GLU A 657 2.67 23.66 26.61
C GLU A 657 2.77 23.04 27.98
N ARG A 658 2.63 23.84 29.04
CA ARG A 658 2.73 23.29 30.38
C ARG A 658 1.45 23.23 31.21
N MET A 659 0.63 24.28 31.14
CA MET A 659 -0.61 24.30 31.91
C MET A 659 -1.75 23.47 31.31
N GLU A 660 -2.05 23.66 30.03
CA GLU A 660 -3.12 22.91 29.37
C GLU A 660 -3.05 21.43 29.76
N PRO A 661 -1.88 20.81 29.56
CA PRO A 661 -1.66 19.39 29.89
C PRO A 661 -1.95 19.07 31.34
N ALA A 662 -1.46 19.92 32.23
CA ALA A 662 -1.67 19.73 33.65
C ALA A 662 -3.16 19.71 33.95
N ILE A 663 -3.89 20.65 33.35
CA ILE A 663 -5.32 20.79 33.54
C ILE A 663 -6.07 19.56 33.07
N ASP A 664 -5.85 19.16 31.83
CA ASP A 664 -6.55 18.00 31.31
C ASP A 664 -6.22 16.75 32.15
N ARG A 665 -4.97 16.64 32.58
CA ARG A 665 -4.57 15.52 33.42
C ARG A 665 -5.47 15.52 34.64
N GLY A 666 -5.53 16.69 35.29
CA GLY A 666 -6.35 16.87 36.47
C GLY A 666 -7.82 16.54 36.30
N PHE A 667 -8.43 16.99 35.21
CA PHE A 667 -9.84 16.71 35.00
C PHE A 667 -10.12 15.23 34.71
N ARG A 668 -9.20 14.54 34.05
CA ARG A 668 -9.41 13.13 33.75
C ARG A 668 -9.48 12.42 35.06
N GLU A 669 -8.70 12.91 36.02
CA GLU A 669 -8.67 12.31 37.35
C GLU A 669 -10.04 12.45 37.97
N MET A 670 -10.61 13.66 37.85
CA MET A 670 -11.92 13.95 38.38
C MET A 670 -12.98 13.09 37.73
N CYS A 671 -12.90 12.91 36.42
CA CYS A 671 -13.90 12.10 35.74
C CYS A 671 -13.87 10.67 36.25
N GLU A 672 -12.68 10.17 36.56
CA GLU A 672 -12.53 8.82 37.06
C GLU A 672 -13.09 8.75 38.46
N TYR A 673 -12.75 9.74 39.26
CA TYR A 673 -13.21 9.85 40.62
C TYR A 673 -14.75 9.75 40.70
N MET A 674 -15.44 10.46 39.82
CA MET A 674 -16.89 10.44 39.80
C MET A 674 -17.43 9.33 38.91
N ASN A 675 -16.52 8.62 38.25
CA ASN A 675 -16.88 7.50 37.37
C ASN A 675 -17.91 7.95 36.34
N ASN A 676 -17.62 9.05 35.66
CA ASN A 676 -18.53 9.60 34.67
C ASN A 676 -18.50 8.84 33.37
N LYS A 677 -19.56 8.97 32.58
CA LYS A 677 -19.69 8.28 31.32
C LYS A 677 -18.71 8.76 30.27
N GLN A 678 -18.19 9.98 30.40
CA GLN A 678 -17.27 10.49 29.39
C GLN A 678 -16.59 11.80 29.76
N HIS A 679 -15.28 11.86 29.60
CA HIS A 679 -14.53 13.07 29.92
C HIS A 679 -14.80 14.18 28.92
N LEU A 680 -15.43 15.26 29.38
CA LEU A 680 -15.74 16.36 28.49
C LEU A 680 -15.42 17.72 29.09
N MET A 681 -14.61 17.69 30.14
CA MET A 681 -14.22 18.91 30.84
C MET A 681 -12.99 19.50 30.13
N PHE A 682 -13.23 20.48 29.26
CA PHE A 682 -12.15 21.11 28.51
C PHE A 682 -11.95 22.57 28.82
N MET A 683 -10.72 22.96 29.12
CA MET A 683 -10.41 24.36 29.42
C MET A 683 -9.35 24.93 28.48
N ASP A 684 -9.60 26.14 28.00
CA ASP A 684 -8.70 26.83 27.06
C ASP A 684 -8.21 28.15 27.61
N ARG A 685 -6.92 28.44 27.44
CA ARG A 685 -6.41 29.74 27.87
C ARG A 685 -7.26 30.77 27.13
N GLU A 686 -7.71 31.79 27.84
CA GLU A 686 -8.54 32.80 27.20
C GLU A 686 -7.81 34.10 26.94
N ALA A 687 -7.49 34.82 28.02
CA ALA A 687 -6.82 36.09 27.87
C ALA A 687 -5.46 36.14 28.55
N ILE A 688 -4.65 37.07 28.10
CA ILE A 688 -3.36 37.32 28.71
C ILE A 688 -3.31 38.83 28.87
N ALA A 689 -3.17 39.28 30.12
CA ALA A 689 -3.12 40.70 30.42
C ALA A 689 -1.94 41.04 31.30
N GLY A 690 -1.55 42.30 31.24
CA GLY A 690 -0.44 42.80 32.01
C GLY A 690 -0.16 44.20 31.51
N PRO A 691 0.78 44.90 32.14
CA PRO A 691 1.08 46.25 31.70
C PRO A 691 2.13 46.27 30.58
N PRO A 692 2.17 47.36 29.80
CA PRO A 692 3.15 47.43 28.71
C PRO A 692 4.53 47.25 29.35
N LEU A 693 5.36 46.40 28.78
CA LEU A 693 6.68 46.19 29.36
C LEU A 693 7.43 47.52 29.50
N GLY A 694 7.91 47.77 30.72
CA GLY A 694 8.64 49.00 30.97
C GLY A 694 7.79 50.20 31.35
N SER A 695 6.51 49.97 31.63
CA SER A 695 5.60 51.06 32.01
C SER A 695 5.30 51.00 33.49
N LYS A 696 4.63 52.02 34.01
CA LYS A 696 4.27 52.04 35.42
C LYS A 696 2.81 51.59 35.60
N GLY A 697 2.24 50.96 34.58
CA GLY A 697 0.87 50.50 34.66
C GLY A 697 0.78 49.31 35.58
N ILE A 698 -0.38 49.09 36.19
CA ILE A 698 -0.54 47.96 37.09
C ILE A 698 -1.12 46.73 36.40
N GLY A 699 -1.46 46.86 35.12
CA GLY A 699 -1.99 45.72 34.38
C GLY A 699 -3.45 45.34 34.64
N GLY A 700 -3.89 45.40 35.89
CA GLY A 700 -5.26 45.05 36.18
C GLY A 700 -5.60 45.10 37.66
N PHE A 701 -6.88 45.05 37.99
CA PHE A 701 -7.29 45.07 39.38
C PHE A 701 -8.69 44.49 39.60
N TRP A 702 -9.01 44.15 40.85
CA TRP A 702 -10.33 43.62 41.19
C TRP A 702 -10.90 44.39 42.34
N THR A 703 -12.19 44.73 42.24
CA THR A 703 -12.85 45.45 43.29
C THR A 703 -13.53 44.41 44.17
N GLY A 704 -14.11 43.41 43.53
CA GLY A 704 -14.80 42.35 44.25
C GLY A 704 -15.42 41.39 43.24
N LYS A 705 -16.25 40.44 43.70
CA LYS A 705 -16.88 39.50 42.78
C LYS A 705 -17.45 40.20 41.57
N LYS A 706 -17.17 39.66 40.39
CA LYS A 706 -17.68 40.23 39.16
C LYS A 706 -17.31 41.68 38.91
N ARG A 707 -16.26 42.20 39.55
CA ARG A 707 -15.89 43.61 39.29
C ARG A 707 -14.37 43.76 39.05
N TYR A 708 -13.95 43.81 37.78
CA TYR A 708 -12.53 43.94 37.46
C TYR A 708 -12.22 44.68 36.15
N ALA A 709 -10.93 44.82 35.87
CA ALA A 709 -10.46 45.49 34.67
C ALA A 709 -9.06 44.93 34.36
N LEU A 710 -8.84 44.53 33.11
CA LEU A 710 -7.56 43.98 32.67
C LEU A 710 -7.13 44.56 31.35
N ASN A 711 -5.82 44.77 31.23
CA ASN A 711 -5.22 45.28 30.02
C ASN A 711 -4.82 44.05 29.21
N VAL A 712 -5.68 43.61 28.29
CA VAL A 712 -5.41 42.40 27.50
C VAL A 712 -4.66 42.58 26.17
N TRP A 713 -3.74 41.67 25.90
CA TRP A 713 -2.94 41.72 24.69
C TRP A 713 -3.30 40.58 23.75
N ASP A 714 -3.61 39.43 24.30
CA ASP A 714 -3.96 38.30 23.46
C ASP A 714 -5.19 37.59 23.99
N MET A 715 -6.15 37.36 23.10
CA MET A 715 -7.40 36.72 23.47
C MET A 715 -7.57 35.45 22.67
N GLU A 716 -7.37 34.30 23.31
CA GLU A 716 -7.54 33.02 22.64
C GLU A 716 -6.78 32.91 21.32
N GLY A 717 -5.48 33.13 21.37
CA GLY A 717 -4.69 33.05 20.16
C GLY A 717 -4.60 34.35 19.38
N THR A 718 -5.67 35.15 19.37
CA THR A 718 -5.65 36.42 18.66
C THR A 718 -4.89 37.51 19.40
N ARG A 719 -3.80 37.99 18.81
CA ARG A 719 -3.05 39.06 19.46
C ARG A 719 -3.43 40.42 18.89
N TYR A 720 -3.84 41.32 19.78
CA TYR A 720 -4.24 42.67 19.36
C TYR A 720 -3.08 43.57 18.98
N ALA A 721 -3.34 44.49 18.06
CA ALA A 721 -2.33 45.45 17.64
C ALA A 721 -2.14 46.36 18.84
N GLU A 722 -3.27 46.91 19.31
CA GLU A 722 -3.31 47.77 20.47
C GLU A 722 -4.01 47.02 21.58
N PRO A 723 -3.49 47.11 22.81
CA PRO A 723 -4.10 46.42 23.96
C PRO A 723 -5.54 46.86 24.17
N LYS A 724 -6.44 45.94 24.48
CA LYS A 724 -7.82 46.31 24.72
C LYS A 724 -8.18 46.13 26.20
N LEU A 725 -8.95 47.07 26.73
CA LEU A 725 -9.36 46.98 28.12
C LEU A 725 -10.56 46.06 28.27
N LYS A 726 -10.47 45.11 29.20
CA LYS A 726 -11.60 44.23 29.46
C LYS A 726 -12.11 44.68 30.81
N ILE A 727 -13.19 45.45 30.82
CA ILE A 727 -13.79 45.92 32.07
C ILE A 727 -15.13 45.22 32.33
N MET A 728 -15.25 44.57 33.48
CA MET A 728 -16.48 43.86 33.80
C MET A 728 -17.03 44.33 35.14
N GLY A 729 -18.22 44.93 35.12
CA GLY A 729 -18.81 45.38 36.35
C GLY A 729 -18.64 46.79 36.94
N LEU A 730 -17.80 47.70 36.42
CA LEU A 730 -17.64 49.05 37.03
C LEU A 730 -18.49 50.21 36.43
N GLU A 731 -18.59 51.34 37.16
CA GLU A 731 -19.40 52.52 36.75
C GLU A 731 -19.33 52.93 35.28
N THR A 732 -18.14 52.78 34.71
CA THR A 732 -17.86 53.12 33.33
C THR A 732 -18.83 52.41 32.39
N GLN A 733 -19.39 51.31 32.88
CA GLN A 733 -20.33 50.51 32.10
C GLN A 733 -21.81 50.76 32.44
N LYS A 734 -22.10 51.69 33.35
CA LYS A 734 -23.50 51.97 33.66
C LYS A 734 -23.99 53.28 33.06
N SER A 735 -25.12 53.17 32.36
CA SER A 735 -25.80 54.26 31.67
C SER A 735 -26.25 55.35 32.64
N SER A 736 -26.34 54.99 33.91
CA SER A 736 -26.74 55.94 34.95
C SER A 736 -25.64 56.98 35.16
N THR A 737 -24.45 56.68 34.62
CA THR A 737 -23.30 57.55 34.75
C THR A 737 -23.21 58.58 33.64
N PRO A 738 -23.00 59.87 33.99
CA PRO A 738 -22.90 60.94 32.99
C PRO A 738 -21.85 60.66 31.93
N LYS A 739 -22.20 60.87 30.67
CA LYS A 739 -21.28 60.59 29.59
C LYS A 739 -19.86 61.11 29.83
N ALA A 740 -19.71 62.40 30.09
CA ALA A 740 -18.39 62.98 30.34
C ALA A 740 -17.65 62.24 31.45
N VAL A 741 -18.43 61.71 32.39
CA VAL A 741 -17.85 60.99 33.52
C VAL A 741 -17.45 59.57 33.16
N GLN A 742 -18.26 58.85 32.40
CA GLN A 742 -17.85 57.50 32.02
C GLN A 742 -16.57 57.67 31.21
N LYS A 743 -16.47 58.77 30.49
CA LYS A 743 -15.28 59.04 29.71
C LYS A 743 -14.06 59.13 30.64
N ALA A 744 -14.09 60.13 31.53
CA ALA A 744 -13.00 60.35 32.47
C ALA A 744 -12.66 59.07 33.25
N LEU A 745 -13.66 58.38 33.78
CA LEU A 745 -13.40 57.15 34.53
C LEU A 745 -12.69 56.10 33.67
N LYS A 746 -13.10 56.01 32.42
CA LYS A 746 -12.48 55.06 31.49
C LYS A 746 -11.01 55.47 31.36
N GLU A 747 -10.78 56.77 31.17
CA GLU A 747 -9.44 57.31 31.03
C GLU A 747 -8.62 57.01 32.29
N CYS A 748 -9.25 57.16 33.45
CA CYS A 748 -8.60 56.86 34.72
C CYS A 748 -8.16 55.40 34.75
N ILE A 749 -9.10 54.50 34.50
CA ILE A 749 -8.79 53.08 34.51
C ILE A 749 -7.66 52.83 33.55
N ARG A 750 -7.76 53.38 32.34
CA ARG A 750 -6.73 53.18 31.35
C ARG A 750 -5.34 53.60 31.84
N ARG A 751 -5.24 54.83 32.32
CA ARG A 751 -3.95 55.32 32.79
C ARG A 751 -3.47 54.52 34.00
N MET A 752 -4.38 53.90 34.73
CA MET A 752 -3.98 53.11 35.89
C MET A 752 -3.34 51.82 35.43
N LEU A 753 -4.02 51.13 34.50
CA LEU A 753 -3.52 49.86 34.01
C LEU A 753 -2.30 49.95 33.12
N GLN A 754 -2.15 51.02 32.35
CA GLN A 754 -1.03 51.14 31.41
C GLN A 754 0.07 52.14 31.73
N GLU A 755 -0.30 53.25 32.35
CA GLU A 755 0.64 54.32 32.68
C GLU A 755 1.11 54.40 34.13
N GLY A 756 0.25 54.05 35.08
CA GLY A 756 0.65 54.08 36.47
C GLY A 756 0.19 55.26 37.31
N GLU A 757 0.39 55.15 38.61
CA GLU A 757 -0.03 56.15 39.58
C GLU A 757 0.14 57.59 39.18
N GLU A 758 1.37 58.03 38.92
CA GLU A 758 1.61 59.42 38.57
C GLU A 758 0.71 59.93 37.44
N SER A 759 0.51 59.10 36.42
CA SER A 759 -0.34 59.47 35.28
C SER A 759 -1.76 59.77 35.75
N LEU A 760 -2.31 58.84 36.53
CA LEU A 760 -3.65 59.00 37.07
C LEU A 760 -3.73 60.33 37.80
N GLN A 761 -2.84 60.51 38.75
CA GLN A 761 -2.82 61.74 39.52
C GLN A 761 -2.79 62.96 38.62
N GLU A 762 -2.07 62.87 37.50
CA GLU A 762 -2.00 64.02 36.61
C GLU A 762 -3.35 64.28 35.96
N TYR A 763 -3.96 63.22 35.44
CA TYR A 763 -5.24 63.34 34.78
C TYR A 763 -6.35 63.74 35.74
N PHE A 764 -6.24 63.29 36.99
CA PHE A 764 -7.28 63.61 37.95
C PHE A 764 -7.33 65.10 38.17
N LYS A 765 -6.17 65.69 38.43
CA LYS A 765 -6.10 67.10 38.66
C LYS A 765 -6.62 67.88 37.45
N GLU A 766 -6.28 67.44 36.24
CA GLU A 766 -6.76 68.18 35.09
C GLU A 766 -8.26 68.01 34.89
N PHE A 767 -8.76 66.79 34.95
CA PHE A 767 -10.18 66.61 34.77
C PHE A 767 -11.00 67.45 35.75
N GLU A 768 -10.59 67.47 37.00
CA GLU A 768 -11.30 68.22 38.02
C GLU A 768 -11.17 69.73 37.78
N LYS A 769 -10.12 70.15 37.10
CA LYS A 769 -9.90 71.55 36.84
C LYS A 769 -10.74 72.08 35.69
N GLU A 770 -11.19 71.19 34.82
CA GLU A 770 -12.00 71.61 33.68
C GLU A 770 -13.43 71.05 33.79
N PHE A 771 -13.76 70.46 34.93
CA PHE A 771 -15.08 69.89 35.17
C PHE A 771 -16.19 70.90 34.95
N ARG A 772 -16.01 72.06 35.58
CA ARG A 772 -16.97 73.16 35.53
C ARG A 772 -17.23 73.71 34.11
N GLN A 773 -16.35 73.40 33.15
CA GLN A 773 -16.51 73.86 31.77
C GLN A 773 -17.18 72.82 30.90
N LEU A 774 -17.49 71.68 31.50
CA LEU A 774 -18.14 70.62 30.73
C LEU A 774 -19.59 70.96 30.53
N ASN A 775 -20.18 70.43 29.45
CA ASN A 775 -21.58 70.66 29.13
C ASN A 775 -22.51 70.01 30.15
N TYR A 776 -23.43 70.82 30.68
CA TYR A 776 -24.37 70.38 31.71
C TYR A 776 -25.08 69.05 31.42
N ILE A 777 -25.24 68.69 30.15
CA ILE A 777 -25.90 67.43 29.81
C ILE A 777 -24.95 66.26 29.95
N SER A 778 -23.68 66.49 29.61
CA SER A 778 -22.69 65.43 29.69
C SER A 778 -22.28 65.06 31.12
N ILE A 779 -22.58 65.95 32.07
CA ILE A 779 -22.19 65.73 33.45
C ILE A 779 -23.33 65.35 34.36
N ALA A 780 -24.52 65.18 33.79
CA ALA A 780 -25.68 64.79 34.61
C ALA A 780 -25.86 63.29 34.51
N SER A 781 -26.33 62.70 35.60
CA SER A 781 -26.57 61.26 35.64
C SER A 781 -27.98 60.96 35.17
N VAL A 782 -28.15 59.78 34.58
CA VAL A 782 -29.47 59.42 34.09
C VAL A 782 -30.08 58.31 34.92
N SER A 783 -31.40 58.37 35.05
CA SER A 783 -32.13 57.38 35.83
C SER A 783 -33.54 57.12 35.27
N SER A 784 -34.05 55.93 35.58
CA SER A 784 -35.39 55.53 35.17
C SER A 784 -36.33 55.95 36.30
N ALA A 785 -37.37 56.71 35.97
CA ALA A 785 -38.32 57.17 36.98
C ALA A 785 -39.57 56.29 37.03
N ASN A 786 -39.65 55.43 38.04
CA ASN A 786 -40.80 54.53 38.21
C ASN A 786 -41.59 54.91 39.46
N ASN A 787 -42.91 54.78 39.38
CA ASN A 787 -43.79 55.11 40.51
C ASN A 787 -43.57 56.54 40.99
N ILE A 788 -43.60 57.50 40.07
CA ILE A 788 -43.42 58.92 40.42
C ILE A 788 -44.52 59.32 41.41
N ALA A 789 -45.76 59.05 41.04
CA ALA A 789 -46.93 59.36 41.86
C ALA A 789 -46.83 58.74 43.24
N LYS A 790 -46.36 57.49 43.29
CA LYS A 790 -46.19 56.76 44.55
C LYS A 790 -45.62 57.64 45.67
N TYR A 791 -44.65 58.47 45.33
CA TYR A 791 -44.04 59.36 46.32
C TYR A 791 -44.45 60.83 46.19
N ASP A 792 -45.48 61.08 45.38
CA ASP A 792 -45.95 62.45 45.21
C ASP A 792 -47.00 62.76 46.26
N VAL A 793 -46.70 63.78 47.06
CA VAL A 793 -47.58 64.24 48.15
C VAL A 793 -47.78 65.75 48.02
N GLY A 794 -48.62 66.15 47.09
CA GLY A 794 -48.86 67.57 46.89
C GLY A 794 -47.70 68.19 46.13
N GLY A 795 -47.13 67.44 45.20
CA GLY A 795 -46.02 67.92 44.42
C GLY A 795 -44.73 67.86 45.22
N PHE A 796 -44.81 67.36 46.45
CA PHE A 796 -43.64 67.25 47.32
C PHE A 796 -43.28 65.79 47.63
N PRO A 797 -41.99 65.53 47.95
CA PRO A 797 -41.51 64.18 48.25
C PRO A 797 -42.14 63.51 49.46
N GLY A 798 -42.69 62.32 49.26
CA GLY A 798 -43.29 61.59 50.35
C GLY A 798 -42.21 60.88 51.14
N PRO A 799 -42.57 59.91 52.00
CA PRO A 799 -41.52 59.21 52.75
C PRO A 799 -40.73 58.22 51.90
N LYS A 800 -39.42 58.14 52.16
CA LYS A 800 -38.51 57.25 51.45
C LYS A 800 -38.42 57.58 49.96
N CYS A 801 -38.71 58.82 49.61
CA CYS A 801 -38.70 59.25 48.21
C CYS A 801 -37.33 59.23 47.56
N PRO A 802 -37.14 58.34 46.56
CA PRO A 802 -35.85 58.25 45.87
C PRO A 802 -35.37 59.62 45.38
N PHE A 803 -34.07 59.83 45.46
CA PHE A 803 -33.42 61.07 45.08
C PHE A 803 -33.75 61.57 43.65
N HIS A 804 -33.89 60.66 42.70
CA HIS A 804 -34.18 61.07 41.33
C HIS A 804 -35.66 61.41 41.18
N ILE A 805 -36.51 60.70 41.90
CA ILE A 805 -37.94 60.93 41.86
C ILE A 805 -38.25 62.23 42.59
N ARG A 806 -37.50 62.50 43.66
CA ARG A 806 -37.67 63.73 44.41
C ARG A 806 -37.28 64.86 43.47
N GLY A 807 -36.35 64.55 42.56
CA GLY A 807 -35.90 65.53 41.59
C GLY A 807 -37.01 65.83 40.61
N ILE A 808 -37.77 64.79 40.23
CA ILE A 808 -38.88 64.95 39.29
C ILE A 808 -39.89 65.92 39.88
N LEU A 809 -40.19 65.75 41.17
CA LEU A 809 -41.13 66.62 41.89
C LEU A 809 -40.76 68.10 41.79
N THR A 810 -39.50 68.41 42.08
CA THR A 810 -39.02 69.79 42.01
C THR A 810 -39.15 70.34 40.60
N TYR A 811 -39.12 69.47 39.60
CA TYR A 811 -39.27 69.90 38.21
C TYR A 811 -40.76 70.16 37.94
N ASN A 812 -41.61 69.26 38.40
CA ASN A 812 -43.05 69.40 38.20
C ASN A 812 -43.49 70.74 38.78
N ARG A 813 -43.03 71.03 40.00
CA ARG A 813 -43.38 72.29 40.66
C ARG A 813 -42.84 73.46 39.85
N ALA A 814 -41.63 73.32 39.31
CA ALA A 814 -41.01 74.40 38.55
C ALA A 814 -41.71 74.78 37.25
N ILE A 815 -42.51 73.87 36.70
CA ILE A 815 -43.20 74.16 35.45
C ILE A 815 -44.71 74.00 35.55
N LYS A 816 -45.19 73.64 36.74
CA LYS A 816 -46.62 73.47 36.96
C LYS A 816 -47.39 74.66 36.39
N GLY A 817 -48.34 74.37 35.49
CA GLY A 817 -49.14 75.42 34.87
C GLY A 817 -48.55 76.01 33.60
N ASN A 818 -47.87 75.19 32.83
CA ASN A 818 -47.26 75.63 31.58
C ASN A 818 -47.13 74.40 30.68
N ILE A 819 -48.17 74.15 29.89
CA ILE A 819 -48.25 73.00 28.98
C ILE A 819 -47.14 72.93 27.93
N ASP A 820 -46.49 74.06 27.66
CA ASP A 820 -45.41 74.12 26.68
C ASP A 820 -44.10 73.52 27.20
N ALA A 821 -44.12 73.00 28.43
CA ALA A 821 -42.90 72.42 29.03
C ALA A 821 -42.97 70.90 29.00
N PRO A 822 -41.93 70.25 28.42
CA PRO A 822 -41.88 68.78 28.34
C PRO A 822 -42.23 68.11 29.65
N GLN A 823 -43.16 67.17 29.59
CA GLN A 823 -43.62 66.43 30.76
C GLN A 823 -42.71 65.23 31.04
N VAL A 824 -42.48 64.95 32.32
CA VAL A 824 -41.67 63.81 32.70
C VAL A 824 -42.66 62.65 32.78
N VAL A 825 -42.55 61.71 31.86
CA VAL A 825 -43.46 60.56 31.82
C VAL A 825 -42.98 59.31 32.58
N GLU A 826 -43.92 58.67 33.24
CA GLU A 826 -43.63 57.45 34.00
C GLU A 826 -42.91 56.46 33.13
N GLY A 827 -42.05 55.66 33.75
CA GLY A 827 -41.34 54.65 32.99
C GLY A 827 -40.11 55.20 32.27
N GLU A 828 -40.21 56.41 31.70
CA GLU A 828 -39.07 56.98 30.98
C GLU A 828 -37.91 57.36 31.92
N LYS A 829 -36.77 57.65 31.30
CA LYS A 829 -35.56 58.03 32.03
C LYS A 829 -35.44 59.54 32.13
N VAL A 830 -34.81 60.00 33.21
CA VAL A 830 -34.60 61.44 33.39
C VAL A 830 -33.16 61.79 33.75
N TYR A 831 -32.75 62.99 33.37
CA TYR A 831 -31.44 63.51 33.69
C TYR A 831 -31.60 64.05 35.11
N VAL A 832 -30.54 63.99 35.92
CA VAL A 832 -30.61 64.49 37.28
C VAL A 832 -29.39 65.29 37.65
N LEU A 833 -29.61 66.45 38.27
CA LEU A 833 -28.53 67.34 38.73
C LEU A 833 -28.82 67.82 40.14
N PRO A 834 -27.78 67.96 40.98
CA PRO A 834 -27.99 68.43 42.36
C PRO A 834 -28.08 69.96 42.31
N LEU A 835 -28.63 70.57 43.36
CA LEU A 835 -28.76 72.02 43.38
C LEU A 835 -28.25 72.56 44.69
N ARG A 836 -27.40 73.59 44.63
CA ARG A 836 -26.82 74.22 45.83
C ARG A 836 -27.86 74.83 46.74
N GLU A 837 -27.77 74.53 48.03
CA GLU A 837 -28.74 75.04 49.00
C GLU A 837 -29.13 76.49 48.75
N GLY A 838 -30.40 76.80 49.03
CA GLY A 838 -30.90 78.15 48.82
C GLY A 838 -31.28 78.43 47.38
N ASN A 839 -31.59 77.36 46.64
CA ASN A 839 -31.97 77.44 45.24
C ASN A 839 -33.48 77.72 45.10
N PRO A 840 -33.87 78.49 44.07
CA PRO A 840 -35.28 78.83 43.83
C PRO A 840 -36.20 77.66 43.50
N PHE A 841 -35.68 76.44 43.48
CA PHE A 841 -36.50 75.27 43.17
C PHE A 841 -37.01 74.60 44.44
N GLY A 842 -36.54 75.11 45.58
CA GLY A 842 -36.96 74.61 46.87
C GLY A 842 -36.40 73.27 47.31
N ASP A 843 -35.73 72.56 46.41
CA ASP A 843 -35.20 71.27 46.78
C ASP A 843 -33.72 71.11 46.56
N LYS A 844 -33.23 69.92 46.88
CA LYS A 844 -31.82 69.54 46.79
C LYS A 844 -31.37 69.14 45.38
N CYS A 845 -32.31 68.66 44.56
CA CYS A 845 -31.99 68.24 43.20
C CYS A 845 -33.13 68.55 42.24
N ILE A 846 -32.88 68.38 40.94
CA ILE A 846 -33.90 68.62 39.92
C ILE A 846 -33.63 67.68 38.72
N ALA A 847 -34.67 66.99 38.27
CA ALA A 847 -34.54 66.07 37.14
C ALA A 847 -35.43 66.52 36.00
N TRP A 848 -35.13 66.07 34.78
CA TRP A 848 -35.94 66.40 33.61
C TRP A 848 -35.78 65.34 32.51
N PRO A 849 -36.70 65.35 31.53
CA PRO A 849 -36.69 64.39 30.42
C PRO A 849 -35.30 64.11 29.85
N SER A 850 -34.96 62.82 29.79
CA SER A 850 -33.69 62.37 29.24
C SER A 850 -33.61 62.57 27.72
N GLY A 851 -32.39 62.71 27.22
CA GLY A 851 -32.16 62.88 25.79
C GLY A 851 -32.64 64.21 25.25
N THR A 852 -32.95 65.13 26.14
CA THR A 852 -33.43 66.44 25.73
C THR A 852 -32.81 67.55 26.56
N GLU A 853 -32.82 68.75 25.99
CA GLU A 853 -32.29 69.93 26.67
C GLU A 853 -33.37 70.29 27.69
N ILE A 854 -33.00 71.00 28.76
CA ILE A 854 -33.98 71.37 29.76
C ILE A 854 -34.76 72.59 29.27
N THR A 855 -36.08 72.60 29.49
CA THR A 855 -36.93 73.72 29.06
C THR A 855 -36.36 75.07 29.50
N ASP A 856 -36.31 76.02 28.57
CA ASP A 856 -35.76 77.35 28.83
C ASP A 856 -36.51 78.18 29.87
N LEU A 857 -37.64 77.66 30.31
CA LEU A 857 -38.47 78.32 31.32
C LEU A 857 -37.73 78.27 32.65
N ILE A 858 -36.81 77.31 32.79
CA ILE A 858 -36.01 77.15 34.00
C ILE A 858 -34.54 76.85 33.69
N LYS A 859 -34.23 76.65 32.42
CA LYS A 859 -32.87 76.32 32.01
C LYS A 859 -31.77 77.20 32.60
N ASP A 860 -31.92 78.52 32.47
CA ASP A 860 -30.94 79.49 32.96
C ASP A 860 -30.67 79.49 34.46
N ASP A 861 -31.64 79.01 35.25
CA ASP A 861 -31.42 78.97 36.69
C ASP A 861 -30.80 77.64 37.11
N VAL A 862 -31.28 76.55 36.51
CA VAL A 862 -30.77 75.22 36.80
C VAL A 862 -29.28 75.27 36.55
N LEU A 863 -28.91 75.99 35.50
CA LEU A 863 -27.50 76.13 35.14
C LEU A 863 -26.74 76.96 36.16
N HIS A 864 -27.45 77.89 36.79
CA HIS A 864 -26.84 78.76 37.79
C HIS A 864 -26.82 78.18 39.19
N TRP A 865 -27.73 77.25 39.47
CA TRP A 865 -27.80 76.67 40.80
C TRP A 865 -27.31 75.24 40.95
N MET A 866 -27.06 74.54 39.84
CA MET A 866 -26.58 73.18 39.93
C MET A 866 -25.33 73.15 40.80
N ASP A 867 -25.23 72.10 41.62
CA ASP A 867 -24.11 71.92 42.55
C ASP A 867 -22.95 71.15 41.91
N TYR A 868 -22.04 71.87 41.26
CA TYR A 868 -20.89 71.25 40.61
C TYR A 868 -20.10 70.40 41.59
N THR A 869 -19.82 70.96 42.75
CA THR A 869 -19.08 70.25 43.79
C THR A 869 -19.68 68.87 44.08
N VAL A 870 -20.91 68.86 44.56
CA VAL A 870 -21.56 67.61 44.88
C VAL A 870 -21.58 66.73 43.67
N LEU A 871 -21.88 67.34 42.52
CA LEU A 871 -21.98 66.57 41.30
C LEU A 871 -20.71 65.76 41.05
N LEU A 872 -19.58 66.45 41.13
CA LEU A 872 -18.29 65.82 40.92
C LEU A 872 -18.06 64.71 41.93
N GLU A 873 -18.15 65.06 43.20
CA GLU A 873 -17.95 64.11 44.28
C GLU A 873 -18.73 62.82 44.15
N LYS A 874 -20.04 62.93 43.97
CA LYS A 874 -20.88 61.76 43.89
C LYS A 874 -20.72 60.90 42.64
N THR A 875 -20.62 61.54 41.47
CA THR A 875 -20.51 60.78 40.24
C THR A 875 -19.10 60.38 39.82
N PHE A 876 -18.12 61.23 40.09
CA PHE A 876 -16.75 60.96 39.69
C PHE A 876 -15.84 60.44 40.80
N ILE A 877 -15.55 61.29 41.77
CA ILE A 877 -14.67 60.92 42.85
C ILE A 877 -15.02 59.66 43.61
N LYS A 878 -16.20 59.60 44.20
CA LYS A 878 -16.56 58.38 44.94
C LYS A 878 -16.24 57.04 44.20
N PRO A 879 -16.69 56.87 42.94
CA PRO A 879 -16.39 55.61 42.24
C PRO A 879 -14.90 55.39 41.99
N LEU A 880 -14.20 56.47 41.69
CA LEU A 880 -12.76 56.38 41.44
C LEU A 880 -12.08 55.85 42.67
N GLU A 881 -12.34 56.45 43.82
CA GLU A 881 -11.73 55.99 45.06
C GLU A 881 -12.02 54.50 45.22
N GLY A 882 -13.16 54.05 44.72
CA GLY A 882 -13.48 52.65 44.83
C GLY A 882 -12.46 51.81 44.10
N PHE A 883 -12.01 52.29 42.94
CA PHE A 883 -11.03 51.55 42.15
C PHE A 883 -9.65 51.69 42.77
N THR A 884 -9.18 52.93 42.89
CA THR A 884 -7.85 53.23 43.42
C THR A 884 -7.53 52.61 44.78
N SER A 885 -8.51 52.59 45.67
CA SER A 885 -8.30 52.02 46.99
C SER A 885 -7.96 50.56 46.86
N ALA A 886 -8.70 49.87 46.00
CA ALA A 886 -8.50 48.46 45.77
C ALA A 886 -7.12 48.17 45.18
N ALA A 887 -6.71 48.99 44.23
CA ALA A 887 -5.44 48.82 43.54
C ALA A 887 -4.24 49.41 44.28
N LYS A 888 -4.49 49.99 45.45
CA LYS A 888 -3.43 50.59 46.24
C LYS A 888 -2.76 51.75 45.55
N LEU A 889 -3.56 52.64 44.98
CA LEU A 889 -2.99 53.81 44.35
C LEU A 889 -3.70 54.98 44.97
N ASP A 890 -3.23 56.17 44.66
CA ASP A 890 -3.88 57.35 45.14
C ASP A 890 -4.11 58.12 43.85
N TYR A 891 -5.25 58.77 43.71
CA TYR A 891 -5.52 59.54 42.52
C TYR A 891 -5.17 60.98 42.85
N GLU A 892 -4.73 61.17 44.09
CA GLU A 892 -4.37 62.48 44.55
C GLU A 892 -3.14 62.34 45.44
N LYS A 893 -2.25 63.32 45.37
CA LYS A 893 -1.05 63.26 46.16
C LYS A 893 -1.33 63.65 47.61
N LYS A 894 -0.40 63.28 48.48
CA LYS A 894 -0.46 63.59 49.92
C LYS A 894 -1.50 62.91 50.78
N ALA A 895 -2.15 61.86 50.27
CA ALA A 895 -3.17 61.17 51.06
C ALA A 895 -2.56 60.27 52.14
N SER A 896 -2.95 60.51 53.40
CA SER A 896 -2.44 59.74 54.53
C SER A 896 -2.51 58.26 54.24
N LEU A 897 -1.76 57.48 55.01
CA LEU A 897 -1.72 56.05 54.85
C LEU A 897 -2.72 55.32 55.75
N PHE A 898 -2.96 55.92 56.91
CA PHE A 898 -3.86 55.36 57.93
C PHE A 898 -5.34 55.36 57.57
N ASP A 899 -5.66 55.64 56.32
CA ASP A 899 -7.03 55.67 55.86
C ASP A 899 -7.59 54.27 55.77
N MET A 900 -6.83 53.41 55.12
CA MET A 900 -7.23 52.02 54.89
C MET A 900 -7.31 51.13 56.13
N PHE A 901 -7.72 51.72 57.25
CA PHE A 901 -7.84 50.97 58.51
C PHE A 901 -9.18 51.17 59.22
N ASP A 902 -9.60 50.15 59.95
CA ASP A 902 -10.87 50.17 60.70
C ASP A 902 -12.06 50.23 59.76
N MET B 1 35.11 -4.18 50.66
CA MET B 1 34.03 -4.57 49.72
C MET B 1 32.81 -5.11 50.47
N LYS B 2 31.68 -5.18 49.76
CA LYS B 2 30.43 -5.69 50.33
C LYS B 2 30.47 -7.20 50.37
N GLU B 3 30.26 -7.79 51.54
CA GLU B 3 30.31 -9.25 51.69
C GLU B 3 29.22 -9.97 50.91
N PHE B 4 29.53 -11.16 50.45
CA PHE B 4 28.54 -11.94 49.73
C PHE B 4 28.74 -13.42 50.04
N TYR B 5 27.65 -14.18 50.00
CA TYR B 5 27.74 -15.61 50.29
C TYR B 5 28.19 -16.46 49.11
N LEU B 6 28.69 -17.64 49.42
CA LEU B 6 29.15 -18.59 48.42
C LEU B 6 28.19 -19.79 48.42
N THR B 7 27.98 -20.36 49.59
CA THR B 7 27.11 -21.51 49.70
C THR B 7 26.48 -21.45 51.06
N VAL B 8 25.25 -21.95 51.17
CA VAL B 8 24.53 -21.99 52.43
C VAL B 8 23.80 -23.32 52.52
N GLU B 9 23.87 -23.96 53.68
CA GLU B 9 23.25 -25.25 53.86
C GLU B 9 22.61 -25.27 55.21
N GLN B 10 21.67 -26.18 55.41
CA GLN B 10 21.01 -26.32 56.70
C GLN B 10 21.21 -27.74 57.20
N ILE B 11 21.86 -27.89 58.34
CA ILE B 11 22.10 -29.20 58.91
C ILE B 11 21.64 -29.16 60.35
N GLY B 12 20.42 -29.62 60.58
CA GLY B 12 19.89 -29.62 61.93
C GLY B 12 19.43 -28.22 62.25
N ASP B 13 19.79 -27.73 63.43
CA ASP B 13 19.40 -26.41 63.86
C ASP B 13 20.44 -25.39 63.54
N SER B 14 21.38 -25.79 62.71
CA SER B 14 22.46 -24.91 62.31
C SER B 14 22.53 -24.66 60.80
N ILE B 15 22.82 -23.43 60.43
CA ILE B 15 23.00 -23.03 59.03
C ILE B 15 24.52 -22.99 58.81
N PHE B 16 25.03 -23.63 57.77
CA PHE B 16 26.46 -23.60 57.48
C PHE B 16 26.70 -22.76 56.26
N GLU B 17 27.37 -21.63 56.44
CA GLU B 17 27.61 -20.73 55.33
C GLU B 17 29.07 -20.51 55.00
N ARG B 18 29.34 -20.47 53.71
CA ARG B 18 30.68 -20.21 53.20
C ARG B 18 30.47 -18.89 52.50
N TYR B 19 31.32 -17.91 52.78
CA TYR B 19 31.17 -16.60 52.17
C TYR B 19 32.46 -15.84 52.03
N ILE B 20 32.37 -14.73 51.30
CA ILE B 20 33.50 -13.85 51.10
C ILE B 20 33.25 -12.70 52.03
N ASP B 21 34.23 -12.37 52.86
CA ASP B 21 34.04 -11.27 53.80
C ASP B 21 34.45 -9.91 53.29
N SER B 22 34.34 -8.92 54.16
CA SER B 22 34.66 -7.54 53.85
C SER B 22 36.06 -7.36 53.29
N ASN B 23 37.00 -8.21 53.72
CA ASN B 23 38.37 -8.15 53.23
C ASN B 23 38.60 -9.01 51.99
N GLY B 24 37.57 -9.73 51.54
CA GLY B 24 37.69 -10.57 50.36
C GLY B 24 38.25 -11.95 50.64
N ARG B 25 38.26 -12.34 51.90
CA ARG B 25 38.78 -13.64 52.28
C ARG B 25 37.62 -14.61 52.43
N GLU B 26 37.84 -15.87 52.05
CA GLU B 26 36.78 -16.85 52.14
C GLU B 26 36.66 -17.35 53.55
N ARG B 27 35.48 -17.19 54.14
CA ARG B 27 35.23 -17.61 55.51
C ARG B 27 34.14 -18.64 55.55
N THR B 28 33.97 -19.26 56.70
CA THR B 28 32.93 -20.26 56.89
C THR B 28 32.41 -20.06 58.31
N ARG B 29 31.11 -20.20 58.50
CA ARG B 29 30.52 -20.01 59.83
C ARG B 29 29.32 -20.92 60.08
N GLU B 30 29.10 -21.25 61.35
CA GLU B 30 27.97 -22.07 61.75
C GLU B 30 27.06 -21.14 62.52
N VAL B 31 25.77 -21.12 62.18
CA VAL B 31 24.82 -20.25 62.84
C VAL B 31 23.54 -20.96 63.28
N GLU B 32 23.19 -20.80 64.55
CA GLU B 32 21.97 -21.41 65.07
C GLU B 32 20.84 -20.45 64.76
N TYR B 33 20.55 -20.31 63.47
CA TYR B 33 19.50 -19.42 62.98
C TYR B 33 18.16 -19.55 63.69
N LYS B 34 17.59 -18.43 64.11
CA LYS B 34 16.31 -18.44 64.78
C LYS B 34 15.33 -17.87 63.76
N PRO B 35 14.57 -18.75 63.11
CA PRO B 35 13.59 -18.38 62.10
C PRO B 35 12.29 -17.84 62.67
N SER B 36 11.61 -17.04 61.87
CA SER B 36 10.35 -16.48 62.29
C SER B 36 9.28 -16.93 61.30
N LEU B 37 8.07 -17.11 61.79
CA LEU B 37 6.96 -17.47 60.93
C LEU B 37 5.82 -16.60 61.41
N PHE B 38 4.69 -16.69 60.75
CA PHE B 38 3.58 -15.85 61.15
C PHE B 38 2.27 -16.58 61.16
N ALA B 39 1.37 -16.09 62.00
CA ALA B 39 0.04 -16.65 62.12
C ALA B 39 -0.95 -15.50 62.04
N HIS B 40 -2.16 -15.79 61.58
CA HIS B 40 -3.18 -14.74 61.50
C HIS B 40 -3.53 -14.34 62.93
N CYS B 41 -3.89 -13.08 63.12
CA CYS B 41 -4.24 -12.57 64.44
C CYS B 41 -5.49 -11.71 64.36
N PRO B 42 -6.15 -11.49 65.50
CA PRO B 42 -7.37 -10.66 65.54
C PRO B 42 -7.04 -9.22 65.16
N GLU B 43 -8.03 -8.49 64.65
CA GLU B 43 -7.80 -7.11 64.23
C GLU B 43 -7.15 -6.27 65.33
N SER B 44 -7.66 -6.44 66.55
CA SER B 44 -7.14 -5.71 67.72
C SER B 44 -5.60 -5.80 67.82
N GLN B 45 -5.08 -7.02 67.74
CA GLN B 45 -3.63 -7.26 67.81
C GLN B 45 -2.90 -6.48 66.72
N ALA B 46 -2.71 -5.18 66.93
CA ALA B 46 -2.04 -4.32 65.96
C ALA B 46 -0.59 -4.73 65.73
N THR B 47 -0.20 -4.82 64.46
CA THR B 47 1.15 -5.23 64.06
C THR B 47 1.52 -4.53 62.76
N LYS B 48 2.74 -4.74 62.29
CA LYS B 48 3.14 -4.14 61.03
C LYS B 48 3.23 -5.20 59.93
N TYR B 49 2.79 -6.41 60.26
CA TYR B 49 2.80 -7.53 59.33
C TYR B 49 1.43 -7.92 58.79
N PHE B 50 1.33 -8.04 57.47
CA PHE B 50 0.09 -8.41 56.79
C PHE B 50 0.37 -9.40 55.65
N ASP B 51 -0.59 -10.29 55.36
CA ASP B 51 -0.39 -11.23 54.27
C ASP B 51 -0.81 -10.56 52.97
N ILE B 52 -0.56 -11.19 51.83
CA ILE B 52 -0.89 -10.57 50.55
C ILE B 52 -2.36 -10.27 50.35
N TYR B 53 -3.18 -10.65 51.33
CA TYR B 53 -4.61 -10.39 51.26
C TYR B 53 -4.98 -9.27 52.21
N GLY B 54 -3.98 -8.60 52.77
CA GLY B 54 -4.25 -7.51 53.70
C GLY B 54 -4.60 -7.89 55.13
N LYS B 55 -4.74 -9.19 55.38
CA LYS B 55 -5.08 -9.67 56.71
C LYS B 55 -3.88 -9.54 57.62
N PRO B 56 -4.10 -9.12 58.87
CA PRO B 56 -3.05 -8.95 59.88
C PRO B 56 -2.44 -10.26 60.40
N CYS B 57 -1.12 -10.25 60.56
CA CYS B 57 -0.38 -11.41 61.03
C CYS B 57 0.56 -11.05 62.17
N THR B 58 0.81 -12.00 63.06
CA THR B 58 1.71 -11.72 64.15
C THR B 58 2.95 -12.59 63.96
N ARG B 59 4.11 -11.99 64.15
CA ARG B 59 5.38 -12.70 63.98
C ARG B 59 5.73 -13.53 65.20
N LYS B 60 6.03 -14.80 64.95
CA LYS B 60 6.42 -15.74 65.99
C LYS B 60 7.87 -16.18 65.71
N LEU B 61 8.76 -15.88 66.64
CA LEU B 61 10.18 -16.22 66.51
C LEU B 61 10.42 -17.53 67.21
N PHE B 62 11.17 -18.43 66.58
CA PHE B 62 11.44 -19.72 67.17
C PHE B 62 12.85 -19.84 67.73
N ALA B 63 13.04 -20.76 68.67
CA ALA B 63 14.35 -20.96 69.28
C ALA B 63 15.32 -21.58 68.31
N ASN B 64 14.80 -22.43 67.44
CA ASN B 64 15.61 -23.11 66.46
C ASN B 64 14.72 -23.52 65.27
N MET B 65 15.35 -23.88 64.16
CA MET B 65 14.61 -24.29 62.98
C MET B 65 13.78 -25.55 63.18
N ARG B 66 14.22 -26.44 64.05
CA ARG B 66 13.48 -27.67 64.30
C ARG B 66 12.12 -27.31 64.85
N ASP B 67 12.09 -26.38 65.80
CA ASP B 67 10.86 -25.94 66.43
C ASP B 67 9.93 -25.33 65.40
N ALA B 68 10.48 -24.46 64.58
CA ALA B 68 9.71 -23.80 63.55
C ALA B 68 9.00 -24.82 62.69
N SER B 69 9.74 -25.78 62.15
CA SER B 69 9.10 -26.77 61.29
C SER B 69 8.11 -27.64 62.04
N GLN B 70 8.43 -28.06 63.26
CA GLN B 70 7.50 -28.86 64.03
C GLN B 70 6.22 -28.05 64.28
N TRP B 71 6.39 -26.73 64.45
CA TRP B 71 5.29 -25.82 64.65
C TRP B 71 4.42 -25.82 63.41
N ILE B 72 5.04 -25.80 62.23
CA ILE B 72 4.28 -25.82 61.02
C ILE B 72 3.49 -27.12 60.90
N LYS B 73 4.09 -28.25 61.25
CA LYS B 73 3.38 -29.51 61.16
C LYS B 73 2.14 -29.44 61.99
N ARG B 74 2.27 -28.98 63.24
CA ARG B 74 1.13 -28.87 64.15
C ARG B 74 0.05 -27.94 63.65
N MET B 75 0.45 -26.74 63.23
CA MET B 75 -0.51 -25.79 62.73
C MET B 75 -1.34 -26.40 61.62
N GLU B 76 -0.68 -27.05 60.66
CA GLU B 76 -1.40 -27.65 59.57
C GLU B 76 -2.28 -28.82 59.98
N ASP B 77 -1.88 -29.55 61.02
CA ASP B 77 -2.69 -30.66 61.49
C ASP B 77 -4.00 -30.10 62.00
N ILE B 78 -3.92 -29.08 62.86
CA ILE B 78 -5.08 -28.42 63.46
C ILE B 78 -5.90 -27.63 62.43
N GLY B 79 -5.29 -27.32 61.29
CA GLY B 79 -6.00 -26.59 60.27
C GLY B 79 -5.84 -25.08 60.22
N LEU B 80 -4.80 -24.54 60.84
CA LEU B 80 -4.56 -23.09 60.80
C LEU B 80 -3.41 -22.82 59.86
N GLU B 81 -3.46 -21.70 59.18
CA GLU B 81 -2.43 -21.33 58.21
C GLU B 81 -1.14 -20.95 58.90
N ALA B 82 -0.03 -21.45 58.37
CA ALA B 82 1.30 -21.14 58.90
C ALA B 82 1.99 -20.35 57.82
N LEU B 83 2.03 -19.03 57.97
CA LEU B 83 2.62 -18.17 56.98
C LEU B 83 4.10 -17.91 57.17
N GLY B 84 4.76 -17.45 56.11
CA GLY B 84 6.17 -17.15 56.20
C GLY B 84 6.96 -18.05 55.29
N MET B 85 8.26 -17.82 55.19
CA MET B 85 9.13 -18.62 54.37
C MET B 85 9.51 -19.90 55.13
N ASP B 86 9.05 -21.04 54.65
CA ASP B 86 9.35 -22.31 55.31
C ASP B 86 10.70 -22.88 54.95
N ASP B 87 11.33 -22.33 53.92
CA ASP B 87 12.67 -22.76 53.50
C ASP B 87 13.62 -21.79 54.23
N PHE B 88 14.11 -22.21 55.39
CA PHE B 88 14.97 -21.37 56.21
C PHE B 88 16.27 -20.88 55.60
N LYS B 89 16.86 -21.67 54.71
CA LYS B 89 18.08 -21.28 54.01
C LYS B 89 17.81 -19.93 53.34
N LEU B 90 16.70 -19.87 52.62
CA LEU B 90 16.30 -18.66 51.91
C LEU B 90 16.04 -17.50 52.82
N ALA B 91 15.50 -17.79 54.01
CA ALA B 91 15.21 -16.76 54.98
C ALA B 91 16.53 -16.21 55.52
N TYR B 92 17.40 -17.13 55.94
CA TYR B 92 18.71 -16.78 56.48
C TYR B 92 19.51 -15.92 55.51
N LEU B 93 19.46 -16.29 54.23
CA LEU B 93 20.18 -15.55 53.20
C LEU B 93 19.57 -14.17 53.07
N SER B 94 18.25 -14.10 53.06
CA SER B 94 17.51 -12.84 52.94
C SER B 94 17.85 -11.91 54.09
N ASP B 95 17.91 -12.46 55.30
CA ASP B 95 18.25 -11.70 56.50
C ASP B 95 19.71 -11.27 56.50
N THR B 96 20.59 -12.22 56.19
CA THR B 96 22.03 -11.99 56.16
C THR B 96 22.49 -11.10 55.01
N TYR B 97 21.66 -10.94 53.99
CA TYR B 97 22.05 -10.09 52.87
C TYR B 97 20.89 -9.23 52.42
N ASN B 98 20.53 -8.30 53.33
CA ASN B 98 19.44 -7.35 53.17
C ASN B 98 19.78 -6.21 52.20
N TYR B 99 20.34 -6.54 51.04
CA TYR B 99 20.70 -5.53 50.05
C TYR B 99 20.99 -6.18 48.72
N GLU B 100 21.40 -5.38 47.73
CA GLU B 100 21.70 -5.96 46.44
C GLU B 100 23.07 -6.58 46.47
N ILE B 101 23.12 -7.89 46.33
CA ILE B 101 24.35 -8.61 46.32
C ILE B 101 25.23 -8.15 45.14
N LYS B 102 26.43 -7.68 45.47
CA LYS B 102 27.39 -7.24 44.50
C LYS B 102 28.49 -8.28 44.67
N TYR B 103 28.65 -9.16 43.69
CA TYR B 103 29.64 -10.22 43.80
C TYR B 103 30.84 -10.10 42.87
N ASP B 104 31.99 -10.52 43.37
CA ASP B 104 33.24 -10.50 42.63
C ASP B 104 33.62 -11.93 42.26
N HIS B 105 33.30 -12.35 41.04
CA HIS B 105 33.57 -13.71 40.58
C HIS B 105 34.98 -14.21 40.78
N THR B 106 35.93 -13.30 40.90
CA THR B 106 37.32 -13.69 41.08
C THR B 106 37.61 -14.26 42.45
N LYS B 107 36.69 -14.07 43.39
CA LYS B 107 36.83 -14.56 44.74
C LYS B 107 36.12 -15.90 44.91
N ILE B 108 35.30 -16.24 43.91
CA ILE B 108 34.52 -17.48 43.89
C ILE B 108 35.32 -18.60 43.26
N ARG B 109 35.70 -19.60 44.04
CA ARG B 109 36.49 -20.68 43.50
C ARG B 109 35.65 -21.67 42.68
N VAL B 110 35.89 -21.69 41.36
CA VAL B 110 35.17 -22.57 40.45
C VAL B 110 36.09 -23.67 39.94
N ALA B 111 35.80 -24.93 40.28
CA ALA B 111 36.66 -26.03 39.84
C ALA B 111 36.07 -26.89 38.75
N ASN B 112 36.92 -27.22 37.77
CA ASN B 112 36.63 -28.06 36.61
C ASN B 112 37.49 -29.33 36.70
N PHE B 113 36.87 -30.50 36.82
CA PHE B 113 37.69 -31.70 36.89
C PHE B 113 37.11 -32.88 36.13
N ASP B 114 37.96 -33.88 35.89
CA ASP B 114 37.59 -35.11 35.19
C ASP B 114 38.58 -36.19 35.60
N ILE B 115 38.09 -37.40 35.83
CA ILE B 115 38.99 -38.49 36.23
C ILE B 115 39.11 -39.57 35.16
N GLU B 116 40.05 -40.48 35.37
CA GLU B 116 40.28 -41.55 34.43
C GLU B 116 40.29 -42.86 35.20
N VAL B 117 39.63 -43.89 34.65
CA VAL B 117 39.60 -45.21 35.29
C VAL B 117 39.77 -46.32 34.27
N THR B 118 40.84 -47.09 34.42
CA THR B 118 41.13 -48.22 33.53
C THR B 118 40.23 -49.37 33.96
N SER B 119 39.32 -49.81 33.09
CA SER B 119 38.48 -50.94 33.43
C SER B 119 38.36 -51.99 32.35
N PRO B 120 38.96 -53.15 32.59
CA PRO B 120 38.91 -54.23 31.61
C PRO B 120 37.48 -54.67 31.26
N ASP B 121 36.68 -54.93 32.29
CA ASP B 121 35.32 -55.43 32.15
C ASP B 121 34.15 -54.46 31.95
N GLY B 122 34.27 -53.53 31.01
CA GLY B 122 33.17 -52.61 30.78
C GLY B 122 33.22 -51.34 31.61
N PHE B 123 32.19 -50.52 31.49
CA PHE B 123 32.10 -49.26 32.21
C PHE B 123 32.22 -49.44 33.72
N PRO B 124 33.14 -48.68 34.37
CA PRO B 124 33.36 -48.76 35.81
C PRO B 124 32.24 -48.09 36.59
N GLU B 125 31.21 -48.85 36.95
CA GLU B 125 30.09 -48.32 37.70
C GLU B 125 30.56 -47.54 38.91
N PRO B 126 30.15 -46.29 39.01
CA PRO B 126 30.57 -45.47 40.15
C PRO B 126 29.99 -45.95 41.47
N SER B 127 28.89 -46.69 41.40
CA SER B 127 28.24 -47.18 42.60
C SER B 127 29.12 -48.18 43.36
N GLN B 128 30.07 -48.81 42.66
CA GLN B 128 30.97 -49.78 43.29
C GLN B 128 32.42 -49.28 43.32
N ALA B 129 32.81 -48.48 42.34
CA ALA B 129 34.17 -47.95 42.28
C ALA B 129 35.18 -49.05 42.60
N LYS B 130 35.13 -50.14 41.83
CA LYS B 130 36.04 -51.24 42.09
C LYS B 130 37.44 -51.08 41.51
N HIS B 131 37.57 -50.29 40.46
CA HIS B 131 38.87 -50.08 39.85
C HIS B 131 39.57 -48.83 40.36
N PRO B 132 40.91 -48.79 40.27
CA PRO B 132 41.65 -47.62 40.74
C PRO B 132 41.47 -46.41 39.84
N ILE B 133 41.56 -45.22 40.44
CA ILE B 133 41.47 -43.95 39.74
C ILE B 133 42.94 -43.75 39.34
N ASP B 134 43.27 -43.95 38.06
CA ASP B 134 44.66 -43.80 37.65
C ASP B 134 45.06 -42.44 37.10
N ALA B 135 44.11 -41.50 37.08
CA ALA B 135 44.40 -40.14 36.61
C ALA B 135 43.30 -39.15 37.02
N ILE B 136 43.71 -37.93 37.37
CA ILE B 136 42.75 -36.88 37.73
C ILE B 136 43.32 -35.54 37.29
N THR B 137 42.51 -34.75 36.60
CA THR B 137 42.95 -33.42 36.20
C THR B 137 41.94 -32.47 36.81
N HIS B 138 42.44 -31.58 37.66
CA HIS B 138 41.59 -30.65 38.37
C HIS B 138 41.98 -29.18 38.15
N TYR B 139 41.12 -28.43 37.45
CA TYR B 139 41.37 -27.03 37.17
C TYR B 139 40.74 -26.09 38.20
N ASP B 140 41.55 -25.20 38.76
CA ASP B 140 41.10 -24.23 39.75
C ASP B 140 40.97 -22.82 39.18
N SER B 141 39.77 -22.26 39.29
CA SER B 141 39.44 -20.92 38.80
C SER B 141 40.36 -19.84 39.38
N ILE B 142 40.57 -19.89 40.68
CA ILE B 142 41.40 -18.90 41.35
C ILE B 142 42.87 -18.96 40.99
N ASP B 143 43.44 -20.17 40.92
CA ASP B 143 44.85 -20.35 40.57
C ASP B 143 45.07 -20.39 39.05
N ASP B 144 43.99 -20.59 38.30
CA ASP B 144 44.09 -20.67 36.85
C ASP B 144 45.18 -21.68 36.54
N ARG B 145 45.05 -22.88 37.11
CA ARG B 145 46.01 -23.94 36.91
C ARG B 145 45.31 -25.27 36.76
N PHE B 146 45.96 -26.18 36.05
CA PHE B 146 45.44 -27.52 35.86
C PHE B 146 46.33 -28.43 36.69
N TYR B 147 45.77 -29.04 37.73
CA TYR B 147 46.55 -29.93 38.55
C TYR B 147 46.34 -31.36 38.07
N VAL B 148 47.44 -32.01 37.72
CA VAL B 148 47.37 -33.38 37.23
C VAL B 148 47.90 -34.40 38.24
N PHE B 149 47.05 -35.36 38.57
CA PHE B 149 47.37 -36.46 39.50
C PHE B 149 47.49 -37.72 38.66
N ASP B 150 48.73 -38.18 38.51
CA ASP B 150 49.04 -39.35 37.69
C ASP B 150 49.44 -40.61 38.47
N LEU B 151 48.70 -41.69 38.28
CA LEU B 151 49.01 -42.95 38.94
C LEU B 151 49.98 -43.70 38.03
N LEU B 152 51.18 -43.94 38.53
CA LEU B 152 52.21 -44.61 37.74
C LEU B 152 52.17 -46.14 37.85
N ASN B 153 51.56 -46.65 38.90
CA ASN B 153 51.48 -48.10 39.10
C ASN B 153 50.07 -48.49 39.43
N SER B 154 49.54 -49.45 38.68
CA SER B 154 48.17 -49.93 38.85
C SER B 154 48.17 -51.43 38.55
N PRO B 155 47.16 -52.17 39.02
CA PRO B 155 47.18 -53.59 38.69
C PRO B 155 46.94 -53.80 37.19
N TYR B 156 46.82 -52.70 36.45
CA TYR B 156 46.61 -52.76 35.00
C TYR B 156 47.82 -52.19 34.26
N GLY B 157 48.98 -52.27 34.91
CA GLY B 157 50.20 -51.78 34.30
C GLY B 157 51.01 -50.77 35.09
N ASN B 158 52.29 -50.73 34.78
CA ASN B 158 53.22 -49.82 35.42
C ASN B 158 53.80 -49.00 34.29
N VAL B 159 53.41 -47.73 34.22
CA VAL B 159 53.85 -46.82 33.16
C VAL B 159 54.89 -45.82 33.63
N GLU B 160 55.42 -45.04 32.71
CA GLU B 160 56.41 -44.01 33.03
C GLU B 160 55.68 -42.68 33.26
N GLU B 161 56.41 -41.62 33.63
CA GLU B 161 55.74 -40.35 33.85
C GLU B 161 55.30 -39.72 32.54
N TRP B 162 54.50 -38.67 32.64
CA TRP B 162 54.00 -37.94 31.48
C TRP B 162 55.02 -36.84 31.16
N SER B 163 55.13 -36.48 29.90
CA SER B 163 56.08 -35.47 29.50
C SER B 163 55.41 -34.22 28.95
N ILE B 164 55.59 -33.09 29.63
CA ILE B 164 54.99 -31.83 29.19
C ILE B 164 55.53 -31.52 27.82
N GLU B 165 56.81 -31.82 27.64
CA GLU B 165 57.57 -31.58 26.41
C GLU B 165 56.97 -32.28 25.22
N ILE B 166 56.85 -33.59 25.32
CA ILE B 166 56.28 -34.40 24.24
C ILE B 166 54.84 -33.96 23.98
N ALA B 167 54.12 -33.71 25.07
CA ALA B 167 52.72 -33.29 25.01
C ALA B 167 52.50 -32.02 24.21
N ALA B 168 53.41 -31.06 24.36
CA ALA B 168 53.28 -29.80 23.65
C ALA B 168 53.51 -29.99 22.17
N LYS B 169 54.36 -30.96 21.83
CA LYS B 169 54.70 -31.24 20.43
C LYS B 169 53.50 -31.47 19.53
N LEU B 170 53.71 -31.34 18.22
CA LEU B 170 52.63 -31.57 17.26
C LEU B 170 52.41 -33.06 17.00
N GLN B 171 51.23 -33.38 16.47
CA GLN B 171 50.85 -34.76 16.19
C GLN B 171 51.85 -35.58 15.36
N GLU B 172 52.35 -34.97 14.28
CA GLU B 172 53.30 -35.62 13.37
C GLU B 172 54.63 -35.90 14.02
N GLN B 173 54.98 -35.08 14.99
CA GLN B 173 56.23 -35.21 15.73
C GLN B 173 56.06 -36.27 16.82
N GLY B 174 54.89 -36.89 16.86
CA GLY B 174 54.60 -37.88 17.88
C GLY B 174 54.22 -37.16 19.16
N GLY B 175 53.48 -36.08 19.02
CA GLY B 175 53.06 -35.29 20.18
C GLY B 175 51.59 -35.43 20.51
N ASP B 176 51.16 -34.77 21.57
CA ASP B 176 49.76 -34.84 21.98
C ASP B 176 48.98 -33.59 21.57
N GLU B 177 49.72 -32.59 21.08
CA GLU B 177 49.13 -31.36 20.60
C GLU B 177 48.33 -30.56 21.65
N VAL B 178 48.76 -30.62 22.90
CA VAL B 178 48.10 -29.87 23.98
C VAL B 178 48.42 -28.39 23.76
N PRO B 179 47.38 -27.55 23.59
CA PRO B 179 47.52 -26.11 23.37
C PRO B 179 48.53 -25.35 24.22
N SER B 180 49.12 -24.34 23.61
CA SER B 180 50.14 -23.53 24.26
C SER B 180 49.64 -22.71 25.43
N GLU B 181 48.46 -22.11 25.27
CA GLU B 181 47.89 -21.29 26.33
C GLU B 181 47.78 -21.98 27.69
N ILE B 182 47.69 -23.31 27.69
CA ILE B 182 47.58 -24.04 28.95
C ILE B 182 48.82 -24.87 29.28
N ILE B 183 49.71 -25.05 28.32
CA ILE B 183 50.90 -25.86 28.55
C ILE B 183 51.73 -25.36 29.75
N ASP B 184 51.58 -24.08 30.07
CA ASP B 184 52.33 -23.49 31.17
C ASP B 184 51.59 -23.54 32.50
N LYS B 185 50.28 -23.76 32.43
CA LYS B 185 49.43 -23.78 33.62
C LYS B 185 49.28 -25.16 34.23
N ILE B 186 49.98 -26.14 33.68
CA ILE B 186 49.89 -27.50 34.19
C ILE B 186 50.88 -27.80 35.32
N ILE B 187 50.36 -28.40 36.39
CA ILE B 187 51.17 -28.80 37.54
C ILE B 187 51.02 -30.33 37.54
N TYR B 188 52.08 -31.03 37.16
CA TYR B 188 52.05 -32.48 37.09
C TYR B 188 52.48 -33.13 38.41
N MET B 189 51.75 -34.15 38.83
CA MET B 189 52.07 -34.85 40.09
C MET B 189 51.87 -36.36 39.93
N PRO B 190 52.96 -37.11 39.70
CA PRO B 190 52.88 -38.57 39.54
C PRO B 190 52.90 -39.24 40.89
N PHE B 191 52.22 -40.37 41.00
CA PHE B 191 52.17 -41.11 42.26
C PHE B 191 52.55 -42.58 42.05
N ASP B 192 53.23 -43.14 43.03
CA ASP B 192 53.66 -44.53 42.92
C ASP B 192 52.55 -45.50 43.28
N ASN B 193 51.53 -45.01 43.97
CA ASN B 193 50.45 -45.88 44.39
C ASN B 193 49.14 -45.10 44.42
N GLU B 194 48.01 -45.77 44.22
CA GLU B 194 46.71 -45.08 44.23
C GLU B 194 46.36 -44.42 45.56
N LYS B 195 46.58 -45.15 46.66
CA LYS B 195 46.29 -44.62 47.98
C LYS B 195 46.97 -43.28 48.22
N GLU B 196 48.23 -43.16 47.82
CA GLU B 196 48.94 -41.92 48.03
C GLU B 196 48.39 -40.83 47.13
N LEU B 197 47.79 -41.23 46.00
CA LEU B 197 47.21 -40.26 45.07
C LEU B 197 45.97 -39.68 45.69
N LEU B 198 45.02 -40.56 46.01
CA LEU B 198 43.77 -40.14 46.62
C LEU B 198 43.97 -39.34 47.90
N MET B 199 44.93 -39.79 48.70
CA MET B 199 45.26 -39.15 49.96
C MET B 199 45.68 -37.70 49.74
N GLU B 200 46.45 -37.48 48.68
CA GLU B 200 46.96 -36.15 48.35
C GLU B 200 45.95 -35.27 47.65
N TYR B 201 45.04 -35.87 46.88
CA TYR B 201 44.04 -35.08 46.21
C TYR B 201 43.06 -34.57 47.26
N LEU B 202 42.80 -35.40 48.26
CA LEU B 202 41.88 -35.04 49.30
C LEU B 202 42.42 -33.84 50.06
N ASN B 203 43.71 -33.87 50.34
CA ASN B 203 44.35 -32.78 51.04
C ASN B 203 44.22 -31.53 50.15
N PHE B 204 44.62 -31.68 48.89
CA PHE B 204 44.53 -30.63 47.87
C PHE B 204 43.14 -30.01 47.91
N TRP B 205 42.12 -30.87 48.00
CA TRP B 205 40.74 -30.44 48.04
C TRP B 205 40.42 -29.57 49.27
N GLN B 206 40.99 -29.90 50.42
CA GLN B 206 40.77 -29.15 51.64
C GLN B 206 41.39 -27.77 51.55
N GLN B 207 42.55 -27.71 50.90
CA GLN B 207 43.31 -26.48 50.73
C GLN B 207 42.66 -25.58 49.68
N LYS B 208 41.89 -26.17 48.77
CA LYS B 208 41.24 -25.38 47.74
C LYS B 208 39.83 -25.92 47.51
N THR B 209 39.03 -26.02 48.56
CA THR B 209 37.67 -26.53 48.41
C THR B 209 36.89 -25.72 47.40
N PRO B 210 36.33 -26.39 46.38
CA PRO B 210 35.56 -25.71 45.34
C PRO B 210 34.31 -25.10 45.91
N VAL B 211 33.86 -24.03 45.29
CA VAL B 211 32.63 -23.37 45.69
C VAL B 211 31.66 -23.82 44.62
N ILE B 212 32.06 -23.71 43.37
CA ILE B 212 31.26 -24.18 42.25
C ILE B 212 32.02 -25.39 41.68
N LEU B 213 31.39 -26.56 41.60
CA LEU B 213 32.08 -27.74 41.08
C LEU B 213 31.47 -28.18 39.78
N THR B 214 32.23 -28.07 38.69
CA THR B 214 31.73 -28.42 37.37
C THR B 214 32.67 -29.34 36.58
N GLY B 215 32.24 -29.68 35.38
CA GLY B 215 32.98 -30.56 34.51
C GLY B 215 31.94 -31.08 33.55
N TRP B 216 32.18 -32.23 32.93
CA TRP B 216 31.18 -32.75 32.02
C TRP B 216 30.82 -34.12 32.56
N ASN B 217 29.58 -34.25 33.03
CA ASN B 217 29.07 -35.49 33.58
C ASN B 217 29.67 -35.85 34.95
N VAL B 218 30.37 -34.89 35.56
CA VAL B 218 31.00 -35.08 36.87
C VAL B 218 30.04 -35.46 37.99
N GLU B 219 28.80 -35.01 37.88
CA GLU B 219 27.81 -35.29 38.91
C GLU B 219 27.24 -36.70 38.86
N SER B 220 27.36 -37.32 37.69
CA SER B 220 26.84 -38.66 37.49
C SER B 220 27.93 -39.74 37.54
N PHE B 221 29.17 -39.33 37.31
CA PHE B 221 30.29 -40.27 37.35
C PHE B 221 31.47 -39.84 38.24
N ALA B 222 32.15 -38.77 37.84
CA ALA B 222 33.32 -38.27 38.57
C ALA B 222 33.16 -38.21 40.10
N ILE B 223 32.21 -37.39 40.55
CA ILE B 223 31.98 -37.25 41.98
C ILE B 223 31.60 -38.59 42.63
N PRO B 224 30.55 -39.26 42.09
CA PRO B 224 30.13 -40.54 42.65
C PRO B 224 31.31 -41.50 42.80
N TYR B 225 32.17 -41.55 41.78
CA TYR B 225 33.30 -42.45 41.78
C TYR B 225 34.38 -42.13 42.79
N VAL B 226 34.88 -40.91 42.78
CA VAL B 226 35.91 -40.51 43.73
C VAL B 226 35.39 -40.72 45.14
N TYR B 227 34.12 -40.39 45.36
CA TYR B 227 33.55 -40.58 46.69
C TYR B 227 33.61 -42.06 47.06
N ASN B 228 32.82 -42.87 46.37
CA ASN B 228 32.78 -44.29 46.66
C ASN B 228 34.16 -44.94 46.65
N ARG B 229 35.04 -44.53 45.74
CA ARG B 229 36.39 -45.10 45.70
C ARG B 229 37.07 -44.85 47.04
N ILE B 230 37.23 -43.57 47.40
CA ILE B 230 37.85 -43.21 48.66
C ILE B 230 37.11 -43.88 49.82
N LYS B 231 35.79 -43.99 49.69
CA LYS B 231 34.99 -44.59 50.74
C LYS B 231 35.45 -46.00 50.99
N ASN B 232 35.63 -46.76 49.91
CA ASN B 232 36.08 -48.15 50.00
C ASN B 232 37.49 -48.31 50.56
N ILE B 233 38.42 -47.57 49.99
CA ILE B 233 39.82 -47.64 50.40
C ILE B 233 40.13 -47.06 51.78
N PHE B 234 39.39 -46.04 52.22
CA PHE B 234 39.65 -45.44 53.54
C PHE B 234 38.48 -45.46 54.50
N GLY B 235 37.26 -45.44 53.96
CA GLY B 235 36.07 -45.46 54.79
C GLY B 235 35.21 -44.22 54.73
N GLU B 236 33.89 -44.43 54.88
CA GLU B 236 32.88 -43.37 54.87
C GLU B 236 33.41 -42.07 55.48
N SER B 237 34.10 -42.20 56.61
CA SER B 237 34.66 -41.07 57.32
C SER B 237 35.56 -40.17 56.45
N THR B 238 36.68 -40.71 55.97
CA THR B 238 37.59 -39.94 55.14
C THR B 238 36.90 -39.43 53.87
N ALA B 239 35.98 -40.22 53.32
CA ALA B 239 35.26 -39.82 52.11
C ALA B 239 34.51 -38.52 52.34
N LYS B 240 33.90 -38.41 53.51
CA LYS B 240 33.14 -37.21 53.86
C LYS B 240 33.97 -35.93 53.78
N ARG B 241 35.29 -36.07 53.80
CA ARG B 241 36.16 -34.91 53.73
C ARG B 241 35.94 -34.15 52.43
N LEU B 242 35.29 -34.78 51.46
CA LEU B 242 35.02 -34.10 50.19
C LEU B 242 34.05 -32.95 50.41
N SER B 243 33.32 -33.00 51.53
CA SER B 243 32.36 -31.98 51.94
C SER B 243 33.03 -31.07 52.98
N PRO B 244 33.00 -29.75 52.75
CA PRO B 244 33.61 -28.82 53.71
C PRO B 244 32.94 -28.85 55.09
N HIS B 245 31.79 -29.49 55.17
CA HIS B 245 31.05 -29.60 56.42
C HIS B 245 30.92 -31.06 56.77
N ARG B 246 31.84 -31.87 56.25
CA ARG B 246 31.88 -33.31 56.47
C ARG B 246 30.51 -33.97 56.46
N LYS B 247 29.60 -33.45 55.65
CA LYS B 247 28.27 -34.03 55.58
C LYS B 247 27.90 -34.26 54.13
N THR B 248 27.52 -35.50 53.82
CA THR B 248 27.13 -35.89 52.47
C THR B 248 25.90 -36.76 52.57
N ARG B 249 25.11 -36.77 51.50
CA ARG B 249 23.88 -37.54 51.48
C ARG B 249 23.76 -38.22 50.12
N VAL B 250 23.31 -39.48 50.11
CA VAL B 250 23.14 -40.21 48.86
C VAL B 250 21.72 -40.05 48.33
N LYS B 251 21.53 -39.16 47.35
CA LYS B 251 20.21 -38.97 46.76
C LYS B 251 20.00 -39.91 45.59
N VAL B 252 18.99 -40.78 45.69
CA VAL B 252 18.69 -41.75 44.63
C VAL B 252 17.58 -41.25 43.68
N ILE B 253 17.86 -40.16 42.97
CA ILE B 253 16.90 -39.56 42.03
C ILE B 253 16.20 -40.55 41.12
N GLU B 254 14.93 -40.26 40.83
CA GLU B 254 14.09 -41.09 39.97
C GLU B 254 13.68 -40.31 38.71
N ASN B 255 14.04 -40.83 37.54
CA ASN B 255 13.70 -40.19 36.26
C ASN B 255 12.37 -40.70 35.69
N MET B 256 12.09 -40.36 34.44
CA MET B 256 10.84 -40.78 33.78
C MET B 256 10.62 -42.30 33.83
N TYR B 257 11.71 -43.06 33.87
CA TYR B 257 11.64 -44.53 33.92
C TYR B 257 12.90 -45.19 34.48
N GLY B 258 12.93 -45.41 35.79
CA GLY B 258 14.10 -46.04 36.40
C GLY B 258 14.60 -45.35 37.66
N SER B 259 15.87 -45.56 37.99
CA SER B 259 16.50 -44.96 39.16
C SER B 259 18.03 -45.09 39.14
N ARG B 260 18.70 -44.28 39.95
CA ARG B 260 20.17 -44.28 40.04
C ARG B 260 20.60 -43.63 41.36
N GLU B 261 21.87 -43.25 41.48
CA GLU B 261 22.35 -42.61 42.70
C GLU B 261 23.29 -41.42 42.44
N ILE B 262 23.13 -40.36 43.22
CA ILE B 262 24.00 -39.19 43.10
C ILE B 262 24.31 -38.62 44.49
N ILE B 263 25.60 -38.58 44.82
CA ILE B 263 26.08 -38.09 46.11
C ILE B 263 25.98 -36.56 46.10
N THR B 264 25.55 -35.96 47.20
CA THR B 264 25.53 -34.49 47.27
C THR B 264 26.45 -34.10 48.41
N LEU B 265 27.37 -33.19 48.09
CA LEU B 265 28.36 -32.70 49.05
C LEU B 265 27.93 -31.36 49.68
N PHE B 266 27.47 -31.39 50.93
CA PHE B 266 27.06 -30.16 51.59
C PHE B 266 28.20 -29.17 51.60
N GLY B 267 27.91 -27.93 51.23
CA GLY B 267 28.94 -26.90 51.24
C GLY B 267 29.50 -26.59 49.87
N ILE B 268 28.98 -27.28 48.88
CA ILE B 268 29.41 -27.10 47.51
C ILE B 268 28.21 -27.03 46.62
N SER B 269 28.33 -26.31 45.51
CA SER B 269 27.25 -26.19 44.54
C SER B 269 27.77 -26.81 43.25
N VAL B 270 27.17 -27.95 42.86
CA VAL B 270 27.57 -28.67 41.67
C VAL B 270 26.74 -28.26 40.48
N LEU B 271 27.40 -27.74 39.46
CA LEU B 271 26.73 -27.36 38.24
C LEU B 271 27.44 -28.11 37.12
N ASP B 272 27.02 -29.37 36.91
CA ASP B 272 27.55 -30.27 35.89
C ASP B 272 27.28 -29.59 34.56
N TYR B 273 28.35 -29.21 33.85
CA TYR B 273 28.17 -28.50 32.59
C TYR B 273 27.29 -29.23 31.58
N ILE B 274 27.22 -30.55 31.72
CA ILE B 274 26.37 -31.34 30.83
C ILE B 274 24.94 -30.82 30.97
N ASP B 275 24.51 -30.61 32.21
CA ASP B 275 23.17 -30.13 32.53
C ASP B 275 23.03 -28.62 32.27
N LEU B 276 24.08 -27.89 32.59
CA LEU B 276 24.08 -26.44 32.34
C LEU B 276 23.80 -26.31 30.85
N TYR B 277 24.69 -26.92 30.06
CA TYR B 277 24.60 -26.92 28.62
C TYR B 277 23.18 -27.30 28.15
N LYS B 278 22.67 -28.43 28.63
CA LYS B 278 21.34 -28.86 28.23
C LYS B 278 20.25 -27.86 28.61
N LYS B 279 20.51 -27.13 29.69
CA LYS B 279 19.58 -26.13 30.23
C LYS B 279 19.52 -24.82 29.45
N PHE B 280 20.67 -24.22 29.20
CA PHE B 280 20.73 -22.94 28.53
C PHE B 280 21.18 -22.90 27.08
N SER B 281 21.57 -24.03 26.51
CA SER B 281 22.02 -24.07 25.13
C SER B 281 20.92 -23.83 24.11
N PHE B 282 19.70 -24.26 24.42
CA PHE B 282 18.58 -24.11 23.50
C PHE B 282 18.92 -24.74 22.16
N THR B 283 19.12 -26.04 22.17
CA THR B 283 19.44 -26.77 20.96
C THR B 283 19.55 -28.26 21.25
N ASN B 284 18.79 -29.08 20.53
CA ASN B 284 18.89 -30.51 20.78
C ASN B 284 20.01 -31.07 19.92
N GLN B 285 20.88 -31.84 20.55
CA GLN B 285 22.03 -32.45 19.90
C GLN B 285 21.81 -33.96 19.75
N PRO B 286 22.39 -34.59 18.72
CA PRO B 286 22.21 -36.05 18.57
C PRO B 286 23.08 -36.83 19.57
N SER B 287 24.09 -36.17 20.12
CA SER B 287 24.97 -36.79 21.12
C SER B 287 25.48 -35.75 22.12
N TYR B 288 25.53 -36.14 23.38
CA TYR B 288 25.98 -35.22 24.40
C TYR B 288 27.33 -35.58 24.97
N SER B 289 28.11 -36.32 24.18
CA SER B 289 29.44 -36.68 24.62
C SER B 289 30.29 -35.41 24.53
N LEU B 290 31.27 -35.29 25.42
CA LEU B 290 32.15 -34.15 25.47
C LEU B 290 32.78 -33.87 24.12
N ASP B 291 33.09 -34.93 23.38
CA ASP B 291 33.72 -34.77 22.09
C ASP B 291 32.79 -34.28 21.00
N TYR B 292 31.52 -34.65 21.07
CA TYR B 292 30.57 -34.22 20.07
C TYR B 292 30.21 -32.75 20.29
N ILE B 293 29.94 -32.41 21.55
CA ILE B 293 29.58 -31.05 21.92
C ILE B 293 30.71 -30.05 21.70
N SER B 294 31.95 -30.45 21.97
CA SER B 294 33.08 -29.54 21.79
C SER B 294 33.48 -29.40 20.31
N GLU B 295 33.06 -30.35 19.50
CA GLU B 295 33.34 -30.31 18.07
C GLU B 295 32.36 -29.33 17.45
N PHE B 296 31.15 -29.36 18.00
CA PHE B 296 30.07 -28.52 17.58
C PHE B 296 30.31 -27.04 17.94
N GLU B 297 30.71 -26.81 19.18
CA GLU B 297 30.96 -25.46 19.70
C GLU B 297 32.33 -24.86 19.37
N LEU B 298 33.38 -25.64 19.60
CA LEU B 298 34.75 -25.18 19.40
C LEU B 298 35.40 -25.59 18.08
N ASN B 299 34.74 -26.50 17.36
CA ASN B 299 35.25 -26.99 16.10
C ASN B 299 36.59 -27.71 16.30
N VAL B 300 36.52 -28.76 17.10
CA VAL B 300 37.65 -29.61 17.45
C VAL B 300 37.17 -30.38 18.68
N GLY B 301 37.60 -31.63 18.84
CA GLY B 301 37.16 -32.40 19.99
C GLY B 301 38.33 -32.85 20.85
N LYS B 302 38.58 -34.16 20.85
CA LYS B 302 39.71 -34.75 21.59
C LYS B 302 40.54 -35.54 20.58
N LEU B 303 41.85 -35.63 20.81
CA LEU B 303 42.71 -36.32 19.87
C LEU B 303 42.46 -37.79 19.63
N LYS B 304 42.20 -38.10 18.37
CA LYS B 304 41.92 -39.46 17.93
C LYS B 304 43.02 -40.43 18.33
N TYR B 305 42.80 -41.09 19.47
CA TYR B 305 43.74 -42.08 19.98
C TYR B 305 43.40 -43.44 19.37
N ASP B 306 44.43 -44.25 19.14
CA ASP B 306 44.26 -45.58 18.55
C ASP B 306 44.04 -46.65 19.63
N GLY B 307 43.25 -47.66 19.29
CA GLY B 307 42.98 -48.73 20.22
C GLY B 307 41.91 -48.37 21.23
N PRO B 308 41.37 -49.36 21.95
CA PRO B 308 40.33 -49.15 22.97
C PRO B 308 40.82 -48.29 24.11
N ILE B 309 39.89 -47.65 24.81
CA ILE B 309 40.27 -46.80 25.93
C ILE B 309 40.79 -47.71 27.05
N SER B 310 40.24 -48.92 27.13
CA SER B 310 40.64 -49.90 28.13
C SER B 310 42.17 -50.06 28.14
N LYS B 311 42.72 -50.32 26.96
CA LYS B 311 44.15 -50.52 26.78
C LYS B 311 44.94 -49.27 26.44
N LEU B 312 44.32 -48.09 26.53
CA LEU B 312 45.03 -46.86 26.18
C LEU B 312 46.04 -46.45 27.25
N ARG B 313 45.73 -46.79 28.51
CA ARG B 313 46.60 -46.47 29.64
C ARG B 313 48.00 -47.06 29.46
N GLU B 314 48.05 -48.38 29.28
CA GLU B 314 49.30 -49.09 29.11
C GLU B 314 49.95 -48.80 27.76
N SER B 315 49.24 -49.10 26.67
CA SER B 315 49.77 -48.89 25.32
C SER B 315 50.48 -47.54 25.14
N ASN B 316 49.76 -46.45 25.40
CA ASN B 316 50.32 -45.11 25.25
C ASN B 316 49.92 -44.21 26.42
N HIS B 317 50.44 -44.51 27.61
CA HIS B 317 50.13 -43.73 28.80
C HIS B 317 50.39 -42.22 28.62
N GLN B 318 51.30 -41.86 27.74
CA GLN B 318 51.57 -40.44 27.49
C GLN B 318 50.29 -39.80 26.96
N ARG B 319 49.80 -40.28 25.81
CA ARG B 319 48.59 -39.74 25.22
C ARG B 319 47.47 -39.76 26.23
N TYR B 320 47.35 -40.89 26.91
CA TYR B 320 46.32 -41.10 27.94
C TYR B 320 46.12 -39.95 28.92
N ILE B 321 47.22 -39.35 29.40
CA ILE B 321 47.14 -38.25 30.36
C ILE B 321 46.82 -36.91 29.67
N SER B 322 47.45 -36.65 28.55
CA SER B 322 47.19 -35.41 27.81
C SER B 322 45.72 -35.41 27.43
N TYR B 323 45.22 -36.59 27.11
CA TYR B 323 43.85 -36.80 26.72
C TYR B 323 42.94 -36.27 27.82
N ASN B 324 43.32 -36.60 29.07
CA ASN B 324 42.57 -36.17 30.26
C ASN B 324 42.64 -34.66 30.47
N ILE B 325 43.81 -34.07 30.26
CA ILE B 325 43.99 -32.62 30.41
C ILE B 325 43.18 -31.86 29.37
N ILE B 326 43.22 -32.32 28.12
CA ILE B 326 42.46 -31.70 27.04
C ILE B 326 40.96 -31.75 27.37
N ALA B 327 40.54 -32.88 27.92
CA ALA B 327 39.13 -33.05 28.30
C ALA B 327 38.69 -31.89 29.18
N VAL B 328 39.44 -31.59 30.23
CA VAL B 328 39.08 -30.51 31.12
C VAL B 328 39.09 -29.17 30.39
N TYR B 329 40.16 -28.89 29.66
CA TYR B 329 40.27 -27.63 28.93
C TYR B 329 39.09 -27.39 27.97
N ARG B 330 38.64 -28.45 27.29
CA ARG B 330 37.52 -28.34 26.36
C ARG B 330 36.28 -27.74 27.03
N VAL B 331 35.93 -28.24 28.21
CA VAL B 331 34.76 -27.70 28.90
C VAL B 331 35.02 -26.22 29.18
N LEU B 332 36.21 -25.93 29.68
CA LEU B 332 36.58 -24.56 29.97
C LEU B 332 36.37 -23.69 28.73
N GLN B 333 36.79 -24.22 27.58
CA GLN B 333 36.63 -23.49 26.34
C GLN B 333 35.16 -23.33 26.04
N ILE B 334 34.40 -24.40 26.15
CA ILE B 334 32.96 -24.31 25.88
C ILE B 334 32.37 -23.19 26.74
N ASP B 335 32.70 -23.17 28.03
CA ASP B 335 32.15 -22.13 28.88
C ASP B 335 32.72 -20.76 28.52
N ALA B 336 33.98 -20.74 28.11
CA ALA B 336 34.64 -19.49 27.74
C ALA B 336 33.77 -18.79 26.69
N LYS B 337 33.23 -19.60 25.80
CA LYS B 337 32.36 -19.14 24.73
C LYS B 337 30.94 -18.94 25.22
N ARG B 338 30.35 -20.00 25.78
CA ARG B 338 28.98 -19.98 26.28
C ARG B 338 28.71 -19.11 27.51
N GLN B 339 29.65 -19.07 28.45
CA GLN B 339 29.50 -18.25 29.65
C GLN B 339 28.31 -18.60 30.57
N PHE B 340 28.00 -19.88 30.72
CA PHE B 340 26.88 -20.32 31.55
C PHE B 340 27.10 -20.24 33.05
N ILE B 341 28.32 -20.51 33.49
CA ILE B 341 28.67 -20.47 34.90
C ILE B 341 28.38 -19.09 35.45
N ASN B 342 28.76 -18.04 34.71
CA ASN B 342 28.52 -16.71 35.22
C ASN B 342 27.05 -16.37 35.20
N LEU B 343 26.36 -16.83 34.18
CA LEU B 343 24.93 -16.58 34.07
C LEU B 343 24.23 -17.08 35.35
N SER B 344 24.62 -18.27 35.78
CA SER B 344 24.06 -18.89 36.98
C SER B 344 24.32 -18.08 38.24
N LEU B 345 25.55 -17.63 38.40
CA LEU B 345 25.90 -16.82 39.57
C LEU B 345 25.08 -15.54 39.58
N ASP B 346 24.96 -14.89 38.43
CA ASP B 346 24.20 -13.66 38.41
C ASP B 346 22.77 -13.90 38.81
N MET B 347 22.19 -14.97 38.27
CA MET B 347 20.81 -15.35 38.56
C MET B 347 20.60 -15.64 40.05
N GLY B 348 21.48 -16.49 40.59
CA GLY B 348 21.41 -16.87 41.99
C GLY B 348 21.43 -15.70 42.93
N TYR B 349 22.46 -14.88 42.82
CA TYR B 349 22.61 -13.73 43.69
C TYR B 349 21.48 -12.74 43.53
N TYR B 350 20.85 -12.74 42.35
CA TYR B 350 19.73 -11.84 42.11
C TYR B 350 18.56 -12.23 43.00
N ALA B 351 18.29 -13.53 42.98
CA ALA B 351 17.20 -14.14 43.74
C ALA B 351 17.54 -14.45 45.19
N LYS B 352 18.82 -14.46 45.55
CA LYS B 352 19.20 -14.76 46.93
C LYS B 352 18.89 -16.22 47.21
N ILE B 353 19.33 -17.11 46.36
CA ILE B 353 19.08 -18.53 46.56
C ILE B 353 20.40 -19.29 46.45
N GLN B 354 20.36 -20.60 46.59
CA GLN B 354 21.58 -21.39 46.43
C GLN B 354 21.83 -21.32 44.93
N ILE B 355 23.10 -21.24 44.53
CA ILE B 355 23.40 -21.13 43.12
C ILE B 355 22.82 -22.26 42.29
N GLN B 356 22.81 -23.49 42.80
CA GLN B 356 22.27 -24.58 41.98
C GLN B 356 20.76 -24.57 41.83
N SER B 357 20.07 -23.71 42.57
CA SER B 357 18.61 -23.65 42.45
C SER B 357 18.20 -22.85 41.23
N VAL B 358 19.15 -22.52 40.38
CA VAL B 358 18.82 -21.77 39.19
C VAL B 358 18.08 -22.70 38.24
N PHE B 359 18.32 -24.00 38.36
CA PHE B 359 17.65 -24.96 37.51
C PHE B 359 16.16 -25.03 37.79
N SER B 360 15.74 -24.48 38.94
CA SER B 360 14.33 -24.52 39.33
C SER B 360 13.63 -23.17 39.30
N PRO B 361 12.66 -23.01 38.38
CA PRO B 361 11.90 -21.75 38.26
C PRO B 361 11.11 -21.52 39.54
N ILE B 362 10.47 -22.58 40.02
CA ILE B 362 9.69 -22.52 41.24
C ILE B 362 10.47 -21.86 42.37
N LYS B 363 11.63 -22.41 42.67
CA LYS B 363 12.46 -21.86 43.74
C LYS B 363 12.91 -20.43 43.47
N THR B 364 13.50 -20.22 42.30
CA THR B 364 13.98 -18.90 41.90
C THR B 364 12.90 -17.84 42.08
N TRP B 365 11.73 -18.04 41.49
CA TRP B 365 10.67 -17.08 41.63
C TRP B 365 10.17 -16.94 43.05
N ASP B 366 10.07 -18.07 43.76
CA ASP B 366 9.59 -18.05 45.15
C ASP B 366 10.45 -17.11 46.00
N ALA B 367 11.76 -17.17 45.79
CA ALA B 367 12.69 -16.30 46.52
C ALA B 367 12.50 -14.85 46.10
N ILE B 368 12.49 -14.64 44.77
CA ILE B 368 12.32 -13.31 44.23
C ILE B 368 11.09 -12.61 44.79
N ILE B 369 9.97 -13.31 44.91
CA ILE B 369 8.78 -12.67 45.46
C ILE B 369 8.90 -12.52 46.98
N PHE B 370 9.48 -13.52 47.64
CA PHE B 370 9.65 -13.51 49.10
C PHE B 370 10.38 -12.24 49.50
N ASN B 371 11.59 -12.09 48.99
CA ASN B 371 12.39 -10.92 49.30
C ASN B 371 11.63 -9.63 49.06
N SER B 372 10.94 -9.55 47.93
CA SER B 372 10.15 -8.38 47.55
C SER B 372 9.08 -8.06 48.59
N LEU B 373 8.32 -9.06 48.97
CA LEU B 373 7.26 -8.87 49.95
C LEU B 373 7.81 -8.58 51.36
N LYS B 374 8.96 -9.14 51.68
CA LYS B 374 9.54 -8.95 53.00
C LYS B 374 9.92 -7.50 53.19
N GLU B 375 10.40 -6.88 52.12
CA GLU B 375 10.81 -5.47 52.14
C GLU B 375 9.62 -4.59 52.48
N GLN B 376 8.43 -5.11 52.20
CA GLN B 376 7.21 -4.37 52.46
C GLN B 376 6.54 -4.86 53.72
N ASN B 377 7.29 -5.61 54.54
CA ASN B 377 6.75 -6.15 55.77
C ASN B 377 5.49 -6.97 55.48
N LYS B 378 5.46 -7.63 54.32
CA LYS B 378 4.33 -8.46 53.95
C LYS B 378 4.73 -9.91 54.22
N VAL B 379 3.75 -10.81 54.29
CA VAL B 379 4.07 -12.20 54.56
C VAL B 379 3.50 -13.19 53.53
N ILE B 380 4.40 -13.97 52.95
CA ILE B 380 4.03 -14.95 51.93
C ILE B 380 3.05 -16.00 52.44
N PRO B 381 2.10 -16.41 51.60
CA PRO B 381 1.12 -17.41 51.99
C PRO B 381 1.78 -18.77 52.22
N GLN B 382 1.08 -19.65 52.91
CA GLN B 382 1.61 -20.97 53.19
C GLN B 382 1.51 -21.77 51.90
N GLY B 383 2.49 -22.67 51.71
CA GLY B 383 2.50 -23.53 50.53
C GLY B 383 1.47 -24.61 50.67
N ARG B 384 0.42 -24.54 49.87
CA ARG B 384 -0.64 -25.53 49.91
C ARG B 384 -0.44 -26.61 48.86
N SER B 385 -1.05 -27.76 49.11
CA SER B 385 -0.92 -28.92 48.24
C SER B 385 -2.09 -29.05 47.26
N HIS B 386 -1.80 -29.23 45.98
CA HIS B 386 -2.88 -29.37 45.02
C HIS B 386 -2.69 -30.60 44.15
N PRO B 387 -3.78 -31.04 43.49
CA PRO B 387 -3.81 -32.19 42.60
C PRO B 387 -3.36 -31.81 41.19
N VAL B 388 -2.39 -32.54 40.65
CA VAL B 388 -1.92 -32.25 39.32
C VAL B 388 -3.06 -32.43 38.34
N GLN B 389 -3.70 -31.34 37.94
CA GLN B 389 -4.80 -31.46 37.00
C GLN B 389 -4.49 -30.78 35.70
N PRO B 390 -4.67 -31.51 34.59
CA PRO B 390 -4.39 -30.97 33.26
C PRO B 390 -5.17 -29.70 32.99
N TYR B 391 -4.61 -28.81 32.18
CA TYR B 391 -5.36 -27.63 31.86
C TYR B 391 -5.15 -27.10 30.44
N PRO B 392 -6.14 -26.35 29.95
CA PRO B 392 -6.17 -25.74 28.62
C PRO B 392 -4.91 -25.00 28.23
N GLY B 393 -4.35 -25.37 27.08
CA GLY B 393 -3.14 -24.73 26.60
C GLY B 393 -3.42 -23.66 25.54
N ALA B 394 -2.48 -23.50 24.62
CA ALA B 394 -2.60 -22.49 23.57
C ALA B 394 -3.45 -22.97 22.39
N PHE B 395 -3.75 -22.06 21.48
CA PHE B 395 -4.55 -22.35 20.28
C PHE B 395 -3.68 -22.50 19.05
N VAL B 396 -3.84 -23.62 18.36
CA VAL B 396 -3.07 -23.85 17.15
C VAL B 396 -4.04 -24.06 15.99
N LYS B 397 -4.09 -23.07 15.10
CA LYS B 397 -4.97 -23.12 13.95
C LYS B 397 -4.53 -24.23 13.01
N GLU B 398 -5.50 -24.97 12.49
CA GLU B 398 -5.22 -26.03 11.56
C GLU B 398 -5.06 -25.35 10.23
N PRO B 399 -3.84 -25.36 9.67
CA PRO B 399 -3.56 -24.72 8.38
C PRO B 399 -3.87 -25.63 7.21
N ILE B 400 -4.28 -25.03 6.09
CA ILE B 400 -4.57 -25.79 4.89
C ILE B 400 -3.25 -26.08 4.17
N PRO B 401 -2.80 -27.34 4.18
CA PRO B 401 -1.56 -27.74 3.51
C PRO B 401 -1.50 -27.13 2.14
N ASN B 402 -0.43 -26.39 1.84
CA ASN B 402 -0.35 -25.75 0.54
C ASN B 402 0.87 -24.88 0.47
N ARG B 403 1.09 -24.27 -0.69
CA ARG B 403 2.22 -23.36 -0.88
C ARG B 403 1.69 -21.96 -0.56
N TYR B 404 2.59 -21.02 -0.25
CA TYR B 404 2.20 -19.66 0.08
C TYR B 404 3.25 -18.70 -0.43
N LYS B 405 2.98 -18.09 -1.58
CA LYS B 405 3.91 -17.15 -2.24
C LYS B 405 4.40 -16.06 -1.30
N TYR B 406 3.50 -15.16 -0.93
CA TYR B 406 3.85 -14.06 -0.03
C TYR B 406 3.20 -14.23 1.34
N VAL B 407 4.03 -14.10 2.38
CA VAL B 407 3.59 -14.26 3.76
C VAL B 407 4.23 -13.22 4.68
N MET B 408 3.44 -12.74 5.64
CA MET B 408 3.89 -11.77 6.65
C MET B 408 3.42 -12.25 8.02
N SER B 409 4.33 -12.39 8.98
CA SER B 409 3.96 -12.85 10.31
C SER B 409 4.04 -11.75 11.36
N PHE B 410 3.18 -11.85 12.37
CA PHE B 410 3.09 -10.91 13.48
C PHE B 410 3.12 -11.66 14.81
N ASP B 411 3.93 -11.21 15.77
CA ASP B 411 4.00 -11.88 17.08
C ASP B 411 3.55 -10.97 18.21
N LEU B 412 2.93 -11.55 19.21
CA LEU B 412 2.49 -10.77 20.36
C LEU B 412 3.66 -10.73 21.34
N THR B 413 3.87 -9.59 21.98
CA THR B 413 4.99 -9.45 22.92
C THR B 413 4.73 -10.16 24.25
N SER B 414 5.64 -11.07 24.59
CA SER B 414 5.55 -11.90 25.80
C SER B 414 4.12 -12.00 26.29
N LEU B 415 3.30 -12.66 25.47
CA LEU B 415 1.88 -12.83 25.73
C LEU B 415 1.49 -13.15 27.17
N TYR B 416 1.80 -14.35 27.64
CA TYR B 416 1.42 -14.73 29.00
C TYR B 416 1.79 -13.74 30.10
N PRO B 417 3.04 -13.28 30.12
CA PRO B 417 3.42 -12.31 31.16
C PRO B 417 2.56 -11.05 31.03
N SER B 418 2.35 -10.65 29.78
CA SER B 418 1.56 -9.47 29.44
C SER B 418 0.12 -9.68 29.90
N ILE B 419 -0.45 -10.84 29.57
CA ILE B 419 -1.83 -11.16 29.94
C ILE B 419 -1.96 -11.03 31.44
N ILE B 420 -0.97 -11.55 32.15
CA ILE B 420 -0.96 -11.49 33.59
C ILE B 420 -1.11 -10.05 34.04
N ARG B 421 -0.32 -9.19 33.42
CA ARG B 421 -0.32 -7.77 33.71
C ARG B 421 -1.65 -7.10 33.37
N GLN B 422 -2.10 -7.28 32.13
CA GLN B 422 -3.35 -6.69 31.65
C GLN B 422 -4.59 -7.11 32.44
N VAL B 423 -4.72 -8.40 32.67
CA VAL B 423 -5.87 -8.89 33.41
C VAL B 423 -5.68 -8.64 34.88
N ASN B 424 -4.43 -8.59 35.33
CA ASN B 424 -4.11 -8.36 36.72
C ASN B 424 -4.41 -9.65 37.49
N ILE B 425 -3.91 -10.77 36.96
CA ILE B 425 -4.14 -12.07 37.58
C ILE B 425 -3.18 -12.38 38.72
N SER B 426 -3.72 -12.75 39.88
CA SER B 426 -2.89 -13.10 41.02
C SER B 426 -3.76 -13.80 42.07
N PRO B 427 -3.19 -14.75 42.83
CA PRO B 427 -3.98 -15.45 43.82
C PRO B 427 -4.82 -14.61 44.76
N GLU B 428 -4.46 -13.34 44.92
CA GLU B 428 -5.22 -12.51 45.85
C GLU B 428 -6.06 -11.41 45.22
N THR B 429 -6.09 -11.35 43.90
CA THR B 429 -6.85 -10.32 43.21
C THR B 429 -8.12 -10.87 42.61
N ILE B 430 -8.45 -12.10 42.96
CA ILE B 430 -9.64 -12.77 42.45
C ILE B 430 -10.88 -12.16 43.06
N ALA B 431 -11.69 -11.52 42.22
CA ALA B 431 -12.91 -10.88 42.69
C ALA B 431 -14.07 -11.85 42.74
N GLY B 432 -14.24 -12.63 41.68
CA GLY B 432 -15.32 -13.60 41.63
C GLY B 432 -15.42 -14.26 40.26
N THR B 433 -16.62 -14.68 39.88
CA THR B 433 -16.82 -15.32 38.59
C THR B 433 -18.00 -14.72 37.80
N PHE B 434 -18.31 -15.32 36.66
CA PHE B 434 -19.42 -14.85 35.86
C PHE B 434 -19.90 -15.92 34.87
N LYS B 435 -21.18 -15.88 34.50
CA LYS B 435 -21.75 -16.85 33.56
C LYS B 435 -20.88 -16.85 32.31
N VAL B 436 -20.27 -17.97 32.00
CA VAL B 436 -19.37 -18.07 30.87
C VAL B 436 -19.98 -18.54 29.55
N ALA B 437 -19.81 -17.73 28.50
CA ALA B 437 -20.33 -18.06 27.19
C ALA B 437 -19.24 -18.78 26.41
N PRO B 438 -19.62 -19.64 25.45
CA PRO B 438 -18.62 -20.35 24.66
C PRO B 438 -17.55 -19.40 24.13
N LEU B 439 -16.30 -19.86 24.13
CA LEU B 439 -15.19 -19.03 23.69
C LEU B 439 -15.43 -18.35 22.35
N HIS B 440 -16.00 -19.08 21.40
CA HIS B 440 -16.28 -18.55 20.06
C HIS B 440 -17.04 -17.23 20.20
N ASP B 441 -18.05 -17.20 21.06
CA ASP B 441 -18.85 -15.99 21.26
C ASP B 441 -18.04 -14.77 21.69
N TYR B 442 -17.06 -14.96 22.56
CA TYR B 442 -16.24 -13.85 23.01
C TYR B 442 -15.29 -13.46 21.91
N ILE B 443 -14.90 -14.42 21.09
CA ILE B 443 -13.97 -14.14 19.99
C ILE B 443 -14.61 -13.23 18.96
N ASN B 444 -15.90 -13.44 18.71
CA ASN B 444 -16.63 -12.63 17.75
C ASN B 444 -17.27 -11.44 18.40
N ALA B 445 -17.13 -11.32 19.71
CA ALA B 445 -17.70 -10.20 20.44
C ALA B 445 -19.21 -10.20 20.42
N VAL B 446 -19.82 -11.38 20.49
CA VAL B 446 -21.28 -11.47 20.47
C VAL B 446 -21.84 -11.78 21.85
N ALA B 447 -21.00 -12.35 22.72
CA ALA B 447 -21.42 -12.70 24.06
C ALA B 447 -21.51 -11.43 24.92
N GLU B 448 -22.33 -11.48 25.96
CA GLU B 448 -22.50 -10.35 26.86
C GLU B 448 -21.20 -9.96 27.53
N ARG B 449 -20.92 -8.66 27.62
CA ARG B 449 -19.71 -8.20 28.29
C ARG B 449 -19.71 -8.74 29.71
N PRO B 450 -18.68 -9.52 30.06
CA PRO B 450 -18.53 -10.14 31.38
C PRO B 450 -18.86 -9.29 32.59
N SER B 451 -18.27 -8.09 32.65
CA SER B 451 -18.49 -7.17 33.77
C SER B 451 -17.93 -5.79 33.46
N ASP B 452 -18.38 -4.79 34.21
CA ASP B 452 -17.90 -3.43 34.03
C ASP B 452 -17.30 -2.96 35.34
N VAL B 453 -16.97 -3.92 36.19
CA VAL B 453 -16.39 -3.63 37.50
C VAL B 453 -15.01 -4.26 37.65
N TYR B 454 -14.92 -5.52 37.24
CA TYR B 454 -13.67 -6.27 37.35
C TYR B 454 -13.05 -6.64 36.00
N SER B 455 -11.74 -6.85 36.01
CA SER B 455 -10.99 -7.24 34.83
C SER B 455 -11.34 -8.71 34.63
N CYS B 456 -11.69 -9.10 33.41
CA CYS B 456 -12.08 -10.48 33.19
C CYS B 456 -11.27 -11.31 32.24
N SER B 457 -11.60 -12.59 32.23
CA SER B 457 -10.96 -13.57 31.37
C SER B 457 -12.01 -14.58 30.91
N PRO B 458 -12.01 -14.89 29.61
CA PRO B 458 -12.91 -15.81 28.91
C PRO B 458 -13.28 -17.08 29.62
N ASN B 459 -12.53 -17.44 30.66
CA ASN B 459 -12.80 -18.68 31.40
C ASN B 459 -13.82 -18.52 32.51
N GLY B 460 -14.05 -17.28 32.92
CA GLY B 460 -15.03 -17.01 33.95
C GLY B 460 -14.51 -16.33 35.19
N MET B 461 -13.23 -16.00 35.21
CA MET B 461 -12.63 -15.35 36.37
C MET B 461 -12.63 -13.83 36.26
N MET B 462 -12.82 -13.16 37.38
CA MET B 462 -12.81 -11.70 37.44
C MET B 462 -11.81 -11.24 38.47
N TYR B 463 -11.06 -10.20 38.14
CA TYR B 463 -10.05 -9.69 39.06
C TYR B 463 -10.22 -8.22 39.38
N TYR B 464 -9.75 -7.83 40.56
CA TYR B 464 -9.82 -6.46 41.00
C TYR B 464 -8.99 -5.56 40.10
N LYS B 465 -9.49 -4.36 39.82
CA LYS B 465 -8.74 -3.43 38.99
C LYS B 465 -8.12 -2.32 39.82
N ASP B 466 -8.67 -2.08 41.01
CA ASP B 466 -8.17 -1.04 41.91
C ASP B 466 -6.76 -1.34 42.42
N ARG B 467 -6.63 -2.37 43.24
CA ARG B 467 -5.36 -2.79 43.80
C ARG B 467 -4.53 -3.57 42.77
N ASP B 468 -3.21 -3.42 42.83
CA ASP B 468 -2.30 -4.14 41.94
C ASP B 468 -1.97 -5.49 42.57
N GLY B 469 -2.15 -6.56 41.82
CA GLY B 469 -1.85 -7.88 42.34
C GLY B 469 -0.35 -8.10 42.48
N VAL B 470 0.01 -9.13 43.22
CA VAL B 470 1.41 -9.43 43.45
C VAL B 470 2.15 -10.02 42.23
N VAL B 471 1.65 -11.12 41.67
CA VAL B 471 2.35 -11.70 40.52
C VAL B 471 2.45 -10.66 39.41
N PRO B 472 1.35 -9.95 39.11
CA PRO B 472 1.49 -8.95 38.05
C PRO B 472 2.60 -7.94 38.39
N THR B 473 2.58 -7.37 39.60
CA THR B 473 3.60 -6.40 39.99
C THR B 473 5.03 -6.91 39.88
N GLU B 474 5.25 -8.12 40.37
CA GLU B 474 6.57 -8.71 40.36
C GLU B 474 7.19 -8.97 39.00
N ILE B 475 6.37 -9.33 38.01
CA ILE B 475 6.89 -9.58 36.67
C ILE B 475 7.24 -8.22 36.05
N THR B 476 6.42 -7.21 36.34
CA THR B 476 6.63 -5.85 35.85
C THR B 476 8.03 -5.34 36.20
N LYS B 477 8.48 -5.63 37.41
CA LYS B 477 9.82 -5.22 37.81
C LYS B 477 10.81 -5.90 36.88
N VAL B 478 10.84 -7.22 36.89
CA VAL B 478 11.77 -7.96 36.04
C VAL B 478 11.72 -7.46 34.59
N PHE B 479 10.60 -6.86 34.19
CA PHE B 479 10.44 -6.32 32.84
C PHE B 479 11.25 -5.03 32.71
N ASN B 480 10.93 -4.04 33.55
CA ASN B 480 11.65 -2.77 33.52
C ASN B 480 13.13 -3.08 33.53
N GLN B 481 13.57 -3.79 34.56
CA GLN B 481 14.96 -4.19 34.70
C GLN B 481 15.62 -4.67 33.41
N ARG B 482 14.88 -5.35 32.52
CA ARG B 482 15.52 -5.81 31.30
C ARG B 482 15.83 -4.58 30.46
N LYS B 483 14.88 -3.65 30.43
CA LYS B 483 15.08 -2.41 29.69
C LYS B 483 16.34 -1.79 30.27
N GLU B 484 16.23 -1.44 31.55
CA GLU B 484 17.31 -0.84 32.31
C GLU B 484 18.67 -1.38 31.93
N HIS B 485 18.89 -2.67 32.18
CA HIS B 485 20.17 -3.32 31.88
C HIS B 485 20.54 -3.44 30.40
N LYS B 486 19.58 -3.23 29.52
CA LYS B 486 19.85 -3.31 28.09
C LYS B 486 20.27 -1.90 27.71
N GLY B 487 19.62 -0.91 28.32
CA GLY B 487 19.94 0.47 28.06
C GLY B 487 21.34 0.75 28.53
N TYR B 488 21.77 -0.02 29.53
CA TYR B 488 23.11 0.14 30.07
C TYR B 488 24.11 -0.45 29.09
N MET B 489 24.08 -1.77 28.95
CA MET B 489 24.99 -2.47 28.05
C MET B 489 25.02 -1.87 26.66
N LEU B 490 23.89 -1.34 26.21
CA LEU B 490 23.84 -0.74 24.88
C LEU B 490 24.30 0.71 24.92
N ALA B 491 24.34 1.29 26.13
CA ALA B 491 24.80 2.66 26.29
C ALA B 491 26.31 2.66 26.54
N ALA B 492 26.82 1.50 26.94
CA ALA B 492 28.24 1.32 27.21
C ALA B 492 28.96 0.94 25.91
N GLN B 493 28.19 0.63 24.88
CA GLN B 493 28.76 0.28 23.58
C GLN B 493 29.16 1.56 22.88
N ARG B 494 28.51 2.65 23.26
CA ARG B 494 28.79 3.96 22.67
C ARG B 494 30.01 4.60 23.32
N ASN B 495 30.55 3.95 24.34
CA ASN B 495 31.72 4.44 25.05
C ASN B 495 32.89 3.48 24.90
N GLY B 496 32.60 2.30 24.35
CA GLY B 496 33.65 1.33 24.12
C GLY B 496 34.27 1.65 22.78
N GLU B 497 33.68 2.64 22.10
CA GLU B 497 34.14 3.10 20.81
C GLU B 497 34.76 4.50 20.96
N ILE B 498 34.26 5.25 21.94
CA ILE B 498 34.78 6.59 22.20
C ILE B 498 36.20 6.46 22.75
N ILE B 499 36.32 5.70 23.85
CA ILE B 499 37.62 5.46 24.47
C ILE B 499 38.50 4.67 23.50
N LYS B 500 37.84 4.02 22.53
CA LYS B 500 38.53 3.21 21.52
C LYS B 500 39.14 4.05 20.39
N GLU B 501 38.53 5.19 20.09
CA GLU B 501 39.04 6.07 19.04
C GLU B 501 40.20 6.89 19.62
N ALA B 502 40.23 7.00 20.94
CA ALA B 502 41.27 7.76 21.65
C ALA B 502 42.52 6.96 21.99
N LEU B 503 42.62 5.73 21.51
CA LEU B 503 43.82 4.91 21.77
C LEU B 503 44.58 4.69 20.47
N HIS B 504 44.33 5.55 19.49
CA HIS B 504 45.01 5.50 18.20
C HIS B 504 46.23 6.39 18.39
N ASN B 505 46.18 7.17 19.46
CA ASN B 505 47.22 8.11 19.83
C ASN B 505 47.01 8.56 21.28
N PRO B 506 47.09 7.60 22.24
CA PRO B 506 46.91 7.93 23.65
C PRO B 506 47.98 8.90 24.12
N ASN B 507 47.66 10.19 24.12
CA ASN B 507 48.59 11.23 24.52
C ASN B 507 49.47 10.83 25.70
N LEU B 508 50.77 10.77 25.47
CA LEU B 508 51.74 10.40 26.51
C LEU B 508 51.68 11.42 27.66
N SER B 509 50.95 11.08 28.72
CA SER B 509 50.82 11.97 29.87
C SER B 509 51.01 11.27 31.21
N VAL B 510 50.85 12.02 32.29
CA VAL B 510 50.99 11.49 33.64
C VAL B 510 49.60 11.42 34.30
N ASP B 511 48.61 10.93 33.54
CA ASP B 511 47.23 10.85 34.05
C ASP B 511 46.70 9.45 34.35
N GLU B 512 45.82 9.40 35.36
CA GLU B 512 45.20 8.15 35.80
C GLU B 512 43.95 7.88 34.96
N PRO B 513 43.36 6.69 35.10
CA PRO B 513 42.15 6.33 34.34
C PRO B 513 40.96 7.16 34.83
N LEU B 514 40.43 8.02 33.96
CA LEU B 514 39.30 8.89 34.34
C LEU B 514 38.09 8.13 34.87
N ASP B 515 37.81 8.31 36.17
CA ASP B 515 36.69 7.66 36.83
C ASP B 515 35.35 8.04 36.22
N VAL B 516 34.57 7.03 35.84
CA VAL B 516 33.25 7.26 35.25
C VAL B 516 32.28 6.11 35.50
N ASP B 517 31.04 6.29 35.05
CA ASP B 517 29.98 5.29 35.16
C ASP B 517 29.81 4.75 33.74
N TYR B 518 30.56 3.70 33.42
CA TYR B 518 30.55 3.09 32.09
C TYR B 518 29.22 2.61 31.54
N ARG B 519 28.12 3.09 32.09
CA ARG B 519 26.80 2.69 31.65
C ARG B 519 26.08 3.83 30.92
N PHE B 520 26.48 5.05 31.20
CA PHE B 520 25.89 6.23 30.56
C PHE B 520 26.90 6.84 29.59
N ASP B 521 26.62 6.72 28.29
CA ASP B 521 27.52 7.25 27.28
C ASP B 521 28.09 8.63 27.64
N PHE B 522 29.42 8.67 27.80
CA PHE B 522 30.15 9.87 28.17
C PHE B 522 29.79 11.08 27.29
N SER B 523 29.30 12.14 27.93
CA SER B 523 28.90 13.35 27.22
C SER B 523 30.02 14.36 26.99
N ASP B 524 29.62 15.59 26.65
CA ASP B 524 30.52 16.69 26.36
C ASP B 524 31.73 16.86 27.29
N GLU B 525 31.51 17.42 28.48
CA GLU B 525 32.60 17.63 29.44
C GLU B 525 33.42 16.37 29.73
N ILE B 526 33.02 15.26 29.12
CA ILE B 526 33.70 13.99 29.32
C ILE B 526 34.51 13.58 28.08
N LYS B 527 33.89 13.70 26.91
CA LYS B 527 34.51 13.34 25.63
C LYS B 527 35.93 13.87 25.37
N GLU B 528 36.17 15.14 25.69
CA GLU B 528 37.48 15.76 25.48
C GLU B 528 38.51 15.34 26.52
N LYS B 529 38.07 15.20 27.77
CA LYS B 529 38.97 14.81 28.86
C LYS B 529 39.44 13.37 28.70
N ILE B 530 38.76 12.63 27.82
CA ILE B 530 39.08 11.24 27.53
C ILE B 530 40.15 11.16 26.44
N LYS B 531 39.97 11.97 25.40
CA LYS B 531 40.88 12.02 24.26
C LYS B 531 42.27 12.45 24.70
N LYS B 532 42.47 12.61 26.01
CA LYS B 532 43.75 13.05 26.55
C LYS B 532 44.27 12.20 27.71
N LEU B 533 44.32 10.88 27.52
CA LEU B 533 44.80 10.00 28.58
C LEU B 533 46.04 9.19 28.16
N SER B 534 46.75 8.66 29.16
CA SER B 534 47.95 7.86 28.93
C SER B 534 47.60 6.43 28.54
N ALA B 535 48.45 5.81 27.73
CA ALA B 535 48.24 4.43 27.26
C ALA B 535 47.82 3.41 28.32
N LYS B 536 48.73 3.09 29.25
CA LYS B 536 48.42 2.12 30.31
C LYS B 536 47.10 2.39 31.04
N SER B 537 46.83 3.66 31.34
CA SER B 537 45.59 4.04 32.02
C SER B 537 44.42 4.14 31.02
N LEU B 538 44.75 4.20 29.72
CA LEU B 538 43.74 4.27 28.66
C LEU B 538 43.47 2.85 28.18
N ASN B 539 44.09 1.89 28.85
CA ASN B 539 43.93 0.48 28.52
C ASN B 539 43.05 -0.23 29.56
N GLU B 540 42.91 0.39 30.72
CA GLU B 540 42.07 -0.16 31.78
C GLU B 540 40.70 0.50 31.72
N MET B 541 40.51 1.31 30.69
CA MET B 541 39.26 2.03 30.45
C MET B 541 38.78 1.69 29.05
N LEU B 542 39.71 1.31 28.19
CA LEU B 542 39.43 0.93 26.82
C LEU B 542 38.60 -0.35 26.92
N PHE B 543 38.97 -1.18 27.90
CA PHE B 543 38.33 -2.45 28.18
C PHE B 543 37.16 -2.27 29.15
N ARG B 544 37.43 -1.63 30.29
CA ARG B 544 36.40 -1.39 31.28
C ARG B 544 35.21 -0.65 30.67
N ALA B 545 35.41 -0.08 29.48
CA ALA B 545 34.34 0.63 28.79
C ALA B 545 33.35 -0.40 28.26
N GLN B 546 33.82 -1.64 28.14
CA GLN B 546 32.99 -2.74 27.65
C GLN B 546 32.82 -3.81 28.72
N ARG B 547 33.61 -3.73 29.78
CA ARG B 547 33.52 -4.68 30.87
C ARG B 547 32.21 -4.46 31.59
N THR B 548 31.61 -3.29 31.37
CA THR B 548 30.33 -2.95 31.97
C THR B 548 29.26 -3.37 30.99
N GLU B 549 29.69 -3.53 29.74
CA GLU B 549 28.81 -3.94 28.65
C GLU B 549 28.35 -5.39 28.84
N VAL B 550 29.27 -6.25 29.26
CA VAL B 550 28.96 -7.66 29.47
C VAL B 550 28.21 -7.86 30.78
N ALA B 551 28.27 -6.86 31.65
CA ALA B 551 27.60 -6.91 32.94
C ALA B 551 26.11 -6.62 32.74
N GLY B 552 25.81 -5.90 31.68
CA GLY B 552 24.43 -5.57 31.37
C GLY B 552 23.78 -6.59 30.45
N MET B 553 24.63 -7.36 29.74
CA MET B 553 24.12 -8.40 28.86
C MET B 553 23.71 -9.59 29.71
N THR B 554 24.60 -10.03 30.60
CA THR B 554 24.26 -11.15 31.47
C THR B 554 23.07 -10.74 32.35
N ALA B 555 22.91 -9.44 32.56
CA ALA B 555 21.81 -8.92 33.37
C ALA B 555 20.49 -9.04 32.64
N GLN B 556 20.47 -8.62 31.37
CA GLN B 556 19.26 -8.68 30.58
C GLN B 556 18.93 -10.13 30.20
N ILE B 557 19.95 -10.96 30.02
CA ILE B 557 19.71 -12.36 29.67
C ILE B 557 18.97 -13.04 30.82
N ASN B 558 19.38 -12.75 32.05
CA ASN B 558 18.72 -13.33 33.21
C ASN B 558 17.30 -12.85 33.30
N ARG B 559 17.12 -11.53 33.21
CA ARG B 559 15.80 -10.92 33.25
C ARG B 559 14.86 -11.58 32.23
N LYS B 560 15.41 -11.93 31.07
CA LYS B 560 14.65 -12.62 30.03
C LYS B 560 14.29 -13.96 30.63
N LEU B 561 15.32 -14.81 30.75
CA LEU B 561 15.19 -16.15 31.31
C LEU B 561 14.15 -16.29 32.40
N LEU B 562 14.05 -15.29 33.28
CA LEU B 562 13.05 -15.30 34.36
C LEU B 562 11.67 -15.24 33.75
N ILE B 563 11.39 -14.13 33.08
CA ILE B 563 10.12 -13.90 32.42
C ILE B 563 9.66 -15.13 31.67
N ASN B 564 10.62 -15.84 31.10
CA ASN B 564 10.33 -17.02 30.30
C ASN B 564 10.23 -18.34 31.08
N SER B 565 9.99 -18.24 32.38
CA SER B 565 9.84 -19.43 33.20
C SER B 565 8.80 -19.15 34.26
N LEU B 566 8.43 -17.88 34.41
CA LEU B 566 7.41 -17.53 35.39
C LEU B 566 6.20 -18.39 35.15
N TYR B 567 5.69 -18.39 33.92
CA TYR B 567 4.51 -19.18 33.63
C TYR B 567 4.69 -20.63 34.02
N GLY B 568 5.77 -21.23 33.54
CA GLY B 568 6.07 -22.62 33.88
C GLY B 568 5.86 -22.93 35.34
N ALA B 569 6.36 -22.03 36.20
CA ALA B 569 6.21 -22.20 37.63
C ALA B 569 4.76 -21.95 37.98
N LEU B 570 4.20 -20.86 37.46
CA LEU B 570 2.80 -20.50 37.69
C LEU B 570 1.82 -21.63 37.39
N GLY B 571 2.18 -22.46 36.43
CA GLY B 571 1.34 -23.57 36.08
C GLY B 571 1.71 -24.83 36.84
N ASN B 572 2.71 -24.72 37.72
CA ASN B 572 3.17 -25.87 38.51
C ASN B 572 2.58 -25.92 39.91
N VAL B 573 1.90 -27.02 40.22
CA VAL B 573 1.25 -27.26 41.50
C VAL B 573 2.08 -27.03 42.78
N TRP B 574 3.38 -27.18 42.67
CA TRP B 574 4.26 -27.01 43.82
C TRP B 574 4.62 -25.57 44.08
N PHE B 575 4.19 -24.68 43.20
CA PHE B 575 4.48 -23.25 43.33
C PHE B 575 3.60 -22.66 44.42
N ARG B 576 4.18 -21.78 45.22
CA ARG B 576 3.45 -21.17 46.31
C ARG B 576 2.28 -20.31 45.90
N TYR B 577 2.29 -19.87 44.65
CA TYR B 577 1.22 -18.99 44.16
C TYR B 577 0.38 -19.64 43.08
N TYR B 578 0.50 -20.95 42.93
CA TYR B 578 -0.28 -21.66 41.93
C TYR B 578 -1.74 -21.64 42.25
N ASP B 579 -2.55 -21.55 41.20
CA ASP B 579 -3.99 -21.58 41.31
C ASP B 579 -4.55 -21.98 39.95
N LEU B 580 -5.15 -23.16 39.89
CA LEU B 580 -5.71 -23.66 38.65
C LEU B 580 -6.58 -22.63 37.93
N ARG B 581 -7.44 -21.93 38.68
CA ARG B 581 -8.29 -20.91 38.09
C ARG B 581 -7.46 -19.88 37.33
N ASN B 582 -6.40 -19.38 37.95
CA ASN B 582 -5.55 -18.37 37.31
C ASN B 582 -4.72 -18.94 36.16
N ALA B 583 -4.27 -20.17 36.28
CA ALA B 583 -3.48 -20.77 35.22
C ALA B 583 -4.36 -20.84 34.00
N THR B 584 -5.61 -21.27 34.21
CA THR B 584 -6.54 -21.36 33.10
C THR B 584 -6.91 -19.99 32.57
N ALA B 585 -7.16 -19.05 33.47
CA ALA B 585 -7.49 -17.70 33.09
C ALA B 585 -6.47 -17.21 32.07
N ILE B 586 -5.21 -17.33 32.43
CA ILE B 586 -4.12 -16.92 31.57
C ILE B 586 -4.18 -17.53 30.17
N THR B 587 -4.12 -18.86 30.08
CA THR B 587 -4.13 -19.53 28.78
C THR B 587 -5.40 -19.29 27.98
N THR B 588 -6.54 -19.30 28.65
CA THR B 588 -7.79 -19.09 27.98
C THR B 588 -7.81 -17.70 27.34
N PHE B 589 -7.54 -16.68 28.14
CA PHE B 589 -7.52 -15.33 27.61
C PHE B 589 -6.61 -15.27 26.39
N GLY B 590 -5.45 -15.91 26.47
CA GLY B 590 -4.56 -15.92 25.33
C GLY B 590 -5.24 -16.48 24.09
N GLN B 591 -5.86 -17.64 24.27
CA GLN B 591 -6.55 -18.32 23.19
C GLN B 591 -7.51 -17.36 22.49
N MET B 592 -8.22 -16.55 23.27
CA MET B 592 -9.17 -15.59 22.71
C MET B 592 -8.41 -14.50 21.96
N ALA B 593 -7.45 -13.90 22.62
CA ALA B 593 -6.65 -12.85 22.03
C ALA B 593 -6.18 -13.20 20.61
N LEU B 594 -5.57 -14.36 20.46
CA LEU B 594 -5.05 -14.74 19.15
C LEU B 594 -6.12 -14.91 18.11
N GLN B 595 -7.25 -15.50 18.48
CA GLN B 595 -8.32 -15.70 17.54
C GLN B 595 -9.09 -14.41 17.28
N TRP B 596 -9.13 -13.55 18.28
CA TRP B 596 -9.83 -12.28 18.15
C TRP B 596 -9.13 -11.44 17.10
N ILE B 597 -7.83 -11.20 17.23
CA ILE B 597 -7.19 -10.40 16.19
C ILE B 597 -7.10 -11.15 14.88
N GLU B 598 -7.22 -12.47 14.92
CA GLU B 598 -7.20 -13.22 13.68
C GLU B 598 -8.42 -12.69 12.94
N ARG B 599 -9.53 -12.65 13.66
CA ARG B 599 -10.79 -12.15 13.13
C ARG B 599 -10.65 -10.72 12.69
N LYS B 600 -10.08 -9.88 13.55
CA LYS B 600 -9.92 -8.48 13.19
C LYS B 600 -9.02 -8.32 11.97
N VAL B 601 -7.85 -8.95 11.95
CA VAL B 601 -6.97 -8.82 10.79
C VAL B 601 -7.73 -9.15 9.50
N ASN B 602 -8.38 -10.32 9.50
CA ASN B 602 -9.14 -10.76 8.33
C ASN B 602 -10.19 -9.74 7.93
N GLU B 603 -10.87 -9.13 8.90
CA GLU B 603 -11.87 -8.12 8.58
C GLU B 603 -11.22 -6.87 7.99
N TYR B 604 -10.04 -6.50 8.49
CA TYR B 604 -9.35 -5.33 7.96
C TYR B 604 -8.90 -5.55 6.53
N LEU B 605 -8.01 -6.50 6.32
CA LEU B 605 -7.50 -6.78 4.99
C LEU B 605 -8.59 -6.98 3.94
N ASN B 606 -9.66 -7.68 4.32
CA ASN B 606 -10.76 -7.92 3.40
C ASN B 606 -11.37 -6.64 2.90
N GLU B 607 -11.65 -5.74 3.83
CA GLU B 607 -12.26 -4.50 3.45
C GLU B 607 -11.27 -3.56 2.74
N VAL B 608 -9.99 -3.61 3.10
CA VAL B 608 -8.98 -2.77 2.45
C VAL B 608 -8.63 -3.31 1.06
N CYS B 609 -8.91 -4.59 0.83
CA CYS B 609 -8.65 -5.20 -0.46
C CYS B 609 -9.93 -5.32 -1.27
N GLY B 610 -11.03 -4.90 -0.65
CA GLY B 610 -12.33 -4.93 -1.30
C GLY B 610 -12.87 -6.30 -1.63
N THR B 611 -12.58 -7.27 -0.77
CA THR B 611 -13.04 -8.63 -0.97
C THR B 611 -14.08 -8.99 0.09
N GLU B 612 -14.49 -10.26 0.12
CA GLU B 612 -15.52 -10.72 1.05
C GLU B 612 -15.18 -12.08 1.67
N GLY B 613 -15.11 -12.15 2.99
CA GLY B 613 -14.81 -13.41 3.65
C GLY B 613 -13.50 -14.09 3.27
N GLU B 614 -12.59 -13.35 2.66
CA GLU B 614 -11.30 -13.90 2.26
C GLU B 614 -10.45 -14.16 3.51
N ALA B 615 -9.92 -15.38 3.62
CA ALA B 615 -9.07 -15.76 4.76
C ALA B 615 -7.62 -15.35 4.52
N PHE B 616 -7.18 -14.26 5.16
CA PHE B 616 -5.81 -13.79 4.99
C PHE B 616 -4.86 -14.40 6.00
N VAL B 617 -5.38 -14.78 7.16
CA VAL B 617 -4.57 -15.39 8.19
C VAL B 617 -4.58 -16.87 7.90
N LEU B 618 -3.46 -17.40 7.41
CA LEU B 618 -3.43 -18.81 7.07
C LEU B 618 -3.07 -19.71 8.23
N TYR B 619 -2.44 -19.16 9.25
CA TYR B 619 -2.04 -19.98 10.39
C TYR B 619 -1.71 -19.17 11.64
N GLY B 620 -2.19 -19.65 12.78
CA GLY B 620 -1.93 -18.98 14.02
C GLY B 620 -1.32 -20.00 14.96
N ASP B 621 -0.74 -19.55 16.07
CA ASP B 621 -0.13 -20.49 16.98
C ASP B 621 0.34 -19.83 18.26
N THR B 622 -0.47 -19.91 19.30
CA THR B 622 -0.12 -19.36 20.59
C THR B 622 0.00 -17.85 20.65
N ASP B 623 0.96 -17.29 19.92
CA ASP B 623 1.17 -15.86 19.93
C ASP B 623 1.61 -15.26 18.59
N SER B 624 1.48 -16.04 17.52
CA SER B 624 1.87 -15.58 16.21
C SER B 624 0.78 -15.87 15.20
N ILE B 625 0.65 -14.99 14.20
CA ILE B 625 -0.31 -15.19 13.12
C ILE B 625 0.45 -14.94 11.83
N TYR B 626 0.14 -15.73 10.81
CA TYR B 626 0.81 -15.55 9.55
C TYR B 626 -0.22 -15.17 8.52
N VAL B 627 0.06 -14.07 7.83
CA VAL B 627 -0.87 -13.57 6.83
C VAL B 627 -0.35 -13.76 5.41
N SER B 628 -1.26 -14.01 4.50
CA SER B 628 -0.92 -14.22 3.11
C SER B 628 -0.99 -12.87 2.43
N ALA B 629 0.15 -12.38 1.96
CA ALA B 629 0.22 -11.09 1.31
C ALA B 629 -0.14 -11.12 -0.16
N ASP B 630 -0.37 -12.32 -0.71
CA ASP B 630 -0.72 -12.45 -2.13
C ASP B 630 -1.71 -11.36 -2.58
N LYS B 631 -2.87 -11.31 -1.94
CA LYS B 631 -3.91 -10.35 -2.26
C LYS B 631 -3.40 -8.91 -2.23
N ILE B 632 -2.45 -8.63 -1.36
CA ILE B 632 -1.88 -7.30 -1.24
C ILE B 632 -0.97 -6.99 -2.40
N ILE B 633 -0.06 -7.91 -2.66
CA ILE B 633 0.90 -7.76 -3.75
C ILE B 633 0.17 -7.56 -5.07
N ASP B 634 -0.97 -8.21 -5.21
CA ASP B 634 -1.77 -8.12 -6.44
C ASP B 634 -2.45 -6.76 -6.58
N LYS B 635 -2.81 -6.14 -5.46
CA LYS B 635 -3.47 -4.84 -5.48
C LYS B 635 -2.58 -3.81 -6.14
N VAL B 636 -1.36 -4.22 -6.44
CA VAL B 636 -0.37 -3.37 -7.10
C VAL B 636 0.17 -4.07 -8.35
N GLY B 637 0.34 -5.39 -8.27
CA GLY B 637 0.86 -6.15 -9.39
C GLY B 637 2.36 -6.29 -9.32
N GLU B 638 2.85 -7.53 -9.31
CA GLU B 638 4.29 -7.81 -9.22
C GLU B 638 5.07 -7.07 -10.29
N SER B 639 4.39 -6.70 -11.36
CA SER B 639 5.01 -6.00 -12.46
C SER B 639 5.49 -4.61 -12.05
N LYS B 640 4.76 -3.97 -11.15
CA LYS B 640 5.13 -2.64 -10.71
C LYS B 640 6.31 -2.57 -9.73
N PHE B 641 6.97 -3.70 -9.50
CA PHE B 641 8.10 -3.74 -8.56
C PHE B 641 9.44 -3.84 -9.26
N ARG B 642 10.36 -2.92 -8.95
CA ARG B 642 11.69 -2.90 -9.55
C ARG B 642 12.41 -4.23 -9.36
N ASP B 643 12.55 -4.64 -8.11
CA ASP B 643 13.21 -5.89 -7.78
C ASP B 643 12.58 -6.52 -6.54
N THR B 644 13.20 -7.58 -6.05
CA THR B 644 12.66 -8.26 -4.88
C THR B 644 12.60 -7.33 -3.67
N ASN B 645 13.72 -6.70 -3.35
CA ASN B 645 13.79 -5.81 -2.20
C ASN B 645 12.73 -4.71 -2.28
N HIS B 646 12.19 -4.49 -3.46
CA HIS B 646 11.17 -3.46 -3.66
C HIS B 646 9.82 -3.82 -3.05
N TRP B 647 9.37 -5.07 -3.21
CA TRP B 647 8.09 -5.46 -2.63
C TRP B 647 8.26 -5.76 -1.16
N VAL B 648 9.49 -6.08 -0.77
CA VAL B 648 9.79 -6.35 0.62
C VAL B 648 9.49 -5.08 1.41
N ASP B 649 10.03 -3.94 1.00
CA ASP B 649 9.72 -2.74 1.76
C ASP B 649 8.28 -2.24 1.54
N PHE B 650 7.67 -2.55 0.40
CA PHE B 650 6.29 -2.16 0.18
C PHE B 650 5.47 -2.80 1.29
N LEU B 651 5.73 -4.08 1.51
CA LEU B 651 5.02 -4.83 2.55
C LEU B 651 5.39 -4.31 3.91
N ASP B 652 6.68 -4.03 4.09
CA ASP B 652 7.18 -3.52 5.36
C ASP B 652 6.43 -2.25 5.75
N LYS B 653 6.26 -1.37 4.78
CA LYS B 653 5.58 -0.11 5.01
C LYS B 653 4.08 -0.34 5.21
N PHE B 654 3.52 -1.22 4.40
CA PHE B 654 2.10 -1.51 4.51
C PHE B 654 1.72 -2.10 5.87
N ALA B 655 2.59 -2.95 6.39
CA ALA B 655 2.36 -3.59 7.67
C ALA B 655 2.41 -2.54 8.77
N ARG B 656 3.52 -1.82 8.77
CA ARG B 656 3.80 -0.77 9.74
C ARG B 656 2.74 0.34 9.77
N GLU B 657 2.51 0.96 8.61
CA GLU B 657 1.57 2.06 8.51
C GLU B 657 0.08 1.75 8.42
N ARG B 658 -0.27 0.58 7.88
CA ARG B 658 -1.68 0.23 7.75
C ARG B 658 -2.16 -0.86 8.72
N MET B 659 -1.39 -1.94 8.81
CA MET B 659 -1.75 -3.04 9.68
C MET B 659 -1.56 -2.83 11.18
N GLU B 660 -0.35 -2.49 11.57
CA GLU B 660 -0.06 -2.27 12.98
C GLU B 660 -1.23 -1.49 13.62
N PRO B 661 -1.54 -0.30 13.07
CA PRO B 661 -2.63 0.55 13.58
C PRO B 661 -3.97 -0.19 13.73
N ALA B 662 -4.33 -0.93 12.68
CA ALA B 662 -5.57 -1.68 12.67
C ALA B 662 -5.60 -2.66 13.84
N ILE B 663 -4.49 -3.35 14.03
CA ILE B 663 -4.37 -4.33 15.10
C ILE B 663 -4.48 -3.72 16.49
N ASP B 664 -3.75 -2.63 16.74
CA ASP B 664 -3.79 -2.00 18.06
C ASP B 664 -5.21 -1.54 18.32
N ARG B 665 -5.85 -0.98 17.31
CA ARG B 665 -7.22 -0.52 17.46
C ARG B 665 -8.06 -1.69 17.91
N GLY B 666 -7.91 -2.81 17.20
CA GLY B 666 -8.66 -4.01 17.51
C GLY B 666 -8.45 -4.54 18.93
N PHE B 667 -7.21 -4.54 19.40
CA PHE B 667 -6.95 -5.04 20.75
C PHE B 667 -7.50 -4.11 21.82
N ARG B 668 -7.38 -2.82 21.59
CA ARG B 668 -7.88 -1.86 22.53
C ARG B 668 -9.35 -2.15 22.74
N GLU B 669 -10.03 -2.52 21.66
CA GLU B 669 -11.44 -2.85 21.73
C GLU B 669 -11.64 -4.04 22.63
N MET B 670 -10.78 -5.04 22.46
CA MET B 670 -10.85 -6.25 23.25
C MET B 670 -10.62 -5.95 24.72
N CYS B 671 -9.64 -5.10 24.99
CA CYS B 671 -9.31 -4.74 26.35
C CYS B 671 -10.52 -4.15 27.06
N GLU B 672 -11.28 -3.31 26.34
CA GLU B 672 -12.47 -2.71 26.93
C GLU B 672 -13.57 -3.74 27.11
N TYR B 673 -13.68 -4.62 26.12
CA TYR B 673 -14.68 -5.68 26.14
C TYR B 673 -14.53 -6.50 27.41
N MET B 674 -13.29 -6.81 27.75
CA MET B 674 -12.98 -7.58 28.97
C MET B 674 -12.81 -6.68 30.18
N ASN B 675 -12.80 -5.37 29.95
CA ASN B 675 -12.69 -4.40 31.03
C ASN B 675 -11.43 -4.70 31.84
N ASN B 676 -10.32 -4.86 31.13
CA ASN B 676 -9.03 -5.17 31.76
C ASN B 676 -8.38 -3.97 32.43
N LYS B 677 -7.50 -4.25 33.38
CA LYS B 677 -6.82 -3.20 34.10
C LYS B 677 -5.89 -2.37 33.23
N GLN B 678 -5.35 -2.97 32.17
CA GLN B 678 -4.41 -2.24 31.31
C GLN B 678 -4.09 -2.90 29.96
N HIS B 679 -4.22 -2.13 28.88
CA HIS B 679 -3.95 -2.63 27.54
C HIS B 679 -2.46 -2.92 27.32
N LEU B 680 -2.14 -4.21 27.20
CA LEU B 680 -0.76 -4.63 27.00
C LEU B 680 -0.60 -5.62 25.85
N MET B 681 -1.63 -5.73 25.01
CA MET B 681 -1.58 -6.64 23.87
C MET B 681 -0.87 -5.97 22.71
N PHE B 682 0.42 -6.18 22.59
CA PHE B 682 1.16 -5.56 21.50
C PHE B 682 1.64 -6.58 20.49
N MET B 683 1.43 -6.27 19.22
CA MET B 683 1.80 -7.18 18.15
C MET B 683 2.66 -6.46 17.11
N ASP B 684 3.75 -7.07 16.68
CA ASP B 684 4.58 -6.41 15.69
C ASP B 684 4.99 -7.32 14.54
N ARG B 685 5.03 -6.76 13.34
CA ARG B 685 5.37 -7.54 12.17
C ARG B 685 6.71 -8.21 12.42
N GLU B 686 6.77 -9.50 12.14
CA GLU B 686 7.97 -10.28 12.38
C GLU B 686 8.77 -10.56 11.13
N ALA B 687 8.20 -11.38 10.27
CA ALA B 687 8.90 -11.74 9.06
C ALA B 687 8.18 -11.38 7.77
N ILE B 688 8.95 -11.28 6.69
CA ILE B 688 8.43 -11.02 5.37
C ILE B 688 9.10 -12.08 4.50
N ALA B 689 8.27 -12.92 3.88
CA ALA B 689 8.78 -13.97 3.02
C ALA B 689 8.05 -14.02 1.69
N GLY B 690 8.76 -14.54 0.70
CA GLY B 690 8.20 -14.64 -0.63
C GLY B 690 9.33 -15.13 -1.51
N PRO B 691 9.04 -15.38 -2.77
CA PRO B 691 10.08 -15.86 -3.66
C PRO B 691 10.82 -14.70 -4.31
N PRO B 692 12.06 -14.93 -4.75
CA PRO B 692 12.81 -13.84 -5.39
C PRO B 692 11.97 -13.31 -6.56
N LEU B 693 11.86 -11.99 -6.68
CA LEU B 693 11.07 -11.42 -7.77
C LEU B 693 11.55 -11.96 -9.10
N GLY B 694 10.62 -12.50 -9.88
CA GLY B 694 11.00 -13.03 -11.17
C GLY B 694 11.54 -14.45 -11.18
N SER B 695 11.36 -15.19 -10.10
CA SER B 695 11.80 -16.57 -10.11
C SER B 695 10.60 -17.50 -10.06
N LYS B 696 10.89 -18.80 -10.13
CA LYS B 696 9.88 -19.83 -10.13
C LYS B 696 9.71 -20.43 -8.73
N GLY B 697 10.29 -19.76 -7.74
CA GLY B 697 10.16 -20.24 -6.37
C GLY B 697 8.74 -20.04 -5.84
N ILE B 698 8.35 -20.90 -4.89
CA ILE B 698 7.01 -20.83 -4.32
C ILE B 698 6.93 -19.93 -3.08
N GLY B 699 8.08 -19.51 -2.58
CA GLY B 699 8.10 -18.65 -1.41
C GLY B 699 7.93 -19.36 -0.08
N GLY B 700 7.07 -20.36 -0.02
CA GLY B 700 6.87 -21.07 1.24
C GLY B 700 5.73 -22.08 1.25
N PHE B 701 5.72 -22.96 2.24
CA PHE B 701 4.67 -23.97 2.35
C PHE B 701 4.38 -24.42 3.76
N TRP B 702 3.27 -25.12 3.92
CA TRP B 702 2.84 -25.65 5.21
C TRP B 702 2.36 -27.07 5.04
N THR B 703 2.87 -28.02 5.83
CA THR B 703 2.39 -29.38 5.71
C THR B 703 1.30 -29.61 6.75
N GLY B 704 1.35 -28.85 7.83
CA GLY B 704 0.35 -28.98 8.88
C GLY B 704 0.73 -28.12 10.06
N LYS B 705 0.00 -28.24 11.16
CA LYS B 705 0.33 -27.44 12.33
C LYS B 705 1.79 -27.59 12.69
N LYS B 706 2.42 -26.46 12.98
CA LYS B 706 3.82 -26.45 13.38
C LYS B 706 4.77 -27.10 12.37
N ARG B 707 4.44 -27.07 11.09
CA ARG B 707 5.35 -27.63 10.08
C ARG B 707 5.34 -26.74 8.84
N TYR B 708 6.35 -25.89 8.71
CA TYR B 708 6.44 -25.01 7.56
C TYR B 708 7.85 -24.52 7.21
N ALA B 709 7.96 -23.81 6.09
CA ALA B 709 9.21 -23.27 5.62
C ALA B 709 8.93 -22.01 4.83
N LEU B 710 9.70 -20.97 5.11
CA LEU B 710 9.53 -19.67 4.44
C LEU B 710 10.87 -19.11 3.99
N ASN B 711 10.89 -18.43 2.85
CA ASN B 711 12.12 -17.80 2.37
C ASN B 711 11.96 -16.37 2.88
N VAL B 712 12.64 -16.07 3.98
CA VAL B 712 12.56 -14.76 4.63
C VAL B 712 13.58 -13.72 4.15
N TRP B 713 13.11 -12.50 3.96
CA TRP B 713 13.94 -11.39 3.50
C TRP B 713 14.19 -10.36 4.60
N ASP B 714 13.16 -10.05 5.37
CA ASP B 714 13.27 -9.07 6.46
C ASP B 714 12.66 -9.65 7.73
N MET B 715 13.42 -9.61 8.82
CA MET B 715 12.93 -10.09 10.09
C MET B 715 13.01 -8.95 11.09
N GLU B 716 11.86 -8.46 11.52
CA GLU B 716 11.76 -7.34 12.46
C GLU B 716 12.59 -6.12 12.05
N GLY B 717 12.41 -5.63 10.83
CA GLY B 717 13.18 -4.48 10.41
C GLY B 717 14.54 -4.82 9.82
N THR B 718 15.15 -5.92 10.26
CA THR B 718 16.46 -6.32 9.73
C THR B 718 16.38 -7.01 8.36
N ARG B 719 16.87 -6.33 7.33
CA ARG B 719 16.85 -6.85 5.98
C ARG B 719 18.13 -7.67 5.70
N TYR B 720 17.96 -8.96 5.43
CA TYR B 720 19.09 -9.85 5.14
C TYR B 720 19.74 -9.55 3.80
N ALA B 721 21.03 -9.84 3.69
CA ALA B 721 21.77 -9.64 2.45
C ALA B 721 21.29 -10.74 1.51
N GLU B 722 21.33 -11.95 2.05
CA GLU B 722 20.91 -13.15 1.34
C GLU B 722 19.68 -13.65 2.11
N PRO B 723 18.63 -14.09 1.39
CA PRO B 723 17.43 -14.58 2.06
C PRO B 723 17.73 -15.80 2.94
N LYS B 724 17.07 -15.84 4.10
CA LYS B 724 17.25 -16.93 5.07
C LYS B 724 16.04 -17.85 5.14
N LEU B 725 16.28 -19.16 5.10
CA LEU B 725 15.18 -20.10 5.17
C LEU B 725 14.75 -20.26 6.61
N LYS B 726 13.45 -20.14 6.85
CA LYS B 726 12.91 -20.32 8.19
C LYS B 726 12.15 -21.64 8.14
N ILE B 727 12.76 -22.71 8.63
CA ILE B 727 12.11 -23.99 8.61
C ILE B 727 11.76 -24.42 10.03
N MET B 728 10.49 -24.77 10.22
CA MET B 728 9.95 -25.16 11.51
C MET B 728 9.23 -26.52 11.49
N GLY B 729 9.67 -27.45 12.32
CA GLY B 729 9.01 -28.73 12.40
C GLY B 729 9.33 -29.71 11.29
N LEU B 730 9.73 -29.18 10.14
CA LEU B 730 10.05 -30.10 9.08
C LEU B 730 11.19 -30.92 9.63
N GLU B 731 11.40 -32.10 9.07
CA GLU B 731 12.45 -32.99 9.56
C GLU B 731 13.87 -32.39 9.62
N THR B 732 14.10 -31.37 8.81
CA THR B 732 15.40 -30.72 8.77
C THR B 732 15.72 -30.16 10.13
N GLN B 733 14.68 -30.01 10.95
CA GLN B 733 14.79 -29.46 12.30
C GLN B 733 14.94 -30.52 13.38
N LYS B 734 14.68 -31.78 13.02
CA LYS B 734 14.79 -32.90 13.95
C LYS B 734 16.20 -33.47 14.04
N SER B 735 16.72 -33.60 15.26
CA SER B 735 18.06 -34.15 15.44
C SER B 735 18.05 -35.67 15.14
N SER B 736 16.87 -36.26 15.14
CA SER B 736 16.72 -37.67 14.85
C SER B 736 17.00 -37.91 13.36
N THR B 737 17.12 -36.83 12.59
CA THR B 737 17.38 -36.93 11.15
C THR B 737 18.87 -36.91 10.80
N PRO B 738 19.32 -37.82 9.91
CA PRO B 738 20.73 -37.92 9.48
C PRO B 738 21.29 -36.56 9.03
N LYS B 739 22.47 -36.19 9.55
CA LYS B 739 23.12 -34.94 9.18
C LYS B 739 23.00 -34.74 7.66
N ALA B 740 23.67 -35.61 6.92
CA ALA B 740 23.67 -35.55 5.47
C ALA B 740 22.27 -35.31 4.90
N VAL B 741 21.27 -35.95 5.50
CA VAL B 741 19.93 -35.80 4.99
C VAL B 741 19.32 -34.47 5.38
N GLN B 742 19.63 -33.98 6.59
CA GLN B 742 19.10 -32.68 7.02
C GLN B 742 19.58 -31.69 5.96
N LYS B 743 20.83 -31.84 5.56
CA LYS B 743 21.42 -30.97 4.55
C LYS B 743 20.60 -31.05 3.26
N ALA B 744 20.54 -32.25 2.67
CA ALA B 744 19.82 -32.46 1.43
C ALA B 744 18.40 -31.87 1.47
N LEU B 745 17.64 -32.23 2.50
CA LEU B 745 16.29 -31.74 2.65
C LEU B 745 16.26 -30.23 2.76
N LYS B 746 17.27 -29.64 3.41
CA LYS B 746 17.30 -28.20 3.54
C LYS B 746 17.53 -27.62 2.17
N GLU B 747 18.38 -28.30 1.39
CA GLU B 747 18.70 -27.87 0.03
C GLU B 747 17.43 -27.89 -0.83
N CYS B 748 16.70 -29.00 -0.76
CA CYS B 748 15.45 -29.14 -1.52
C CYS B 748 14.51 -28.02 -1.18
N ILE B 749 14.32 -27.78 0.12
CA ILE B 749 13.45 -26.73 0.56
C ILE B 749 13.93 -25.42 -0.04
N ARG B 750 15.23 -25.18 0.06
CA ARG B 750 15.81 -23.96 -0.48
C ARG B 750 15.39 -23.81 -1.95
N ARG B 751 15.75 -24.81 -2.75
CA ARG B 751 15.45 -24.80 -4.17
C ARG B 751 13.96 -24.66 -4.43
N MET B 752 13.14 -25.22 -3.55
CA MET B 752 11.70 -25.13 -3.75
C MET B 752 11.24 -23.70 -3.64
N LEU B 753 11.58 -23.09 -2.52
CA LEU B 753 11.19 -21.72 -2.24
C LEU B 753 11.85 -20.66 -3.11
N GLN B 754 13.11 -20.90 -3.49
CA GLN B 754 13.88 -19.94 -4.28
C GLN B 754 14.06 -20.12 -5.78
N GLU B 755 14.32 -21.34 -6.23
CA GLU B 755 14.52 -21.59 -7.66
C GLU B 755 13.35 -22.24 -8.41
N GLY B 756 12.56 -23.06 -7.72
CA GLY B 756 11.44 -23.69 -8.39
C GLY B 756 11.53 -25.19 -8.65
N GLU B 757 10.46 -25.71 -9.22
CA GLU B 757 10.34 -27.13 -9.54
C GLU B 757 11.53 -27.76 -10.25
N GLU B 758 11.90 -27.24 -11.41
CA GLU B 758 13.01 -27.85 -12.15
C GLU B 758 14.29 -27.96 -11.31
N SER B 759 14.55 -26.93 -10.51
CA SER B 759 15.73 -26.92 -9.66
C SER B 759 15.67 -28.09 -8.69
N LEU B 760 14.50 -28.28 -8.08
CA LEU B 760 14.29 -29.37 -7.13
C LEU B 760 14.60 -30.70 -7.82
N GLN B 761 13.93 -30.89 -8.95
CA GLN B 761 14.09 -32.11 -9.73
C GLN B 761 15.55 -32.41 -9.99
N GLU B 762 16.32 -31.37 -10.32
CA GLU B 762 17.74 -31.54 -10.58
C GLU B 762 18.41 -32.13 -9.36
N TYR B 763 18.41 -31.34 -8.30
CA TYR B 763 19.03 -31.73 -7.05
C TYR B 763 18.58 -33.09 -6.53
N PHE B 764 17.31 -33.43 -6.72
CA PHE B 764 16.85 -34.72 -6.23
C PHE B 764 17.66 -35.82 -6.91
N LYS B 765 17.87 -35.63 -8.21
CA LYS B 765 18.61 -36.58 -9.02
C LYS B 765 20.05 -36.68 -8.52
N GLU B 766 20.73 -35.54 -8.35
CA GLU B 766 22.10 -35.63 -7.89
C GLU B 766 22.27 -36.27 -6.53
N PHE B 767 21.51 -35.78 -5.55
CA PHE B 767 21.64 -36.32 -4.20
C PHE B 767 21.44 -37.82 -4.19
N GLU B 768 20.47 -38.29 -4.97
CA GLU B 768 20.17 -39.73 -5.06
C GLU B 768 21.37 -40.46 -5.64
N LYS B 769 22.04 -39.80 -6.58
CA LYS B 769 23.19 -40.31 -7.29
C LYS B 769 24.42 -40.47 -6.42
N GLU B 770 24.52 -39.68 -5.36
CA GLU B 770 25.70 -39.77 -4.51
C GLU B 770 25.40 -40.27 -3.12
N PHE B 771 24.15 -40.62 -2.89
CA PHE B 771 23.76 -41.09 -1.58
C PHE B 771 24.61 -42.26 -1.07
N ARG B 772 24.86 -43.26 -1.93
CA ARG B 772 25.64 -44.44 -1.55
C ARG B 772 27.11 -44.16 -1.20
N GLN B 773 27.63 -43.02 -1.64
CA GLN B 773 29.02 -42.68 -1.35
C GLN B 773 29.16 -41.82 -0.09
N LEU B 774 28.03 -41.53 0.55
CA LEU B 774 28.02 -40.74 1.78
C LEU B 774 28.51 -41.57 2.96
N ASN B 775 29.12 -40.91 3.95
CA ASN B 775 29.62 -41.61 5.12
C ASN B 775 28.49 -42.23 5.92
N TYR B 776 28.71 -43.47 6.34
CA TYR B 776 27.69 -44.20 7.08
C TYR B 776 27.09 -43.48 8.28
N ILE B 777 27.89 -42.66 8.96
CA ILE B 777 27.38 -41.95 10.12
C ILE B 777 26.52 -40.75 9.72
N SER B 778 26.83 -40.11 8.60
CA SER B 778 26.08 -38.94 8.14
C SER B 778 24.66 -39.26 7.67
N ILE B 779 24.45 -40.50 7.29
CA ILE B 779 23.15 -40.93 6.81
C ILE B 779 22.38 -41.76 7.81
N ALA B 780 22.97 -41.99 8.98
CA ALA B 780 22.28 -42.77 10.01
C ALA B 780 21.32 -41.87 10.80
N SER B 781 20.21 -42.46 11.25
CA SER B 781 19.24 -41.73 12.05
C SER B 781 19.70 -41.74 13.49
N VAL B 782 19.21 -40.79 14.27
CA VAL B 782 19.57 -40.70 15.66
C VAL B 782 18.31 -40.93 16.49
N SER B 783 18.47 -41.46 17.71
CA SER B 783 17.31 -41.65 18.57
C SER B 783 17.63 -41.94 20.02
N SER B 784 16.71 -41.53 20.89
CA SER B 784 16.85 -41.74 22.31
C SER B 784 16.33 -43.12 22.66
N ALA B 785 17.17 -43.91 23.32
CA ALA B 785 16.81 -45.26 23.70
C ALA B 785 16.37 -45.31 25.16
N ASN B 786 15.08 -45.47 25.38
CA ASN B 786 14.54 -45.54 26.72
C ASN B 786 13.83 -46.85 26.94
N ASN B 787 14.01 -47.40 28.13
CA ASN B 787 13.40 -48.66 28.51
C ASN B 787 13.86 -49.79 27.59
N ILE B 788 15.16 -49.88 27.37
CA ILE B 788 15.72 -50.91 26.52
C ILE B 788 15.30 -52.27 27.08
N ALA B 789 15.55 -52.46 28.36
CA ALA B 789 15.20 -53.71 29.02
C ALA B 789 13.72 -54.05 28.84
N LYS B 790 12.85 -53.08 29.08
CA LYS B 790 11.42 -53.28 28.96
C LYS B 790 11.02 -54.12 27.73
N TYR B 791 11.79 -54.01 26.65
CA TYR B 791 11.50 -54.73 25.42
C TYR B 791 12.51 -55.85 25.13
N ASP B 792 13.34 -56.15 26.12
CA ASP B 792 14.36 -57.18 25.98
C ASP B 792 13.83 -58.52 26.49
N VAL B 793 13.79 -59.51 25.61
CA VAL B 793 13.31 -60.85 25.94
C VAL B 793 14.30 -61.89 25.41
N GLY B 794 15.40 -62.08 26.15
CA GLY B 794 16.41 -63.04 25.73
C GLY B 794 17.28 -62.43 24.65
N GLY B 795 17.44 -61.12 24.72
CA GLY B 795 18.25 -60.41 23.74
C GLY B 795 17.48 -60.19 22.47
N PHE B 796 16.23 -60.66 22.45
CA PHE B 796 15.35 -60.53 21.29
C PHE B 796 14.20 -59.54 21.54
N PRO B 797 13.68 -58.95 20.47
CA PRO B 797 12.58 -57.98 20.56
C PRO B 797 11.31 -58.53 21.17
N GLY B 798 10.78 -57.81 22.18
CA GLY B 798 9.55 -58.22 22.83
C GLY B 798 8.35 -57.67 22.08
N PRO B 799 7.14 -57.65 22.68
CA PRO B 799 5.95 -57.14 22.01
C PRO B 799 5.95 -55.60 21.91
N LYS B 800 5.53 -55.08 20.76
CA LYS B 800 5.47 -53.65 20.50
C LYS B 800 6.84 -52.98 20.58
N CYS B 801 7.90 -53.75 20.42
CA CYS B 801 9.27 -53.24 20.51
C CYS B 801 9.62 -52.16 19.50
N PRO B 802 9.98 -50.97 20.00
CA PRO B 802 10.37 -49.82 19.19
C PRO B 802 11.49 -50.16 18.20
N PHE B 803 11.30 -49.73 16.94
CA PHE B 803 12.27 -49.96 15.87
C PHE B 803 13.73 -49.66 16.27
N HIS B 804 13.96 -48.54 16.95
CA HIS B 804 15.32 -48.20 17.37
C HIS B 804 15.76 -49.05 18.56
N ILE B 805 14.81 -49.52 19.36
CA ILE B 805 15.14 -50.36 20.51
C ILE B 805 15.45 -51.78 20.00
N ARG B 806 14.78 -52.16 18.92
CA ARG B 806 14.99 -53.46 18.28
C ARG B 806 16.41 -53.49 17.75
N GLY B 807 16.85 -52.35 17.23
CA GLY B 807 18.20 -52.25 16.72
C GLY B 807 19.23 -52.43 17.82
N ILE B 808 18.94 -51.86 18.99
CA ILE B 808 19.84 -51.96 20.14
C ILE B 808 20.06 -53.42 20.50
N LEU B 809 18.99 -54.20 20.50
CA LEU B 809 19.08 -55.62 20.82
C LEU B 809 19.94 -56.38 19.80
N THR B 810 19.79 -56.07 18.51
CA THR B 810 20.59 -56.71 17.47
C THR B 810 22.06 -56.47 17.74
N TYR B 811 22.36 -55.27 18.23
CA TYR B 811 23.73 -54.86 18.53
C TYR B 811 24.26 -55.57 19.77
N ASN B 812 23.41 -55.72 20.78
CA ASN B 812 23.81 -56.39 22.02
C ASN B 812 24.18 -57.85 21.73
N ARG B 813 23.37 -58.50 20.88
CA ARG B 813 23.61 -59.88 20.50
C ARG B 813 24.87 -59.93 19.66
N ALA B 814 25.09 -58.91 18.84
CA ALA B 814 26.27 -58.85 17.98
C ALA B 814 27.61 -58.69 18.71
N ILE B 815 27.60 -58.18 19.93
CA ILE B 815 28.84 -58.01 20.68
C ILE B 815 28.85 -58.77 21.99
N LYS B 816 27.75 -59.49 22.28
CA LYS B 816 27.62 -60.27 23.52
C LYS B 816 28.89 -61.06 23.81
N GLY B 817 29.47 -60.83 24.98
CA GLY B 817 30.69 -61.52 25.37
C GLY B 817 31.92 -60.84 24.79
N ASN B 818 31.99 -59.52 24.93
CA ASN B 818 33.10 -58.76 24.38
C ASN B 818 33.08 -57.38 25.05
N ILE B 819 33.58 -57.32 26.29
CA ILE B 819 33.59 -56.07 27.06
C ILE B 819 34.35 -54.89 26.45
N ASP B 820 35.20 -55.15 25.46
CA ASP B 820 35.93 -54.05 24.84
C ASP B 820 35.08 -53.36 23.76
N ALA B 821 33.79 -53.70 23.74
CA ALA B 821 32.85 -53.10 22.80
C ALA B 821 31.96 -52.13 23.60
N PRO B 822 31.90 -50.85 23.17
CA PRO B 822 31.08 -49.88 23.89
C PRO B 822 29.64 -50.36 24.03
N GLN B 823 29.13 -50.25 25.25
CA GLN B 823 27.77 -50.67 25.51
C GLN B 823 26.80 -49.53 25.27
N VAL B 824 25.58 -49.88 24.87
CA VAL B 824 24.53 -48.91 24.64
C VAL B 824 23.92 -48.62 26.01
N VAL B 825 24.03 -47.37 26.45
CA VAL B 825 23.52 -46.96 27.76
C VAL B 825 22.08 -46.47 27.72
N GLU B 826 21.30 -46.90 28.71
CA GLU B 826 19.90 -46.51 28.84
C GLU B 826 19.82 -45.00 28.94
N GLY B 827 18.79 -44.41 28.34
CA GLY B 827 18.62 -42.97 28.38
C GLY B 827 19.39 -42.22 27.29
N GLU B 828 20.58 -42.70 26.95
CA GLU B 828 21.39 -42.05 25.94
C GLU B 828 20.86 -42.30 24.53
N LYS B 829 21.40 -41.59 23.56
CA LYS B 829 20.94 -41.73 22.17
C LYS B 829 21.74 -42.72 21.36
N VAL B 830 21.15 -43.24 20.30
CA VAL B 830 21.84 -44.20 19.44
C VAL B 830 21.65 -43.90 17.95
N TYR B 831 22.62 -44.34 17.14
CA TYR B 831 22.55 -44.18 15.69
C TYR B 831 21.83 -45.45 15.25
N VAL B 832 21.02 -45.35 14.21
CA VAL B 832 20.30 -46.52 13.69
C VAL B 832 20.35 -46.57 12.17
N LEU B 833 20.65 -47.76 11.65
CA LEU B 833 20.71 -48.00 10.21
C LEU B 833 19.98 -49.31 9.95
N PRO B 834 19.24 -49.38 8.83
CA PRO B 834 18.52 -50.63 8.53
C PRO B 834 19.50 -51.64 7.89
N LEU B 835 19.13 -52.93 7.90
CA LEU B 835 20.00 -53.95 7.31
C LEU B 835 19.26 -54.82 6.29
N ARG B 836 19.86 -55.03 5.12
CA ARG B 836 19.24 -55.85 4.07
C ARG B 836 18.94 -57.26 4.57
N GLU B 837 17.78 -57.77 4.16
CA GLU B 837 17.33 -59.12 4.52
C GLU B 837 18.45 -60.15 4.32
N GLY B 838 18.52 -61.13 5.22
CA GLY B 838 19.54 -62.16 5.11
C GLY B 838 20.88 -61.66 5.63
N ASN B 839 20.83 -60.77 6.61
CA ASN B 839 22.05 -60.21 7.20
C ASN B 839 22.47 -61.01 8.45
N PRO B 840 23.79 -61.13 8.68
CA PRO B 840 24.43 -61.83 9.80
C PRO B 840 24.02 -61.34 11.18
N PHE B 841 23.20 -60.29 11.24
CA PHE B 841 22.76 -59.75 12.52
C PHE B 841 21.37 -60.24 12.93
N GLY B 842 20.80 -61.11 12.10
CA GLY B 842 19.50 -61.70 12.37
C GLY B 842 18.28 -60.81 12.45
N ASP B 843 18.46 -59.49 12.42
CA ASP B 843 17.29 -58.62 12.49
C ASP B 843 17.29 -57.66 11.32
N LYS B 844 16.29 -56.75 11.29
CA LYS B 844 16.16 -55.78 10.18
C LYS B 844 16.94 -54.49 10.34
N CYS B 845 17.50 -54.28 11.53
CA CYS B 845 18.29 -53.08 11.79
C CYS B 845 19.23 -53.28 12.98
N ILE B 846 20.20 -52.37 13.11
CA ILE B 846 21.16 -52.39 14.21
C ILE B 846 21.47 -50.95 14.63
N ALA B 847 21.51 -50.73 15.94
CA ALA B 847 21.77 -49.42 16.52
C ALA B 847 23.05 -49.46 17.35
N TRP B 848 23.70 -48.32 17.52
CA TRP B 848 24.91 -48.29 18.34
C TRP B 848 25.05 -46.90 18.91
N PRO B 849 25.82 -46.76 20.02
CA PRO B 849 26.05 -45.48 20.70
C PRO B 849 26.26 -44.31 19.73
N SER B 850 25.51 -43.23 19.92
CA SER B 850 25.65 -42.08 19.03
C SER B 850 26.91 -41.27 19.29
N GLY B 851 27.28 -40.48 18.28
CA GLY B 851 28.45 -39.63 18.38
C GLY B 851 29.74 -40.42 18.41
N THR B 852 29.64 -41.69 18.02
CA THR B 852 30.81 -42.58 18.01
C THR B 852 30.79 -43.50 16.80
N GLU B 853 31.97 -43.99 16.42
CA GLU B 853 32.07 -44.92 15.30
C GLU B 853 31.58 -46.26 15.82
N ILE B 854 31.11 -47.12 14.93
CA ILE B 854 30.64 -48.41 15.40
C ILE B 854 31.88 -49.30 15.60
N THR B 855 31.83 -50.14 16.64
CA THR B 855 32.94 -51.02 16.97
C THR B 855 33.41 -51.79 15.75
N ASP B 856 34.72 -51.99 15.67
CA ASP B 856 35.32 -52.71 14.55
C ASP B 856 34.98 -54.19 14.54
N LEU B 857 34.45 -54.70 15.66
CA LEU B 857 34.07 -56.10 15.77
C LEU B 857 32.99 -56.42 14.74
N ILE B 858 32.17 -55.43 14.42
CA ILE B 858 31.10 -55.62 13.45
C ILE B 858 31.02 -54.46 12.44
N LYS B 859 31.96 -53.53 12.52
CA LYS B 859 31.95 -52.36 11.62
C LYS B 859 31.85 -52.70 10.13
N ASP B 860 32.77 -53.52 9.63
CA ASP B 860 32.75 -53.85 8.21
C ASP B 860 31.60 -54.74 7.74
N ASP B 861 30.82 -55.26 8.69
CA ASP B 861 29.64 -56.09 8.40
C ASP B 861 28.45 -55.15 8.19
N VAL B 862 28.23 -54.29 9.20
CA VAL B 862 27.15 -53.30 9.18
C VAL B 862 27.27 -52.46 7.92
N LEU B 863 28.52 -52.12 7.57
CA LEU B 863 28.80 -51.29 6.40
C LEU B 863 28.44 -52.02 5.10
N HIS B 864 28.54 -53.34 5.11
CA HIS B 864 28.23 -54.13 3.92
C HIS B 864 26.77 -54.63 3.84
N TRP B 865 26.06 -54.62 4.96
CA TRP B 865 24.68 -55.07 4.95
C TRP B 865 23.64 -53.98 5.19
N MET B 866 24.09 -52.78 5.53
CA MET B 866 23.16 -51.69 5.77
C MET B 866 22.32 -51.53 4.50
N ASP B 867 21.04 -51.24 4.70
CA ASP B 867 20.09 -51.09 3.62
C ASP B 867 20.00 -49.66 3.03
N TYR B 868 20.91 -49.32 2.13
CA TYR B 868 20.93 -48.00 1.48
C TYR B 868 19.55 -47.59 0.96
N THR B 869 18.97 -48.48 0.14
CA THR B 869 17.66 -48.27 -0.46
C THR B 869 16.59 -47.87 0.58
N VAL B 870 16.42 -48.70 1.62
CA VAL B 870 15.45 -48.42 2.68
C VAL B 870 15.79 -47.11 3.38
N LEU B 871 17.07 -46.98 3.69
CA LEU B 871 17.60 -45.80 4.36
C LEU B 871 17.16 -44.53 3.65
N LEU B 872 17.41 -44.47 2.35
CA LEU B 872 17.05 -43.32 1.53
C LEU B 872 15.55 -43.05 1.51
N GLU B 873 14.77 -44.08 1.23
CA GLU B 873 13.33 -43.90 1.18
C GLU B 873 12.79 -43.38 2.51
N LYS B 874 13.14 -44.07 3.58
CA LYS B 874 12.65 -43.71 4.91
C LYS B 874 13.05 -42.32 5.38
N THR B 875 14.34 -42.04 5.30
CA THR B 875 14.89 -40.78 5.77
C THR B 875 14.79 -39.56 4.83
N PHE B 876 14.89 -39.78 3.54
CA PHE B 876 14.88 -38.68 2.60
C PHE B 876 13.64 -38.54 1.72
N ILE B 877 13.30 -39.62 1.01
CA ILE B 877 12.15 -39.64 0.11
C ILE B 877 10.83 -39.28 0.80
N LYS B 878 10.41 -40.14 1.73
CA LYS B 878 9.16 -39.98 2.48
C LYS B 878 8.92 -38.53 2.91
N PRO B 879 9.84 -37.95 3.71
CA PRO B 879 9.70 -36.55 4.17
C PRO B 879 9.61 -35.53 3.03
N LEU B 880 10.45 -35.70 2.01
CA LEU B 880 10.46 -34.84 0.84
C LEU B 880 9.07 -34.92 0.19
N GLU B 881 8.57 -36.15 0.07
CA GLU B 881 7.26 -36.43 -0.50
C GLU B 881 6.26 -35.60 0.29
N GLY B 882 6.51 -35.48 1.58
CA GLY B 882 5.65 -34.71 2.44
C GLY B 882 5.57 -33.25 2.02
N PHE B 883 6.73 -32.61 1.94
CA PHE B 883 6.78 -31.20 1.56
C PHE B 883 6.14 -30.98 0.20
N THR B 884 6.62 -31.76 -0.77
CA THR B 884 6.18 -31.70 -2.16
C THR B 884 4.68 -31.92 -2.35
N SER B 885 4.11 -32.87 -1.63
CA SER B 885 2.68 -33.14 -1.70
C SER B 885 1.96 -31.86 -1.31
N ALA B 886 2.44 -31.22 -0.25
CA ALA B 886 1.84 -29.99 0.25
C ALA B 886 2.05 -28.78 -0.66
N ALA B 887 3.25 -28.65 -1.19
CA ALA B 887 3.56 -27.53 -2.06
C ALA B 887 3.08 -27.77 -3.49
N LYS B 888 2.49 -28.95 -3.73
CA LYS B 888 1.99 -29.33 -5.04
C LYS B 888 3.10 -29.08 -6.06
N LEU B 889 4.22 -29.76 -5.84
CA LEU B 889 5.41 -29.72 -6.67
C LEU B 889 5.79 -31.19 -6.88
N ASP B 890 6.78 -31.43 -7.75
CA ASP B 890 7.23 -32.81 -7.98
C ASP B 890 8.73 -32.82 -8.06
N TYR B 891 9.35 -33.71 -7.30
CA TYR B 891 10.81 -33.83 -7.30
C TYR B 891 11.21 -34.83 -8.37
N GLU B 892 10.26 -35.70 -8.68
CA GLU B 892 10.39 -36.74 -9.69
C GLU B 892 9.66 -36.15 -10.89
N LYS B 893 9.78 -36.77 -12.05
CA LYS B 893 9.07 -36.26 -13.21
C LYS B 893 7.91 -37.18 -13.55
N LYS B 894 6.77 -36.58 -13.87
CA LYS B 894 5.58 -37.36 -14.19
C LYS B 894 5.09 -37.11 -15.61
N ALA B 895 4.14 -37.95 -16.04
CA ALA B 895 3.56 -37.85 -17.37
C ALA B 895 2.27 -37.04 -17.33
N SER B 896 1.38 -37.36 -16.39
CA SER B 896 0.11 -36.64 -16.26
C SER B 896 0.01 -36.06 -14.83
N LEU B 897 -0.88 -35.09 -14.65
CA LEU B 897 -1.05 -34.48 -13.33
C LEU B 897 -1.97 -35.33 -12.47
N PHE B 898 -2.84 -36.11 -13.13
CA PHE B 898 -3.82 -36.96 -12.47
C PHE B 898 -3.31 -37.66 -11.21
N ASP B 899 -2.00 -37.81 -11.12
CA ASP B 899 -1.36 -38.45 -9.97
C ASP B 899 -1.50 -37.61 -8.71
N MET B 900 -1.72 -36.32 -8.90
CA MET B 900 -1.87 -35.37 -7.80
C MET B 900 -3.26 -35.47 -7.17
N PHE B 901 -3.93 -36.59 -7.42
CA PHE B 901 -5.27 -36.82 -6.90
C PHE B 901 -5.34 -37.83 -5.75
N ASP B 902 -6.56 -38.13 -5.32
CA ASP B 902 -6.79 -39.06 -4.22
C ASP B 902 -6.05 -38.58 -2.97
N MET C 1 46.17 -11.33 -43.97
CA MET C 1 46.58 -10.88 -42.61
C MET C 1 45.60 -11.37 -41.56
N LYS C 2 46.05 -11.35 -40.30
CA LYS C 2 45.19 -11.79 -39.20
C LYS C 2 44.20 -10.69 -38.90
N GLU C 3 42.91 -11.00 -38.87
CA GLU C 3 41.98 -9.92 -38.61
C GLU C 3 41.89 -9.47 -37.14
N PHE C 4 41.62 -8.20 -36.96
CA PHE C 4 41.51 -7.60 -35.64
C PHE C 4 40.29 -6.67 -35.57
N TYR C 5 39.81 -6.46 -34.35
CA TYR C 5 38.64 -5.61 -34.11
C TYR C 5 38.94 -4.12 -34.02
N LEU C 6 37.92 -3.32 -34.30
CA LEU C 6 38.05 -1.86 -34.22
C LEU C 6 37.27 -1.41 -33.01
N THR C 7 35.99 -1.75 -32.97
CA THR C 7 35.14 -1.40 -31.84
C THR C 7 34.11 -2.47 -31.65
N VAL C 8 33.68 -2.64 -30.40
CA VAL C 8 32.69 -3.62 -30.03
C VAL C 8 31.69 -2.98 -29.06
N GLU C 9 30.41 -3.14 -29.32
CA GLU C 9 29.38 -2.57 -28.46
C GLU C 9 28.34 -3.63 -28.19
N GLN C 10 27.57 -3.46 -27.13
CA GLN C 10 26.50 -4.39 -26.81
C GLN C 10 25.18 -3.63 -26.76
N ILE C 11 24.27 -3.98 -27.66
CA ILE C 11 22.96 -3.36 -27.71
C ILE C 11 21.92 -4.48 -27.65
N GLY C 12 21.31 -4.66 -26.48
CA GLY C 12 20.32 -5.71 -26.34
C GLY C 12 21.01 -7.05 -26.30
N ASP C 13 20.45 -8.00 -27.05
CA ASP C 13 21.01 -9.34 -27.07
C ASP C 13 22.00 -9.52 -28.21
N SER C 14 22.40 -8.42 -28.82
CA SER C 14 23.37 -8.50 -29.92
C SER C 14 24.58 -7.59 -29.72
N ILE C 15 25.74 -8.08 -30.15
CA ILE C 15 26.95 -7.28 -30.05
C ILE C 15 27.27 -6.80 -31.46
N PHE C 16 27.60 -5.52 -31.59
CA PHE C 16 27.92 -4.94 -32.89
C PHE C 16 29.41 -4.68 -32.92
N GLU C 17 30.07 -5.32 -33.87
CA GLU C 17 31.51 -5.15 -33.99
C GLU C 17 31.98 -4.58 -35.32
N ARG C 18 32.92 -3.64 -35.25
CA ARG C 18 33.50 -3.06 -36.45
C ARG C 18 34.87 -3.71 -36.43
N TYR C 19 35.33 -4.20 -37.57
CA TYR C 19 36.63 -4.84 -37.56
C TYR C 19 37.29 -4.80 -38.92
N ILE C 20 38.57 -5.15 -38.94
CA ILE C 20 39.34 -5.20 -40.17
C ILE C 20 39.41 -6.68 -40.48
N ASP C 21 38.99 -7.06 -41.68
CA ASP C 21 38.99 -8.47 -42.11
C ASP C 21 40.33 -9.00 -42.62
N SER C 22 40.37 -10.29 -42.95
CA SER C 22 41.61 -10.88 -43.45
C SER C 22 42.15 -10.16 -44.68
N ASN C 23 41.27 -9.53 -45.45
CA ASN C 23 41.68 -8.79 -46.65
C ASN C 23 42.07 -7.35 -46.31
N GLY C 24 41.87 -6.96 -45.05
CA GLY C 24 42.20 -5.61 -44.64
C GLY C 24 41.08 -4.61 -44.87
N ARG C 25 39.89 -5.09 -45.19
CA ARG C 25 38.78 -4.17 -45.40
C ARG C 25 37.99 -4.00 -44.09
N GLU C 26 37.43 -2.81 -43.91
CA GLU C 26 36.65 -2.51 -42.71
C GLU C 26 35.25 -3.08 -42.86
N ARG C 27 34.89 -4.00 -41.98
CA ARG C 27 33.57 -4.59 -42.03
C ARG C 27 32.87 -4.38 -40.70
N THR C 28 31.57 -4.65 -40.69
CA THR C 28 30.76 -4.51 -39.48
C THR C 28 29.73 -5.63 -39.46
N ARG C 29 29.48 -6.18 -38.27
CA ARG C 29 28.53 -7.27 -38.14
C ARG C 29 27.76 -7.25 -36.83
N GLU C 30 26.58 -7.86 -36.84
CA GLU C 30 25.77 -7.97 -35.62
C GLU C 30 25.79 -9.46 -35.25
N VAL C 31 25.98 -9.76 -33.98
CA VAL C 31 26.02 -11.14 -33.55
C VAL C 31 25.22 -11.35 -32.27
N GLU C 32 24.34 -12.33 -32.31
CA GLU C 32 23.53 -12.66 -31.14
C GLU C 32 24.38 -13.56 -30.26
N TYR C 33 25.45 -12.98 -29.71
CA TYR C 33 26.38 -13.70 -28.86
C TYR C 33 25.71 -14.51 -27.75
N LYS C 34 26.11 -15.77 -27.61
CA LYS C 34 25.58 -16.64 -26.57
C LYS C 34 26.68 -16.76 -25.51
N PRO C 35 26.59 -15.97 -24.46
CA PRO C 35 27.59 -16.01 -23.39
C PRO C 35 27.48 -17.26 -22.52
N SER C 36 28.54 -17.57 -21.81
CA SER C 36 28.53 -18.71 -20.93
C SER C 36 29.01 -18.23 -19.56
N LEU C 37 28.38 -18.73 -18.50
CA LEU C 37 28.77 -18.38 -17.13
C LEU C 37 28.95 -19.68 -16.39
N PHE C 38 29.40 -19.61 -15.14
CA PHE C 38 29.63 -20.84 -14.40
C PHE C 38 29.07 -20.82 -13.00
N ALA C 39 28.78 -22.00 -12.50
CA ALA C 39 28.28 -22.14 -11.15
C ALA C 39 29.08 -23.28 -10.53
N HIS C 40 29.21 -23.27 -9.20
CA HIS C 40 29.94 -24.34 -8.52
C HIS C 40 29.12 -25.61 -8.71
N CYS C 41 29.81 -26.75 -8.74
CA CYS C 41 29.13 -28.04 -8.88
C CYS C 41 29.71 -29.06 -7.92
N PRO C 42 28.99 -30.16 -7.66
CA PRO C 42 29.50 -31.18 -6.74
C PRO C 42 30.73 -31.86 -7.34
N GLU C 43 31.59 -32.38 -6.48
CA GLU C 43 32.80 -33.06 -6.93
C GLU C 43 32.46 -34.07 -8.03
N SER C 44 31.43 -34.89 -7.81
CA SER C 44 31.01 -35.90 -8.78
C SER C 44 30.99 -35.32 -10.19
N GLN C 45 30.26 -34.22 -10.33
CA GLN C 45 30.11 -33.52 -11.60
C GLN C 45 31.46 -33.20 -12.21
N ALA C 46 32.12 -34.18 -12.80
CA ALA C 46 33.43 -33.94 -13.40
C ALA C 46 33.38 -33.03 -14.63
N THR C 47 34.24 -32.02 -14.65
CA THR C 47 34.34 -31.11 -15.80
C THR C 47 35.80 -30.65 -15.89
N LYS C 48 36.09 -29.76 -16.83
CA LYS C 48 37.45 -29.27 -16.99
C LYS C 48 37.56 -27.84 -16.47
N TYR C 49 36.48 -27.34 -15.89
CA TYR C 49 36.40 -25.98 -15.37
C TYR C 49 36.55 -25.86 -13.85
N PHE C 50 37.44 -24.96 -13.44
CA PHE C 50 37.72 -24.74 -12.02
C PHE C 50 37.91 -23.26 -11.71
N ASP C 51 37.54 -22.84 -10.49
CA ASP C 51 37.72 -21.45 -10.11
C ASP C 51 39.13 -21.29 -9.55
N ILE C 52 39.57 -20.04 -9.35
CA ILE C 52 40.92 -19.82 -8.86
C ILE C 52 41.24 -20.50 -7.55
N TYR C 53 40.24 -21.09 -6.91
CA TYR C 53 40.45 -21.78 -5.63
C TYR C 53 40.50 -23.29 -5.83
N GLY C 54 40.47 -23.72 -7.08
CA GLY C 54 40.50 -25.14 -7.35
C GLY C 54 39.14 -25.84 -7.33
N LYS C 55 38.10 -25.17 -6.85
CA LYS C 55 36.77 -25.77 -6.81
C LYS C 55 36.15 -25.92 -8.20
N PRO C 56 35.58 -27.09 -8.50
CA PRO C 56 34.95 -27.37 -9.80
C PRO C 56 33.68 -26.59 -10.13
N CYS C 57 33.56 -26.20 -11.40
CA CYS C 57 32.40 -25.44 -11.85
C CYS C 57 31.83 -26.05 -13.11
N THR C 58 30.57 -25.74 -13.35
CA THR C 58 29.88 -26.23 -14.53
C THR C 58 29.58 -25.07 -15.44
N ARG C 59 29.87 -25.26 -16.73
CA ARG C 59 29.67 -24.26 -17.76
C ARG C 59 28.20 -24.17 -18.18
N LYS C 60 27.59 -23.02 -17.98
CA LYS C 60 26.20 -22.85 -18.36
C LYS C 60 26.15 -21.86 -19.54
N LEU C 61 25.64 -22.31 -20.67
CA LEU C 61 25.56 -21.46 -21.85
C LEU C 61 24.16 -20.88 -21.96
N PHE C 62 24.03 -19.60 -22.26
CA PHE C 62 22.70 -19.00 -22.37
C PHE C 62 22.25 -18.73 -23.80
N ALA C 63 20.95 -18.51 -23.97
CA ALA C 63 20.38 -18.26 -25.29
C ALA C 63 20.80 -16.90 -25.81
N ASN C 64 20.90 -15.93 -24.89
CA ASN C 64 21.27 -14.57 -25.24
C ASN C 64 21.73 -13.86 -23.99
N MET C 65 22.40 -12.72 -24.18
CA MET C 65 22.94 -12.00 -23.04
C MET C 65 21.90 -11.59 -22.01
N ARG C 66 20.69 -11.27 -22.45
CA ARG C 66 19.68 -10.88 -21.48
C ARG C 66 19.47 -11.97 -20.44
N ASP C 67 19.35 -13.20 -20.91
CA ASP C 67 19.15 -14.34 -20.03
C ASP C 67 20.34 -14.49 -19.08
N ALA C 68 21.55 -14.38 -19.61
CA ALA C 68 22.77 -14.49 -18.80
C ALA C 68 22.70 -13.48 -17.66
N SER C 69 22.37 -12.25 -18.00
CA SER C 69 22.25 -11.18 -17.02
C SER C 69 21.22 -11.53 -15.96
N GLN C 70 19.98 -11.78 -16.40
CA GLN C 70 18.90 -12.11 -15.48
C GLN C 70 19.29 -13.27 -14.59
N TRP C 71 20.03 -14.22 -15.15
CA TRP C 71 20.48 -15.37 -14.39
C TRP C 71 21.40 -14.92 -13.27
N ILE C 72 22.27 -13.96 -13.56
CA ILE C 72 23.19 -13.46 -12.55
C ILE C 72 22.42 -12.77 -11.44
N LYS C 73 21.41 -11.99 -11.81
CA LYS C 73 20.61 -11.28 -10.83
C LYS C 73 19.97 -12.30 -9.88
N ARG C 74 19.31 -13.32 -10.45
CA ARG C 74 18.67 -14.35 -9.64
C ARG C 74 19.67 -15.01 -8.72
N MET C 75 20.78 -15.48 -9.30
CA MET C 75 21.86 -16.11 -8.57
C MET C 75 22.21 -15.34 -7.32
N GLU C 76 22.50 -14.06 -7.53
CA GLU C 76 22.88 -13.15 -6.47
C GLU C 76 21.78 -12.97 -5.42
N ASP C 77 20.54 -12.92 -5.87
CA ASP C 77 19.41 -12.77 -4.96
C ASP C 77 19.42 -13.93 -3.94
N ILE C 78 19.38 -15.17 -4.44
CA ILE C 78 19.37 -16.33 -3.56
C ILE C 78 20.69 -16.52 -2.82
N GLY C 79 21.72 -15.79 -3.23
CA GLY C 79 23.00 -15.89 -2.56
C GLY C 79 24.04 -16.87 -3.09
N LEU C 80 23.90 -17.29 -4.34
CA LEU C 80 24.85 -18.24 -4.95
C LEU C 80 25.84 -17.47 -5.83
N GLU C 81 27.10 -17.88 -5.80
CA GLU C 81 28.10 -17.19 -6.60
C GLU C 81 27.96 -17.52 -8.08
N ALA C 82 27.96 -16.48 -8.91
CA ALA C 82 27.86 -16.64 -10.36
C ALA C 82 29.21 -16.29 -10.95
N LEU C 83 29.97 -17.31 -11.31
CA LEU C 83 31.33 -17.13 -11.85
C LEU C 83 31.35 -16.84 -13.35
N GLY C 84 32.45 -16.27 -13.81
CA GLY C 84 32.58 -15.96 -15.22
C GLY C 84 32.67 -14.47 -15.51
N MET C 85 32.97 -14.14 -16.76
CA MET C 85 33.08 -12.74 -17.18
C MET C 85 31.69 -12.15 -17.42
N ASP C 86 31.27 -11.27 -16.51
CA ASP C 86 29.97 -10.66 -16.63
C ASP C 86 29.89 -9.59 -17.72
N ASP C 87 31.04 -9.07 -18.14
CA ASP C 87 31.10 -8.03 -19.21
C ASP C 87 31.25 -8.81 -20.51
N PHE C 88 30.10 -9.05 -21.15
CA PHE C 88 30.06 -9.84 -22.37
C PHE C 88 30.89 -9.33 -23.53
N LYS C 89 31.00 -8.02 -23.69
CA LYS C 89 31.80 -7.49 -24.78
C LYS C 89 33.19 -8.11 -24.64
N LEU C 90 33.67 -8.17 -23.41
CA LEU C 90 34.98 -8.71 -23.12
C LEU C 90 35.11 -10.17 -23.46
N ALA C 91 34.05 -10.92 -23.18
CA ALA C 91 34.08 -12.35 -23.48
C ALA C 91 34.03 -12.57 -24.98
N TYR C 92 33.12 -11.86 -25.66
CA TYR C 92 33.02 -11.99 -27.11
C TYR C 92 34.35 -11.67 -27.80
N LEU C 93 35.03 -10.63 -27.33
CA LEU C 93 36.31 -10.23 -27.87
C LEU C 93 37.32 -11.35 -27.65
N SER C 94 37.33 -11.86 -26.43
CA SER C 94 38.25 -12.94 -26.06
C SER C 94 37.98 -14.19 -26.87
N ASP C 95 36.71 -14.42 -27.17
CA ASP C 95 36.31 -15.59 -27.96
C ASP C 95 36.65 -15.41 -29.44
N THR C 96 36.25 -14.28 -29.99
CA THR C 96 36.50 -13.98 -31.39
C THR C 96 37.97 -13.74 -31.72
N TYR C 97 38.78 -13.47 -30.72
CA TYR C 97 40.20 -13.23 -31.00
C TYR C 97 41.04 -13.99 -30.00
N ASN C 98 40.98 -15.30 -30.13
CA ASN C 98 41.70 -16.25 -29.29
C ASN C 98 43.18 -16.38 -29.64
N TYR C 99 43.86 -15.24 -29.80
CA TYR C 99 45.27 -15.24 -30.11
C TYR C 99 45.83 -13.86 -29.86
N GLU C 100 47.11 -13.70 -30.18
CA GLU C 100 47.80 -12.43 -29.98
C GLU C 100 47.40 -11.47 -31.09
N ILE C 101 46.65 -10.44 -30.74
CA ILE C 101 46.22 -9.51 -31.75
C ILE C 101 47.37 -8.74 -32.37
N LYS C 102 47.45 -8.80 -33.69
CA LYS C 102 48.46 -8.07 -34.42
C LYS C 102 47.66 -7.10 -35.26
N TYR C 103 47.77 -5.81 -34.95
CA TYR C 103 47.01 -4.82 -35.69
C TYR C 103 47.87 -3.88 -36.54
N ASP C 104 47.29 -3.45 -37.65
CA ASP C 104 47.94 -2.53 -38.58
C ASP C 104 47.23 -1.18 -38.46
N HIS C 105 47.84 -0.27 -37.73
CA HIS C 105 47.24 1.05 -37.50
C HIS C 105 46.85 1.78 -38.76
N THR C 106 47.43 1.34 -39.88
CA THR C 106 47.16 1.92 -41.20
C THR C 106 45.71 1.73 -41.64
N LYS C 107 45.07 0.70 -41.12
CA LYS C 107 43.70 0.42 -41.51
C LYS C 107 42.70 1.01 -40.52
N ILE C 108 43.19 1.45 -39.35
CA ILE C 108 42.32 2.05 -38.34
C ILE C 108 42.09 3.54 -38.57
N ARG C 109 40.84 3.89 -38.85
CA ARG C 109 40.50 5.29 -39.12
C ARG C 109 40.52 6.12 -37.84
N VAL C 110 41.48 7.03 -37.74
CA VAL C 110 41.61 7.91 -36.58
C VAL C 110 41.25 9.34 -36.97
N ALA C 111 40.13 9.83 -36.49
CA ALA C 111 39.69 11.18 -36.78
C ALA C 111 40.02 12.19 -35.66
N ASN C 112 40.44 13.38 -36.09
CA ASN C 112 40.80 14.47 -35.19
C ASN C 112 40.03 15.73 -35.66
N PHE C 113 39.00 16.15 -34.91
CA PHE C 113 38.26 17.31 -35.37
C PHE C 113 38.06 18.40 -34.35
N ASP C 114 37.57 19.55 -34.84
CA ASP C 114 37.28 20.72 -34.03
C ASP C 114 36.28 21.62 -34.74
N ILE C 115 35.31 22.15 -34.01
CA ILE C 115 34.30 23.03 -34.60
C ILE C 115 34.48 24.45 -34.10
N GLU C 116 33.69 25.35 -34.66
CA GLU C 116 33.72 26.76 -34.26
C GLU C 116 32.27 27.24 -34.13
N VAL C 117 32.00 28.03 -33.10
CA VAL C 117 30.64 28.51 -32.90
C VAL C 117 30.59 29.95 -32.44
N THR C 118 30.12 30.82 -33.32
CA THR C 118 30.02 32.19 -32.94
C THR C 118 28.85 32.32 -32.00
N SER C 119 29.13 32.81 -30.80
CA SER C 119 28.11 33.02 -29.79
C SER C 119 28.27 34.38 -29.15
N PRO C 120 27.32 35.27 -29.39
CA PRO C 120 27.41 36.60 -28.81
C PRO C 120 27.20 36.59 -27.30
N ASP C 121 26.24 35.79 -26.84
CA ASP C 121 25.89 35.75 -25.42
C ASP C 121 26.63 34.79 -24.49
N GLY C 122 27.95 34.72 -24.61
CA GLY C 122 28.71 33.83 -23.72
C GLY C 122 29.06 32.50 -24.33
N PHE C 123 29.58 31.60 -23.50
CA PHE C 123 29.97 30.30 -24.02
C PHE C 123 28.76 29.49 -24.52
N PRO C 124 28.80 29.06 -25.78
CA PRO C 124 27.74 28.27 -26.41
C PRO C 124 27.56 26.90 -25.79
N GLU C 125 26.79 26.81 -24.72
CA GLU C 125 26.59 25.52 -24.09
C GLU C 125 26.09 24.46 -25.06
N PRO C 126 26.78 23.31 -25.09
CA PRO C 126 26.48 22.18 -25.97
C PRO C 126 25.17 21.49 -25.65
N SER C 127 24.76 21.60 -24.39
CA SER C 127 23.52 20.98 -23.95
C SER C 127 22.33 21.56 -24.72
N GLN C 128 22.49 22.75 -25.28
CA GLN C 128 21.39 23.35 -26.02
C GLN C 128 21.76 23.69 -27.46
N ALA C 129 23.05 23.88 -27.72
CA ALA C 129 23.55 24.21 -29.07
C ALA C 129 22.57 25.10 -29.82
N LYS C 130 22.32 26.28 -29.26
CA LYS C 130 21.39 27.22 -29.87
C LYS C 130 22.01 28.02 -31.02
N HIS C 131 23.32 28.12 -31.09
CA HIS C 131 23.92 28.87 -32.17
C HIS C 131 24.40 27.96 -33.29
N PRO C 132 24.55 28.52 -34.49
CA PRO C 132 24.99 27.77 -35.67
C PRO C 132 26.48 27.41 -35.64
N ILE C 133 26.79 26.22 -36.15
CA ILE C 133 28.16 25.74 -36.24
C ILE C 133 28.72 26.41 -37.47
N ASP C 134 29.43 27.53 -37.31
CA ASP C 134 29.94 28.19 -38.50
C ASP C 134 31.31 27.73 -39.02
N ALA C 135 31.79 26.60 -38.52
CA ALA C 135 33.07 26.07 -38.99
C ALA C 135 33.33 24.66 -38.47
N ILE C 136 34.04 23.86 -39.27
CA ILE C 136 34.38 22.50 -38.93
C ILE C 136 35.64 22.04 -39.65
N THR C 137 36.61 21.52 -38.90
CA THR C 137 37.83 21.03 -39.51
C THR C 137 38.01 19.59 -39.00
N HIS C 138 37.95 18.62 -39.91
CA HIS C 138 38.07 17.20 -39.54
C HIS C 138 39.18 16.50 -40.31
N TYR C 139 40.22 16.07 -39.61
CA TYR C 139 41.33 15.37 -40.25
C TYR C 139 41.10 13.88 -40.18
N ASP C 140 41.39 13.19 -41.27
CA ASP C 140 41.22 11.75 -41.35
C ASP C 140 42.59 11.05 -41.45
N SER C 141 42.91 10.17 -40.50
CA SER C 141 44.21 9.51 -40.52
C SER C 141 44.46 8.69 -41.78
N ILE C 142 43.39 8.11 -42.31
CA ILE C 142 43.45 7.28 -43.51
C ILE C 142 43.80 8.08 -44.77
N ASP C 143 43.05 9.16 -44.99
CA ASP C 143 43.26 10.04 -46.14
C ASP C 143 44.38 11.05 -45.90
N ASP C 144 44.76 11.22 -44.63
CA ASP C 144 45.79 12.17 -44.27
C ASP C 144 45.39 13.50 -44.91
N ARG C 145 44.23 13.99 -44.54
CA ARG C 145 43.76 15.23 -45.09
C ARG C 145 42.88 15.98 -44.09
N PHE C 146 42.92 17.30 -44.14
CA PHE C 146 42.08 18.08 -43.24
C PHE C 146 40.89 18.49 -44.08
N TYR C 147 39.70 18.13 -43.62
CA TYR C 147 38.50 18.49 -44.35
C TYR C 147 37.89 19.69 -43.67
N VAL C 148 37.77 20.79 -44.40
CA VAL C 148 37.21 21.99 -43.80
C VAL C 148 35.81 22.26 -44.28
N PHE C 149 34.96 22.66 -43.35
CA PHE C 149 33.57 22.94 -43.70
C PHE C 149 33.25 24.34 -43.22
N ASP C 150 33.16 25.28 -44.15
CA ASP C 150 32.90 26.67 -43.80
C ASP C 150 31.52 27.22 -44.08
N LEU C 151 30.93 27.83 -43.06
CA LEU C 151 29.62 28.45 -43.21
C LEU C 151 29.88 29.86 -43.71
N LEU C 152 29.33 30.18 -44.88
CA LEU C 152 29.53 31.50 -45.47
C LEU C 152 28.47 32.50 -45.06
N ASN C 153 27.36 32.00 -44.53
CA ASN C 153 26.28 32.90 -44.15
C ASN C 153 25.58 32.44 -42.87
N SER C 154 25.57 33.30 -41.87
CA SER C 154 24.94 32.98 -40.59
C SER C 154 24.28 34.22 -40.04
N PRO C 155 23.34 34.06 -39.09
CA PRO C 155 22.65 35.20 -38.49
C PRO C 155 23.64 36.19 -37.87
N TYR C 156 24.92 35.82 -37.87
CA TYR C 156 25.95 36.67 -37.31
C TYR C 156 26.89 37.16 -38.39
N GLY C 157 26.33 37.30 -39.60
CA GLY C 157 27.13 37.80 -40.71
C GLY C 157 27.36 36.86 -41.87
N ASN C 158 27.64 37.45 -43.03
CA ASN C 158 27.90 36.68 -44.23
C ASN C 158 29.27 37.12 -44.70
N VAL C 159 30.22 36.20 -44.70
CA VAL C 159 31.56 36.55 -45.15
C VAL C 159 31.88 35.83 -46.44
N GLU C 160 33.03 36.13 -47.01
CA GLU C 160 33.44 35.48 -48.24
C GLU C 160 34.13 34.18 -47.86
N GLU C 161 34.67 33.49 -48.85
CA GLU C 161 35.34 32.24 -48.55
C GLU C 161 36.78 32.43 -48.10
N TRP C 162 37.35 31.35 -47.60
CA TRP C 162 38.71 31.31 -47.10
C TRP C 162 39.65 31.19 -48.28
N SER C 163 40.86 31.71 -48.16
CA SER C 163 41.84 31.62 -49.22
C SER C 163 43.04 30.82 -48.72
N ILE C 164 43.29 29.68 -49.34
CA ILE C 164 44.44 28.91 -48.88
C ILE C 164 45.71 29.67 -49.23
N GLU C 165 45.63 30.51 -50.26
CA GLU C 165 46.79 31.30 -50.70
C GLU C 165 47.16 32.40 -49.69
N ILE C 166 46.16 33.12 -49.18
CA ILE C 166 46.42 34.17 -48.18
C ILE C 166 46.92 33.48 -46.90
N ALA C 167 46.26 32.37 -46.58
CA ALA C 167 46.56 31.58 -45.41
C ALA C 167 47.99 31.06 -45.35
N ALA C 168 48.50 30.58 -46.49
CA ALA C 168 49.88 30.07 -46.55
C ALA C 168 50.90 31.19 -46.36
N LYS C 169 50.48 32.42 -46.64
CA LYS C 169 51.34 33.60 -46.52
C LYS C 169 51.81 33.88 -45.08
N LEU C 170 52.93 34.60 -44.95
CA LEU C 170 53.45 34.94 -43.62
C LEU C 170 52.62 36.06 -43.02
N GLN C 171 52.65 36.19 -41.69
CA GLN C 171 51.82 37.19 -41.04
C GLN C 171 52.09 38.68 -41.29
N GLU C 172 53.32 39.05 -41.62
CA GLU C 172 53.60 40.47 -41.91
C GLU C 172 53.05 40.86 -43.28
N GLN C 173 52.86 39.88 -44.16
CA GLN C 173 52.30 40.16 -45.47
C GLN C 173 50.79 39.94 -45.40
N GLY C 174 50.28 39.93 -44.16
CA GLY C 174 48.87 39.74 -43.91
C GLY C 174 48.44 38.29 -44.06
N GLY C 175 49.32 37.37 -43.71
CA GLY C 175 49.02 35.95 -43.83
C GLY C 175 48.57 35.25 -42.55
N ASP C 176 48.20 33.98 -42.70
CA ASP C 176 47.72 33.16 -41.59
C ASP C 176 48.82 32.32 -40.95
N GLU C 177 49.93 32.14 -41.66
CA GLU C 177 51.05 31.35 -41.12
C GLU C 177 50.78 29.84 -41.18
N VAL C 178 49.75 29.42 -41.91
CA VAL C 178 49.41 27.99 -42.00
C VAL C 178 50.57 27.17 -42.54
N PRO C 179 51.16 26.30 -41.70
CA PRO C 179 52.28 25.43 -42.04
C PRO C 179 52.22 24.87 -43.44
N SER C 180 53.38 24.81 -44.10
CA SER C 180 53.50 24.29 -45.46
C SER C 180 53.14 22.80 -45.50
N GLU C 181 53.57 22.08 -44.47
CA GLU C 181 53.33 20.66 -44.35
C GLU C 181 51.89 20.25 -44.62
N ILE C 182 50.95 21.04 -44.11
CA ILE C 182 49.54 20.72 -44.27
C ILE C 182 48.82 21.59 -45.31
N ILE C 183 49.55 22.56 -45.84
CA ILE C 183 49.04 23.48 -46.84
C ILE C 183 48.38 22.68 -47.97
N ASP C 184 49.02 21.58 -48.32
CA ASP C 184 48.58 20.66 -49.38
C ASP C 184 47.38 19.81 -49.04
N LYS C 185 47.37 19.29 -47.80
CA LYS C 185 46.30 18.41 -47.33
C LYS C 185 44.95 19.05 -47.06
N ILE C 186 44.80 20.34 -47.32
CA ILE C 186 43.51 20.97 -47.06
C ILE C 186 42.49 20.80 -48.19
N ILE C 187 41.26 20.47 -47.82
CA ILE C 187 40.18 20.30 -48.78
C ILE C 187 39.07 21.22 -48.30
N TYR C 188 39.02 22.42 -48.89
CA TYR C 188 38.04 23.44 -48.52
C TYR C 188 36.62 23.15 -49.00
N MET C 189 35.63 23.45 -48.16
CA MET C 189 34.25 23.20 -48.53
C MET C 189 33.31 24.22 -47.92
N PRO C 190 33.15 25.37 -48.60
CA PRO C 190 32.29 26.47 -48.16
C PRO C 190 30.83 26.16 -48.41
N PHE C 191 29.96 26.57 -47.50
CA PHE C 191 28.55 26.29 -47.65
C PHE C 191 27.75 27.56 -47.54
N ASP C 192 26.66 27.59 -48.29
CA ASP C 192 25.79 28.74 -48.34
C ASP C 192 24.90 28.86 -47.10
N ASN C 193 24.57 27.72 -46.50
CA ASN C 193 23.75 27.73 -45.30
C ASN C 193 24.15 26.60 -44.36
N GLU C 194 23.81 26.77 -43.08
CA GLU C 194 24.14 25.78 -42.05
C GLU C 194 23.60 24.38 -42.34
N LYS C 195 22.28 24.28 -42.55
CA LYS C 195 21.64 23.01 -42.81
C LYS C 195 22.37 22.19 -43.88
N GLU C 196 22.90 22.86 -44.90
CA GLU C 196 23.59 22.12 -45.94
C GLU C 196 24.98 21.72 -45.52
N LEU C 197 25.53 22.45 -44.55
CA LEU C 197 26.86 22.10 -44.05
C LEU C 197 26.72 20.87 -43.15
N LEU C 198 25.83 20.94 -42.17
CA LEU C 198 25.59 19.83 -41.27
C LEU C 198 25.24 18.57 -42.02
N MET C 199 24.35 18.70 -43.01
CA MET C 199 23.92 17.55 -43.79
C MET C 199 25.04 16.92 -44.60
N GLU C 200 25.92 17.76 -45.15
CA GLU C 200 27.04 17.22 -45.94
C GLU C 200 28.13 16.65 -45.02
N TYR C 201 28.23 17.14 -43.78
CA TYR C 201 29.22 16.63 -42.85
C TYR C 201 28.75 15.22 -42.45
N LEU C 202 27.46 15.11 -42.12
CA LEU C 202 26.86 13.85 -41.71
C LEU C 202 27.13 12.78 -42.75
N ASN C 203 26.98 13.17 -44.02
CA ASN C 203 27.24 12.24 -45.12
C ASN C 203 28.72 11.86 -45.07
N PHE C 204 29.57 12.89 -45.03
CA PHE C 204 31.02 12.68 -44.97
C PHE C 204 31.33 11.67 -43.87
N TRP C 205 30.64 11.84 -42.75
CA TRP C 205 30.77 11.00 -41.56
C TRP C 205 30.48 9.53 -41.85
N GLN C 206 29.41 9.28 -42.61
CA GLN C 206 29.04 7.91 -42.96
C GLN C 206 30.11 7.33 -43.87
N GLN C 207 30.61 8.16 -44.79
CA GLN C 207 31.64 7.77 -45.76
C GLN C 207 32.97 7.40 -45.13
N LYS C 208 33.33 8.08 -44.05
CA LYS C 208 34.60 7.81 -43.34
C LYS C 208 34.33 7.80 -41.84
N THR C 209 33.42 6.91 -41.41
CA THR C 209 33.07 6.78 -40.00
C THR C 209 34.32 6.55 -39.17
N PRO C 210 34.56 7.43 -38.18
CA PRO C 210 35.73 7.35 -37.30
C PRO C 210 35.73 6.11 -36.40
N VAL C 211 36.90 5.50 -36.22
CA VAL C 211 37.02 4.37 -35.31
C VAL C 211 37.49 4.94 -33.97
N ILE C 212 38.53 5.75 -34.03
CA ILE C 212 39.08 6.41 -32.85
C ILE C 212 38.74 7.87 -33.10
N LEU C 213 37.96 8.47 -32.21
CA LEU C 213 37.58 9.87 -32.36
C LEU C 213 38.30 10.71 -31.32
N THR C 214 39.20 11.58 -31.78
CA THR C 214 39.98 12.43 -30.89
C THR C 214 39.90 13.90 -31.26
N GLY C 215 40.44 14.73 -30.38
CA GLY C 215 40.45 16.17 -30.58
C GLY C 215 40.87 16.72 -29.24
N TRP C 216 40.64 18.00 -28.99
CA TRP C 216 41.00 18.55 -27.69
C TRP C 216 39.74 19.05 -27.05
N ASN C 217 39.28 18.31 -26.04
CA ASN C 217 38.07 18.65 -25.30
C ASN C 217 36.84 18.24 -26.13
N VAL C 218 37.13 17.56 -27.23
CA VAL C 218 36.14 17.10 -28.15
C VAL C 218 34.97 16.35 -27.47
N GLU C 219 35.25 15.58 -26.41
CA GLU C 219 34.18 14.82 -25.74
C GLU C 219 33.25 15.62 -24.83
N SER C 220 33.64 16.84 -24.46
CA SER C 220 32.80 17.64 -23.58
C SER C 220 32.15 18.83 -24.29
N PHE C 221 32.57 19.10 -25.53
CA PHE C 221 31.99 20.19 -26.29
C PHE C 221 31.70 19.81 -27.76
N ALA C 222 32.76 19.64 -28.55
CA ALA C 222 32.61 19.30 -29.98
C ALA C 222 31.54 18.24 -30.27
N ILE C 223 31.68 17.05 -29.70
CA ILE C 223 30.69 16.00 -29.95
C ILE C 223 29.31 16.41 -29.45
N PRO C 224 29.19 16.70 -28.16
CA PRO C 224 27.89 17.09 -27.60
C PRO C 224 27.23 18.22 -28.42
N TYR C 225 28.04 19.14 -28.94
CA TYR C 225 27.49 20.26 -29.71
C TYR C 225 26.87 19.84 -31.04
N VAL C 226 27.71 19.29 -31.91
CA VAL C 226 27.25 18.84 -33.21
C VAL C 226 26.07 17.87 -33.04
N TYR C 227 26.11 17.01 -32.02
CA TYR C 227 25.01 16.08 -31.82
C TYR C 227 23.71 16.84 -31.58
N ASN C 228 23.68 17.59 -30.50
CA ASN C 228 22.49 18.35 -30.16
C ASN C 228 22.12 19.38 -31.21
N ARG C 229 23.11 19.86 -31.95
CA ARG C 229 22.82 20.85 -32.98
C ARG C 229 21.97 20.12 -34.03
N ILE C 230 22.55 19.09 -34.65
CA ILE C 230 21.83 18.33 -35.66
C ILE C 230 20.51 17.82 -35.09
N LYS C 231 20.51 17.46 -33.81
CA LYS C 231 19.28 16.99 -33.18
C LYS C 231 18.17 18.04 -33.30
N ASN C 232 18.48 19.28 -32.96
CA ASN C 232 17.48 20.34 -33.03
C ASN C 232 17.03 20.61 -34.47
N ILE C 233 18.00 20.84 -35.34
CA ILE C 233 17.75 21.14 -36.74
C ILE C 233 17.16 20.00 -37.58
N PHE C 234 17.44 18.76 -37.24
CA PHE C 234 16.92 17.65 -38.03
C PHE C 234 16.09 16.67 -37.22
N GLY C 235 16.46 16.49 -35.96
CA GLY C 235 15.74 15.56 -35.11
C GLY C 235 16.59 14.37 -34.67
N GLU C 236 16.35 13.94 -33.43
CA GLU C 236 17.05 12.82 -32.82
C GLU C 236 17.40 11.71 -33.82
N SER C 237 16.47 11.44 -34.72
CA SER C 237 16.68 10.39 -35.72
C SER C 237 17.96 10.61 -36.52
N THR C 238 18.02 11.70 -37.27
CA THR C 238 19.20 11.98 -38.10
C THR C 238 20.47 12.18 -37.28
N ALA C 239 20.30 12.72 -36.07
CA ALA C 239 21.43 12.95 -35.20
C ALA C 239 22.12 11.61 -34.92
N LYS C 240 21.34 10.62 -34.52
CA LYS C 240 21.91 9.32 -34.21
C LYS C 240 22.74 8.72 -35.35
N ARG C 241 22.74 9.36 -36.52
CA ARG C 241 23.51 8.84 -37.64
C ARG C 241 25.00 8.99 -37.36
N LEU C 242 25.31 9.78 -36.34
CA LEU C 242 26.70 9.99 -35.94
C LEU C 242 27.27 8.66 -35.46
N SER C 243 26.36 7.78 -35.08
CA SER C 243 26.69 6.47 -34.59
C SER C 243 26.54 5.45 -35.70
N PRO C 244 27.60 4.68 -35.97
CA PRO C 244 27.56 3.67 -37.02
C PRO C 244 26.50 2.59 -36.76
N HIS C 245 25.98 2.55 -35.54
CA HIS C 245 24.95 1.57 -35.20
C HIS C 245 23.66 2.30 -34.85
N ARG C 246 23.59 3.57 -35.23
CA ARG C 246 22.39 4.38 -35.00
C ARG C 246 21.87 4.33 -33.56
N LYS C 247 22.77 4.09 -32.62
CA LYS C 247 22.38 4.00 -31.22
C LYS C 247 23.36 4.83 -30.38
N THR C 248 22.80 5.76 -29.62
CA THR C 248 23.62 6.60 -28.76
C THR C 248 22.88 6.88 -27.45
N ARG C 249 23.63 7.16 -26.39
CA ARG C 249 23.02 7.47 -25.12
C ARG C 249 23.66 8.68 -24.47
N VAL C 250 22.82 9.42 -23.74
CA VAL C 250 23.24 10.62 -23.03
C VAL C 250 23.72 10.26 -21.63
N LYS C 251 25.02 10.35 -21.43
CA LYS C 251 25.63 10.05 -20.16
C LYS C 251 25.79 11.33 -19.36
N VAL C 252 25.31 11.32 -18.12
CA VAL C 252 25.42 12.48 -17.23
C VAL C 252 26.33 12.11 -16.04
N ILE C 253 27.63 11.99 -16.31
CA ILE C 253 28.60 11.65 -15.27
C ILE C 253 28.98 12.89 -14.47
N GLU C 254 28.97 12.71 -13.15
CA GLU C 254 29.33 13.79 -12.24
C GLU C 254 30.28 13.24 -11.16
N ASN C 255 30.68 14.10 -10.23
CA ASN C 255 31.58 13.69 -9.15
C ASN C 255 31.42 14.68 -8.00
N MET C 256 32.52 14.98 -7.32
CA MET C 256 32.50 15.91 -6.20
C MET C 256 32.79 17.32 -6.73
N TYR C 257 33.29 17.40 -7.96
CA TYR C 257 33.61 18.69 -8.57
C TYR C 257 32.71 19.03 -9.76
N GLY C 258 31.61 18.29 -9.94
CA GLY C 258 30.73 18.59 -11.05
C GLY C 258 29.56 17.66 -11.32
N SER C 259 28.78 18.04 -12.34
CA SER C 259 27.61 17.30 -12.81
C SER C 259 27.38 17.77 -14.24
N ARG C 260 27.81 16.97 -15.20
CA ARG C 260 27.66 17.33 -16.61
C ARG C 260 27.24 16.11 -17.43
N GLU C 261 26.95 16.32 -18.71
CA GLU C 261 26.55 15.24 -19.61
C GLU C 261 27.51 15.08 -20.79
N ILE C 262 27.42 13.94 -21.46
CA ILE C 262 28.24 13.65 -22.63
C ILE C 262 27.49 12.67 -23.50
N ILE C 263 27.74 12.72 -24.79
CA ILE C 263 27.07 11.84 -25.72
C ILE C 263 27.90 10.62 -26.03
N THR C 264 27.28 9.45 -25.96
CA THR C 264 27.96 8.21 -26.28
C THR C 264 27.59 7.75 -27.69
N LEU C 265 28.59 7.52 -28.52
CA LEU C 265 28.32 7.06 -29.88
C LEU C 265 28.71 5.59 -30.01
N PHE C 266 27.73 4.70 -29.86
CA PHE C 266 28.03 3.29 -29.99
C PHE C 266 28.67 3.01 -31.34
N GLY C 267 29.82 2.36 -31.32
CA GLY C 267 30.49 2.06 -32.57
C GLY C 267 31.75 2.85 -32.76
N ILE C 268 31.99 3.79 -31.85
CA ILE C 268 33.20 4.59 -31.91
C ILE C 268 33.88 4.61 -30.55
N SER C 269 35.19 4.81 -30.59
CA SER C 269 35.98 4.90 -29.38
C SER C 269 36.52 6.34 -29.30
N VAL C 270 35.99 7.12 -28.37
CA VAL C 270 36.42 8.48 -28.18
C VAL C 270 37.61 8.57 -27.22
N LEU C 271 38.67 9.21 -27.67
CA LEU C 271 39.84 9.38 -26.84
C LEU C 271 40.21 10.84 -26.93
N ASP C 272 39.48 11.65 -26.16
CA ASP C 272 39.71 13.08 -26.11
C ASP C 272 41.15 13.32 -25.69
N TYR C 273 41.95 13.88 -26.58
CA TYR C 273 43.36 14.08 -26.27
C TYR C 273 43.63 14.79 -24.98
N ILE C 274 42.72 15.65 -24.54
CA ILE C 274 42.94 16.37 -23.29
C ILE C 274 43.03 15.37 -22.13
N ASP C 275 42.21 14.33 -22.18
CA ASP C 275 42.21 13.29 -21.15
C ASP C 275 43.38 12.36 -21.36
N LEU C 276 43.67 12.10 -22.62
CA LEU C 276 44.76 11.21 -22.91
C LEU C 276 45.99 11.91 -22.42
N TYR C 277 46.15 13.17 -22.78
CA TYR C 277 47.34 13.91 -22.35
C TYR C 277 47.43 13.93 -20.83
N LYS C 278 46.31 14.21 -20.19
CA LYS C 278 46.28 14.30 -18.74
C LYS C 278 46.56 12.99 -18.01
N LYS C 279 46.30 11.87 -18.68
CA LYS C 279 46.50 10.55 -18.10
C LYS C 279 47.92 10.05 -18.29
N PHE C 280 48.52 10.36 -19.43
CA PHE C 280 49.84 9.85 -19.74
C PHE C 280 51.02 10.81 -19.71
N SER C 281 50.75 12.12 -19.68
CA SER C 281 51.82 13.12 -19.69
C SER C 281 52.64 13.15 -18.41
N PHE C 282 52.04 12.69 -17.31
CA PHE C 282 52.74 12.67 -16.04
C PHE C 282 53.37 14.02 -15.80
N THR C 283 52.52 15.03 -15.71
CA THR C 283 52.98 16.39 -15.45
C THR C 283 51.77 17.28 -15.21
N ASN C 284 51.81 18.03 -14.12
CA ASN C 284 50.69 18.91 -13.84
C ASN C 284 51.00 20.27 -14.43
N GLN C 285 50.07 20.78 -15.22
CA GLN C 285 50.21 22.06 -15.87
C GLN C 285 49.29 23.08 -15.24
N PRO C 286 49.65 24.36 -15.35
CA PRO C 286 48.83 25.43 -14.79
C PRO C 286 47.56 25.62 -15.63
N SER C 287 47.63 25.23 -16.89
CA SER C 287 46.48 25.37 -17.77
C SER C 287 46.45 24.27 -18.80
N TYR C 288 45.26 23.86 -19.21
CA TYR C 288 45.15 22.81 -20.20
C TYR C 288 44.46 23.28 -21.47
N SER C 289 44.58 24.56 -21.75
CA SER C 289 44.02 25.13 -22.95
C SER C 289 44.90 24.53 -24.03
N LEU C 290 44.35 24.28 -25.21
CA LEU C 290 45.18 23.67 -26.26
C LEU C 290 46.35 24.58 -26.57
N ASP C 291 46.16 25.89 -26.44
CA ASP C 291 47.23 26.81 -26.74
C ASP C 291 48.36 26.73 -25.73
N TYR C 292 48.02 26.57 -24.46
CA TYR C 292 49.06 26.51 -23.44
C TYR C 292 49.85 25.23 -23.57
N ILE C 293 49.13 24.12 -23.71
CA ILE C 293 49.76 22.83 -23.84
C ILE C 293 50.58 22.71 -25.11
N SER C 294 50.08 23.31 -26.19
CA SER C 294 50.78 23.23 -27.47
C SER C 294 52.05 24.06 -27.44
N GLU C 295 51.99 25.17 -26.71
CA GLU C 295 53.14 26.06 -26.59
C GLU C 295 54.21 25.38 -25.71
N PHE C 296 53.73 24.59 -24.75
CA PHE C 296 54.62 23.86 -23.84
C PHE C 296 55.30 22.71 -24.57
N GLU C 297 54.52 21.94 -25.29
CA GLU C 297 55.02 20.79 -26.00
C GLU C 297 55.69 21.09 -27.34
N LEU C 298 55.09 21.95 -28.14
CA LEU C 298 55.61 22.27 -29.45
C LEU C 298 56.42 23.54 -29.61
N ASN C 299 56.38 24.43 -28.63
CA ASN C 299 57.08 25.72 -28.71
C ASN C 299 56.39 26.63 -29.71
N VAL C 300 55.09 26.81 -29.54
CA VAL C 300 54.27 27.64 -30.42
C VAL C 300 52.83 27.24 -30.13
N GLY C 301 51.90 28.16 -30.27
CA GLY C 301 50.52 27.79 -29.99
C GLY C 301 49.52 28.04 -31.11
N LYS C 302 48.79 29.16 -30.98
CA LYS C 302 47.78 29.56 -31.95
C LYS C 302 48.03 31.03 -32.29
N LEU C 303 47.80 31.38 -33.56
CA LEU C 303 48.02 32.74 -34.04
C LEU C 303 47.24 33.84 -33.30
N LYS C 304 48.01 34.71 -32.67
CA LYS C 304 47.48 35.83 -31.90
C LYS C 304 46.58 36.74 -32.72
N TYR C 305 45.28 36.45 -32.71
CA TYR C 305 44.33 37.28 -33.45
C TYR C 305 43.81 38.39 -32.54
N ASP C 306 43.51 39.54 -33.14
CA ASP C 306 43.00 40.68 -32.39
C ASP C 306 41.48 40.67 -32.26
N GLY C 307 40.98 41.27 -31.19
CA GLY C 307 39.55 41.33 -30.98
C GLY C 307 39.01 40.06 -30.34
N PRO C 308 37.80 40.10 -29.77
CA PRO C 308 37.17 38.94 -29.11
C PRO C 308 36.80 37.82 -30.07
N ILE C 309 36.61 36.62 -29.52
CA ILE C 309 36.26 35.45 -30.33
C ILE C 309 34.94 35.75 -31.01
N SER C 310 34.01 36.23 -30.19
CA SER C 310 32.66 36.56 -30.64
C SER C 310 32.66 37.18 -32.03
N LYS C 311 33.36 38.30 -32.14
CA LYS C 311 33.42 38.99 -33.41
C LYS C 311 34.66 38.72 -34.26
N LEU C 312 35.25 37.55 -34.12
CA LEU C 312 36.41 37.20 -34.95
C LEU C 312 35.86 36.75 -36.29
N ARG C 313 34.64 36.21 -36.26
CA ARG C 313 33.96 35.72 -37.45
C ARG C 313 33.91 36.80 -38.52
N GLU C 314 33.14 37.84 -38.23
CA GLU C 314 32.98 38.97 -39.14
C GLU C 314 34.30 39.69 -39.32
N SER C 315 34.81 40.27 -38.23
CA SER C 315 36.08 41.00 -38.26
C SER C 315 37.06 40.47 -39.28
N ASN C 316 37.55 39.26 -39.05
CA ASN C 316 38.53 38.66 -39.92
C ASN C 316 38.25 37.18 -40.16
N HIS C 317 37.22 36.90 -40.94
CA HIS C 317 36.83 35.54 -41.24
C HIS C 317 37.98 34.71 -41.87
N GLN C 318 38.96 35.37 -42.47
CA GLN C 318 40.07 34.64 -43.08
C GLN C 318 40.82 33.92 -41.99
N ARG C 319 41.34 34.70 -41.04
CA ARG C 319 42.07 34.19 -39.88
C ARG C 319 41.21 33.14 -39.19
N TYR C 320 39.99 33.55 -38.81
CA TYR C 320 39.03 32.68 -38.14
C TYR C 320 39.04 31.20 -38.58
N ILE C 321 39.10 30.96 -39.89
CA ILE C 321 39.11 29.60 -40.43
C ILE C 321 40.48 28.97 -40.32
N SER C 322 41.51 29.75 -40.60
CA SER C 322 42.87 29.24 -40.52
C SER C 322 43.11 28.83 -39.07
N TYR C 323 42.61 29.68 -38.17
CA TYR C 323 42.72 29.44 -36.72
C TYR C 323 42.20 28.05 -36.37
N ASN C 324 41.06 27.70 -36.96
CA ASN C 324 40.41 26.40 -36.74
C ASN C 324 41.26 25.24 -37.32
N ILE C 325 41.85 25.46 -38.47
CA ILE C 325 42.66 24.44 -39.10
C ILE C 325 43.93 24.18 -38.32
N ILE C 326 44.55 25.24 -37.77
CA ILE C 326 45.78 25.07 -36.99
C ILE C 326 45.45 24.32 -35.70
N ALA C 327 44.31 24.66 -35.12
CA ALA C 327 43.85 24.02 -33.89
C ALA C 327 44.04 22.51 -34.04
N VAL C 328 43.42 21.98 -35.09
CA VAL C 328 43.48 20.56 -35.37
C VAL C 328 44.91 20.10 -35.54
N TYR C 329 45.65 20.81 -36.38
CA TYR C 329 47.02 20.43 -36.63
C TYR C 329 47.86 20.30 -35.35
N ARG C 330 47.65 21.22 -34.41
CA ARG C 330 48.39 21.21 -33.14
C ARG C 330 48.26 19.87 -32.40
N VAL C 331 47.01 19.42 -32.21
CA VAL C 331 46.75 18.15 -31.54
C VAL C 331 47.55 17.10 -32.25
N LEU C 332 47.44 17.09 -33.58
CA LEU C 332 48.17 16.14 -34.42
C LEU C 332 49.68 16.20 -34.12
N GLN C 333 50.20 17.41 -33.97
CA GLN C 333 51.61 17.56 -33.68
C GLN C 333 51.91 17.09 -32.26
N ILE C 334 51.04 17.45 -31.32
CA ILE C 334 51.25 17.04 -29.94
C ILE C 334 51.31 15.50 -29.90
N ASP C 335 50.39 14.86 -30.62
CA ASP C 335 50.36 13.39 -30.66
C ASP C 335 51.59 12.88 -31.39
N ALA C 336 51.91 13.53 -32.50
CA ALA C 336 53.06 13.17 -33.29
C ALA C 336 54.28 13.03 -32.38
N LYS C 337 54.34 13.88 -31.35
CA LYS C 337 55.44 13.85 -30.40
C LYS C 337 55.24 12.84 -29.28
N ARG C 338 54.14 13.00 -28.52
CA ARG C 338 53.82 12.13 -27.38
C ARG C 338 53.43 10.70 -27.75
N GLN C 339 52.80 10.54 -28.91
CA GLN C 339 52.45 9.21 -29.36
C GLN C 339 51.44 8.53 -28.47
N PHE C 340 50.45 9.25 -27.98
CA PHE C 340 49.51 8.59 -27.10
C PHE C 340 48.42 7.80 -27.78
N ILE C 341 48.03 8.19 -28.98
CA ILE C 341 46.98 7.43 -29.66
C ILE C 341 47.48 6.03 -29.91
N ASN C 342 48.73 5.92 -30.33
CA ASN C 342 49.26 4.61 -30.60
C ASN C 342 49.42 3.80 -29.32
N LEU C 343 49.96 4.42 -28.29
CA LEU C 343 50.13 3.74 -27.01
C LEU C 343 48.82 3.10 -26.54
N SER C 344 47.71 3.81 -26.72
CA SER C 344 46.41 3.30 -26.31
C SER C 344 45.97 2.10 -27.13
N LEU C 345 46.16 2.17 -28.45
CA LEU C 345 45.80 1.05 -29.32
C LEU C 345 46.59 -0.16 -28.88
N ASP C 346 47.88 0.03 -28.65
CA ASP C 346 48.72 -1.08 -28.26
C ASP C 346 48.23 -1.70 -26.98
N MET C 347 47.92 -0.87 -26.00
CA MET C 347 47.45 -1.39 -24.72
C MET C 347 46.10 -2.07 -24.85
N GLY C 348 45.20 -1.45 -25.60
CA GLY C 348 43.88 -2.02 -25.77
C GLY C 348 43.89 -3.43 -26.34
N TYR C 349 44.57 -3.60 -27.47
CA TYR C 349 44.65 -4.90 -28.14
C TYR C 349 45.42 -5.94 -27.31
N TYR C 350 46.29 -5.46 -26.43
CA TYR C 350 47.06 -6.38 -25.59
C TYR C 350 46.09 -7.05 -24.62
N ALA C 351 45.25 -6.21 -24.02
CA ALA C 351 44.26 -6.63 -23.05
C ALA C 351 42.98 -7.20 -23.67
N LYS C 352 42.72 -6.84 -24.91
CA LYS C 352 41.52 -7.28 -25.62
C LYS C 352 40.33 -6.62 -24.98
N ILE C 353 40.34 -5.29 -24.97
CA ILE C 353 39.25 -4.51 -24.40
C ILE C 353 38.91 -3.39 -25.37
N GLN C 354 37.88 -2.60 -25.06
CA GLN C 354 37.53 -1.47 -25.92
C GLN C 354 38.70 -0.53 -25.76
N ILE C 355 39.13 0.11 -26.84
CA ILE C 355 40.29 0.99 -26.73
C ILE C 355 40.12 2.12 -25.70
N GLN C 356 38.88 2.58 -25.49
CA GLN C 356 38.67 3.65 -24.53
C GLN C 356 38.86 3.18 -23.10
N SER C 357 38.78 1.89 -22.86
CA SER C 357 38.94 1.44 -21.50
C SER C 357 40.38 1.45 -21.04
N VAL C 358 41.28 2.02 -21.83
CA VAL C 358 42.68 2.06 -21.42
C VAL C 358 42.81 3.07 -20.29
N PHE C 359 41.79 3.91 -20.16
CA PHE C 359 41.73 4.90 -19.13
C PHE C 359 41.49 4.24 -17.76
N SER C 360 40.90 3.05 -17.74
CA SER C 360 40.62 2.35 -16.48
C SER C 360 41.52 1.17 -16.17
N PRO C 361 42.31 1.25 -15.08
CA PRO C 361 43.19 0.14 -14.74
C PRO C 361 42.36 -1.09 -14.41
N ILE C 362 41.35 -0.87 -13.57
CA ILE C 362 40.44 -1.94 -13.17
C ILE C 362 40.01 -2.78 -14.36
N LYS C 363 39.47 -2.12 -15.39
CA LYS C 363 39.02 -2.83 -16.58
C LYS C 363 40.18 -3.49 -17.33
N THR C 364 41.25 -2.74 -17.54
CA THR C 364 42.39 -3.28 -18.26
C THR C 364 42.91 -4.56 -17.61
N TRP C 365 43.20 -4.49 -16.33
CA TRP C 365 43.71 -5.63 -15.65
C TRP C 365 42.70 -6.76 -15.54
N ASP C 366 41.43 -6.42 -15.38
CA ASP C 366 40.41 -7.46 -15.26
C ASP C 366 40.47 -8.34 -16.50
N ALA C 367 40.54 -7.70 -17.66
CA ALA C 367 40.60 -8.42 -18.93
C ALA C 367 41.88 -9.24 -19.04
N ILE C 368 43.01 -8.60 -18.77
CA ILE C 368 44.29 -9.29 -18.88
C ILE C 368 44.29 -10.57 -18.05
N ILE C 369 43.70 -10.53 -16.86
CA ILE C 369 43.68 -11.72 -16.03
C ILE C 369 42.64 -12.70 -16.56
N PHE C 370 41.48 -12.18 -16.95
CA PHE C 370 40.40 -13.00 -17.49
C PHE C 370 40.97 -13.91 -18.55
N ASN C 371 41.42 -13.29 -19.65
CA ASN C 371 42.00 -14.00 -20.79
C ASN C 371 43.07 -15.00 -20.38
N SER C 372 43.91 -14.65 -19.42
CA SER C 372 44.96 -15.56 -19.00
C SER C 372 44.36 -16.81 -18.39
N LEU C 373 43.42 -16.60 -17.48
CA LEU C 373 42.76 -17.70 -16.79
C LEU C 373 41.94 -18.55 -17.73
N LYS C 374 41.27 -17.90 -18.68
CA LYS C 374 40.44 -18.61 -19.64
C LYS C 374 41.26 -19.64 -20.43
N GLU C 375 42.47 -19.27 -20.80
CA GLU C 375 43.36 -20.13 -21.56
C GLU C 375 43.68 -21.39 -20.75
N GLN C 376 43.54 -21.29 -19.43
CA GLN C 376 43.83 -22.44 -18.57
C GLN C 376 42.54 -23.08 -18.11
N ASN C 377 41.46 -22.73 -18.78
CA ASN C 377 40.14 -23.25 -18.47
C ASN C 377 39.78 -22.98 -17.01
N LYS C 378 40.24 -21.84 -16.50
CA LYS C 378 39.92 -21.48 -15.13
C LYS C 378 38.76 -20.49 -15.18
N VAL C 379 38.12 -20.27 -14.04
CA VAL C 379 36.98 -19.36 -13.99
C VAL C 379 37.16 -18.20 -13.01
N ILE C 380 37.03 -16.99 -13.53
CA ILE C 380 37.18 -15.79 -12.71
C ILE C 380 36.07 -15.65 -11.67
N PRO C 381 36.43 -15.22 -10.47
CA PRO C 381 35.51 -15.03 -9.34
C PRO C 381 34.42 -14.04 -9.69
N GLN C 382 33.31 -14.11 -8.98
CA GLN C 382 32.24 -13.17 -9.23
C GLN C 382 32.69 -11.87 -8.58
N GLY C 383 32.35 -10.73 -9.17
CA GLY C 383 32.74 -9.47 -8.57
C GLY C 383 31.97 -9.22 -7.29
N ARG C 384 32.66 -9.28 -6.15
CA ARG C 384 32.05 -9.06 -4.85
C ARG C 384 32.04 -7.57 -4.49
N SER C 385 31.11 -7.17 -3.64
CA SER C 385 31.01 -5.79 -3.20
C SER C 385 31.63 -5.62 -1.81
N HIS C 386 32.53 -4.66 -1.66
CA HIS C 386 33.17 -4.44 -0.37
C HIS C 386 33.03 -3.00 0.06
N PRO C 387 33.24 -2.73 1.36
CA PRO C 387 33.14 -1.37 1.86
C PRO C 387 34.49 -0.64 1.76
N VAL C 388 34.46 0.58 1.27
CA VAL C 388 35.67 1.38 1.14
C VAL C 388 36.28 1.62 2.50
N GLN C 389 37.29 0.83 2.86
CA GLN C 389 37.95 0.93 4.15
C GLN C 389 39.37 1.45 3.99
N PRO C 390 39.72 2.57 4.64
CA PRO C 390 41.09 3.04 4.49
C PRO C 390 42.09 2.01 4.98
N TYR C 391 43.29 2.04 4.42
CA TYR C 391 44.29 1.11 4.88
C TYR C 391 45.70 1.66 4.96
N PRO C 392 46.52 1.05 5.81
CA PRO C 392 47.91 1.48 6.00
C PRO C 392 48.72 1.61 4.70
N GLY C 393 49.37 2.76 4.55
CA GLY C 393 50.18 3.03 3.38
C GLY C 393 51.65 2.79 3.62
N ALA C 394 52.48 3.57 2.95
CA ALA C 394 53.92 3.41 3.07
C ALA C 394 54.48 4.11 4.29
N PHE C 395 55.76 3.90 4.54
CA PHE C 395 56.47 4.47 5.68
C PHE C 395 57.35 5.65 5.27
N VAL C 396 57.19 6.77 5.95
CA VAL C 396 58.01 7.93 5.65
C VAL C 396 58.73 8.41 6.90
N LYS C 397 60.04 8.23 6.88
CA LYS C 397 60.88 8.60 7.99
C LYS C 397 60.87 10.11 8.18
N GLU C 398 60.80 10.55 9.43
CA GLU C 398 60.82 11.96 9.74
C GLU C 398 62.29 12.35 9.78
N PRO C 399 62.75 13.13 8.79
CA PRO C 399 64.15 13.55 8.75
C PRO C 399 64.42 14.77 9.62
N ILE C 400 65.65 14.87 10.11
CA ILE C 400 66.07 16.00 10.93
C ILE C 400 66.44 17.16 10.01
N PRO C 401 65.63 18.21 10.00
CA PRO C 401 65.90 19.37 9.14
C PRO C 401 67.36 19.76 9.27
N ASN C 402 68.06 19.78 8.15
CA ASN C 402 69.46 20.13 8.20
C ASN C 402 70.08 20.03 6.83
N ARG C 403 71.34 20.41 6.73
CA ARG C 403 72.04 20.31 5.48
C ARG C 403 72.70 18.94 5.52
N TYR C 404 73.15 18.44 4.37
CA TYR C 404 73.79 17.14 4.29
C TYR C 404 74.80 17.17 3.15
N LYS C 405 76.07 17.34 3.50
CA LYS C 405 77.14 17.45 2.52
C LYS C 405 77.14 16.32 1.51
N TYR C 406 77.39 15.10 1.97
CA TYR C 406 77.43 13.95 1.09
C TYR C 406 76.28 13.01 1.35
N VAL C 407 75.61 12.61 0.29
CA VAL C 407 74.48 11.71 0.41
C VAL C 407 74.45 10.75 -0.77
N MET C 408 74.01 9.54 -0.47
CA MET C 408 73.91 8.47 -1.46
C MET C 408 72.54 7.83 -1.24
N SER C 409 71.77 7.67 -2.31
CA SER C 409 70.43 7.09 -2.24
C SER C 409 70.35 5.72 -2.88
N PHE C 410 69.49 4.85 -2.34
CA PHE C 410 69.29 3.50 -2.88
C PHE C 410 67.78 3.25 -2.98
N ASP C 411 67.33 2.68 -4.11
CA ASP C 411 65.89 2.41 -4.28
C ASP C 411 65.60 0.93 -4.44
N LEU C 412 64.43 0.49 -3.98
CA LEU C 412 64.05 -0.91 -4.13
C LEU C 412 63.39 -1.02 -5.49
N THR C 413 63.65 -2.11 -6.19
CA THR C 413 63.05 -2.29 -7.51
C THR C 413 61.59 -2.73 -7.45
N SER C 414 60.74 -1.98 -8.14
CA SER C 414 59.30 -2.26 -8.20
C SER C 414 58.79 -2.90 -6.92
N LEU C 415 59.08 -2.26 -5.80
CA LEU C 415 58.70 -2.76 -4.49
C LEU C 415 57.41 -3.56 -4.44
N TYR C 416 56.27 -2.88 -4.51
CA TYR C 416 54.98 -3.53 -4.44
C TYR C 416 54.82 -4.77 -5.32
N PRO C 417 55.03 -4.63 -6.64
CA PRO C 417 54.90 -5.79 -7.51
C PRO C 417 55.79 -6.94 -7.01
N SER C 418 57.01 -6.57 -6.63
CA SER C 418 57.99 -7.53 -6.13
C SER C 418 57.46 -8.22 -4.89
N ILE C 419 57.03 -7.42 -3.92
CA ILE C 419 56.48 -7.95 -2.68
C ILE C 419 55.43 -8.99 -3.02
N ILE C 420 54.51 -8.62 -3.91
CA ILE C 420 53.45 -9.50 -4.33
C ILE C 420 54.05 -10.84 -4.77
N ARG C 421 55.11 -10.77 -5.55
CA ARG C 421 55.73 -11.99 -6.03
C ARG C 421 56.44 -12.76 -4.92
N GLN C 422 57.26 -12.07 -4.14
CA GLN C 422 58.03 -12.67 -3.05
C GLN C 422 57.16 -13.36 -2.01
N VAL C 423 56.16 -12.65 -1.53
CA VAL C 423 55.25 -13.20 -0.53
C VAL C 423 54.24 -14.17 -1.17
N ASN C 424 53.97 -13.98 -2.46
CA ASN C 424 53.02 -14.80 -3.19
C ASN C 424 51.60 -14.46 -2.74
N ILE C 425 51.28 -13.18 -2.75
CA ILE C 425 49.99 -12.68 -2.31
C ILE C 425 48.92 -12.74 -3.40
N SER C 426 47.82 -13.43 -3.12
CA SER C 426 46.73 -13.56 -4.08
C SER C 426 45.46 -13.94 -3.32
N PRO C 427 44.28 -13.57 -3.85
CA PRO C 427 43.04 -13.90 -3.14
C PRO C 427 42.82 -15.39 -2.85
N GLU C 428 43.54 -16.26 -3.56
CA GLU C 428 43.38 -17.69 -3.36
C GLU C 428 44.59 -18.43 -2.81
N THR C 429 45.61 -17.70 -2.37
CA THR C 429 46.79 -18.34 -1.83
C THR C 429 46.87 -18.09 -0.33
N ILE C 430 45.79 -17.55 0.22
CA ILE C 430 45.76 -17.26 1.65
C ILE C 430 45.68 -18.55 2.46
N ALA C 431 46.74 -18.82 3.22
CA ALA C 431 46.81 -20.03 4.03
C ALA C 431 46.07 -19.83 5.33
N GLY C 432 46.37 -18.74 6.01
CA GLY C 432 45.71 -18.47 7.27
C GLY C 432 46.33 -17.25 7.93
N THR C 433 46.38 -17.23 9.25
CA THR C 433 46.99 -16.10 9.93
C THR C 433 47.90 -16.53 11.08
N PHE C 434 48.38 -15.55 11.87
CA PHE C 434 49.23 -15.87 13.00
C PHE C 434 49.32 -14.71 13.98
N LYS C 435 49.54 -15.02 15.26
CA LYS C 435 49.65 -13.99 16.30
C LYS C 435 50.66 -12.94 15.84
N VAL C 436 50.18 -11.70 15.70
CA VAL C 436 51.03 -10.60 15.21
C VAL C 436 51.71 -9.72 16.26
N ALA C 437 53.03 -9.64 16.16
CA ALA C 437 53.84 -8.84 17.07
C ALA C 437 53.97 -7.44 16.51
N PRO C 438 54.14 -6.41 17.37
CA PRO C 438 54.29 -5.05 16.86
C PRO C 438 55.32 -4.99 15.73
N LEU C 439 55.05 -4.19 14.73
CA LEU C 439 55.93 -4.11 13.58
C LEU C 439 57.39 -3.88 13.94
N HIS C 440 57.65 -3.02 14.92
CA HIS C 440 59.03 -2.78 15.26
C HIS C 440 59.75 -4.06 15.63
N ASP C 441 59.05 -4.97 16.31
CA ASP C 441 59.66 -6.23 16.70
C ASP C 441 60.11 -7.07 15.51
N TYR C 442 59.38 -7.02 14.40
CA TYR C 442 59.77 -7.78 13.20
C TYR C 442 60.89 -7.03 12.51
N ILE C 443 60.88 -5.72 12.65
CA ILE C 443 61.88 -4.87 12.03
C ILE C 443 63.25 -5.15 12.61
N ASN C 444 63.27 -5.37 13.93
CA ASN C 444 64.51 -5.65 14.64
C ASN C 444 64.80 -7.13 14.72
N ALA C 445 63.90 -7.96 14.19
CA ALA C 445 64.06 -9.40 14.20
C ALA C 445 64.06 -9.98 15.61
N VAL C 446 63.20 -9.45 16.47
CA VAL C 446 63.14 -9.95 17.84
C VAL C 446 61.85 -10.74 18.06
N ALA C 447 60.83 -10.46 17.26
CA ALA C 447 59.57 -11.19 17.39
C ALA C 447 59.79 -12.61 16.87
N GLU C 448 58.97 -13.55 17.33
CA GLU C 448 59.18 -14.92 16.89
C GLU C 448 58.81 -15.12 15.43
N ARG C 449 59.61 -15.92 14.73
CA ARG C 449 59.38 -16.22 13.33
C ARG C 449 57.92 -16.68 13.09
N PRO C 450 57.17 -15.91 12.27
CA PRO C 450 55.75 -16.16 11.92
C PRO C 450 55.37 -17.62 11.69
N SER C 451 56.12 -18.30 10.84
CA SER C 451 55.87 -19.71 10.53
C SER C 451 57.00 -20.27 9.68
N ASP C 452 57.03 -21.59 9.56
CA ASP C 452 58.07 -22.27 8.78
C ASP C 452 57.37 -23.09 7.70
N VAL C 453 56.10 -22.77 7.48
CA VAL C 453 55.26 -23.48 6.53
C VAL C 453 54.75 -22.59 5.39
N TYR C 454 54.29 -21.39 5.74
CA TYR C 454 53.76 -20.47 4.76
C TYR C 454 54.56 -19.17 4.66
N SER C 455 54.46 -18.50 3.50
CA SER C 455 55.14 -17.23 3.32
C SER C 455 54.30 -16.24 4.10
N CYS C 456 54.96 -15.38 4.89
CA CYS C 456 54.23 -14.43 5.72
C CYS C 456 54.47 -12.95 5.46
N SER C 457 53.64 -12.14 6.11
CA SER C 457 53.70 -10.70 6.03
C SER C 457 53.35 -10.15 7.42
N PRO C 458 54.20 -9.24 7.93
CA PRO C 458 54.09 -8.59 9.22
C PRO C 458 52.72 -8.16 9.71
N ASN C 459 51.70 -8.25 8.86
CA ASN C 459 50.34 -7.85 9.29
C ASN C 459 49.53 -9.03 9.81
N GLY C 460 50.03 -10.24 9.57
CA GLY C 460 49.33 -11.41 10.08
C GLY C 460 48.88 -12.42 9.05
N MET C 461 49.14 -12.15 7.78
CA MET C 461 48.70 -13.07 6.74
C MET C 461 49.75 -14.09 6.34
N MET C 462 49.30 -15.29 5.99
CA MET C 462 50.19 -16.38 5.59
C MET C 462 49.74 -16.86 4.22
N TYR C 463 50.70 -17.18 3.36
CA TYR C 463 50.40 -17.60 2.01
C TYR C 463 51.07 -18.91 1.63
N TYR C 464 50.40 -19.69 0.78
CA TYR C 464 50.96 -20.97 0.34
C TYR C 464 52.23 -20.74 -0.46
N LYS C 465 53.22 -21.61 -0.27
CA LYS C 465 54.47 -21.47 -0.99
C LYS C 465 54.54 -22.50 -2.11
N ASP C 466 53.73 -23.54 -2.01
CA ASP C 466 53.69 -24.62 -3.00
C ASP C 466 53.21 -24.20 -4.39
N ARG C 467 51.91 -23.90 -4.50
CA ARG C 467 51.34 -23.47 -5.78
C ARG C 467 51.48 -21.96 -5.84
N ASP C 468 51.67 -21.38 -7.03
CA ASP C 468 51.75 -19.94 -7.02
C ASP C 468 50.43 -19.32 -7.45
N GLY C 469 50.10 -18.23 -6.76
CA GLY C 469 48.85 -17.53 -6.99
C GLY C 469 48.69 -16.91 -8.35
N VAL C 470 47.46 -16.50 -8.64
CA VAL C 470 47.13 -15.90 -9.91
C VAL C 470 47.89 -14.59 -10.11
N VAL C 471 47.64 -13.62 -9.24
CA VAL C 471 48.26 -12.31 -9.33
C VAL C 471 49.77 -12.31 -9.48
N PRO C 472 50.48 -13.09 -8.66
CA PRO C 472 51.94 -13.11 -8.79
C PRO C 472 52.41 -13.65 -10.13
N THR C 473 51.54 -14.34 -10.83
CA THR C 473 51.93 -14.88 -12.12
C THR C 473 51.77 -13.85 -13.23
N GLU C 474 50.58 -13.28 -13.35
CA GLU C 474 50.36 -12.28 -14.38
C GLU C 474 51.35 -11.14 -14.23
N ILE C 475 51.61 -10.74 -13.00
CA ILE C 475 52.55 -9.66 -12.77
C ILE C 475 53.90 -10.07 -13.35
N THR C 476 54.37 -11.24 -12.95
CA THR C 476 55.66 -11.75 -13.42
C THR C 476 55.71 -11.95 -14.92
N LYS C 477 54.55 -12.21 -15.51
CA LYS C 477 54.52 -12.42 -16.95
C LYS C 477 54.81 -11.08 -17.63
N VAL C 478 54.19 -10.01 -17.12
CA VAL C 478 54.36 -8.67 -17.67
C VAL C 478 55.77 -8.17 -17.38
N PHE C 479 56.38 -8.72 -16.35
CA PHE C 479 57.73 -8.34 -15.98
C PHE C 479 58.75 -8.91 -16.96
N ASN C 480 58.44 -10.07 -17.50
CA ASN C 480 59.33 -10.72 -18.44
C ASN C 480 59.17 -10.13 -19.81
N GLN C 481 57.93 -9.77 -20.14
CA GLN C 481 57.58 -9.19 -21.43
C GLN C 481 58.37 -7.92 -21.66
N ARG C 482 58.54 -7.14 -20.59
CA ARG C 482 59.30 -5.90 -20.64
C ARG C 482 60.72 -6.36 -20.98
N LYS C 483 61.38 -7.02 -20.03
CA LYS C 483 62.74 -7.55 -20.21
C LYS C 483 62.89 -7.96 -21.66
N GLU C 484 61.85 -8.62 -22.15
CA GLU C 484 61.80 -9.11 -23.51
C GLU C 484 61.78 -7.99 -24.54
N HIS C 485 60.63 -7.35 -24.71
CA HIS C 485 60.51 -6.27 -25.69
C HIS C 485 61.60 -5.22 -25.65
N LYS C 486 62.36 -5.17 -24.56
CA LYS C 486 63.45 -4.22 -24.48
C LYS C 486 64.59 -4.73 -25.35
N GLY C 487 64.88 -6.03 -25.24
CA GLY C 487 65.91 -6.62 -26.07
C GLY C 487 65.42 -6.56 -27.50
N TYR C 488 64.11 -6.69 -27.66
CA TYR C 488 63.47 -6.61 -28.97
C TYR C 488 63.69 -5.21 -29.52
N MET C 489 64.07 -4.30 -28.62
CA MET C 489 64.31 -2.91 -28.99
C MET C 489 65.81 -2.61 -28.98
N LEU C 490 66.51 -3.21 -28.01
CA LEU C 490 67.95 -3.05 -27.89
C LEU C 490 68.58 -3.49 -29.21
N ALA C 491 67.79 -4.14 -30.04
CA ALA C 491 68.26 -4.64 -31.33
C ALA C 491 67.85 -3.75 -32.50
N ALA C 492 66.55 -3.64 -32.75
CA ALA C 492 66.03 -2.83 -33.86
C ALA C 492 66.76 -1.49 -33.98
N GLN C 493 67.53 -1.15 -32.95
CA GLN C 493 68.32 0.07 -32.93
C GLN C 493 69.74 -0.23 -33.40
N ARG C 494 70.56 -0.77 -32.50
CA ARG C 494 71.95 -1.08 -32.81
C ARG C 494 72.18 -2.02 -33.99
N ASN C 495 71.10 -2.37 -34.70
CA ASN C 495 71.19 -3.25 -35.85
C ASN C 495 70.53 -2.60 -37.06
N GLY C 496 69.81 -1.50 -36.81
CA GLY C 496 69.14 -0.79 -37.89
C GLY C 496 70.02 0.34 -38.39
N GLU C 497 70.79 0.92 -37.48
CA GLU C 497 71.70 2.01 -37.79
C GLU C 497 72.98 1.44 -38.41
N ILE C 498 72.95 0.14 -38.72
CA ILE C 498 74.10 -0.53 -39.32
C ILE C 498 73.96 -0.39 -40.83
N ILE C 499 72.86 0.22 -41.26
CA ILE C 499 72.59 0.43 -42.68
C ILE C 499 72.63 1.92 -43.04
N LYS C 500 73.40 2.69 -42.26
CA LYS C 500 73.58 4.14 -42.47
C LYS C 500 75.04 4.30 -42.89
N GLU C 501 75.82 3.26 -42.61
CA GLU C 501 77.22 3.19 -42.97
C GLU C 501 77.17 2.39 -44.27
N ALA C 502 75.94 2.01 -44.61
CA ALA C 502 75.61 1.27 -45.81
C ALA C 502 74.87 2.25 -46.71
N LEU C 503 74.64 3.45 -46.16
CA LEU C 503 73.99 4.54 -46.87
C LEU C 503 75.12 5.48 -47.31
N HIS C 504 76.25 4.88 -47.62
CA HIS C 504 77.44 5.59 -48.08
C HIS C 504 78.11 4.69 -49.12
N ASN C 505 77.71 3.42 -49.11
CA ASN C 505 78.22 2.42 -50.05
C ASN C 505 77.18 1.94 -51.07
N PRO C 506 75.99 2.59 -51.13
CA PRO C 506 75.02 2.13 -52.12
C PRO C 506 75.66 1.93 -53.48
N ASN C 507 75.45 0.77 -54.07
CA ASN C 507 76.02 0.47 -55.37
C ASN C 507 74.93 0.03 -56.33
N LEU C 508 75.32 -0.20 -57.58
CA LEU C 508 74.37 -0.61 -58.61
C LEU C 508 73.94 -2.07 -58.53
N SER C 509 72.63 -2.25 -58.38
CA SER C 509 71.99 -3.57 -58.29
C SER C 509 70.59 -3.34 -57.75
N VAL C 510 69.58 -3.58 -58.59
CA VAL C 510 68.18 -3.39 -58.19
C VAL C 510 67.82 -4.37 -57.07
N ASP C 511 68.52 -4.25 -55.95
CA ASP C 511 68.35 -5.09 -54.78
C ASP C 511 66.93 -5.01 -54.21
N GLU C 512 66.37 -6.17 -53.88
CA GLU C 512 65.01 -6.28 -53.34
C GLU C 512 65.06 -6.43 -51.81
N PRO C 513 63.94 -6.15 -51.12
CA PRO C 513 63.86 -6.25 -49.65
C PRO C 513 64.51 -7.49 -49.00
N LEU C 514 65.55 -7.25 -48.21
CA LEU C 514 66.29 -8.31 -47.51
C LEU C 514 65.46 -8.78 -46.30
N ASP C 515 64.83 -9.95 -46.43
CA ASP C 515 63.96 -10.52 -45.39
C ASP C 515 64.64 -11.10 -44.14
N VAL C 516 64.60 -10.36 -43.03
CA VAL C 516 65.20 -10.79 -41.77
C VAL C 516 64.49 -10.11 -40.59
N ASP C 517 64.32 -10.84 -39.49
CA ASP C 517 63.67 -10.29 -38.31
C ASP C 517 64.62 -9.32 -37.61
N TYR C 518 64.21 -8.07 -37.54
CA TYR C 518 65.02 -7.01 -36.93
C TYR C 518 65.00 -7.08 -35.41
N ARG C 519 64.02 -7.78 -34.86
CA ARG C 519 63.89 -7.92 -33.41
C ARG C 519 65.01 -8.77 -32.84
N PHE C 520 65.99 -9.07 -33.67
CA PHE C 520 67.12 -9.88 -33.24
C PHE C 520 68.38 -9.37 -33.91
N ASP C 521 69.43 -9.18 -33.12
CA ASP C 521 70.72 -8.68 -33.60
C ASP C 521 71.14 -9.31 -34.93
N PHE C 522 71.04 -8.53 -35.99
CA PHE C 522 71.37 -8.96 -37.35
C PHE C 522 72.61 -9.85 -37.46
N SER C 523 72.62 -10.67 -38.51
CA SER C 523 73.70 -11.63 -38.79
C SER C 523 74.97 -11.01 -39.38
N ASP C 524 76.08 -11.11 -38.64
CA ASP C 524 77.36 -10.58 -39.08
C ASP C 524 77.63 -11.01 -40.52
N GLU C 525 77.14 -12.20 -40.84
CA GLU C 525 77.30 -12.78 -42.15
C GLU C 525 76.56 -12.05 -43.27
N ILE C 526 75.39 -11.48 -42.96
CA ILE C 526 74.59 -10.78 -43.95
C ILE C 526 74.99 -9.31 -44.20
N LYS C 527 75.65 -8.71 -43.21
CA LYS C 527 76.08 -7.32 -43.28
C LYS C 527 76.87 -6.94 -44.53
N GLU C 528 77.72 -7.84 -45.02
CA GLU C 528 78.52 -7.56 -46.20
C GLU C 528 77.69 -7.29 -47.45
N LYS C 529 76.37 -7.24 -47.29
CA LYS C 529 75.45 -7.00 -48.41
C LYS C 529 75.31 -5.52 -48.76
N ILE C 530 76.32 -4.72 -48.38
CA ILE C 530 76.31 -3.28 -48.64
C ILE C 530 76.98 -2.91 -49.94
N LYS C 531 77.87 -3.77 -50.42
CA LYS C 531 78.61 -3.53 -51.66
C LYS C 531 77.69 -3.13 -52.80
N LYS C 532 76.38 -3.32 -52.61
CA LYS C 532 75.36 -2.97 -53.59
C LYS C 532 73.98 -2.85 -52.94
N LEU C 533 73.87 -2.02 -51.90
CA LEU C 533 72.59 -1.84 -51.23
C LEU C 533 71.67 -0.99 -52.09
N SER C 534 70.60 -1.62 -52.60
CA SER C 534 69.61 -0.98 -53.47
C SER C 534 69.16 0.41 -53.03
N ALA C 535 68.24 0.97 -53.82
CA ALA C 535 67.68 2.29 -53.54
C ALA C 535 66.18 2.12 -53.31
N LYS C 536 65.65 0.97 -53.73
CA LYS C 536 64.23 0.67 -53.56
C LYS C 536 64.10 -0.27 -52.37
N SER C 537 65.23 -0.62 -51.77
CA SER C 537 65.24 -1.54 -50.63
C SER C 537 66.20 -1.15 -49.50
N LEU C 538 67.29 -0.45 -49.82
CA LEU C 538 68.25 -0.06 -48.78
C LEU C 538 67.56 0.77 -47.72
N ASN C 539 66.46 1.41 -48.11
CA ASN C 539 65.69 2.27 -47.21
C ASN C 539 64.39 1.61 -46.71
N GLU C 540 64.05 0.46 -47.28
CA GLU C 540 62.85 -0.27 -46.88
C GLU C 540 63.16 -1.13 -45.66
N MET C 541 64.42 -1.09 -45.23
CA MET C 541 64.87 -1.85 -44.08
C MET C 541 64.91 -1.00 -42.81
N LEU C 542 65.45 0.22 -42.92
CA LEU C 542 65.51 1.10 -41.77
C LEU C 542 64.07 1.49 -41.47
N PHE C 543 63.35 1.87 -42.52
CA PHE C 543 61.94 2.26 -42.42
C PHE C 543 61.16 1.09 -41.85
N ARG C 544 61.82 -0.06 -41.76
CA ARG C 544 61.23 -1.26 -41.22
C ARG C 544 62.04 -1.71 -40.00
N ALA C 545 63.18 -1.06 -39.77
CA ALA C 545 64.06 -1.34 -38.63
C ALA C 545 63.70 -0.36 -37.52
N GLN C 546 62.94 0.65 -37.91
CA GLN C 546 62.44 1.68 -37.02
C GLN C 546 61.05 1.21 -36.64
N ARG C 547 60.27 0.85 -37.65
CA ARG C 547 58.91 0.36 -37.44
C ARG C 547 58.98 -0.87 -36.55
N THR C 548 60.20 -1.30 -36.25
CA THR C 548 60.45 -2.45 -35.40
C THR C 548 61.16 -1.96 -34.15
N GLU C 549 61.37 -0.66 -34.10
CA GLU C 549 62.02 -0.03 -32.97
C GLU C 549 60.96 0.71 -32.17
N VAL C 550 60.00 1.28 -32.89
CA VAL C 550 58.90 2.03 -32.27
C VAL C 550 58.05 1.07 -31.46
N ALA C 551 57.41 0.13 -32.14
CA ALA C 551 56.57 -0.86 -31.48
C ALA C 551 57.34 -1.47 -30.31
N GLY C 552 58.66 -1.57 -30.45
CA GLY C 552 59.47 -2.11 -29.39
C GLY C 552 59.32 -1.24 -28.15
N MET C 553 59.52 0.07 -28.32
CA MET C 553 59.39 0.99 -27.20
C MET C 553 57.97 0.93 -26.67
N THR C 554 57.02 1.25 -27.55
CA THR C 554 55.61 1.23 -27.20
C THR C 554 55.28 0.12 -26.23
N ALA C 555 55.47 -1.12 -26.68
CA ALA C 555 55.20 -2.28 -25.85
C ALA C 555 55.98 -2.18 -24.54
N GLN C 556 57.27 -1.89 -24.64
CA GLN C 556 58.11 -1.78 -23.46
C GLN C 556 57.51 -0.82 -22.44
N ILE C 557 56.82 0.21 -22.93
CA ILE C 557 56.20 1.22 -22.08
C ILE C 557 54.97 0.75 -21.35
N ASN C 558 54.05 0.12 -22.07
CA ASN C 558 52.83 -0.35 -21.45
C ASN C 558 53.14 -1.37 -20.38
N ARG C 559 54.16 -2.19 -20.62
CA ARG C 559 54.52 -3.18 -19.61
C ARG C 559 54.85 -2.46 -18.30
N LYS C 560 55.44 -1.27 -18.41
CA LYS C 560 55.77 -0.49 -17.22
C LYS C 560 54.42 -0.04 -16.63
N LEU C 561 53.69 0.77 -17.38
CA LEU C 561 52.39 1.27 -16.93
C LEU C 561 51.55 0.20 -16.22
N LEU C 562 51.39 -0.96 -16.87
CA LEU C 562 50.64 -2.08 -16.31
C LEU C 562 51.23 -2.49 -14.96
N ILE C 563 52.51 -2.87 -14.96
CA ILE C 563 53.19 -3.25 -13.73
C ILE C 563 52.83 -2.23 -12.65
N ASN C 564 52.99 -0.96 -12.98
CA ASN C 564 52.72 0.11 -12.03
C ASN C 564 51.27 0.24 -11.65
N SER C 565 50.37 0.16 -12.62
CA SER C 565 48.95 0.31 -12.32
C SER C 565 48.31 -0.81 -11.50
N LEU C 566 48.90 -2.01 -11.54
CA LEU C 566 48.35 -3.16 -10.81
C LEU C 566 47.96 -2.88 -9.39
N TYR C 567 48.88 -2.38 -8.60
CA TYR C 567 48.56 -2.11 -7.21
C TYR C 567 47.47 -1.05 -7.06
N GLY C 568 47.34 -0.18 -8.05
CA GLY C 568 46.31 0.84 -7.97
C GLY C 568 44.94 0.19 -7.87
N ALA C 569 44.77 -0.91 -8.61
CA ALA C 569 43.54 -1.70 -8.64
C ALA C 569 43.39 -2.57 -7.39
N LEU C 570 44.41 -3.36 -7.07
CA LEU C 570 44.37 -4.23 -5.90
C LEU C 570 43.89 -3.49 -4.65
N GLY C 571 43.89 -2.17 -4.69
CA GLY C 571 43.45 -1.41 -3.53
C GLY C 571 42.08 -0.86 -3.77
N ASN C 572 41.57 -1.11 -4.97
CA ASN C 572 40.24 -0.64 -5.34
C ASN C 572 39.18 -1.71 -5.04
N VAL C 573 38.23 -1.34 -4.19
CA VAL C 573 37.14 -2.24 -3.82
C VAL C 573 36.42 -2.84 -5.02
N TRP C 574 36.35 -2.09 -6.11
CA TRP C 574 35.65 -2.57 -7.30
C TRP C 574 36.45 -3.57 -8.14
N PHE C 575 37.68 -3.84 -7.76
CA PHE C 575 38.50 -4.79 -8.51
C PHE C 575 38.03 -6.20 -8.20
N ARG C 576 38.00 -7.05 -9.22
CA ARG C 576 37.56 -8.43 -9.07
C ARG C 576 38.46 -9.27 -8.13
N TYR C 577 39.68 -8.81 -7.89
CA TYR C 577 40.62 -9.57 -7.05
C TYR C 577 41.02 -8.83 -5.77
N TYR C 578 40.24 -7.79 -5.45
CA TYR C 578 40.45 -6.95 -4.27
C TYR C 578 40.29 -7.76 -2.98
N ASP C 579 41.12 -7.46 -1.99
CA ASP C 579 41.07 -8.15 -0.72
C ASP C 579 41.80 -7.32 0.35
N LEU C 580 41.04 -6.66 1.21
CA LEU C 580 41.60 -5.82 2.24
C LEU C 580 42.81 -6.42 2.95
N ARG C 581 42.71 -7.68 3.34
CA ARG C 581 43.84 -8.30 4.02
C ARG C 581 45.09 -8.35 3.11
N ASN C 582 44.90 -8.64 1.82
CA ASN C 582 46.06 -8.67 0.92
C ASN C 582 46.63 -7.29 0.63
N ALA C 583 45.75 -6.30 0.51
CA ALA C 583 46.22 -4.95 0.25
C ALA C 583 47.10 -4.54 1.41
N THR C 584 46.61 -4.83 2.63
CA THR C 584 47.33 -4.51 3.84
C THR C 584 48.60 -5.34 3.95
N ALA C 585 48.51 -6.60 3.55
CA ALA C 585 49.67 -7.47 3.60
C ALA C 585 50.81 -6.82 2.81
N ILE C 586 50.52 -6.40 1.59
CA ILE C 586 51.54 -5.80 0.74
C ILE C 586 52.17 -4.56 1.34
N THR C 587 51.32 -3.61 1.70
CA THR C 587 51.77 -2.36 2.30
C THR C 587 52.63 -2.55 3.55
N THR C 588 52.11 -3.30 4.51
CA THR C 588 52.86 -3.49 5.74
C THR C 588 54.18 -4.20 5.50
N PHE C 589 54.18 -5.21 4.66
CA PHE C 589 55.42 -5.91 4.38
C PHE C 589 56.43 -4.88 3.91
N GLY C 590 55.98 -3.97 3.04
CA GLY C 590 56.88 -2.93 2.55
C GLY C 590 57.43 -2.08 3.68
N GLN C 591 56.55 -1.60 4.55
CA GLN C 591 56.98 -0.78 5.67
C GLN C 591 58.11 -1.45 6.43
N MET C 592 58.00 -2.76 6.58
CA MET C 592 59.02 -3.49 7.30
C MET C 592 60.31 -3.53 6.50
N ALA C 593 60.22 -3.99 5.25
CA ALA C 593 61.39 -4.10 4.41
C ALA C 593 62.22 -2.84 4.41
N LEU C 594 61.57 -1.70 4.27
CA LEU C 594 62.32 -0.43 4.24
C LEU C 594 63.05 -0.15 5.55
N GLN C 595 62.37 -0.31 6.68
CA GLN C 595 62.97 -0.05 7.98
C GLN C 595 63.95 -1.16 8.34
N TRP C 596 63.71 -2.35 7.84
CA TRP C 596 64.61 -3.46 8.12
C TRP C 596 65.97 -3.11 7.56
N ILE C 597 66.01 -2.83 6.26
CA ILE C 597 67.27 -2.50 5.60
C ILE C 597 67.84 -1.20 6.14
N GLU C 598 66.99 -0.34 6.69
CA GLU C 598 67.50 0.90 7.29
C GLU C 598 68.39 0.42 8.41
N ARG C 599 67.81 -0.40 9.29
CA ARG C 599 68.53 -0.97 10.42
C ARG C 599 69.81 -1.59 9.90
N LYS C 600 69.68 -2.50 8.93
CA LYS C 600 70.82 -3.20 8.35
C LYS C 600 71.90 -2.25 7.86
N VAL C 601 71.55 -1.29 7.02
CA VAL C 601 72.56 -0.37 6.50
C VAL C 601 73.27 0.35 7.64
N ASN C 602 72.50 0.89 8.59
CA ASN C 602 73.11 1.58 9.71
C ASN C 602 74.09 0.70 10.47
N GLU C 603 73.74 -0.57 10.68
CA GLU C 603 74.63 -1.49 11.37
C GLU C 603 75.88 -1.73 10.56
N TYR C 604 75.74 -1.95 9.25
CA TYR C 604 76.92 -2.17 8.43
C TYR C 604 77.87 -0.98 8.43
N LEU C 605 77.41 0.19 7.99
CA LEU C 605 78.28 1.36 7.98
C LEU C 605 78.93 1.64 9.32
N ASN C 606 78.16 1.55 10.40
CA ASN C 606 78.68 1.77 11.74
C ASN C 606 79.89 0.92 11.99
N GLU C 607 79.74 -0.36 11.70
CA GLU C 607 80.79 -1.33 11.89
C GLU C 607 81.98 -1.07 10.97
N VAL C 608 81.70 -0.77 9.70
CA VAL C 608 82.76 -0.50 8.73
C VAL C 608 83.44 0.84 8.96
N CYS C 609 82.81 1.70 9.76
CA CYS C 609 83.35 3.02 10.06
C CYS C 609 83.91 3.04 11.46
N GLY C 610 83.69 1.95 12.19
CA GLY C 610 84.18 1.86 13.55
C GLY C 610 83.53 2.80 14.54
N THR C 611 82.24 3.06 14.36
CA THR C 611 81.52 3.96 15.27
C THR C 611 80.42 3.16 15.94
N GLU C 612 79.57 3.82 16.72
CA GLU C 612 78.49 3.12 17.37
C GLU C 612 77.21 3.93 17.43
N GLY C 613 76.11 3.30 17.02
CA GLY C 613 74.82 3.95 17.02
C GLY C 613 74.69 5.17 16.13
N GLU C 614 75.64 5.35 15.21
CA GLU C 614 75.63 6.48 14.30
C GLU C 614 74.57 6.28 13.22
N ALA C 615 73.65 7.25 13.10
CA ALA C 615 72.55 7.19 12.13
C ALA C 615 73.00 7.59 10.74
N PHE C 616 73.26 6.62 9.87
CA PHE C 616 73.70 6.94 8.52
C PHE C 616 72.57 7.18 7.53
N VAL C 617 71.44 6.53 7.77
CA VAL C 617 70.26 6.66 6.92
C VAL C 617 69.53 7.87 7.45
N LEU C 618 69.55 8.97 6.70
CA LEU C 618 68.94 10.22 7.14
C LEU C 618 67.47 10.36 6.84
N TYR C 619 67.01 9.62 5.84
CA TYR C 619 65.60 9.67 5.48
C TYR C 619 65.21 8.51 4.58
N GLY C 620 64.01 8.00 4.77
CA GLY C 620 63.52 6.89 3.97
C GLY C 620 62.15 7.28 3.52
N ASP C 621 61.63 6.61 2.50
CA ASP C 621 60.31 6.94 1.99
C ASP C 621 59.80 5.90 1.00
N THR C 622 58.93 5.02 1.49
CA THR C 622 58.32 3.98 0.68
C THR C 622 59.26 2.94 0.14
N ASP C 623 60.21 3.36 -0.70
CA ASP C 623 61.13 2.40 -1.27
C ASP C 623 62.52 2.95 -1.48
N SER C 624 62.82 4.07 -0.84
CA SER C 624 64.13 4.64 -1.02
C SER C 624 64.71 5.05 0.30
N ILE C 625 66.03 4.93 0.40
CA ILE C 625 66.71 5.36 1.61
C ILE C 625 67.84 6.28 1.19
N TYR C 626 68.10 7.28 2.00
CA TYR C 626 69.16 8.21 1.71
C TYR C 626 70.22 8.12 2.79
N VAL C 627 71.44 7.79 2.37
CA VAL C 627 72.57 7.65 3.29
C VAL C 627 73.54 8.84 3.29
N SER C 628 74.02 9.18 4.49
CA SER C 628 74.96 10.28 4.63
C SER C 628 76.36 9.70 4.49
N ALA C 629 77.06 10.06 3.43
CA ALA C 629 78.40 9.54 3.21
C ALA C 629 79.48 10.34 3.90
N ASP C 630 79.11 11.40 4.61
CA ASP C 630 80.09 12.22 5.30
C ASP C 630 81.11 11.38 6.04
N LYS C 631 80.66 10.50 6.92
CA LYS C 631 81.60 9.65 7.65
C LYS C 631 82.49 8.81 6.74
N ILE C 632 81.98 8.41 5.58
CA ILE C 632 82.79 7.62 4.67
C ILE C 632 83.83 8.48 3.99
N ILE C 633 83.45 9.67 3.55
CA ILE C 633 84.41 10.55 2.90
C ILE C 633 85.51 10.93 3.88
N ASP C 634 85.19 11.02 5.16
CA ASP C 634 86.21 11.37 6.14
C ASP C 634 87.18 10.25 6.45
N LYS C 635 86.69 9.01 6.41
CA LYS C 635 87.56 7.89 6.70
C LYS C 635 88.69 7.85 5.67
N VAL C 636 88.68 8.81 4.76
CA VAL C 636 89.71 8.90 3.73
C VAL C 636 90.26 10.34 3.73
N GLY C 637 89.38 11.31 3.94
CA GLY C 637 89.78 12.70 3.95
C GLY C 637 89.64 13.36 2.59
N GLU C 638 88.79 14.38 2.48
CA GLU C 638 88.58 15.10 1.21
C GLU C 638 89.88 15.54 0.58
N SER C 639 90.93 15.62 1.39
CA SER C 639 92.24 16.03 0.91
C SER C 639 92.81 15.00 -0.05
N LYS C 640 92.45 13.74 0.18
CA LYS C 640 92.91 12.62 -0.62
C LYS C 640 92.31 12.54 -2.02
N PHE C 641 91.37 13.42 -2.35
CA PHE C 641 90.72 13.37 -3.66
C PHE C 641 91.23 14.42 -4.64
N ARG C 642 91.60 13.99 -5.83
CA ARG C 642 92.10 14.89 -6.86
C ARG C 642 91.12 15.99 -7.22
N ASP C 643 89.88 15.61 -7.50
CA ASP C 643 88.84 16.57 -7.85
C ASP C 643 87.48 16.04 -7.43
N THR C 644 86.42 16.71 -7.88
CA THR C 644 85.06 16.29 -7.53
C THR C 644 84.79 14.89 -8.03
N ASN C 645 84.98 14.70 -9.32
CA ASN C 645 84.74 13.42 -9.96
C ASN C 645 85.42 12.27 -9.24
N HIS C 646 86.47 12.58 -8.50
CA HIS C 646 87.17 11.51 -7.80
C HIS C 646 86.46 10.93 -6.60
N TRP C 647 85.82 11.74 -5.78
CA TRP C 647 85.13 11.14 -4.64
C TRP C 647 83.81 10.56 -5.10
N VAL C 648 83.33 11.02 -6.26
CA VAL C 648 82.08 10.50 -6.79
C VAL C 648 82.33 9.04 -7.14
N ASP C 649 83.45 8.78 -7.82
CA ASP C 649 83.82 7.41 -8.20
C ASP C 649 84.08 6.56 -6.97
N PHE C 650 84.74 7.16 -5.99
CA PHE C 650 85.06 6.46 -4.77
C PHE C 650 83.77 5.95 -4.13
N LEU C 651 82.78 6.82 -4.01
CA LEU C 651 81.52 6.44 -3.42
C LEU C 651 80.79 5.44 -4.28
N ASP C 652 80.90 5.61 -5.60
CA ASP C 652 80.25 4.69 -6.51
C ASP C 652 80.77 3.28 -6.31
N LYS C 653 82.09 3.16 -6.19
CA LYS C 653 82.73 1.88 -5.98
C LYS C 653 82.42 1.33 -4.60
N PHE C 654 82.48 2.19 -3.60
CA PHE C 654 82.18 1.78 -2.24
C PHE C 654 80.77 1.23 -2.14
N ALA C 655 79.85 1.89 -2.82
CA ALA C 655 78.46 1.49 -2.80
C ALA C 655 78.29 0.13 -3.42
N ARG C 656 78.70 0.02 -4.67
CA ARG C 656 78.60 -1.22 -5.42
C ARG C 656 79.32 -2.41 -4.81
N GLU C 657 80.59 -2.24 -4.48
CA GLU C 657 81.40 -3.31 -3.91
C GLU C 657 81.23 -3.62 -2.43
N ARG C 658 80.89 -2.62 -1.61
CA ARG C 658 80.72 -2.90 -0.18
C ARG C 658 79.28 -2.89 0.28
N MET C 659 78.52 -1.85 -0.07
CA MET C 659 77.14 -1.74 0.37
C MET C 659 76.14 -2.67 -0.30
N GLU C 660 76.11 -2.67 -1.62
CA GLU C 660 75.18 -3.54 -2.33
C GLU C 660 75.16 -4.93 -1.67
N PRO C 661 76.34 -5.59 -1.58
CA PRO C 661 76.50 -6.91 -0.98
C PRO C 661 75.89 -7.00 0.41
N ALA C 662 76.25 -6.04 1.25
CA ALA C 662 75.73 -6.05 2.60
C ALA C 662 74.20 -5.98 2.57
N ILE C 663 73.66 -5.18 1.66
CA ILE C 663 72.22 -5.03 1.53
C ILE C 663 71.54 -6.35 1.12
N ASP C 664 72.03 -6.96 0.05
CA ASP C 664 71.47 -8.23 -0.44
C ASP C 664 71.48 -9.27 0.69
N ARG C 665 72.62 -9.33 1.37
CA ARG C 665 72.81 -10.24 2.47
C ARG C 665 71.67 -10.00 3.45
N GLY C 666 71.52 -8.74 3.85
CA GLY C 666 70.47 -8.36 4.79
C GLY C 666 69.06 -8.72 4.40
N PHE C 667 68.73 -8.61 3.11
CA PHE C 667 67.37 -8.93 2.65
C PHE C 667 67.11 -10.43 2.59
N ARG C 668 68.13 -11.20 2.18
CA ARG C 668 67.98 -12.64 2.10
C ARG C 668 67.61 -13.12 3.49
N GLU C 669 68.24 -12.51 4.49
CA GLU C 669 67.97 -12.85 5.87
C GLU C 669 66.49 -12.62 6.17
N MET C 670 65.98 -11.48 5.74
CA MET C 670 64.59 -11.12 5.98
C MET C 670 63.64 -12.08 5.25
N CYS C 671 64.02 -12.46 4.04
CA CYS C 671 63.21 -13.37 3.25
C CYS C 671 63.01 -14.66 4.02
N GLU C 672 64.09 -15.16 4.62
CA GLU C 672 64.04 -16.38 5.40
C GLU C 672 63.20 -16.19 6.64
N TYR C 673 63.46 -15.09 7.34
CA TYR C 673 62.72 -14.77 8.54
C TYR C 673 61.21 -14.88 8.31
N MET C 674 60.75 -14.32 7.20
CA MET C 674 59.33 -14.36 6.85
C MET C 674 59.00 -15.63 6.05
N ASN C 675 60.02 -16.40 5.73
CA ASN C 675 59.83 -17.66 5.01
C ASN C 675 59.01 -17.41 3.75
N ASN C 676 59.46 -16.48 2.92
CA ASN C 676 58.74 -16.15 1.70
C ASN C 676 59.08 -17.07 0.54
N LYS C 677 58.19 -17.08 -0.44
CA LYS C 677 58.34 -17.92 -1.61
C LYS C 677 59.57 -17.65 -2.46
N GLN C 678 60.02 -16.41 -2.48
CA GLN C 678 61.18 -16.09 -3.31
C GLN C 678 61.77 -14.70 -3.01
N HIS C 679 63.09 -14.64 -2.89
CA HIS C 679 63.77 -13.37 -2.61
C HIS C 679 63.75 -12.46 -3.83
N LEU C 680 63.05 -11.34 -3.69
CA LEU C 680 62.95 -10.38 -4.79
C LEU C 680 63.14 -8.93 -4.36
N MET C 681 63.69 -8.74 -3.15
CA MET C 681 63.97 -7.39 -2.63
C MET C 681 65.32 -6.94 -3.15
N PHE C 682 65.31 -6.21 -4.24
CA PHE C 682 66.55 -5.74 -4.81
C PHE C 682 66.66 -4.23 -4.70
N MET C 683 67.81 -3.76 -4.22
CA MET C 683 68.05 -2.35 -4.02
C MET C 683 69.33 -1.93 -4.72
N ASP C 684 69.28 -0.86 -5.50
CA ASP C 684 70.50 -0.38 -6.16
C ASP C 684 70.77 1.12 -5.93
N ARG C 685 72.05 1.46 -5.88
CA ARG C 685 72.49 2.82 -5.67
C ARG C 685 71.83 3.71 -6.70
N GLU C 686 71.25 4.80 -6.28
CA GLU C 686 70.58 5.67 -7.21
C GLU C 686 71.38 6.90 -7.50
N ALA C 687 71.44 7.81 -6.53
CA ALA C 687 72.18 9.03 -6.74
C ALA C 687 73.35 9.24 -5.81
N ILE C 688 74.29 10.06 -6.25
CA ILE C 688 75.45 10.43 -5.46
C ILE C 688 75.44 11.95 -5.52
N ALA C 689 75.31 12.57 -4.35
CA ALA C 689 75.27 14.03 -4.25
C ALA C 689 76.28 14.59 -3.28
N GLY C 690 76.68 15.82 -3.54
CA GLY C 690 77.64 16.50 -2.68
C GLY C 690 78.04 17.80 -3.32
N PRO C 691 78.80 18.64 -2.62
CA PRO C 691 79.20 19.91 -3.22
C PRO C 691 80.45 19.75 -4.04
N PRO C 692 80.67 20.67 -4.98
CA PRO C 692 81.87 20.62 -5.82
C PRO C 692 83.09 20.60 -4.91
N LEU C 693 84.03 19.71 -5.18
CA LEU C 693 85.20 19.62 -4.34
C LEU C 693 85.87 20.97 -4.21
N GLY C 694 86.11 21.38 -2.97
CA GLY C 694 86.78 22.65 -2.75
C GLY C 694 85.89 23.85 -2.76
N SER C 695 84.58 23.64 -2.74
CA SER C 695 83.66 24.78 -2.73
C SER C 695 83.01 24.95 -1.37
N LYS C 696 82.23 26.01 -1.24
CA LYS C 696 81.53 26.32 0.00
C LYS C 696 80.08 25.85 -0.08
N GLY C 697 79.78 25.02 -1.06
CA GLY C 697 78.43 24.53 -1.19
C GLY C 697 78.10 23.51 -0.12
N ILE C 698 76.84 23.47 0.30
CA ILE C 698 76.41 22.54 1.35
C ILE C 698 76.00 21.17 0.83
N GLY C 699 76.00 21.01 -0.49
CA GLY C 699 75.65 19.72 -1.07
C GLY C 699 74.19 19.34 -1.09
N GLY C 700 73.49 19.59 0.01
CA GLY C 700 72.08 19.26 0.05
C GLY C 700 71.43 19.56 1.37
N PHE C 701 70.10 19.51 1.43
CA PHE C 701 69.36 19.78 2.66
C PHE C 701 67.97 19.15 2.66
N TRP C 702 67.34 19.11 3.83
CA TRP C 702 66.01 18.54 4.02
C TRP C 702 65.18 19.46 4.89
N THR C 703 63.99 19.86 4.45
CA THR C 703 63.18 20.73 5.29
C THR C 703 62.26 19.89 6.13
N GLY C 704 61.88 18.74 5.60
CA GLY C 704 61.00 17.84 6.29
C GLY C 704 60.62 16.70 5.37
N LYS C 705 59.66 15.88 5.76
CA LYS C 705 59.27 14.76 4.91
C LYS C 705 58.99 15.21 3.48
N LYS C 706 59.51 14.45 2.53
CA LYS C 706 59.28 14.74 1.14
C LYS C 706 59.65 16.15 0.73
N ARG C 707 60.66 16.75 1.34
CA ARG C 707 61.06 18.09 0.96
C ARG C 707 62.57 18.24 1.00
N TYR C 708 63.24 18.03 -0.12
CA TYR C 708 64.69 18.18 -0.13
C TYR C 708 65.28 18.61 -1.47
N ALA C 709 66.59 18.84 -1.47
CA ALA C 709 67.29 19.25 -2.66
C ALA C 709 68.69 18.68 -2.57
N LEU C 710 69.19 18.12 -3.65
CA LEU C 710 70.53 17.56 -3.64
C LEU C 710 71.26 17.94 -4.93
N ASN C 711 72.57 18.15 -4.83
CA ASN C 711 73.37 18.46 -6.00
C ASN C 711 73.96 17.12 -6.45
N VAL C 712 73.33 16.49 -7.44
CA VAL C 712 73.74 15.17 -7.91
C VAL C 712 74.74 15.15 -9.07
N TRP C 713 75.71 14.23 -8.97
CA TRP C 713 76.74 14.09 -10.01
C TRP C 713 76.58 12.80 -10.77
N ASP C 714 76.07 11.77 -10.11
CA ASP C 714 75.89 10.48 -10.78
C ASP C 714 74.54 9.88 -10.41
N MET C 715 73.80 9.47 -11.42
CA MET C 715 72.49 8.86 -11.22
C MET C 715 72.50 7.49 -11.88
N GLU C 716 72.46 6.45 -11.06
CA GLU C 716 72.46 5.07 -11.54
C GLU C 716 73.55 4.81 -12.56
N GLY C 717 74.79 5.11 -12.22
CA GLY C 717 75.86 4.88 -13.16
C GLY C 717 76.09 6.00 -14.17
N THR C 718 75.06 6.78 -14.45
CA THR C 718 75.15 7.88 -15.40
C THR C 718 75.83 9.10 -14.78
N ARG C 719 77.02 9.44 -15.26
CA ARG C 719 77.78 10.56 -14.73
C ARG C 719 77.48 11.81 -15.53
N TYR C 720 76.93 12.83 -14.88
CA TYR C 720 76.59 14.07 -15.56
C TYR C 720 77.81 14.95 -15.83
N ALA C 721 77.75 15.69 -16.93
CA ALA C 721 78.82 16.60 -17.30
C ALA C 721 78.81 17.71 -16.26
N GLU C 722 77.62 18.30 -16.09
CA GLU C 722 77.40 19.35 -15.11
C GLU C 722 76.44 18.77 -14.09
N PRO C 723 76.67 19.04 -12.79
CA PRO C 723 75.77 18.51 -11.77
C PRO C 723 74.34 19.01 -11.92
N LYS C 724 73.38 18.12 -11.68
CA LYS C 724 71.96 18.44 -11.79
C LYS C 724 71.29 18.53 -10.43
N LEU C 725 70.47 19.56 -10.23
CA LEU C 725 69.77 19.72 -8.99
C LEU C 725 68.60 18.76 -8.94
N LYS C 726 68.45 18.06 -7.82
CA LYS C 726 67.35 17.13 -7.64
C LYS C 726 66.49 17.74 -6.54
N ILE C 727 65.42 18.42 -6.91
CA ILE C 727 64.58 19.06 -5.90
C ILE C 727 63.23 18.40 -5.82
N MET C 728 62.84 17.99 -4.62
CA MET C 728 61.54 17.34 -4.41
C MET C 728 60.70 17.99 -3.32
N GLY C 729 59.45 18.29 -3.65
CA GLY C 729 58.53 18.87 -2.70
C GLY C 729 58.71 20.33 -2.46
N LEU C 730 59.90 20.78 -2.72
CA LEU C 730 60.10 22.17 -2.54
C LEU C 730 59.16 22.80 -3.57
N GLU C 731 58.76 24.03 -3.28
CA GLU C 731 57.85 24.78 -4.10
C GLU C 731 58.27 24.88 -5.56
N THR C 732 59.54 24.74 -5.84
CA THR C 732 60.00 24.83 -7.22
C THR C 732 59.37 23.73 -8.04
N GLN C 733 58.79 22.74 -7.36
CA GLN C 733 58.19 21.62 -8.05
C GLN C 733 56.68 21.71 -8.16
N LYS C 734 56.09 22.70 -7.51
CA LYS C 734 54.66 22.84 -7.53
C LYS C 734 54.16 23.79 -8.61
N SER C 735 53.20 23.32 -9.39
CA SER C 735 52.63 24.11 -10.47
C SER C 735 51.91 25.35 -9.95
N SER C 736 51.59 25.32 -8.66
CA SER C 736 50.92 26.42 -8.03
C SER C 736 51.84 27.62 -7.87
N THR C 737 53.14 27.39 -8.08
CA THR C 737 54.13 28.45 -7.93
C THR C 737 54.36 29.24 -9.20
N PRO C 738 54.49 30.57 -9.08
CA PRO C 738 54.72 31.39 -10.26
C PRO C 738 56.01 31.02 -11.00
N LYS C 739 55.92 30.91 -12.32
CA LYS C 739 57.07 30.54 -13.13
C LYS C 739 58.32 31.26 -12.66
N ALA C 740 58.36 32.58 -12.81
CA ALA C 740 59.50 33.38 -12.38
C ALA C 740 60.04 32.98 -11.00
N VAL C 741 59.14 32.68 -10.07
CA VAL C 741 59.57 32.33 -8.73
C VAL C 741 60.17 30.94 -8.67
N GLN C 742 59.64 30.01 -9.47
CA GLN C 742 60.18 28.66 -9.46
C GLN C 742 61.61 28.81 -9.85
N LYS C 743 61.84 29.64 -10.86
CA LYS C 743 63.18 29.88 -11.34
C LYS C 743 64.05 30.48 -10.26
N ALA C 744 63.62 31.57 -9.64
CA ALA C 744 64.40 32.20 -8.59
C ALA C 744 64.73 31.23 -7.47
N LEU C 745 63.74 30.47 -6.99
CA LEU C 745 63.98 29.50 -5.92
C LEU C 745 64.90 28.40 -6.37
N LYS C 746 64.81 28.05 -7.65
CA LYS C 746 65.63 26.99 -8.22
C LYS C 746 67.05 27.50 -8.19
N GLU C 747 67.24 28.76 -8.57
CA GLU C 747 68.58 29.33 -8.56
C GLU C 747 69.08 29.49 -7.14
N CYS C 748 68.19 29.76 -6.20
CA CYS C 748 68.59 29.90 -4.80
C CYS C 748 69.11 28.56 -4.30
N ILE C 749 68.37 27.49 -4.55
CA ILE C 749 68.78 26.17 -4.11
C ILE C 749 70.09 25.79 -4.78
N ARG C 750 70.27 26.16 -6.04
CA ARG C 750 71.50 25.82 -6.72
C ARG C 750 72.67 26.48 -6.04
N ARG C 751 72.55 27.77 -5.75
CA ARG C 751 73.62 28.50 -5.10
C ARG C 751 73.85 27.98 -3.70
N MET C 752 72.77 27.61 -3.04
CA MET C 752 72.86 27.09 -1.69
C MET C 752 73.72 25.84 -1.68
N LEU C 753 73.39 24.92 -2.58
CA LEU C 753 74.11 23.65 -2.66
C LEU C 753 75.48 23.67 -3.34
N GLN C 754 75.70 24.54 -4.33
CA GLN C 754 76.98 24.55 -5.02
C GLN C 754 77.95 25.68 -4.74
N GLU C 755 77.47 26.85 -4.34
CA GLU C 755 78.37 27.96 -4.11
C GLU C 755 78.40 28.50 -2.70
N GLY C 756 77.35 28.26 -1.94
CA GLY C 756 77.32 28.70 -0.57
C GLY C 756 76.58 29.97 -0.20
N GLU C 757 76.52 30.21 1.11
CA GLU C 757 75.87 31.36 1.72
C GLU C 757 76.01 32.69 1.00
N GLU C 758 77.22 33.22 0.89
CA GLU C 758 77.35 34.50 0.23
C GLU C 758 76.68 34.55 -1.13
N SER C 759 76.88 33.52 -1.93
CA SER C 759 76.30 33.42 -3.25
C SER C 759 74.79 33.62 -3.19
N LEU C 760 74.16 32.97 -2.22
CA LEU C 760 72.73 33.04 -2.04
C LEU C 760 72.38 34.49 -1.76
N GLN C 761 73.03 35.06 -0.76
CA GLN C 761 72.79 36.43 -0.35
C GLN C 761 72.91 37.41 -1.48
N GLU C 762 73.78 37.11 -2.45
CA GLU C 762 73.93 37.99 -3.59
C GLU C 762 72.70 37.91 -4.47
N TYR C 763 72.36 36.69 -4.90
CA TYR C 763 71.21 36.51 -5.76
C TYR C 763 69.90 36.98 -5.14
N PHE C 764 69.77 36.81 -3.83
CA PHE C 764 68.55 37.24 -3.18
C PHE C 764 68.34 38.73 -3.43
N LYS C 765 69.42 39.50 -3.25
CA LYS C 765 69.37 40.93 -3.45
C LYS C 765 68.98 41.21 -4.87
N GLU C 766 69.56 40.43 -5.79
CA GLU C 766 69.31 40.56 -7.22
C GLU C 766 67.86 40.33 -7.61
N PHE C 767 67.32 39.18 -7.24
CA PHE C 767 65.95 38.86 -7.58
C PHE C 767 64.96 39.86 -6.98
N GLU C 768 65.21 40.30 -5.75
CA GLU C 768 64.34 41.27 -5.12
C GLU C 768 64.32 42.57 -5.91
N LYS C 769 65.50 43.01 -6.34
CA LYS C 769 65.62 44.26 -7.10
C LYS C 769 64.92 44.29 -8.44
N GLU C 770 64.78 43.13 -9.08
CA GLU C 770 64.16 43.06 -10.39
C GLU C 770 62.75 42.50 -10.37
N PHE C 771 62.29 42.10 -9.20
CA PHE C 771 60.98 41.51 -9.09
C PHE C 771 59.85 42.34 -9.65
N ARG C 772 59.86 43.64 -9.39
CA ARG C 772 58.78 44.49 -9.87
C ARG C 772 58.82 44.74 -11.37
N GLN C 773 59.89 44.32 -12.04
CA GLN C 773 59.97 44.49 -13.50
C GLN C 773 59.51 43.23 -14.21
N LEU C 774 59.28 42.14 -13.48
CA LEU C 774 58.87 40.91 -14.11
C LEU C 774 57.45 40.98 -14.65
N ASN C 775 57.18 40.14 -15.64
CA ASN C 775 55.87 40.07 -16.28
C ASN C 775 54.85 39.59 -15.27
N TYR C 776 53.72 40.28 -15.20
CA TYR C 776 52.70 39.94 -14.24
C TYR C 776 52.24 38.51 -14.26
N ILE C 777 52.31 37.85 -15.40
CA ILE C 777 51.85 36.47 -15.45
C ILE C 777 52.88 35.51 -14.92
N SER C 778 54.14 35.86 -15.06
CA SER C 778 55.19 35.00 -14.59
C SER C 778 55.30 35.03 -13.08
N ILE C 779 54.72 36.05 -12.45
CA ILE C 779 54.81 36.16 -11.01
C ILE C 779 53.50 35.87 -10.30
N ALA C 780 52.51 35.45 -11.05
CA ALA C 780 51.22 35.12 -10.47
C ALA C 780 51.18 33.65 -10.06
N SER C 781 50.38 33.33 -9.05
CA SER C 781 50.23 31.96 -8.57
C SER C 781 49.15 31.26 -9.36
N VAL C 782 49.16 29.94 -9.38
CA VAL C 782 48.13 29.20 -10.08
C VAL C 782 47.43 28.30 -9.09
N SER C 783 46.14 28.07 -9.30
CA SER C 783 45.34 27.24 -8.40
C SER C 783 44.14 26.64 -9.09
N SER C 784 43.66 25.52 -8.59
CA SER C 784 42.48 24.89 -9.17
C SER C 784 41.27 25.47 -8.48
N ALA C 785 40.29 25.88 -9.28
CA ALA C 785 39.07 26.47 -8.75
C ALA C 785 37.98 25.44 -8.64
N ASN C 786 37.71 24.96 -7.42
CA ASN C 786 36.67 23.98 -7.22
C ASN C 786 35.62 24.44 -6.25
N ASN C 787 34.37 24.16 -6.59
CA ASN C 787 33.25 24.52 -5.76
C ASN C 787 33.19 26.03 -5.63
N ILE C 788 33.29 26.71 -6.78
CA ILE C 788 33.26 28.16 -6.76
C ILE C 788 31.96 28.62 -6.15
N ALA C 789 30.85 28.08 -6.67
CA ALA C 789 29.53 28.45 -6.18
C ALA C 789 29.36 28.18 -4.69
N LYS C 790 29.83 27.02 -4.23
CA LYS C 790 29.72 26.66 -2.82
C LYS C 790 30.09 27.81 -1.89
N TYR C 791 30.95 28.70 -2.36
CA TYR C 791 31.34 29.81 -1.50
C TYR C 791 30.83 31.14 -2.00
N ASP C 792 29.97 31.09 -3.01
CA ASP C 792 29.40 32.30 -3.57
C ASP C 792 28.14 32.68 -2.80
N VAL C 793 28.09 33.91 -2.31
CA VAL C 793 26.94 34.39 -1.57
C VAL C 793 26.65 35.82 -2.03
N GLY C 794 26.09 35.93 -3.23
CA GLY C 794 25.79 37.23 -3.78
C GLY C 794 27.04 37.81 -4.43
N GLY C 795 27.85 36.95 -5.01
CA GLY C 795 29.06 37.40 -5.68
C GLY C 795 30.11 37.80 -4.68
N PHE C 796 29.87 37.46 -3.42
CA PHE C 796 30.78 37.77 -2.34
C PHE C 796 31.17 36.50 -1.62
N PRO C 797 32.41 36.44 -1.10
CA PRO C 797 32.86 35.24 -0.40
C PRO C 797 32.01 34.83 0.79
N GLY C 798 31.71 33.54 0.85
CA GLY C 798 30.93 33.01 1.94
C GLY C 798 31.85 32.59 3.08
N PRO C 799 31.34 31.80 4.04
CA PRO C 799 32.15 31.36 5.17
C PRO C 799 33.29 30.42 4.77
N LYS C 800 34.47 30.63 5.34
CA LYS C 800 35.66 29.82 5.07
C LYS C 800 36.03 29.77 3.58
N CYS C 801 35.70 30.84 2.87
CA CYS C 801 35.98 30.94 1.44
C CYS C 801 37.47 30.92 1.11
N PRO C 802 37.90 29.92 0.35
CA PRO C 802 39.29 29.75 -0.07
C PRO C 802 39.83 31.02 -0.73
N PHE C 803 41.02 31.43 -0.34
CA PHE C 803 41.64 32.65 -0.88
C PHE C 803 41.61 32.76 -2.40
N HIS C 804 41.80 31.64 -3.09
CA HIS C 804 41.78 31.72 -4.52
C HIS C 804 40.37 31.82 -5.04
N ILE C 805 39.43 31.19 -4.33
CA ILE C 805 38.04 31.23 -4.75
C ILE C 805 37.50 32.63 -4.49
N ARG C 806 37.95 33.22 -3.39
CA ARG C 806 37.51 34.56 -3.04
C ARG C 806 38.02 35.50 -4.13
N GLY C 807 39.13 35.13 -4.75
CA GLY C 807 39.67 35.98 -5.81
C GLY C 807 38.82 35.84 -7.06
N ILE C 808 38.28 34.64 -7.27
CA ILE C 808 37.44 34.34 -8.42
C ILE C 808 36.22 35.25 -8.39
N LEU C 809 35.63 35.42 -7.21
CA LEU C 809 34.45 36.26 -7.04
C LEU C 809 34.76 37.71 -7.35
N THR C 810 35.88 38.19 -6.84
CA THR C 810 36.30 39.57 -7.06
C THR C 810 36.30 39.83 -8.57
N TYR C 811 36.78 38.84 -9.33
CA TYR C 811 36.84 38.94 -10.77
C TYR C 811 35.45 38.93 -11.36
N ASN C 812 34.58 38.06 -10.82
CA ASN C 812 33.21 37.94 -11.29
C ASN C 812 32.49 39.26 -11.15
N ARG C 813 32.62 39.89 -9.99
CA ARG C 813 31.95 41.15 -9.79
C ARG C 813 32.58 42.21 -10.69
N ALA C 814 33.85 42.02 -11.02
CA ALA C 814 34.58 42.96 -11.86
C ALA C 814 34.21 42.98 -13.34
N ILE C 815 33.65 41.88 -13.83
CA ILE C 815 33.25 41.80 -15.24
C ILE C 815 31.75 41.54 -15.38
N LYS C 816 31.05 41.44 -14.26
CA LYS C 816 29.61 41.19 -14.24
C LYS C 816 28.88 42.01 -15.28
N GLY C 817 28.22 41.34 -16.21
CA GLY C 817 27.50 42.04 -17.24
C GLY C 817 28.33 42.40 -18.45
N ASN C 818 29.24 41.52 -18.83
CA ASN C 818 30.09 41.76 -19.98
C ASN C 818 30.48 40.41 -20.54
N ILE C 819 29.62 39.87 -21.40
CA ILE C 819 29.84 38.55 -21.99
C ILE C 819 31.13 38.39 -22.79
N ASP C 820 31.75 39.50 -23.17
CA ASP C 820 33.00 39.46 -23.94
C ASP C 820 34.22 39.22 -23.06
N ALA C 821 33.97 38.99 -21.76
CA ALA C 821 35.01 38.73 -20.78
C ALA C 821 35.06 37.25 -20.46
N PRO C 822 36.22 36.62 -20.63
CA PRO C 822 36.40 35.20 -20.37
C PRO C 822 35.93 34.79 -18.98
N GLN C 823 35.05 33.80 -18.92
CA GLN C 823 34.51 33.33 -17.66
C GLN C 823 35.40 32.29 -17.02
N VAL C 824 35.44 32.28 -15.70
CA VAL C 824 36.24 31.32 -14.97
C VAL C 824 35.42 30.08 -14.86
N VAL C 825 35.89 29.00 -15.46
CA VAL C 825 35.17 27.74 -15.42
C VAL C 825 35.47 26.85 -14.22
N GLU C 826 34.41 26.29 -13.65
CA GLU C 826 34.52 25.39 -12.52
C GLU C 826 35.47 24.28 -12.95
N GLY C 827 36.33 23.84 -12.03
CA GLY C 827 37.25 22.77 -12.36
C GLY C 827 38.56 23.27 -12.94
N GLU C 828 38.48 24.27 -13.81
CA GLU C 828 39.67 24.83 -14.43
C GLU C 828 40.58 25.51 -13.41
N LYS C 829 41.77 25.89 -13.85
CA LYS C 829 42.71 26.54 -12.97
C LYS C 829 42.72 28.05 -13.18
N VAL C 830 43.15 28.79 -12.17
CA VAL C 830 43.20 30.24 -12.26
C VAL C 830 44.53 30.86 -11.77
N TYR C 831 44.87 32.00 -12.35
CA TYR C 831 46.04 32.72 -11.93
C TYR C 831 45.51 33.56 -10.76
N VAL C 832 46.36 33.84 -9.78
CA VAL C 832 45.92 34.60 -8.64
C VAL C 832 46.91 35.68 -8.27
N LEU C 833 46.42 36.87 -7.98
CA LEU C 833 47.29 37.97 -7.60
C LEU C 833 46.66 38.69 -6.46
N PRO C 834 47.46 39.14 -5.50
CA PRO C 834 46.90 39.85 -4.37
C PRO C 834 46.74 41.33 -4.75
N LEU C 835 45.86 42.06 -4.05
CA LEU C 835 45.63 43.47 -4.36
C LEU C 835 45.81 44.41 -3.17
N ARG C 836 46.54 45.50 -3.38
CA ARG C 836 46.80 46.46 -2.33
C ARG C 836 45.51 47.06 -1.77
N GLU C 837 45.48 47.25 -0.45
CA GLU C 837 44.30 47.80 0.22
C GLU C 837 43.76 49.08 -0.41
N GLY C 838 42.43 49.20 -0.50
CA GLY C 838 41.81 50.37 -1.08
C GLY C 838 41.71 50.33 -2.58
N ASN C 839 41.63 49.13 -3.13
CA ASN C 839 41.58 48.96 -4.58
C ASN C 839 40.14 48.90 -5.06
N PRO C 840 39.92 49.32 -6.32
CA PRO C 840 38.59 49.33 -6.91
C PRO C 840 37.88 48.00 -7.07
N PHE C 841 38.50 46.91 -6.66
CA PHE C 841 37.82 45.61 -6.81
C PHE C 841 37.15 45.19 -5.52
N GLY C 842 37.33 45.98 -4.48
CA GLY C 842 36.70 45.70 -3.22
C GLY C 842 37.23 44.56 -2.39
N ASP C 843 38.16 43.77 -2.91
CA ASP C 843 38.71 42.66 -2.12
C ASP C 843 40.22 42.68 -2.02
N LYS C 844 40.78 41.65 -1.40
CA LYS C 844 42.23 41.56 -1.22
C LYS C 844 42.99 40.83 -2.33
N CYS C 845 42.26 40.23 -3.25
CA CYS C 845 42.89 39.51 -4.35
C CYS C 845 41.95 39.32 -5.53
N ILE C 846 42.50 38.97 -6.68
CA ILE C 846 41.70 38.75 -7.88
C ILE C 846 42.28 37.63 -8.69
N ALA C 847 41.45 36.70 -9.13
CA ALA C 847 41.94 35.58 -9.94
C ALA C 847 41.28 35.58 -11.31
N TRP C 848 41.91 34.96 -12.29
CA TRP C 848 41.35 34.92 -13.63
C TRP C 848 41.82 33.67 -14.32
N PRO C 849 41.12 33.24 -15.38
CA PRO C 849 41.47 32.05 -16.14
C PRO C 849 42.96 31.89 -16.45
N SER C 850 43.51 30.74 -16.07
CA SER C 850 44.92 30.46 -16.29
C SER C 850 45.30 30.22 -17.75
N GLY C 851 46.58 30.43 -18.04
CA GLY C 851 47.07 30.25 -19.38
C GLY C 851 46.55 31.32 -20.31
N THR C 852 46.04 32.41 -19.73
CA THR C 852 45.49 33.50 -20.52
C THR C 852 45.88 34.85 -19.95
N GLU C 853 45.79 35.88 -20.78
CA GLU C 853 46.09 37.23 -20.34
C GLU C 853 44.80 37.72 -19.71
N ILE C 854 44.88 38.67 -18.79
CA ILE C 854 43.68 39.17 -18.12
C ILE C 854 42.92 40.13 -19.04
N THR C 855 41.58 40.05 -19.04
CA THR C 855 40.72 40.92 -19.85
C THR C 855 41.14 42.37 -19.80
N ASP C 856 41.10 43.09 -20.92
CA ASP C 856 41.52 44.47 -20.87
C ASP C 856 40.56 45.40 -20.16
N LEU C 857 39.36 44.93 -19.89
CA LEU C 857 38.41 45.76 -19.19
C LEU C 857 38.98 46.11 -17.83
N ILE C 858 39.73 45.20 -17.25
CA ILE C 858 40.29 45.40 -15.91
C ILE C 858 41.80 45.23 -15.85
N LYS C 859 42.40 44.88 -16.97
CA LYS C 859 43.83 44.65 -17.07
C LYS C 859 44.70 45.73 -16.47
N ASP C 860 44.53 46.95 -16.94
CA ASP C 860 45.36 48.03 -16.43
C ASP C 860 45.15 48.41 -14.98
N ASP C 861 44.04 47.98 -14.40
CA ASP C 861 43.77 48.29 -13.00
C ASP C 861 44.45 47.24 -12.15
N VAL C 862 44.28 45.98 -12.52
CA VAL C 862 44.88 44.88 -11.81
C VAL C 862 46.39 45.08 -11.77
N LEU C 863 46.96 45.55 -12.87
CA LEU C 863 48.39 45.78 -12.93
C LEU C 863 48.80 46.87 -11.98
N HIS C 864 47.95 47.88 -11.81
CA HIS C 864 48.26 49.02 -10.94
C HIS C 864 47.98 48.78 -9.47
N TRP C 865 47.11 47.83 -9.17
CA TRP C 865 46.75 47.54 -7.80
C TRP C 865 47.36 46.29 -7.20
N MET C 866 47.97 45.45 -8.02
CA MET C 866 48.54 44.23 -7.49
C MET C 866 49.55 44.56 -6.43
N ASP C 867 49.57 43.76 -5.37
CA ASP C 867 50.47 43.97 -4.26
C ASP C 867 51.79 43.25 -4.44
N TYR C 868 52.74 43.89 -5.12
CA TYR C 868 54.04 43.26 -5.32
C TYR C 868 54.66 42.80 -4.02
N THR C 869 54.68 43.68 -3.02
CA THR C 869 55.26 43.32 -1.72
C THR C 869 54.70 42.03 -1.15
N VAL C 870 53.39 41.91 -1.06
CA VAL C 870 52.78 40.72 -0.52
C VAL C 870 53.05 39.53 -1.42
N LEU C 871 53.01 39.73 -2.72
CA LEU C 871 53.25 38.64 -3.65
C LEU C 871 54.65 38.07 -3.42
N LEU C 872 55.66 38.92 -3.36
CA LEU C 872 57.02 38.46 -3.11
C LEU C 872 57.16 37.72 -1.79
N GLU C 873 56.63 38.28 -0.71
CA GLU C 873 56.70 37.66 0.58
C GLU C 873 56.05 36.27 0.60
N LYS C 874 54.82 36.19 0.15
CA LYS C 874 54.12 34.91 0.16
C LYS C 874 54.67 33.84 -0.75
N THR C 875 55.01 34.22 -1.97
CA THR C 875 55.49 33.26 -2.94
C THR C 875 56.99 32.95 -2.97
N PHE C 876 57.85 33.93 -2.66
CA PHE C 876 59.32 33.75 -2.70
C PHE C 876 60.02 33.68 -1.35
N ILE C 877 59.95 34.75 -0.55
CA ILE C 877 60.60 34.75 0.75
C ILE C 877 60.14 33.64 1.67
N LYS C 878 58.86 33.63 2.03
CA LYS C 878 58.33 32.60 2.92
C LYS C 878 58.97 31.22 2.68
N PRO C 879 58.86 30.68 1.46
CA PRO C 879 59.45 29.37 1.15
C PRO C 879 60.99 29.34 1.20
N LEU C 880 61.62 30.42 0.77
CA LEU C 880 63.08 30.49 0.79
C LEU C 880 63.47 30.36 2.25
N GLU C 881 62.86 31.17 3.10
CA GLU C 881 63.16 31.15 4.51
C GLU C 881 63.07 29.73 5.05
N GLY C 882 62.19 28.94 4.44
CA GLY C 882 62.02 27.56 4.85
C GLY C 882 63.21 26.68 4.52
N PHE C 883 63.80 26.91 3.35
CA PHE C 883 64.96 26.14 2.94
C PHE C 883 66.15 26.54 3.78
N THR C 884 66.41 27.84 3.84
CA THR C 884 67.56 28.36 4.55
C THR C 884 67.63 28.06 6.04
N SER C 885 66.51 28.17 6.72
CA SER C 885 66.53 27.89 8.15
C SER C 885 66.89 26.42 8.39
N ALA C 886 66.37 25.54 7.54
CA ALA C 886 66.65 24.11 7.66
C ALA C 886 68.14 23.84 7.45
N ALA C 887 68.71 24.46 6.42
CA ALA C 887 70.11 24.29 6.08
C ALA C 887 70.98 25.14 6.98
N LYS C 888 70.34 25.95 7.80
CA LYS C 888 71.11 26.79 8.69
C LYS C 888 72.02 27.69 7.85
N LEU C 889 71.41 28.51 7.01
CA LEU C 889 72.12 29.45 6.14
C LEU C 889 71.31 30.73 6.22
N ASP C 890 71.94 31.86 5.98
CA ASP C 890 71.22 33.12 6.04
C ASP C 890 71.10 33.70 4.65
N TYR C 891 69.90 34.05 4.23
CA TYR C 891 69.76 34.63 2.90
C TYR C 891 69.98 36.13 2.93
N GLU C 892 70.21 36.69 4.11
CA GLU C 892 70.51 38.12 4.21
C GLU C 892 71.75 38.30 5.08
N LYS C 893 72.68 39.11 4.62
CA LYS C 893 73.92 39.33 5.37
C LYS C 893 73.64 39.77 6.80
N LYS C 894 74.28 39.08 7.74
CA LYS C 894 74.17 39.36 9.17
C LYS C 894 75.47 39.94 9.64
N ALA C 895 75.48 40.55 10.81
CA ALA C 895 76.70 41.16 11.32
C ALA C 895 77.55 40.24 12.19
N SER C 896 78.75 40.71 12.52
CA SER C 896 79.69 39.95 13.36
C SER C 896 80.99 40.74 13.59
N LEU C 897 82.11 40.04 13.47
CA LEU C 897 83.42 40.65 13.62
C LEU C 897 84.08 40.60 12.26
N PHE C 898 83.81 41.64 11.48
CA PHE C 898 84.34 41.82 10.13
C PHE C 898 85.03 43.18 10.11
N ASP C 899 86.16 43.22 10.80
CA ASP C 899 86.95 44.43 10.93
C ASP C 899 88.43 44.06 10.95
N MET C 900 89.28 44.99 10.53
CA MET C 900 90.70 44.72 10.49
C MET C 900 91.43 44.59 11.81
N PHE C 901 92.17 43.49 11.90
CA PHE C 901 92.99 43.09 13.03
C PHE C 901 94.20 44.00 13.15
N MET D 1 -40.97 -45.69 -61.74
CA MET D 1 -40.66 -45.36 -60.32
C MET D 1 -41.80 -45.79 -59.37
N LYS D 2 -41.48 -45.86 -58.08
CA LYS D 2 -42.46 -46.23 -57.06
C LYS D 2 -43.40 -45.05 -56.79
N GLU D 3 -44.70 -45.30 -56.90
CA GLU D 3 -45.73 -44.28 -56.70
C GLU D 3 -45.79 -43.72 -55.26
N PHE D 4 -45.99 -42.40 -55.12
CA PHE D 4 -46.11 -41.79 -53.80
C PHE D 4 -47.19 -40.72 -53.79
N TYR D 5 -47.86 -40.56 -52.64
CA TYR D 5 -48.95 -39.60 -52.49
C TYR D 5 -48.46 -38.17 -52.26
N LEU D 6 -49.34 -37.22 -52.56
CA LEU D 6 -49.03 -35.82 -52.37
C LEU D 6 -49.93 -35.31 -51.26
N THR D 7 -51.23 -35.50 -51.44
CA THR D 7 -52.20 -35.02 -50.48
C THR D 7 -53.39 -35.95 -50.43
N VAL D 8 -53.94 -36.13 -49.23
CA VAL D 8 -55.12 -36.98 -49.05
C VAL D 8 -56.13 -36.27 -48.17
N GLU D 9 -57.39 -36.30 -48.57
CA GLU D 9 -58.44 -35.67 -47.79
C GLU D 9 -59.62 -36.62 -47.73
N GLN D 10 -60.47 -36.44 -46.73
CA GLN D 10 -61.64 -37.27 -46.60
C GLN D 10 -62.85 -36.35 -46.66
N ILE D 11 -63.67 -36.54 -47.68
CA ILE D 11 -64.87 -35.74 -47.82
C ILE D 11 -66.04 -36.72 -47.99
N GLY D 12 -66.79 -36.90 -46.92
CA GLY D 12 -67.91 -37.81 -46.96
C GLY D 12 -67.40 -39.23 -46.92
N ASP D 13 -67.98 -40.09 -47.74
CA ASP D 13 -67.57 -41.49 -47.79
C ASP D 13 -66.50 -41.71 -48.85
N SER D 14 -65.88 -40.62 -49.28
CA SER D 14 -64.87 -40.72 -50.30
C SER D 14 -63.57 -40.01 -49.87
N ILE D 15 -62.43 -40.62 -50.20
CA ILE D 15 -61.17 -39.97 -49.88
C ILE D 15 -60.60 -39.46 -51.21
N PHE D 16 -60.07 -38.25 -51.19
CA PHE D 16 -59.54 -37.63 -52.38
C PHE D 16 -58.04 -37.54 -52.28
N GLU D 17 -57.36 -38.23 -53.18
CA GLU D 17 -55.91 -38.26 -53.18
C GLU D 17 -55.27 -37.64 -54.42
N ARG D 18 -54.19 -36.90 -54.18
CA ARG D 18 -53.40 -36.29 -55.23
C ARG D 18 -52.10 -37.06 -55.08
N TYR D 19 -51.57 -37.58 -56.17
CA TYR D 19 -50.34 -38.37 -56.09
C TYR D 19 -49.51 -38.33 -57.36
N ILE D 20 -48.31 -38.86 -57.24
CA ILE D 20 -47.39 -38.97 -58.36
C ILE D 20 -47.48 -40.44 -58.76
N ASP D 21 -47.77 -40.69 -60.03
CA ASP D 21 -47.91 -42.06 -60.55
C ASP D 21 -46.61 -42.73 -60.92
N SER D 22 -46.71 -44.00 -61.30
CA SER D 22 -45.58 -44.82 -61.71
C SER D 22 -44.70 -44.11 -62.74
N ASN D 23 -45.34 -43.32 -63.62
CA ASN D 23 -44.62 -42.60 -64.66
C ASN D 23 -44.16 -41.20 -64.21
N GLY D 24 -44.49 -40.84 -62.97
CA GLY D 24 -44.10 -39.53 -62.45
C GLY D 24 -45.07 -38.38 -62.76
N ARG D 25 -46.25 -38.71 -63.28
CA ARG D 25 -47.23 -37.67 -63.60
C ARG D 25 -48.18 -37.48 -62.43
N GLU D 26 -48.60 -36.24 -62.21
CA GLU D 26 -49.50 -35.96 -61.10
C GLU D 26 -50.93 -36.34 -61.43
N ARG D 27 -51.49 -37.25 -60.65
CA ARG D 27 -52.86 -37.67 -60.89
C ARG D 27 -53.71 -37.35 -59.67
N THR D 28 -55.01 -37.50 -59.84
CA THR D 28 -55.98 -37.22 -58.79
C THR D 28 -57.04 -38.29 -58.88
N ARG D 29 -57.48 -38.83 -57.74
CA ARG D 29 -58.51 -39.87 -57.74
C ARG D 29 -59.45 -39.82 -56.54
N GLU D 30 -60.68 -40.26 -56.76
CA GLU D 30 -61.69 -40.29 -55.72
C GLU D 30 -61.90 -41.76 -55.40
N VAL D 31 -61.93 -42.12 -54.12
CA VAL D 31 -62.14 -43.53 -53.78
C VAL D 31 -63.04 -43.72 -52.56
N GLU D 32 -64.04 -44.58 -52.72
CA GLU D 32 -64.98 -44.87 -51.63
C GLU D 32 -64.35 -45.89 -50.69
N TYR D 33 -63.29 -45.47 -50.00
CA TYR D 33 -62.58 -46.35 -49.10
C TYR D 33 -63.47 -47.12 -48.16
N LYS D 34 -63.21 -48.41 -48.05
CA LYS D 34 -63.97 -49.26 -47.15
C LYS D 34 -63.02 -49.55 -45.98
N PRO D 35 -63.17 -48.79 -44.89
CA PRO D 35 -62.31 -48.98 -43.73
C PRO D 35 -62.67 -50.21 -42.93
N SER D 36 -61.69 -50.70 -42.18
CA SER D 36 -61.90 -51.89 -41.38
C SER D 36 -61.62 -51.50 -39.92
N LEU D 37 -62.38 -52.07 -38.98
CA LEU D 37 -62.17 -51.81 -37.56
C LEU D 37 -62.20 -53.15 -36.86
N PHE D 38 -61.92 -53.17 -35.55
CA PHE D 38 -61.91 -54.44 -34.84
C PHE D 38 -62.62 -54.40 -33.50
N ALA D 39 -63.17 -55.54 -33.12
CA ALA D 39 -63.85 -55.66 -31.84
C ALA D 39 -63.28 -56.90 -31.20
N HIS D 40 -63.28 -56.96 -29.88
CA HIS D 40 -62.76 -58.14 -29.20
C HIS D 40 -63.68 -59.31 -29.53
N CYS D 41 -63.13 -60.52 -29.49
CA CYS D 41 -63.93 -61.70 -29.80
C CYS D 41 -63.58 -62.83 -28.83
N PRO D 42 -64.46 -63.83 -28.71
CA PRO D 42 -64.22 -64.97 -27.82
C PRO D 42 -63.02 -65.77 -28.30
N GLU D 43 -62.35 -66.43 -27.36
CA GLU D 43 -61.17 -67.24 -27.66
C GLU D 43 -61.42 -68.17 -28.86
N SER D 44 -62.55 -68.86 -28.83
CA SER D 44 -62.92 -69.79 -29.89
C SER D 44 -62.75 -69.17 -31.27
N GLN D 45 -63.30 -67.96 -31.43
CA GLN D 45 -63.24 -67.22 -32.69
C GLN D 45 -61.79 -67.00 -33.12
N ALA D 46 -61.16 -68.03 -33.68
CA ALA D 46 -59.77 -67.92 -34.10
C ALA D 46 -59.57 -66.93 -35.24
N THR D 47 -58.59 -66.05 -35.10
CA THR D 47 -58.27 -65.06 -36.13
C THR D 47 -56.77 -64.80 -36.11
N LYS D 48 -56.32 -63.87 -36.96
CA LYS D 48 -54.91 -63.51 -37.02
C LYS D 48 -54.66 -62.18 -36.32
N TYR D 49 -55.74 -61.56 -35.86
CA TYR D 49 -55.65 -60.26 -35.22
C TYR D 49 -55.71 -60.26 -33.70
N PHE D 50 -54.80 -59.50 -33.09
CA PHE D 50 -54.74 -59.38 -31.63
C PHE D 50 -54.41 -57.93 -31.26
N ASP D 51 -54.86 -57.51 -30.08
CA ASP D 51 -54.56 -56.15 -29.64
C ASP D 51 -53.20 -56.18 -28.92
N ILE D 52 -52.65 -55.01 -28.62
CA ILE D 52 -51.34 -54.96 -27.97
C ILE D 52 -51.27 -55.71 -26.64
N TYR D 53 -52.41 -56.20 -26.18
CA TYR D 53 -52.48 -56.94 -24.93
C TYR D 53 -52.59 -58.45 -25.17
N GLY D 54 -52.52 -58.86 -26.43
CA GLY D 54 -52.61 -60.27 -26.74
C GLY D 54 -54.02 -60.81 -26.92
N LYS D 55 -55.03 -60.01 -26.56
CA LYS D 55 -56.41 -60.44 -26.70
C LYS D 55 -56.82 -60.48 -28.16
N PRO D 56 -57.50 -61.55 -28.57
CA PRO D 56 -57.97 -61.75 -29.95
C PRO D 56 -59.08 -60.79 -30.39
N CYS D 57 -59.01 -60.37 -31.64
CA CYS D 57 -59.98 -59.45 -32.19
C CYS D 57 -60.45 -59.91 -33.54
N THR D 58 -61.64 -59.47 -33.93
CA THR D 58 -62.19 -59.86 -35.21
C THR D 58 -62.36 -58.61 -36.07
N ARG D 59 -61.87 -58.70 -37.29
CA ARG D 59 -61.90 -57.61 -38.24
C ARG D 59 -63.28 -57.39 -38.83
N LYS D 60 -63.78 -56.17 -38.73
CA LYS D 60 -65.08 -55.86 -39.30
C LYS D 60 -64.86 -54.82 -40.39
N LEU D 61 -65.24 -55.15 -41.62
CA LEU D 61 -65.08 -54.20 -42.72
C LEU D 61 -66.42 -53.52 -43.01
N PHE D 62 -66.38 -52.22 -43.23
CA PHE D 62 -67.62 -51.48 -43.49
C PHE D 62 -67.82 -51.12 -44.95
N ALA D 63 -69.05 -50.73 -45.27
CA ALA D 63 -69.40 -50.36 -46.62
C ALA D 63 -68.83 -49.00 -47.00
N ASN D 64 -68.64 -48.15 -46.00
CA ASN D 64 -68.09 -46.82 -46.23
C ASN D 64 -67.75 -46.19 -44.89
N MET D 65 -66.91 -45.17 -44.93
CA MET D 65 -66.46 -44.50 -43.71
C MET D 65 -67.57 -44.00 -42.79
N ARG D 66 -68.69 -43.56 -43.33
CA ARG D 66 -69.77 -43.07 -42.49
C ARG D 66 -70.22 -44.14 -41.53
N ASP D 67 -70.39 -45.35 -42.05
CA ASP D 67 -70.83 -46.49 -41.25
C ASP D 67 -69.83 -46.81 -40.16
N ALA D 68 -68.56 -46.81 -40.55
CA ALA D 68 -67.47 -47.09 -39.62
C ALA D 68 -67.58 -46.15 -38.43
N SER D 69 -67.69 -44.86 -38.75
CA SER D 69 -67.81 -43.81 -37.74
C SER D 69 -69.00 -44.09 -36.83
N GLN D 70 -70.16 -44.20 -37.45
CA GLN D 70 -71.40 -44.47 -36.75
C GLN D 70 -71.22 -45.66 -35.82
N TRP D 71 -70.59 -46.71 -36.36
CA TRP D 71 -70.34 -47.93 -35.61
C TRP D 71 -69.57 -47.63 -34.34
N ILE D 72 -68.55 -46.78 -34.47
CA ILE D 72 -67.73 -46.41 -33.34
C ILE D 72 -68.55 -45.69 -32.30
N LYS D 73 -69.42 -44.80 -32.75
CA LYS D 73 -70.26 -44.05 -31.81
C LYS D 73 -71.08 -45.06 -31.00
N ARG D 74 -71.73 -45.97 -31.71
CA ARG D 74 -72.58 -47.02 -31.14
C ARG D 74 -71.82 -47.78 -30.08
N MET D 75 -70.74 -48.43 -30.52
CA MET D 75 -69.87 -49.23 -29.65
C MET D 75 -69.52 -48.51 -28.37
N GLU D 76 -69.06 -47.27 -28.51
CA GLU D 76 -68.68 -46.49 -27.34
C GLU D 76 -69.87 -46.11 -26.47
N ASP D 77 -71.06 -45.99 -27.06
CA ASP D 77 -72.26 -45.69 -26.29
C ASP D 77 -72.52 -46.88 -25.35
N ILE D 78 -72.59 -48.06 -25.96
CA ILE D 78 -72.82 -49.32 -25.26
C ILE D 78 -71.71 -49.63 -24.25
N GLY D 79 -70.53 -49.06 -24.49
CA GLY D 79 -69.40 -49.29 -23.60
C GLY D 79 -68.42 -50.35 -24.06
N LEU D 80 -68.47 -50.73 -25.33
CA LEU D 80 -67.55 -51.74 -25.85
C LEU D 80 -66.42 -51.05 -26.57
N GLU D 81 -65.20 -51.60 -26.43
CA GLU D 81 -64.06 -51.00 -27.10
C GLU D 81 -64.10 -51.21 -28.60
N ALA D 82 -63.81 -50.14 -29.34
CA ALA D 82 -63.78 -50.19 -30.80
C ALA D 82 -62.32 -49.99 -31.21
N LEU D 83 -61.65 -51.07 -31.55
CA LEU D 83 -60.25 -50.98 -31.93
C LEU D 83 -60.01 -50.67 -33.39
N GLY D 84 -58.78 -50.24 -33.68
CA GLY D 84 -58.41 -49.91 -35.05
C GLY D 84 -58.12 -48.44 -35.24
N MET D 85 -57.65 -48.08 -36.42
CA MET D 85 -57.35 -46.70 -36.75
C MET D 85 -58.63 -45.96 -37.10
N ASP D 86 -59.06 -45.08 -36.22
CA ASP D 86 -60.27 -44.31 -36.44
C ASP D 86 -60.07 -43.17 -37.45
N ASP D 87 -58.81 -42.77 -37.70
CA ASP D 87 -58.50 -41.73 -38.67
C ASP D 87 -58.29 -42.44 -40.00
N PHE D 88 -59.37 -42.46 -40.78
CA PHE D 88 -59.40 -43.13 -42.08
C PHE D 88 -58.35 -42.72 -43.10
N LYS D 89 -58.07 -41.43 -43.22
CA LYS D 89 -57.05 -41.04 -44.19
C LYS D 89 -55.74 -41.77 -43.85
N LEU D 90 -55.43 -41.90 -42.56
CA LEU D 90 -54.22 -42.59 -42.14
C LEU D 90 -54.22 -44.04 -42.56
N ALA D 91 -55.39 -44.66 -42.48
CA ALA D 91 -55.55 -46.06 -42.85
C ALA D 91 -55.38 -46.19 -44.35
N TYR D 92 -56.13 -45.36 -45.08
CA TYR D 92 -56.10 -45.36 -46.53
C TYR D 92 -54.67 -45.26 -47.02
N LEU D 93 -53.94 -44.33 -46.41
CA LEU D 93 -52.56 -44.09 -46.77
C LEU D 93 -51.70 -45.34 -46.53
N SER D 94 -51.86 -45.95 -45.34
CA SER D 94 -51.06 -47.13 -44.99
C SER D 94 -51.44 -48.33 -45.82
N ASP D 95 -52.66 -48.33 -46.33
CA ASP D 95 -53.12 -49.43 -47.16
C ASP D 95 -52.59 -49.22 -48.56
N THR D 96 -52.79 -48.02 -49.11
CA THR D 96 -52.35 -47.75 -50.47
C THR D 96 -50.85 -47.59 -50.63
N TYR D 97 -50.11 -47.54 -49.53
CA TYR D 97 -48.67 -47.41 -49.61
C TYR D 97 -48.03 -48.32 -48.57
N ASN D 98 -48.22 -49.63 -48.76
CA ASN D 98 -47.67 -50.60 -47.84
C ASN D 98 -46.22 -50.94 -48.14
N TYR D 99 -45.41 -49.90 -48.13
CA TYR D 99 -43.97 -50.03 -48.36
C TYR D 99 -43.30 -48.74 -47.93
N GLU D 100 -41.98 -48.69 -48.08
CA GLU D 100 -41.23 -47.50 -47.73
C GLU D 100 -41.40 -46.49 -48.83
N ILE D 101 -42.04 -45.38 -48.52
CA ILE D 101 -42.27 -44.36 -49.53
C ILE D 101 -40.95 -43.72 -49.91
N LYS D 102 -40.68 -43.76 -51.21
CA LYS D 102 -39.48 -43.16 -51.78
C LYS D 102 -40.06 -42.05 -52.64
N TYR D 103 -39.83 -40.81 -52.24
CA TYR D 103 -40.39 -39.70 -52.99
C TYR D 103 -39.33 -38.84 -53.67
N ASP D 104 -39.67 -38.28 -54.83
CA ASP D 104 -38.75 -37.40 -55.55
C ASP D 104 -39.36 -36.02 -55.50
N HIS D 105 -38.74 -35.18 -54.68
CA HIS D 105 -39.22 -33.82 -54.46
C HIS D 105 -39.43 -32.99 -55.70
N THR D 106 -38.75 -33.34 -56.80
CA THR D 106 -38.90 -32.55 -58.01
C THR D 106 -40.24 -32.72 -58.70
N LYS D 107 -41.02 -33.70 -58.25
CA LYS D 107 -42.33 -33.91 -58.85
C LYS D 107 -43.38 -33.24 -57.96
N ILE D 108 -42.95 -32.83 -56.77
CA ILE D 108 -43.84 -32.19 -55.80
C ILE D 108 -43.88 -30.67 -55.98
N ARG D 109 -45.06 -30.10 -56.20
CA ARG D 109 -45.22 -28.66 -56.41
C ARG D 109 -45.22 -27.80 -55.12
N VAL D 110 -44.17 -26.99 -54.95
CA VAL D 110 -44.02 -26.16 -53.76
C VAL D 110 -44.07 -24.65 -54.00
N ALA D 111 -45.22 -24.03 -53.77
CA ALA D 111 -45.36 -22.58 -53.97
C ALA D 111 -45.07 -21.76 -52.70
N ASN D 112 -44.16 -20.80 -52.81
CA ASN D 112 -43.80 -19.93 -51.69
C ASN D 112 -44.19 -18.54 -52.14
N PHE D 113 -45.29 -18.00 -51.64
CA PHE D 113 -45.71 -16.67 -52.09
C PHE D 113 -45.73 -15.57 -51.04
N ASP D 114 -46.36 -14.47 -51.41
CA ASP D 114 -46.46 -13.29 -50.56
C ASP D 114 -47.24 -12.22 -51.29
N ILE D 115 -48.24 -11.63 -50.63
CA ILE D 115 -49.07 -10.60 -51.23
C ILE D 115 -48.87 -9.24 -50.58
N GLU D 116 -49.30 -8.19 -51.27
CA GLU D 116 -49.18 -6.84 -50.75
C GLU D 116 -50.52 -6.10 -50.80
N VAL D 117 -50.79 -5.27 -49.80
CA VAL D 117 -52.02 -4.50 -49.73
C VAL D 117 -51.75 -3.11 -49.15
N THR D 118 -51.93 -2.09 -49.99
CA THR D 118 -51.73 -0.71 -49.58
C THR D 118 -53.00 -0.22 -48.92
N SER D 119 -52.92 0.08 -47.63
CA SER D 119 -54.08 0.56 -46.90
C SER D 119 -53.67 1.38 -45.68
N PRO D 120 -53.93 2.71 -45.70
CA PRO D 120 -53.57 3.60 -44.59
C PRO D 120 -54.51 3.45 -43.39
N ASP D 121 -55.59 2.70 -43.59
CA ASP D 121 -56.58 2.46 -42.56
C ASP D 121 -55.96 1.74 -41.37
N GLY D 122 -54.74 1.25 -41.57
CA GLY D 122 -54.07 0.51 -40.53
C GLY D 122 -54.10 -0.90 -41.08
N PHE D 123 -53.35 -1.82 -40.51
CA PHE D 123 -53.33 -3.18 -41.02
C PHE D 123 -54.73 -3.69 -41.37
N PRO D 124 -54.86 -4.35 -42.53
CA PRO D 124 -56.14 -4.89 -42.99
C PRO D 124 -56.38 -6.31 -42.50
N GLU D 125 -57.42 -6.49 -41.69
CA GLU D 125 -57.73 -7.83 -41.19
C GLU D 125 -58.26 -8.70 -42.33
N PRO D 126 -57.58 -9.81 -42.62
CA PRO D 126 -57.98 -10.74 -43.69
C PRO D 126 -59.31 -11.41 -43.36
N SER D 127 -59.62 -11.49 -42.08
CA SER D 127 -60.86 -12.09 -41.62
C SER D 127 -62.02 -11.33 -42.24
N GLN D 128 -61.69 -10.17 -42.80
CA GLN D 128 -62.63 -9.28 -43.45
C GLN D 128 -61.86 -8.44 -44.46
N ALA D 129 -61.57 -9.02 -45.62
CA ALA D 129 -60.81 -8.32 -46.67
C ALA D 129 -61.61 -7.12 -47.16
N LYS D 130 -60.94 -5.96 -47.21
CA LYS D 130 -61.58 -4.72 -47.64
C LYS D 130 -60.74 -3.96 -48.66
N HIS D 131 -59.48 -3.73 -48.31
CA HIS D 131 -58.58 -3.00 -49.20
C HIS D 131 -57.94 -3.99 -50.14
N PRO D 132 -58.06 -3.75 -51.46
CA PRO D 132 -57.53 -4.58 -52.54
C PRO D 132 -56.04 -4.94 -52.51
N ILE D 133 -55.72 -6.06 -53.13
CA ILE D 133 -54.35 -6.57 -53.20
C ILE D 133 -53.63 -5.95 -54.40
N ASP D 134 -52.88 -4.88 -54.18
CA ASP D 134 -52.17 -4.24 -55.28
C ASP D 134 -50.77 -4.78 -55.57
N ALA D 135 -50.57 -6.08 -55.36
CA ALA D 135 -49.27 -6.74 -55.59
C ALA D 135 -49.33 -8.19 -55.13
N ILE D 136 -48.41 -9.02 -55.61
CA ILE D 136 -48.38 -10.44 -55.24
C ILE D 136 -47.35 -11.22 -56.05
N THR D 137 -46.46 -11.93 -55.36
CA THR D 137 -45.44 -12.71 -56.05
C THR D 137 -45.49 -14.20 -55.69
N HIS D 138 -46.12 -14.98 -56.56
CA HIS D 138 -46.25 -16.43 -56.38
C HIS D 138 -45.16 -17.16 -57.16
N TYR D 139 -44.28 -17.81 -56.43
CA TYR D 139 -43.17 -18.54 -57.04
C TYR D 139 -43.41 -20.04 -57.04
N ASP D 140 -43.03 -20.69 -58.13
CA ASP D 140 -43.19 -22.14 -58.27
C ASP D 140 -41.83 -22.85 -58.11
N SER D 141 -41.83 -24.02 -57.50
CA SER D 141 -40.59 -24.77 -57.27
C SER D 141 -40.13 -25.56 -58.47
N ILE D 142 -41.07 -26.03 -59.27
CA ILE D 142 -40.71 -26.80 -60.45
C ILE D 142 -40.40 -25.85 -61.60
N ASP D 143 -41.26 -24.84 -61.79
CA ASP D 143 -41.10 -23.83 -62.84
C ASP D 143 -39.93 -22.89 -62.54
N ASP D 144 -39.46 -22.91 -61.30
CA ASP D 144 -38.36 -22.07 -60.86
C ASP D 144 -38.55 -20.66 -61.39
N ARG D 145 -39.77 -20.16 -61.26
CA ARG D 145 -40.11 -18.81 -61.73
C ARG D 145 -40.90 -18.01 -60.68
N PHE D 146 -40.57 -16.73 -60.53
CA PHE D 146 -41.23 -15.84 -59.58
C PHE D 146 -42.33 -15.07 -60.31
N TYR D 147 -43.53 -15.63 -60.38
CA TYR D 147 -44.61 -14.93 -61.07
C TYR D 147 -45.08 -13.74 -60.23
N VAL D 148 -44.94 -12.53 -60.78
CA VAL D 148 -45.36 -11.32 -60.09
C VAL D 148 -46.61 -10.73 -60.75
N PHE D 149 -47.65 -10.53 -59.96
CA PHE D 149 -48.92 -9.98 -60.45
C PHE D 149 -49.09 -8.56 -59.93
N ASP D 150 -48.73 -7.57 -60.74
CA ASP D 150 -48.83 -6.16 -60.35
C ASP D 150 -50.14 -5.49 -60.75
N LEU D 151 -50.56 -4.51 -59.94
CA LEU D 151 -51.77 -3.77 -60.19
C LEU D 151 -51.36 -2.30 -60.37
N LEU D 152 -51.73 -1.70 -61.49
CA LEU D 152 -51.39 -0.31 -61.77
C LEU D 152 -52.45 0.64 -61.27
N ASN D 153 -53.70 0.20 -61.29
CA ASN D 153 -54.82 1.01 -60.82
C ASN D 153 -55.06 0.77 -59.34
N SER D 154 -55.55 1.79 -58.64
CA SER D 154 -55.82 1.67 -57.22
C SER D 154 -56.24 2.98 -56.58
N PRO D 155 -57.32 2.96 -55.79
CA PRO D 155 -57.81 4.15 -55.10
C PRO D 155 -56.77 4.67 -54.12
N TYR D 156 -55.60 4.06 -54.15
CA TYR D 156 -54.49 4.44 -53.27
C TYR D 156 -53.25 4.80 -54.11
N GLY D 157 -53.41 5.78 -55.00
CA GLY D 157 -52.32 6.20 -55.84
C GLY D 157 -52.16 5.28 -57.04
N ASN D 158 -52.29 5.83 -58.25
CA ASN D 158 -52.16 5.02 -59.45
C ASN D 158 -50.74 5.18 -60.01
N VAL D 159 -50.05 4.06 -60.16
CA VAL D 159 -48.67 4.07 -60.65
C VAL D 159 -48.49 3.52 -62.05
N GLU D 160 -47.26 3.68 -62.56
CA GLU D 160 -46.89 3.21 -63.89
C GLU D 160 -46.16 1.89 -63.72
N GLU D 161 -46.09 1.12 -64.80
CA GLU D 161 -45.45 -0.20 -64.80
C GLU D 161 -44.15 -0.29 -64.00
N TRP D 162 -43.69 -1.53 -63.80
CA TRP D 162 -42.47 -1.82 -63.06
C TRP D 162 -41.42 -2.21 -64.08
N SER D 163 -40.14 -2.05 -63.73
CA SER D 163 -39.07 -2.39 -64.67
C SER D 163 -37.94 -3.21 -64.04
N ILE D 164 -37.62 -4.33 -64.65
CA ILE D 164 -36.55 -5.22 -64.19
C ILE D 164 -35.19 -4.52 -64.20
N GLU D 165 -35.03 -3.62 -65.16
CA GLU D 165 -33.78 -2.87 -65.31
C GLU D 165 -33.45 -2.04 -64.09
N ILE D 166 -34.37 -1.16 -63.70
CA ILE D 166 -34.16 -0.31 -62.53
C ILE D 166 -34.13 -1.19 -61.29
N ALA D 167 -34.47 -2.46 -61.46
CA ALA D 167 -34.47 -3.41 -60.35
C ALA D 167 -33.16 -4.17 -60.28
N ALA D 168 -32.46 -4.27 -61.40
CA ALA D 168 -31.20 -4.99 -61.46
C ALA D 168 -30.00 -4.12 -61.07
N LYS D 169 -30.14 -2.81 -61.27
CA LYS D 169 -29.07 -1.86 -60.96
C LYS D 169 -28.87 -1.68 -59.45
N LEU D 170 -27.64 -1.39 -59.03
CA LEU D 170 -27.36 -1.21 -57.60
C LEU D 170 -28.09 -0.02 -57.03
N GLN D 171 -28.04 0.13 -55.70
CA GLN D 171 -28.71 1.21 -54.99
C GLN D 171 -27.95 2.53 -55.05
N GLU D 172 -26.66 2.47 -55.36
CA GLU D 172 -25.84 3.67 -55.43
C GLU D 172 -26.14 4.48 -56.70
N GLN D 173 -27.14 4.03 -57.46
CA GLN D 173 -27.51 4.70 -58.70
C GLN D 173 -29.01 4.71 -58.94
N GLY D 174 -29.79 4.64 -57.86
CA GLY D 174 -31.24 4.66 -57.98
C GLY D 174 -31.91 3.36 -58.40
N GLY D 175 -31.27 2.24 -58.12
CA GLY D 175 -31.83 0.96 -58.50
C GLY D 175 -32.66 0.31 -57.40
N ASP D 176 -32.61 -1.01 -57.33
CA ASP D 176 -33.34 -1.77 -56.33
C ASP D 176 -32.44 -2.84 -55.75
N GLU D 177 -31.39 -3.17 -56.49
CA GLU D 177 -30.41 -4.16 -56.07
C GLU D 177 -30.97 -5.58 -56.05
N VAL D 178 -31.88 -5.87 -56.98
CA VAL D 178 -32.45 -7.20 -57.06
C VAL D 178 -31.30 -8.13 -57.41
N PRO D 179 -31.21 -9.30 -56.76
CA PRO D 179 -30.12 -10.23 -57.05
C PRO D 179 -29.99 -10.52 -58.55
N SER D 180 -29.05 -11.39 -58.89
CA SER D 180 -28.77 -11.73 -60.28
C SER D 180 -29.57 -12.91 -60.83
N GLU D 181 -29.15 -14.12 -60.48
CA GLU D 181 -29.79 -15.33 -60.94
C GLU D 181 -31.25 -15.48 -60.56
N ILE D 182 -31.92 -14.35 -60.39
CA ILE D 182 -33.33 -14.37 -60.04
C ILE D 182 -34.11 -13.42 -60.95
N ILE D 183 -33.43 -12.43 -61.49
CA ILE D 183 -34.05 -11.44 -62.37
C ILE D 183 -34.72 -12.08 -63.60
N ASP D 184 -33.93 -12.83 -64.36
CA ASP D 184 -34.44 -13.48 -65.56
C ASP D 184 -35.34 -14.66 -65.21
N LYS D 185 -35.46 -14.93 -63.91
CA LYS D 185 -36.30 -16.01 -63.43
C LYS D 185 -37.71 -15.53 -63.12
N ILE D 186 -37.87 -14.23 -62.90
CA ILE D 186 -39.19 -13.72 -62.59
C ILE D 186 -40.00 -13.61 -63.88
N ILE D 187 -41.28 -13.28 -63.74
CA ILE D 187 -42.16 -13.13 -64.89
C ILE D 187 -43.22 -12.11 -64.57
N TYR D 188 -42.85 -10.83 -64.73
CA TYR D 188 -43.75 -9.71 -64.47
C TYR D 188 -45.03 -9.79 -65.28
N MET D 189 -46.14 -9.32 -64.71
CA MET D 189 -47.44 -9.33 -65.36
C MET D 189 -48.28 -8.19 -64.80
N PRO D 190 -48.23 -7.01 -65.44
CA PRO D 190 -48.99 -5.85 -64.97
C PRO D 190 -50.45 -5.89 -65.37
N PHE D 191 -51.33 -5.94 -64.37
CA PHE D 191 -52.76 -5.98 -64.62
C PHE D 191 -53.35 -4.59 -64.43
N ASP D 192 -54.38 -4.31 -65.21
CA ASP D 192 -55.03 -3.02 -65.17
C ASP D 192 -55.92 -2.83 -63.95
N ASN D 193 -57.03 -3.57 -63.88
CA ASN D 193 -57.93 -3.44 -62.76
C ASN D 193 -57.80 -4.59 -61.76
N GLU D 194 -58.69 -4.59 -60.77
CA GLU D 194 -58.71 -5.61 -59.73
C GLU D 194 -59.14 -6.97 -60.29
N LYS D 195 -60.45 -7.15 -60.45
CA LYS D 195 -61.00 -8.40 -60.95
C LYS D 195 -60.08 -9.09 -61.94
N GLU D 196 -59.50 -8.34 -62.87
CA GLU D 196 -58.60 -8.92 -63.87
C GLU D 196 -57.35 -9.55 -63.29
N LEU D 197 -56.80 -8.95 -62.23
CA LEU D 197 -55.60 -9.46 -61.59
C LEU D 197 -55.87 -10.72 -60.80
N LEU D 198 -57.14 -10.95 -60.48
CA LEU D 198 -57.53 -12.12 -59.71
C LEU D 198 -57.91 -13.34 -60.54
N MET D 199 -58.99 -13.26 -61.30
CA MET D 199 -59.42 -14.40 -62.11
C MET D 199 -58.25 -14.94 -62.93
N GLU D 200 -57.11 -14.26 -62.85
CA GLU D 200 -55.89 -14.67 -63.54
C GLU D 200 -54.97 -15.41 -62.57
N TYR D 201 -54.93 -14.94 -61.33
CA TYR D 201 -54.12 -15.61 -60.32
C TYR D 201 -54.85 -16.90 -60.04
N LEU D 202 -56.15 -16.76 -59.84
CA LEU D 202 -57.04 -17.89 -59.56
C LEU D 202 -57.02 -18.91 -60.70
N ASN D 203 -56.80 -18.44 -61.92
CA ASN D 203 -56.73 -19.33 -63.07
C ASN D 203 -55.33 -19.92 -63.07
N PHE D 204 -54.35 -19.07 -62.78
CA PHE D 204 -52.96 -19.50 -62.71
C PHE D 204 -52.93 -20.64 -61.72
N TRP D 205 -53.86 -20.59 -60.77
CA TRP D 205 -54.01 -21.58 -59.68
C TRP D 205 -54.58 -22.90 -60.17
N GLN D 206 -55.77 -22.87 -60.77
CA GLN D 206 -56.36 -24.09 -61.29
C GLN D 206 -55.28 -24.73 -62.14
N GLN D 207 -54.48 -23.86 -62.75
CA GLN D 207 -53.37 -24.23 -63.62
C GLN D 207 -52.24 -24.94 -62.90
N LYS D 208 -51.59 -24.23 -61.98
CA LYS D 208 -50.48 -24.81 -61.25
C LYS D 208 -50.76 -25.12 -59.77
N THR D 209 -52.00 -25.51 -59.46
CA THR D 209 -52.41 -25.83 -58.10
C THR D 209 -51.24 -26.33 -57.26
N PRO D 210 -50.87 -25.60 -56.19
CA PRO D 210 -49.74 -26.05 -55.37
C PRO D 210 -50.05 -27.26 -54.50
N VAL D 211 -48.99 -27.92 -54.02
CA VAL D 211 -49.12 -29.08 -53.14
C VAL D 211 -48.71 -28.63 -51.74
N ILE D 212 -47.56 -27.98 -51.66
CA ILE D 212 -47.08 -27.44 -50.40
C ILE D 212 -47.16 -25.94 -50.55
N LEU D 213 -47.76 -25.28 -49.58
CA LEU D 213 -47.89 -23.83 -49.62
C LEU D 213 -47.14 -23.23 -48.46
N THR D 214 -46.17 -22.37 -48.76
CA THR D 214 -45.38 -21.73 -47.72
C THR D 214 -45.37 -20.23 -47.89
N GLY D 215 -44.37 -19.62 -47.28
CA GLY D 215 -44.24 -18.19 -47.33
C GLY D 215 -44.03 -17.79 -45.88
N TRP D 216 -44.29 -16.53 -45.56
CA TRP D 216 -44.10 -16.03 -44.20
C TRP D 216 -45.41 -15.49 -43.62
N ASN D 217 -45.82 -16.07 -42.49
CA ASN D 217 -47.05 -15.67 -41.80
C ASN D 217 -48.21 -15.70 -42.79
N VAL D 218 -48.10 -16.55 -43.79
CA VAL D 218 -49.14 -16.66 -44.80
C VAL D 218 -50.41 -17.32 -44.28
N GLU D 219 -50.28 -18.32 -43.41
CA GLU D 219 -51.48 -18.99 -42.90
C GLU D 219 -52.38 -18.03 -42.14
N SER D 220 -51.79 -16.97 -41.59
CA SER D 220 -52.55 -15.98 -40.83
C SER D 220 -52.95 -14.76 -41.65
N PHE D 221 -52.09 -14.34 -42.58
CA PHE D 221 -52.41 -13.18 -43.40
C PHE D 221 -52.66 -13.51 -44.88
N ALA D 222 -51.57 -13.57 -45.63
CA ALA D 222 -51.58 -13.86 -47.06
C ALA D 222 -52.76 -14.72 -47.49
N ILE D 223 -52.73 -15.99 -47.10
CA ILE D 223 -53.79 -16.90 -47.46
C ILE D 223 -55.17 -16.33 -47.12
N PRO D 224 -55.48 -16.15 -45.83
CA PRO D 224 -56.78 -15.60 -45.44
C PRO D 224 -57.26 -14.41 -46.25
N TYR D 225 -56.42 -13.39 -46.38
CA TYR D 225 -56.78 -12.19 -47.14
C TYR D 225 -57.25 -12.51 -48.55
N VAL D 226 -56.46 -13.29 -49.26
CA VAL D 226 -56.80 -13.67 -50.63
C VAL D 226 -58.14 -14.40 -50.73
N TYR D 227 -58.34 -15.40 -49.87
CA TYR D 227 -59.57 -16.17 -49.90
C TYR D 227 -60.75 -15.25 -49.68
N ASN D 228 -60.69 -14.48 -48.59
CA ASN D 228 -61.77 -13.57 -48.24
C ASN D 228 -61.98 -12.47 -49.27
N ARG D 229 -60.90 -11.92 -49.80
CA ARG D 229 -60.99 -10.88 -50.81
C ARG D 229 -61.81 -11.42 -51.98
N ILE D 230 -61.30 -12.47 -52.61
CA ILE D 230 -61.96 -13.09 -53.75
C ILE D 230 -63.34 -13.62 -53.38
N LYS D 231 -63.58 -13.82 -52.10
CA LYS D 231 -64.86 -14.33 -51.63
C LYS D 231 -65.93 -13.26 -51.74
N ASN D 232 -65.51 -12.00 -51.66
CA ASN D 232 -66.46 -10.91 -51.74
C ASN D 232 -66.47 -10.27 -53.12
N ILE D 233 -65.34 -10.29 -53.80
CA ILE D 233 -65.27 -9.72 -55.14
C ILE D 233 -66.12 -10.55 -56.10
N PHE D 234 -65.67 -11.76 -56.40
CA PHE D 234 -66.39 -12.64 -57.31
C PHE D 234 -67.56 -13.32 -56.59
N GLY D 235 -67.31 -13.80 -55.39
CA GLY D 235 -68.34 -14.49 -54.62
C GLY D 235 -67.77 -15.76 -54.02
N GLU D 236 -68.10 -16.05 -52.77
CA GLU D 236 -67.58 -17.23 -52.08
C GLU D 236 -67.39 -18.46 -52.96
N SER D 237 -68.40 -18.76 -53.76
CA SER D 237 -68.33 -19.91 -54.66
C SER D 237 -67.06 -19.79 -55.51
N THR D 238 -66.97 -18.69 -56.26
CA THR D 238 -65.81 -18.44 -57.12
C THR D 238 -64.51 -18.37 -56.35
N ALA D 239 -64.61 -18.36 -55.02
CA ALA D 239 -63.43 -18.28 -54.19
C ALA D 239 -63.03 -19.65 -53.69
N LYS D 240 -63.93 -20.61 -53.75
CA LYS D 240 -63.63 -21.96 -53.28
C LYS D 240 -62.82 -22.77 -54.29
N ARG D 241 -62.28 -22.10 -55.30
CA ARG D 241 -61.49 -22.81 -56.30
C ARG D 241 -60.00 -22.77 -56.00
N LEU D 242 -59.63 -22.43 -54.78
CA LEU D 242 -58.21 -22.41 -54.41
C LEU D 242 -57.88 -23.80 -53.85
N SER D 243 -58.90 -24.64 -53.81
CA SER D 243 -58.77 -26.00 -53.33
C SER D 243 -59.16 -26.92 -54.49
N PRO D 244 -58.23 -27.79 -54.90
CA PRO D 244 -58.49 -28.72 -56.00
C PRO D 244 -59.72 -29.60 -55.80
N HIS D 245 -60.45 -29.38 -54.71
CA HIS D 245 -61.65 -30.15 -54.45
C HIS D 245 -62.79 -29.17 -54.21
N ARG D 246 -62.46 -27.89 -54.33
CA ARG D 246 -63.43 -26.83 -54.15
C ARG D 246 -64.24 -26.92 -52.86
N LYS D 247 -63.55 -27.29 -51.78
CA LYS D 247 -64.15 -27.40 -50.47
C LYS D 247 -63.20 -26.84 -49.41
N THR D 248 -63.70 -25.90 -48.61
CA THR D 248 -62.88 -25.29 -47.58
C THR D 248 -63.53 -25.19 -46.20
N ARG D 249 -62.71 -24.86 -45.20
CA ARG D 249 -63.17 -24.73 -43.82
C ARG D 249 -62.58 -23.51 -43.13
N VAL D 250 -63.45 -22.79 -42.42
CA VAL D 250 -63.04 -21.62 -41.67
C VAL D 250 -62.92 -21.96 -40.18
N LYS D 251 -61.68 -21.94 -39.70
CA LYS D 251 -61.37 -22.24 -38.32
C LYS D 251 -60.88 -20.94 -37.70
N VAL D 252 -61.21 -20.71 -36.45
CA VAL D 252 -60.77 -19.49 -35.78
C VAL D 252 -59.93 -19.85 -34.56
N ILE D 253 -58.67 -20.22 -34.80
CA ILE D 253 -57.75 -20.61 -33.73
C ILE D 253 -57.49 -19.44 -32.76
N GLU D 254 -57.21 -19.78 -31.50
CA GLU D 254 -56.95 -18.79 -30.45
C GLU D 254 -55.54 -18.92 -29.86
N ASN D 255 -54.70 -17.94 -30.16
CA ASN D 255 -53.34 -17.91 -29.67
C ASN D 255 -53.17 -16.84 -28.60
N MET D 256 -51.95 -16.75 -28.08
CA MET D 256 -51.57 -15.80 -27.04
C MET D 256 -52.09 -14.39 -27.28
N TYR D 257 -52.26 -14.03 -28.55
CA TYR D 257 -52.73 -12.70 -28.89
C TYR D 257 -54.11 -12.70 -29.54
N GLY D 258 -55.08 -13.32 -28.87
CA GLY D 258 -56.43 -13.37 -29.40
C GLY D 258 -56.70 -14.62 -30.20
N SER D 259 -57.64 -14.52 -31.13
CA SER D 259 -57.99 -15.66 -31.97
C SER D 259 -58.27 -15.18 -33.40
N ARG D 260 -57.38 -15.55 -34.31
CA ARG D 260 -57.48 -15.15 -35.70
C ARG D 260 -58.22 -16.18 -36.54
N GLU D 261 -58.46 -15.80 -37.79
CA GLU D 261 -59.14 -16.66 -38.74
C GLU D 261 -58.06 -17.37 -39.54
N ILE D 262 -58.33 -18.62 -39.89
CA ILE D 262 -57.41 -19.41 -40.66
C ILE D 262 -58.21 -20.23 -41.65
N ILE D 263 -57.70 -20.36 -42.87
CA ILE D 263 -58.42 -21.12 -43.87
C ILE D 263 -57.75 -22.43 -44.23
N THR D 264 -58.55 -23.48 -44.25
CA THR D 264 -58.06 -24.80 -44.60
C THR D 264 -58.51 -25.07 -46.02
N LEU D 265 -57.55 -25.40 -46.88
CA LEU D 265 -57.84 -25.67 -48.28
C LEU D 265 -57.70 -27.16 -48.55
N PHE D 266 -58.82 -27.85 -48.68
CA PHE D 266 -58.78 -29.28 -48.96
C PHE D 266 -57.94 -29.56 -50.20
N GLY D 267 -57.04 -30.53 -50.13
CA GLY D 267 -56.22 -30.85 -51.29
C GLY D 267 -54.83 -30.25 -51.19
N ILE D 268 -54.76 -29.07 -50.58
CA ILE D 268 -53.49 -28.36 -50.38
C ILE D 268 -53.01 -28.63 -48.95
N SER D 269 -51.71 -28.54 -48.72
CA SER D 269 -51.19 -28.72 -47.38
C SER D 269 -50.18 -27.60 -47.17
N VAL D 270 -50.61 -26.57 -46.46
CA VAL D 270 -49.78 -25.42 -46.19
C VAL D 270 -48.87 -25.56 -44.98
N LEU D 271 -47.56 -25.36 -45.20
CA LEU D 271 -46.58 -25.42 -44.12
C LEU D 271 -45.93 -24.05 -44.01
N ASP D 272 -46.60 -23.11 -43.34
CA ASP D 272 -46.09 -21.76 -43.18
C ASP D 272 -44.64 -21.79 -42.72
N TYR D 273 -43.77 -21.01 -43.35
CA TYR D 273 -42.36 -21.06 -42.97
C TYR D 273 -42.03 -20.49 -41.59
N ILE D 274 -42.93 -19.69 -41.06
CA ILE D 274 -42.73 -19.12 -39.76
C ILE D 274 -42.89 -20.27 -38.75
N ASP D 275 -43.97 -21.04 -38.90
CA ASP D 275 -44.19 -22.17 -38.01
C ASP D 275 -43.08 -23.19 -38.18
N LEU D 276 -42.62 -23.39 -39.42
CA LEU D 276 -41.55 -24.35 -39.67
C LEU D 276 -40.28 -23.85 -38.98
N TYR D 277 -39.94 -22.59 -39.24
CA TYR D 277 -38.75 -22.02 -38.65
C TYR D 277 -38.78 -22.13 -37.14
N LYS D 278 -39.94 -21.92 -36.54
CA LYS D 278 -40.04 -22.04 -35.09
C LYS D 278 -40.00 -23.49 -34.64
N LYS D 279 -40.84 -24.33 -35.26
CA LYS D 279 -40.92 -25.73 -34.88
C LYS D 279 -39.59 -26.46 -34.93
N PHE D 280 -38.73 -26.14 -35.89
CA PHE D 280 -37.46 -26.85 -36.01
C PHE D 280 -36.16 -26.07 -35.96
N SER D 281 -36.22 -24.75 -36.07
CA SER D 281 -35.00 -23.97 -36.05
C SER D 281 -34.30 -24.04 -34.71
N PHE D 282 -35.05 -24.33 -33.66
CA PHE D 282 -34.47 -24.40 -32.32
C PHE D 282 -33.56 -23.21 -32.08
N THR D 283 -34.18 -22.08 -31.78
CA THR D 283 -33.45 -20.85 -31.54
C THR D 283 -34.44 -19.82 -30.97
N ASN D 284 -34.26 -19.48 -29.70
CA ASN D 284 -35.12 -18.51 -29.05
C ASN D 284 -34.96 -17.13 -29.66
N GLN D 285 -35.51 -16.97 -30.86
CA GLN D 285 -35.44 -15.69 -31.55
C GLN D 285 -36.29 -14.66 -30.83
N PRO D 286 -35.71 -13.50 -30.55
CA PRO D 286 -36.42 -12.41 -29.87
C PRO D 286 -37.67 -12.06 -30.68
N SER D 287 -37.54 -12.26 -31.99
CA SER D 287 -38.62 -11.99 -32.93
C SER D 287 -38.44 -12.92 -34.13
N TYR D 288 -39.56 -13.35 -34.70
CA TYR D 288 -39.54 -14.23 -35.87
C TYR D 288 -40.10 -13.49 -37.06
N SER D 289 -39.73 -12.22 -37.20
CA SER D 289 -40.20 -11.43 -38.32
C SER D 289 -39.34 -11.77 -39.55
N LEU D 290 -39.95 -11.73 -40.72
CA LEU D 290 -39.27 -12.05 -41.96
C LEU D 290 -37.96 -11.31 -42.07
N ASP D 291 -37.94 -10.09 -41.56
CA ASP D 291 -36.75 -9.28 -41.64
C ASP D 291 -35.71 -9.58 -40.56
N TYR D 292 -36.14 -9.87 -39.35
CA TYR D 292 -35.18 -10.14 -38.29
C TYR D 292 -34.36 -11.41 -38.53
N ILE D 293 -35.04 -12.52 -38.78
CA ILE D 293 -34.36 -13.79 -39.00
C ILE D 293 -33.68 -13.86 -40.37
N SER D 294 -34.25 -13.14 -41.34
CA SER D 294 -33.69 -13.12 -42.71
C SER D 294 -32.25 -12.62 -42.69
N GLU D 295 -31.93 -11.84 -41.66
CA GLU D 295 -30.60 -11.30 -41.53
C GLU D 295 -29.78 -12.21 -40.64
N PHE D 296 -30.48 -12.94 -39.79
CA PHE D 296 -29.83 -13.88 -38.88
C PHE D 296 -29.44 -15.13 -39.65
N GLU D 297 -30.16 -15.40 -40.72
CA GLU D 297 -29.91 -16.58 -41.52
C GLU D 297 -29.10 -16.29 -42.78
N LEU D 298 -29.19 -15.07 -43.29
CA LEU D 298 -28.47 -14.72 -44.52
C LEU D 298 -27.57 -13.48 -44.38
N ASN D 299 -27.65 -12.83 -43.23
CA ASN D 299 -26.86 -11.62 -42.98
C ASN D 299 -27.24 -10.50 -43.94
N VAL D 300 -28.44 -10.57 -44.51
CA VAL D 300 -28.91 -9.55 -45.44
C VAL D 300 -30.17 -8.83 -44.95
N GLY D 301 -31.30 -9.51 -45.02
CA GLY D 301 -32.55 -8.91 -44.59
C GLY D 301 -33.38 -8.43 -45.76
N LYS D 302 -34.58 -7.94 -45.49
CA LYS D 302 -35.48 -7.46 -46.54
C LYS D 302 -34.99 -6.13 -47.10
N LEU D 303 -35.46 -5.78 -48.29
CA LEU D 303 -35.05 -4.53 -48.94
C LEU D 303 -35.26 -3.35 -48.01
N LYS D 304 -34.59 -2.24 -48.31
CA LYS D 304 -34.71 -1.03 -47.49
C LYS D 304 -35.60 0.00 -48.17
N TYR D 305 -36.77 0.24 -47.58
CA TYR D 305 -37.73 1.20 -48.11
C TYR D 305 -37.53 2.54 -47.42
N ASP D 306 -38.00 3.61 -48.04
CA ASP D 306 -37.86 4.95 -47.48
C ASP D 306 -39.24 5.52 -47.16
N GLY D 307 -39.51 5.70 -45.88
CA GLY D 307 -40.79 6.25 -45.46
C GLY D 307 -41.82 5.18 -45.15
N PRO D 308 -43.03 5.58 -44.73
CA PRO D 308 -44.08 4.61 -44.40
C PRO D 308 -44.49 3.82 -45.63
N ILE D 309 -44.73 2.52 -45.44
CA ILE D 309 -45.13 1.66 -46.56
C ILE D 309 -46.61 1.82 -46.89
N SER D 310 -47.26 2.76 -46.22
CA SER D 310 -48.68 3.03 -46.45
C SER D 310 -48.77 4.13 -47.51
N LYS D 311 -47.66 4.30 -48.23
CA LYS D 311 -47.55 5.29 -49.28
C LYS D 311 -46.41 4.88 -50.21
N LEU D 312 -45.74 3.78 -49.87
CA LEU D 312 -44.62 3.28 -50.66
C LEU D 312 -45.14 2.83 -52.03
N ARG D 313 -46.46 2.84 -52.18
CA ARG D 313 -47.09 2.49 -53.44
C ARG D 313 -47.01 3.72 -54.32
N GLU D 314 -47.62 4.81 -53.83
CA GLU D 314 -47.61 6.08 -54.54
C GLU D 314 -46.18 6.61 -54.62
N SER D 315 -45.47 6.58 -53.49
CA SER D 315 -44.09 7.06 -53.42
C SER D 315 -43.16 6.42 -54.44
N ASN D 316 -42.34 5.48 -53.97
CA ASN D 316 -41.38 4.77 -54.81
C ASN D 316 -41.99 3.44 -55.28
N HIS D 317 -43.06 3.52 -56.06
CA HIS D 317 -43.74 2.31 -56.56
C HIS D 317 -42.79 1.21 -57.01
N GLN D 318 -41.60 1.58 -57.48
CA GLN D 318 -40.64 0.60 -57.94
C GLN D 318 -40.29 -0.33 -56.78
N ARG D 319 -39.69 0.23 -55.74
CA ARG D 319 -39.31 -0.53 -54.55
C ARG D 319 -40.44 -1.44 -54.08
N TYR D 320 -41.67 -0.92 -54.11
CA TYR D 320 -42.84 -1.68 -53.68
C TYR D 320 -42.89 -3.10 -54.24
N ILE D 321 -42.79 -3.20 -55.57
CA ILE D 321 -42.83 -4.48 -56.23
C ILE D 321 -41.52 -5.23 -56.08
N SER D 322 -40.42 -4.50 -56.09
CA SER D 322 -39.09 -5.09 -55.95
C SER D 322 -38.87 -5.59 -54.52
N TYR D 323 -39.61 -4.99 -53.59
CA TYR D 323 -39.53 -5.37 -52.20
C TYR D 323 -40.35 -6.65 -52.06
N ASN D 324 -41.56 -6.61 -52.58
CA ASN D 324 -42.43 -7.78 -52.52
C ASN D 324 -41.68 -9.00 -53.02
N ILE D 325 -41.04 -8.86 -54.18
CA ILE D 325 -40.29 -9.95 -54.79
C ILE D 325 -39.17 -10.47 -53.90
N ILE D 326 -38.32 -9.58 -53.41
CA ILE D 326 -37.20 -10.00 -52.58
C ILE D 326 -37.64 -10.70 -51.30
N ALA D 327 -38.92 -10.58 -50.97
CA ALA D 327 -39.45 -11.21 -49.77
C ALA D 327 -39.58 -12.71 -50.06
N VAL D 328 -40.48 -13.04 -50.98
CA VAL D 328 -40.70 -14.42 -51.37
C VAL D 328 -39.34 -15.06 -51.54
N TYR D 329 -38.49 -14.40 -52.30
CA TYR D 329 -37.15 -14.88 -52.55
C TYR D 329 -36.37 -15.16 -51.25
N ARG D 330 -36.51 -14.27 -50.27
CA ARG D 330 -35.81 -14.43 -48.99
C ARG D 330 -36.14 -15.73 -48.28
N VAL D 331 -37.39 -16.18 -48.40
CA VAL D 331 -37.80 -17.41 -47.76
C VAL D 331 -37.07 -18.58 -48.39
N LEU D 332 -37.01 -18.58 -49.72
CA LEU D 332 -36.34 -19.64 -50.48
C LEU D 332 -34.89 -19.72 -50.08
N GLN D 333 -34.34 -18.58 -49.70
CA GLN D 333 -32.94 -18.47 -49.29
C GLN D 333 -32.71 -19.09 -47.91
N ILE D 334 -33.71 -18.99 -47.05
CA ILE D 334 -33.61 -19.55 -45.72
C ILE D 334 -33.94 -21.04 -45.81
N ASP D 335 -34.95 -21.37 -46.62
CA ASP D 335 -35.37 -22.77 -46.84
C ASP D 335 -34.21 -23.52 -47.48
N ALA D 336 -33.36 -22.76 -48.16
CA ALA D 336 -32.22 -23.30 -48.84
C ALA D 336 -31.13 -23.64 -47.84
N LYS D 337 -30.91 -22.74 -46.90
CA LYS D 337 -29.88 -22.95 -45.89
C LYS D 337 -30.32 -23.95 -44.84
N ARG D 338 -31.55 -23.78 -44.37
CA ARG D 338 -32.16 -24.62 -43.33
C ARG D 338 -32.84 -25.88 -43.86
N GLN D 339 -33.42 -25.76 -45.04
CA GLN D 339 -34.10 -26.88 -45.68
C GLN D 339 -35.16 -27.49 -44.76
N PHE D 340 -36.20 -26.70 -44.42
CA PHE D 340 -37.26 -27.21 -43.57
C PHE D 340 -38.45 -27.75 -44.38
N ILE D 341 -38.62 -27.27 -45.61
CA ILE D 341 -39.70 -27.77 -46.45
C ILE D 341 -39.38 -29.24 -46.72
N ASN D 342 -38.11 -29.50 -47.00
CA ASN D 342 -37.68 -30.86 -47.28
C ASN D 342 -37.80 -31.70 -46.01
N LEU D 343 -37.36 -31.17 -44.89
CA LEU D 343 -37.43 -31.92 -43.66
C LEU D 343 -38.85 -32.41 -43.38
N SER D 344 -39.84 -31.56 -43.61
CA SER D 344 -41.20 -31.97 -43.34
C SER D 344 -41.70 -33.06 -44.30
N LEU D 345 -41.30 -33.00 -45.56
CA LEU D 345 -41.72 -34.04 -46.51
C LEU D 345 -41.12 -35.39 -46.08
N ASP D 346 -39.85 -35.40 -45.74
CA ASP D 346 -39.22 -36.62 -45.32
C ASP D 346 -39.97 -37.16 -44.11
N MET D 347 -40.24 -36.29 -43.15
CA MET D 347 -40.95 -36.69 -41.93
C MET D 347 -42.32 -37.27 -42.24
N GLY D 348 -43.07 -36.55 -43.07
CA GLY D 348 -44.42 -36.97 -43.40
C GLY D 348 -44.49 -38.35 -44.05
N TYR D 349 -43.71 -38.53 -45.11
CA TYR D 349 -43.68 -39.79 -45.84
C TYR D 349 -43.17 -40.93 -44.98
N TYR D 350 -42.33 -40.64 -44.03
CA TYR D 350 -41.81 -41.67 -43.15
C TYR D 350 -42.92 -42.22 -42.25
N ALA D 351 -43.78 -41.32 -41.79
CA ALA D 351 -44.86 -41.70 -40.91
C ALA D 351 -46.15 -42.00 -41.66
N LYS D 352 -46.16 -41.71 -42.95
CA LYS D 352 -47.33 -41.95 -43.80
C LYS D 352 -48.49 -41.11 -43.28
N ILE D 353 -48.30 -39.81 -43.21
CA ILE D 353 -49.34 -38.92 -42.72
C ILE D 353 -49.49 -37.75 -43.67
N GLN D 354 -50.43 -36.86 -43.41
CA GLN D 354 -50.59 -35.66 -44.22
C GLN D 354 -49.33 -34.85 -43.92
N ILE D 355 -48.70 -34.24 -44.92
CA ILE D 355 -47.47 -33.50 -44.63
C ILE D 355 -47.63 -32.42 -43.55
N GLN D 356 -48.77 -31.75 -43.50
CA GLN D 356 -48.93 -30.70 -42.48
C GLN D 356 -49.06 -31.25 -41.05
N SER D 357 -49.28 -32.55 -40.92
CA SER D 357 -49.41 -33.16 -39.59
C SER D 357 -48.04 -33.35 -38.94
N VAL D 358 -47.03 -32.80 -39.58
CA VAL D 358 -45.69 -32.90 -39.03
C VAL D 358 -45.61 -32.01 -37.80
N PHE D 359 -46.50 -31.03 -37.74
CA PHE D 359 -46.54 -30.12 -36.61
C PHE D 359 -47.08 -30.78 -35.35
N SER D 360 -47.73 -31.93 -35.54
CA SER D 360 -48.34 -32.65 -34.43
C SER D 360 -47.64 -33.95 -34.01
N PRO D 361 -46.90 -33.94 -32.90
CA PRO D 361 -46.23 -35.16 -32.49
C PRO D 361 -47.23 -36.28 -32.28
N ILE D 362 -48.35 -35.92 -31.67
CA ILE D 362 -49.43 -36.84 -31.38
C ILE D 362 -49.79 -37.62 -32.63
N LYS D 363 -50.04 -36.91 -33.72
CA LYS D 363 -50.42 -37.55 -34.96
C LYS D 363 -49.25 -38.31 -35.57
N THR D 364 -48.09 -37.68 -35.62
CA THR D 364 -46.90 -38.32 -36.19
C THR D 364 -46.65 -39.70 -35.56
N TRP D 365 -46.42 -39.71 -34.25
CA TRP D 365 -46.19 -40.98 -33.56
C TRP D 365 -47.36 -41.96 -33.65
N ASP D 366 -48.60 -41.45 -33.67
CA ASP D 366 -49.78 -42.31 -33.75
C ASP D 366 -49.65 -43.18 -34.98
N ALA D 367 -49.36 -42.53 -36.11
CA ALA D 367 -49.23 -43.23 -37.39
C ALA D 367 -48.02 -44.17 -37.35
N ILE D 368 -46.86 -43.65 -36.96
CA ILE D 368 -45.68 -44.49 -36.90
C ILE D 368 -45.90 -45.80 -36.14
N ILE D 369 -46.68 -45.75 -35.07
CA ILE D 369 -46.96 -46.94 -34.27
C ILE D 369 -48.03 -47.79 -34.97
N PHE D 370 -49.06 -47.12 -35.48
CA PHE D 370 -50.15 -47.79 -36.19
C PHE D 370 -49.53 -48.70 -37.26
N ASN D 371 -48.83 -48.08 -38.20
CA ASN D 371 -48.18 -48.83 -39.28
C ASN D 371 -47.33 -49.99 -38.77
N SER D 372 -46.49 -49.74 -37.78
CA SER D 372 -45.65 -50.81 -37.26
C SER D 372 -46.46 -51.99 -36.74
N LEU D 373 -47.54 -51.70 -35.99
CA LEU D 373 -48.39 -52.75 -35.45
C LEU D 373 -49.20 -53.44 -36.52
N LYS D 374 -49.56 -52.69 -37.56
CA LYS D 374 -50.35 -53.22 -38.66
C LYS D 374 -49.57 -54.33 -39.36
N GLU D 375 -48.29 -54.10 -39.55
CA GLU D 375 -47.40 -55.03 -40.20
C GLU D 375 -47.35 -56.35 -39.44
N GLN D 376 -47.63 -56.26 -38.14
CA GLN D 376 -47.62 -57.42 -37.25
C GLN D 376 -49.03 -57.96 -37.06
N ASN D 377 -49.97 -57.49 -37.87
CA ASN D 377 -51.36 -57.92 -37.74
C ASN D 377 -51.88 -57.66 -36.32
N LYS D 378 -51.37 -56.60 -35.70
CA LYS D 378 -51.81 -56.27 -34.37
C LYS D 378 -52.80 -55.13 -34.51
N VAL D 379 -53.54 -54.85 -33.43
CA VAL D 379 -54.58 -53.83 -33.47
C VAL D 379 -54.44 -52.73 -32.43
N ILE D 380 -54.30 -51.50 -32.90
CA ILE D 380 -54.15 -50.36 -31.99
C ILE D 380 -55.32 -50.17 -31.05
N PRO D 381 -55.03 -49.80 -29.81
CA PRO D 381 -56.07 -49.59 -28.82
C PRO D 381 -57.04 -48.49 -29.22
N GLN D 382 -58.22 -48.52 -28.63
CA GLN D 382 -59.21 -47.53 -28.91
C GLN D 382 -58.74 -46.32 -28.16
N GLY D 383 -59.16 -45.18 -28.63
CA GLY D 383 -58.74 -43.99 -27.93
C GLY D 383 -59.67 -43.81 -26.75
N ARG D 384 -59.18 -44.08 -25.55
CA ARG D 384 -59.99 -43.91 -24.34
C ARG D 384 -59.91 -42.43 -23.96
N SER D 385 -60.92 -41.93 -23.24
CA SER D 385 -60.93 -40.53 -22.84
C SER D 385 -60.43 -40.42 -21.40
N HIS D 386 -59.50 -39.50 -21.18
CA HIS D 386 -58.92 -39.29 -19.86
C HIS D 386 -59.08 -37.86 -19.38
N PRO D 387 -58.97 -37.65 -18.06
CA PRO D 387 -59.09 -36.36 -17.38
C PRO D 387 -57.74 -35.63 -17.40
N VAL D 388 -57.70 -34.44 -17.98
CA VAL D 388 -56.47 -33.67 -18.02
C VAL D 388 -55.99 -33.41 -16.60
N GLN D 389 -55.13 -34.29 -16.09
CA GLN D 389 -54.62 -34.16 -14.73
C GLN D 389 -53.17 -33.71 -14.69
N PRO D 390 -52.84 -32.70 -13.85
CA PRO D 390 -51.47 -32.17 -13.70
C PRO D 390 -50.46 -33.32 -13.42
N TYR D 391 -49.30 -33.08 -13.99
CA TYR D 391 -48.09 -33.91 -14.18
C TYR D 391 -46.78 -33.65 -13.38
N PRO D 392 -46.24 -34.61 -12.57
CA PRO D 392 -44.97 -34.20 -11.92
C PRO D 392 -43.92 -34.03 -13.08
N GLY D 393 -43.22 -32.90 -13.13
CA GLY D 393 -42.24 -32.67 -14.19
C GLY D 393 -40.80 -33.04 -13.84
N ALA D 394 -39.84 -32.31 -14.42
CA ALA D 394 -38.41 -32.58 -14.14
C ALA D 394 -37.94 -31.79 -12.91
N PHE D 395 -36.73 -32.06 -12.41
CA PHE D 395 -36.31 -31.22 -11.30
C PHE D 395 -35.24 -30.22 -11.63
N VAL D 396 -35.45 -29.08 -11.00
CA VAL D 396 -34.67 -27.86 -11.11
C VAL D 396 -33.94 -27.57 -9.80
N LYS D 397 -32.65 -27.89 -9.73
CA LYS D 397 -31.91 -27.59 -8.51
C LYS D 397 -31.83 -26.07 -8.36
N GLU D 398 -32.10 -25.58 -7.15
CA GLU D 398 -31.99 -24.14 -6.94
C GLU D 398 -30.52 -23.83 -6.72
N PRO D 399 -29.90 -23.11 -7.69
CA PRO D 399 -28.48 -22.73 -7.65
C PRO D 399 -28.20 -21.54 -6.75
N ILE D 400 -27.02 -21.53 -6.16
CA ILE D 400 -26.61 -20.43 -5.27
C ILE D 400 -26.10 -19.30 -6.14
N PRO D 401 -26.91 -18.23 -6.30
CA PRO D 401 -26.42 -17.13 -7.13
C PRO D 401 -25.03 -16.70 -6.74
N ASN D 402 -24.15 -16.70 -7.74
CA ASN D 402 -22.77 -16.30 -7.54
C ASN D 402 -21.96 -16.53 -8.81
N ARG D 403 -20.68 -16.19 -8.74
CA ARG D 403 -19.78 -16.37 -9.87
C ARG D 403 -19.26 -17.82 -9.81
N TYR D 404 -18.72 -18.30 -10.93
CA TYR D 404 -18.19 -19.66 -11.01
C TYR D 404 -17.05 -19.64 -12.02
N LYS D 405 -15.83 -19.55 -11.52
CA LYS D 405 -14.65 -19.48 -12.38
C LYS D 405 -14.62 -20.63 -13.36
N TYR D 406 -14.42 -21.84 -12.86
CA TYR D 406 -14.38 -23.00 -13.76
C TYR D 406 -15.62 -23.88 -13.64
N VAL D 407 -16.21 -24.20 -14.78
CA VAL D 407 -17.42 -25.00 -14.82
C VAL D 407 -17.40 -25.97 -15.98
N MET D 408 -17.88 -27.19 -15.72
CA MET D 408 -17.96 -28.23 -16.73
C MET D 408 -19.36 -28.84 -16.65
N SER D 409 -20.02 -28.93 -17.80
CA SER D 409 -21.37 -29.46 -17.87
C SER D 409 -21.49 -30.81 -18.56
N PHE D 410 -22.43 -31.62 -18.08
CA PHE D 410 -22.70 -32.96 -18.58
C PHE D 410 -24.18 -33.12 -18.92
N ASP D 411 -24.47 -33.72 -20.07
CA ASP D 411 -25.84 -33.95 -20.50
C ASP D 411 -26.24 -35.42 -20.62
N LEU D 412 -27.50 -35.68 -20.30
CA LEU D 412 -28.12 -37.00 -20.36
C LEU D 412 -28.56 -37.25 -21.80
N THR D 413 -28.22 -38.42 -22.35
CA THR D 413 -28.59 -38.76 -23.72
C THR D 413 -30.10 -38.96 -23.81
N SER D 414 -30.80 -38.13 -24.58
CA SER D 414 -32.25 -38.23 -24.76
C SER D 414 -32.94 -38.98 -23.61
N LEU D 415 -32.79 -38.41 -22.42
CA LEU D 415 -33.30 -38.98 -21.17
C LEU D 415 -34.65 -39.71 -21.24
N TYR D 416 -35.75 -38.97 -21.38
CA TYR D 416 -37.05 -39.63 -21.40
C TYR D 416 -37.20 -40.78 -22.35
N PRO D 417 -36.81 -40.62 -23.63
CA PRO D 417 -36.96 -41.77 -24.53
C PRO D 417 -36.11 -42.94 -23.99
N SER D 418 -34.93 -42.60 -23.49
CA SER D 418 -34.02 -43.57 -22.91
C SER D 418 -34.70 -44.27 -21.74
N ILE D 419 -35.21 -43.48 -20.79
CA ILE D 419 -35.89 -44.07 -19.62
C ILE D 419 -37.00 -45.02 -20.07
N ILE D 420 -37.77 -44.62 -21.07
CA ILE D 420 -38.83 -45.48 -21.55
C ILE D 420 -38.24 -46.83 -21.95
N ARG D 421 -37.11 -46.80 -22.64
CA ARG D 421 -36.45 -48.01 -23.08
C ARG D 421 -35.91 -48.83 -21.92
N GLN D 422 -35.11 -48.18 -21.08
CA GLN D 422 -34.51 -48.82 -19.92
C GLN D 422 -35.52 -49.46 -18.98
N VAL D 423 -36.54 -48.71 -18.58
CA VAL D 423 -37.51 -49.29 -17.67
C VAL D 423 -38.50 -50.17 -18.41
N ASN D 424 -38.67 -49.93 -19.70
CA ASN D 424 -39.60 -50.71 -20.52
C ASN D 424 -41.03 -50.29 -20.18
N ILE D 425 -41.29 -49.00 -20.20
CA ILE D 425 -42.62 -48.49 -19.89
C ILE D 425 -43.52 -48.50 -21.11
N SER D 426 -44.69 -49.09 -20.97
CA SER D 426 -45.64 -49.20 -22.07
C SER D 426 -47.00 -49.54 -21.48
N PRO D 427 -48.06 -48.98 -22.05
CA PRO D 427 -49.42 -49.27 -21.57
C PRO D 427 -49.71 -50.74 -21.30
N GLU D 428 -48.97 -51.63 -21.92
CA GLU D 428 -49.26 -53.05 -21.72
C GLU D 428 -48.17 -53.89 -21.07
N THR D 429 -47.14 -53.27 -20.51
CA THR D 429 -46.10 -54.05 -19.85
C THR D 429 -46.11 -53.76 -18.35
N ILE D 430 -47.22 -53.19 -17.87
CA ILE D 430 -47.35 -52.86 -16.47
C ILE D 430 -47.58 -54.15 -15.72
N ALA D 431 -46.66 -54.48 -14.82
CA ALA D 431 -46.82 -55.72 -14.05
C ALA D 431 -47.58 -55.45 -12.75
N GLY D 432 -47.25 -54.36 -12.06
CA GLY D 432 -47.93 -54.05 -10.82
C GLY D 432 -47.38 -52.82 -10.13
N THR D 433 -47.51 -52.79 -8.82
CA THR D 433 -47.04 -51.64 -8.05
C THR D 433 -46.24 -52.12 -6.85
N PHE D 434 -45.85 -51.19 -5.99
CA PHE D 434 -45.11 -51.53 -4.78
C PHE D 434 -45.03 -50.36 -3.81
N LYS D 435 -44.89 -50.67 -2.52
CA LYS D 435 -44.79 -49.66 -1.47
C LYS D 435 -43.71 -48.63 -1.83
N VAL D 436 -44.14 -47.39 -2.05
CA VAL D 436 -43.23 -46.32 -2.43
C VAL D 436 -42.58 -45.52 -1.29
N ALA D 437 -41.25 -45.53 -1.28
CA ALA D 437 -40.47 -44.80 -0.29
C ALA D 437 -40.22 -43.40 -0.83
N PRO D 438 -40.06 -42.40 0.06
CA PRO D 438 -39.81 -41.01 -0.36
C PRO D 438 -38.71 -40.99 -1.43
N LEU D 439 -38.87 -40.13 -2.43
CA LEU D 439 -37.89 -40.08 -3.51
C LEU D 439 -36.47 -39.92 -2.98
N HIS D 440 -36.30 -39.10 -1.95
CA HIS D 440 -34.99 -38.87 -1.36
C HIS D 440 -34.32 -40.20 -1.04
N ASP D 441 -35.09 -41.07 -0.43
CA ASP D 441 -34.59 -42.38 -0.04
C ASP D 441 -34.03 -43.17 -1.21
N TYR D 442 -34.71 -43.16 -2.34
CA TYR D 442 -34.23 -43.91 -3.50
C TYR D 442 -33.00 -43.23 -4.10
N ILE D 443 -32.97 -41.91 -3.97
CA ILE D 443 -31.87 -41.11 -4.47
C ILE D 443 -30.57 -41.46 -3.76
N ASN D 444 -30.65 -41.68 -2.46
CA ASN D 444 -29.48 -42.03 -1.68
C ASN D 444 -29.30 -43.53 -1.55
N ALA D 445 -30.18 -44.28 -2.20
CA ALA D 445 -30.13 -45.75 -2.16
C ALA D 445 -30.28 -46.31 -0.73
N VAL D 446 -31.18 -45.70 0.04
CA VAL D 446 -31.45 -46.12 1.42
C VAL D 446 -32.74 -46.95 1.48
N ALA D 447 -33.69 -46.62 0.62
CA ALA D 447 -34.97 -47.32 0.58
C ALA D 447 -34.75 -48.76 0.12
N GLU D 448 -35.68 -49.64 0.46
CA GLU D 448 -35.56 -51.05 0.09
C GLU D 448 -35.76 -51.24 -1.42
N ARG D 449 -34.93 -52.10 -2.00
CA ARG D 449 -35.00 -52.41 -3.42
C ARG D 449 -36.43 -52.73 -3.80
N PRO D 450 -37.06 -51.95 -4.70
CA PRO D 450 -38.43 -52.12 -5.16
C PRO D 450 -38.87 -53.55 -5.48
N SER D 451 -38.08 -54.25 -6.31
CA SER D 451 -38.40 -55.61 -6.69
C SER D 451 -37.21 -56.24 -7.38
N ASP D 452 -37.24 -57.55 -7.55
CA ASP D 452 -36.16 -58.29 -8.18
C ASP D 452 -36.72 -59.13 -9.30
N VAL D 453 -37.92 -58.79 -9.75
CA VAL D 453 -38.53 -59.52 -10.83
C VAL D 453 -39.00 -58.58 -11.93
N TYR D 454 -39.34 -57.36 -11.55
CA TYR D 454 -39.83 -56.39 -12.52
C TYR D 454 -38.98 -55.13 -12.56
N SER D 455 -38.98 -54.45 -13.71
CA SER D 455 -38.24 -53.21 -13.87
C SER D 455 -39.08 -52.15 -13.18
N CYS D 456 -38.47 -51.33 -12.35
CA CYS D 456 -39.25 -50.36 -11.60
C CYS D 456 -38.95 -48.87 -11.81
N SER D 457 -39.80 -48.05 -11.23
CA SER D 457 -39.68 -46.60 -11.29
C SER D 457 -40.07 -46.09 -9.92
N PRO D 458 -39.27 -45.17 -9.37
CA PRO D 458 -39.50 -44.58 -8.04
C PRO D 458 -40.90 -44.06 -7.74
N ASN D 459 -41.82 -44.09 -8.70
CA ASN D 459 -43.18 -43.61 -8.46
C ASN D 459 -44.05 -44.76 -7.96
N GLY D 460 -43.56 -45.98 -8.13
CA GLY D 460 -44.32 -47.14 -7.66
C GLY D 460 -44.76 -48.11 -8.72
N MET D 461 -44.39 -47.86 -9.97
CA MET D 461 -44.78 -48.74 -11.06
C MET D 461 -43.74 -49.82 -11.36
N MET D 462 -44.20 -51.02 -11.72
CA MET D 462 -43.33 -52.14 -12.07
C MET D 462 -43.69 -52.65 -13.46
N TYR D 463 -42.69 -52.96 -14.27
CA TYR D 463 -42.96 -53.43 -15.62
C TYR D 463 -42.28 -54.75 -15.94
N TYR D 464 -42.86 -55.48 -16.89
CA TYR D 464 -42.29 -56.75 -17.29
C TYR D 464 -40.90 -56.60 -17.90
N LYS D 465 -40.01 -57.52 -17.60
CA LYS D 465 -38.66 -57.50 -18.13
C LYS D 465 -38.52 -58.48 -19.31
N ASP D 466 -39.38 -59.49 -19.31
CA ASP D 466 -39.37 -60.51 -20.36
C ASP D 466 -39.76 -60.00 -21.74
N ARG D 467 -41.04 -59.70 -21.94
CA ARG D 467 -41.49 -59.19 -23.24
C ARG D 467 -41.15 -57.70 -23.37
N ASP D 468 -40.91 -57.26 -24.60
CA ASP D 468 -40.58 -55.85 -24.86
C ASP D 468 -41.85 -55.11 -25.22
N GLY D 469 -41.98 -53.87 -24.74
CA GLY D 469 -43.18 -53.09 -25.01
C GLY D 469 -43.37 -52.48 -26.39
N VAL D 470 -44.63 -52.37 -26.77
CA VAL D 470 -44.96 -51.79 -28.06
C VAL D 470 -44.32 -50.42 -28.14
N VAL D 471 -44.45 -49.62 -27.08
CA VAL D 471 -43.87 -48.29 -27.10
C VAL D 471 -42.36 -48.36 -27.12
N PRO D 472 -41.75 -48.99 -26.11
CA PRO D 472 -40.29 -49.08 -26.11
C PRO D 472 -39.65 -49.57 -27.42
N THR D 473 -40.28 -50.56 -28.06
CA THR D 473 -39.74 -51.10 -29.31
C THR D 473 -39.77 -50.12 -30.48
N GLU D 474 -40.80 -49.29 -30.52
CA GLU D 474 -40.95 -48.32 -31.59
C GLU D 474 -40.00 -47.14 -31.43
N ILE D 475 -39.70 -46.78 -30.19
CA ILE D 475 -38.79 -45.68 -29.92
C ILE D 475 -37.37 -46.21 -30.04
N THR D 476 -37.24 -47.53 -30.09
CA THR D 476 -35.92 -48.14 -30.22
C THR D 476 -35.63 -48.34 -31.70
N LYS D 477 -36.66 -48.66 -32.46
CA LYS D 477 -36.51 -48.83 -33.89
C LYS D 477 -35.99 -47.50 -34.42
N VAL D 478 -36.50 -46.41 -33.87
CA VAL D 478 -36.08 -45.07 -34.27
C VAL D 478 -34.70 -44.77 -33.71
N PHE D 479 -34.42 -45.29 -32.52
CA PHE D 479 -33.13 -45.06 -31.91
C PHE D 479 -32.04 -45.76 -32.70
N ASN D 480 -32.43 -46.70 -33.56
CA ASN D 480 -31.46 -47.45 -34.37
C ASN D 480 -31.34 -46.89 -35.79
N GLN D 481 -32.44 -46.40 -36.33
CA GLN D 481 -32.43 -45.82 -37.67
C GLN D 481 -31.65 -44.49 -37.67
N ARG D 482 -31.44 -43.91 -36.49
CA ARG D 482 -30.69 -42.67 -36.39
C ARG D 482 -29.22 -42.98 -36.40
N LYS D 483 -28.84 -44.11 -35.80
CA LYS D 483 -27.44 -44.54 -35.76
C LYS D 483 -27.12 -45.16 -37.11
N GLU D 484 -28.19 -45.57 -37.79
CA GLU D 484 -28.07 -46.17 -39.10
C GLU D 484 -27.81 -45.08 -40.11
N HIS D 485 -28.78 -44.19 -40.29
CA HIS D 485 -28.60 -43.11 -41.24
C HIS D 485 -27.44 -42.18 -40.91
N LYS D 486 -26.94 -42.22 -39.67
CA LYS D 486 -25.82 -41.37 -39.36
C LYS D 486 -24.60 -41.99 -40.02
N GLY D 487 -24.64 -43.30 -40.21
CA GLY D 487 -23.55 -44.01 -40.86
C GLY D 487 -23.61 -43.85 -42.36
N TYR D 488 -24.84 -43.70 -42.87
CA TYR D 488 -25.11 -43.51 -44.30
C TYR D 488 -24.68 -42.12 -44.70
N MET D 489 -25.13 -41.13 -43.94
CA MET D 489 -24.78 -39.75 -44.22
C MET D 489 -23.27 -39.58 -44.05
N LEU D 490 -22.65 -40.46 -43.28
CA LEU D 490 -21.20 -40.41 -43.05
C LEU D 490 -20.42 -41.18 -44.11
N ALA D 491 -21.08 -42.12 -44.78
CA ALA D 491 -20.44 -42.91 -45.82
C ALA D 491 -20.55 -42.22 -47.17
N ALA D 492 -21.73 -41.69 -47.48
CA ALA D 492 -22.00 -40.99 -48.75
C ALA D 492 -21.32 -39.63 -48.81
N GLN D 493 -20.94 -39.11 -47.65
CA GLN D 493 -20.25 -37.84 -47.58
C GLN D 493 -18.79 -38.14 -47.89
N ARG D 494 -18.25 -39.07 -47.10
CA ARG D 494 -16.87 -39.53 -47.23
C ARG D 494 -16.76 -40.49 -48.43
N ASN D 495 -17.80 -40.48 -49.24
CA ASN D 495 -17.90 -41.31 -50.45
C ASN D 495 -17.89 -40.39 -51.66
N GLY D 496 -18.17 -39.11 -51.43
CA GLY D 496 -18.18 -38.14 -52.51
C GLY D 496 -16.73 -37.77 -52.79
N GLU D 497 -15.86 -38.13 -51.84
CA GLU D 497 -14.42 -37.87 -51.93
C GLU D 497 -13.85 -38.64 -53.12
N ILE D 498 -14.21 -39.92 -53.20
CA ILE D 498 -13.77 -40.80 -54.27
C ILE D 498 -14.44 -40.44 -55.58
N ILE D 499 -15.31 -39.43 -55.51
CA ILE D 499 -16.03 -38.96 -56.68
C ILE D 499 -15.55 -37.56 -57.01
N LYS D 500 -14.89 -36.93 -56.04
CA LYS D 500 -14.36 -35.59 -56.19
C LYS D 500 -12.87 -35.60 -56.45
N GLU D 501 -12.12 -36.32 -55.62
CA GLU D 501 -10.67 -36.42 -55.78
C GLU D 501 -10.36 -37.17 -57.07
N ALA D 502 -11.43 -37.59 -57.76
CA ALA D 502 -11.30 -38.29 -59.02
C ALA D 502 -11.98 -37.45 -60.09
N LEU D 503 -12.83 -36.53 -59.65
CA LEU D 503 -13.54 -35.64 -60.54
C LEU D 503 -12.57 -34.64 -61.14
N HIS D 504 -11.48 -34.37 -60.42
CA HIS D 504 -10.46 -33.45 -60.89
C HIS D 504 -9.36 -34.24 -61.58
N ASN D 505 -9.64 -35.52 -61.80
CA ASN D 505 -8.70 -36.41 -62.46
C ASN D 505 -9.47 -37.28 -63.46
N PRO D 506 -10.47 -36.68 -64.17
CA PRO D 506 -11.26 -37.44 -65.13
C PRO D 506 -10.41 -38.11 -66.20
N ASN D 507 -11.03 -39.04 -66.91
CA ASN D 507 -10.37 -39.77 -67.99
C ASN D 507 -11.20 -39.48 -69.23
N LEU D 508 -10.54 -39.15 -70.34
CA LEU D 508 -11.26 -38.85 -71.58
C LEU D 508 -12.07 -40.07 -71.99
N SER D 509 -13.10 -40.36 -71.21
CA SER D 509 -13.95 -41.50 -71.45
C SER D 509 -15.20 -41.18 -72.24
N VAL D 510 -15.83 -42.23 -72.75
CA VAL D 510 -17.05 -42.12 -73.53
C VAL D 510 -18.07 -43.07 -72.91
N ASP D 511 -18.33 -42.89 -71.62
CA ASP D 511 -19.29 -43.73 -70.89
C ASP D 511 -20.32 -42.92 -70.09
N GLU D 512 -21.18 -43.63 -69.38
CA GLU D 512 -22.22 -43.02 -68.55
C GLU D 512 -21.86 -43.22 -67.07
N PRO D 513 -22.58 -42.54 -66.16
CA PRO D 513 -22.30 -42.67 -64.72
C PRO D 513 -22.44 -44.08 -64.15
N LEU D 514 -21.38 -44.55 -63.50
CA LEU D 514 -21.35 -45.88 -62.89
C LEU D 514 -22.62 -46.10 -62.06
N ASP D 515 -22.94 -47.36 -61.80
CA ASP D 515 -24.13 -47.70 -61.03
C ASP D 515 -23.76 -48.42 -59.74
N VAL D 516 -23.83 -47.70 -58.63
CA VAL D 516 -23.50 -48.23 -57.31
C VAL D 516 -24.34 -47.52 -56.26
N ASP D 517 -24.45 -48.09 -55.06
CA ASP D 517 -25.23 -47.45 -54.00
C ASP D 517 -24.36 -46.76 -52.97
N TYR D 518 -24.40 -45.43 -53.01
CA TYR D 518 -23.61 -44.60 -52.11
C TYR D 518 -24.09 -44.73 -50.69
N ARG D 519 -24.42 -45.95 -50.30
CA ARG D 519 -24.89 -46.23 -48.95
C ARG D 519 -23.72 -46.34 -47.98
N PHE D 520 -22.60 -46.88 -48.50
CA PHE D 520 -21.39 -47.07 -47.71
C PHE D 520 -20.18 -46.63 -48.52
N ASP D 521 -18.98 -46.92 -48.02
CA ASP D 521 -17.75 -46.57 -48.71
C ASP D 521 -17.55 -47.59 -49.82
N PHE D 522 -17.36 -47.10 -51.04
CA PHE D 522 -17.16 -47.96 -52.20
C PHE D 522 -16.12 -49.06 -51.93
N SER D 523 -16.05 -50.03 -52.84
CA SER D 523 -15.10 -51.15 -52.74
C SER D 523 -13.89 -50.90 -53.62
N ASP D 524 -12.70 -51.30 -53.17
CA ASP D 524 -11.46 -51.09 -53.94
C ASP D 524 -11.55 -51.52 -55.40
N GLU D 525 -12.60 -52.26 -55.74
CA GLU D 525 -12.84 -52.71 -57.12
C GLU D 525 -13.58 -51.63 -57.90
N ILE D 526 -14.61 -51.07 -57.28
CA ILE D 526 -15.39 -50.00 -57.88
C ILE D 526 -14.60 -48.70 -57.67
N LYS D 527 -13.67 -48.73 -56.70
CA LYS D 527 -12.83 -47.58 -56.41
C LYS D 527 -11.90 -47.41 -57.59
N GLU D 528 -11.31 -48.52 -58.03
CA GLU D 528 -10.41 -48.52 -59.16
C GLU D 528 -11.23 -48.37 -60.45
N LYS D 529 -12.46 -48.88 -60.40
CA LYS D 529 -13.38 -48.81 -61.54
C LYS D 529 -13.80 -47.38 -61.83
N ILE D 530 -13.90 -46.58 -60.78
CA ILE D 530 -14.31 -45.18 -60.92
C ILE D 530 -13.18 -44.34 -61.49
N LYS D 531 -11.95 -44.62 -61.07
CA LYS D 531 -10.76 -43.90 -61.53
C LYS D 531 -10.61 -43.95 -63.05
N LYS D 532 -11.49 -44.71 -63.70
CA LYS D 532 -11.46 -44.86 -65.14
C LYS D 532 -12.70 -44.23 -65.77
N LEU D 533 -13.51 -43.55 -64.96
CA LEU D 533 -14.72 -42.94 -65.47
C LEU D 533 -14.45 -41.54 -66.01
N SER D 534 -15.36 -41.06 -66.85
CA SER D 534 -15.24 -39.74 -67.45
C SER D 534 -15.66 -38.62 -66.50
N ALA D 535 -15.72 -37.40 -67.03
CA ALA D 535 -16.11 -36.25 -66.23
C ALA D 535 -17.63 -36.21 -66.12
N LYS D 536 -18.32 -36.53 -67.22
CA LYS D 536 -19.79 -36.52 -67.24
C LYS D 536 -20.34 -37.68 -66.41
N SER D 537 -19.43 -38.45 -65.83
CA SER D 537 -19.77 -39.59 -65.00
C SER D 537 -19.45 -39.25 -63.54
N LEU D 538 -18.19 -38.90 -63.30
CA LEU D 538 -17.71 -38.54 -61.96
C LEU D 538 -18.44 -37.33 -61.39
N ASN D 539 -19.08 -36.55 -62.26
CA ASN D 539 -19.82 -35.37 -61.84
C ASN D 539 -21.29 -35.75 -61.56
N GLU D 540 -21.87 -36.58 -62.40
CA GLU D 540 -23.25 -37.01 -62.19
C GLU D 540 -23.25 -38.01 -61.02
N MET D 541 -22.05 -38.37 -60.57
CA MET D 541 -21.90 -39.29 -59.44
C MET D 541 -21.58 -38.58 -58.13
N LEU D 542 -21.42 -37.26 -58.18
CA LEU D 542 -21.18 -36.48 -56.98
C LEU D 542 -22.52 -35.79 -56.72
N PHE D 543 -23.38 -35.83 -57.73
CA PHE D 543 -24.73 -35.26 -57.65
C PHE D 543 -25.56 -36.25 -56.85
N ARG D 544 -25.26 -37.53 -57.02
CA ARG D 544 -25.97 -38.59 -56.30
C ARG D 544 -25.19 -39.02 -55.06
N ALA D 545 -23.99 -38.46 -54.88
CA ALA D 545 -23.13 -38.78 -53.73
C ALA D 545 -23.48 -37.86 -52.57
N GLN D 546 -23.85 -36.63 -52.92
CA GLN D 546 -24.21 -35.61 -51.96
C GLN D 546 -25.73 -35.64 -51.76
N ARG D 547 -26.47 -36.02 -52.80
CA ARG D 547 -27.92 -36.12 -52.72
C ARG D 547 -28.24 -37.21 -51.71
N THR D 548 -27.52 -38.33 -51.82
CA THR D 548 -27.70 -39.47 -50.92
C THR D 548 -27.15 -39.14 -49.53
N GLU D 549 -26.40 -38.05 -49.44
CA GLU D 549 -25.81 -37.64 -48.17
C GLU D 549 -26.79 -36.73 -47.46
N VAL D 550 -27.46 -35.89 -48.24
CA VAL D 550 -28.45 -34.95 -47.72
C VAL D 550 -29.62 -35.74 -47.18
N ALA D 551 -30.28 -36.49 -48.04
CA ALA D 551 -31.41 -37.31 -47.61
C ALA D 551 -30.93 -38.21 -46.45
N GLY D 552 -29.62 -38.25 -46.24
CA GLY D 552 -29.06 -39.04 -45.17
C GLY D 552 -29.14 -38.22 -43.89
N MET D 553 -28.70 -36.97 -43.96
CA MET D 553 -28.75 -36.07 -42.83
C MET D 553 -30.22 -35.81 -42.51
N THR D 554 -30.99 -35.41 -43.52
CA THR D 554 -32.41 -35.14 -43.35
C THR D 554 -33.12 -36.20 -42.47
N ALA D 555 -33.18 -37.43 -42.95
CA ALA D 555 -33.84 -38.52 -42.22
C ALA D 555 -33.20 -38.80 -40.86
N GLN D 556 -31.88 -38.72 -40.76
CA GLN D 556 -31.22 -38.99 -39.49
C GLN D 556 -31.44 -37.87 -38.49
N ILE D 557 -32.07 -36.79 -38.94
CA ILE D 557 -32.37 -35.66 -38.09
C ILE D 557 -33.82 -35.73 -37.71
N ASN D 558 -34.64 -36.18 -38.65
CA ASN D 558 -36.06 -36.33 -38.40
C ASN D 558 -36.17 -37.43 -37.36
N ARG D 559 -35.10 -38.20 -37.23
CA ARG D 559 -35.06 -39.29 -36.27
C ARG D 559 -34.96 -38.68 -34.89
N LYS D 560 -34.02 -37.74 -34.73
CA LYS D 560 -33.83 -37.07 -33.43
C LYS D 560 -35.10 -36.33 -33.03
N LEU D 561 -35.79 -35.71 -33.99
CA LEU D 561 -37.03 -35.01 -33.67
C LEU D 561 -37.95 -35.98 -32.96
N LEU D 562 -38.38 -37.01 -33.70
CA LEU D 562 -39.27 -38.06 -33.18
C LEU D 562 -38.91 -38.47 -31.78
N ILE D 563 -37.66 -38.88 -31.60
CA ILE D 563 -37.17 -39.29 -30.30
C ILE D 563 -37.59 -38.28 -29.22
N ASN D 564 -37.30 -37.01 -29.43
CA ASN D 564 -37.69 -36.00 -28.43
C ASN D 564 -39.17 -35.63 -28.46
N SER D 565 -39.80 -35.67 -29.63
CA SER D 565 -41.21 -35.32 -29.69
C SER D 565 -42.05 -36.41 -29.05
N LEU D 566 -41.45 -37.59 -28.85
CA LEU D 566 -42.17 -38.72 -28.27
C LEU D 566 -42.62 -38.57 -26.83
N TYR D 567 -41.83 -37.92 -25.98
CA TYR D 567 -42.31 -37.82 -24.64
C TYR D 567 -43.51 -36.90 -24.65
N GLY D 568 -43.49 -35.92 -25.55
CA GLY D 568 -44.59 -35.01 -25.66
C GLY D 568 -45.88 -35.80 -25.77
N ALA D 569 -45.99 -36.61 -26.81
CA ALA D 569 -47.18 -37.43 -27.06
C ALA D 569 -47.56 -38.36 -25.90
N LEU D 570 -46.61 -39.16 -25.41
CA LEU D 570 -46.93 -40.08 -24.32
C LEU D 570 -47.55 -39.43 -23.09
N GLY D 571 -47.34 -38.14 -22.92
CA GLY D 571 -47.93 -37.48 -21.77
C GLY D 571 -49.11 -36.58 -22.13
N ASN D 572 -49.86 -37.00 -23.15
CA ASN D 572 -51.01 -36.25 -23.62
C ASN D 572 -52.23 -37.18 -23.53
N VAL D 573 -53.29 -36.68 -22.91
CA VAL D 573 -54.50 -37.46 -22.71
C VAL D 573 -55.20 -37.97 -23.98
N TRP D 574 -55.08 -37.23 -25.08
CA TRP D 574 -55.71 -37.63 -26.34
C TRP D 574 -54.94 -38.71 -27.09
N PHE D 575 -53.72 -38.99 -26.63
CA PHE D 575 -52.88 -39.99 -27.23
C PHE D 575 -53.43 -41.37 -26.98
N ARG D 576 -53.44 -42.18 -28.03
CA ARG D 576 -53.96 -43.55 -27.99
C ARG D 576 -53.24 -44.43 -26.96
N TYR D 577 -52.02 -44.07 -26.59
CA TYR D 577 -51.28 -44.88 -25.63
C TYR D 577 -51.01 -44.17 -24.31
N TYR D 578 -51.71 -43.06 -24.07
CA TYR D 578 -51.54 -42.31 -22.84
C TYR D 578 -51.90 -43.12 -21.60
N ASP D 579 -51.15 -42.87 -20.53
CA ASP D 579 -51.41 -43.53 -19.26
C ASP D 579 -50.75 -42.75 -18.15
N LEU D 580 -51.57 -42.09 -17.34
CA LEU D 580 -51.11 -41.27 -16.23
C LEU D 580 -49.97 -41.92 -15.47
N ARG D 581 -50.16 -43.17 -15.08
CA ARG D 581 -49.12 -43.90 -14.33
C ARG D 581 -47.78 -43.96 -15.05
N ASN D 582 -47.81 -44.23 -16.34
CA ASN D 582 -46.58 -44.31 -17.12
C ASN D 582 -45.94 -42.94 -17.30
N ALA D 583 -46.77 -41.94 -17.56
CA ALA D 583 -46.30 -40.58 -17.76
C ALA D 583 -45.50 -40.24 -16.53
N THR D 584 -46.11 -40.56 -15.39
CA THR D 584 -45.55 -40.32 -14.07
C THR D 584 -44.25 -41.10 -13.88
N ALA D 585 -44.33 -42.39 -14.17
CA ALA D 585 -43.19 -43.26 -14.03
C ALA D 585 -41.99 -42.63 -14.72
N ILE D 586 -42.18 -42.25 -15.97
CA ILE D 586 -41.12 -41.65 -16.74
C ILE D 586 -40.48 -40.43 -16.06
N THR D 587 -41.29 -39.40 -15.80
CA THR D 587 -40.77 -38.18 -15.18
C THR D 587 -40.11 -38.39 -13.83
N THR D 588 -40.74 -39.20 -12.99
CA THR D 588 -40.21 -39.49 -11.66
C THR D 588 -38.84 -40.13 -11.77
N PHE D 589 -38.77 -41.17 -12.59
CA PHE D 589 -37.52 -41.88 -12.76
C PHE D 589 -36.46 -40.87 -13.13
N GLY D 590 -36.77 -39.97 -14.05
CA GLY D 590 -35.79 -38.97 -14.45
C GLY D 590 -35.31 -38.17 -13.25
N GLN D 591 -36.28 -37.70 -12.49
CA GLN D 591 -36.02 -36.92 -11.29
C GLN D 591 -34.96 -37.59 -10.43
N MET D 592 -35.16 -38.89 -10.22
CA MET D 592 -34.25 -39.71 -9.44
C MET D 592 -32.88 -39.76 -10.10
N ALA D 593 -32.84 -40.23 -11.35
CA ALA D 593 -31.60 -40.33 -12.09
C ALA D 593 -30.72 -39.08 -11.93
N LEU D 594 -31.30 -37.91 -12.19
CA LEU D 594 -30.57 -36.66 -12.09
C LEU D 594 -29.90 -36.48 -10.73
N GLN D 595 -30.71 -36.60 -9.69
CA GLN D 595 -30.25 -36.43 -8.33
C GLN D 595 -29.30 -37.53 -7.89
N TRP D 596 -29.52 -38.71 -8.44
CA TRP D 596 -28.69 -39.86 -8.10
C TRP D 596 -27.26 -39.56 -8.54
N ILE D 597 -27.11 -39.32 -9.83
CA ILE D 597 -25.79 -39.04 -10.39
C ILE D 597 -25.20 -37.75 -9.80
N GLU D 598 -26.08 -36.84 -9.34
CA GLU D 598 -25.62 -35.63 -8.70
C GLU D 598 -24.86 -36.09 -7.47
N ARG D 599 -25.53 -36.95 -6.70
CA ARG D 599 -24.99 -37.53 -5.47
C ARG D 599 -23.68 -38.28 -5.81
N LYS D 600 -23.73 -39.13 -6.82
CA LYS D 600 -22.56 -39.88 -7.24
C LYS D 600 -21.41 -38.95 -7.56
N VAL D 601 -21.64 -38.04 -8.50
CA VAL D 601 -20.63 -37.06 -8.91
C VAL D 601 -19.93 -36.43 -7.70
N ASN D 602 -20.73 -35.83 -6.82
CA ASN D 602 -20.18 -35.19 -5.63
C ASN D 602 -19.35 -36.14 -4.77
N GLU D 603 -19.80 -37.38 -4.65
CA GLU D 603 -19.09 -38.40 -3.88
C GLU D 603 -17.72 -38.65 -4.50
N TYR D 604 -17.72 -38.81 -5.82
CA TYR D 604 -16.49 -39.07 -6.56
C TYR D 604 -15.45 -37.96 -6.44
N LEU D 605 -15.82 -36.77 -6.93
CA LEU D 605 -14.91 -35.64 -6.90
C LEU D 605 -14.37 -35.34 -5.48
N ASN D 606 -15.23 -35.38 -4.46
CA ASN D 606 -14.79 -35.14 -3.09
C ASN D 606 -13.68 -36.10 -2.67
N GLU D 607 -13.88 -37.39 -2.95
CA GLU D 607 -12.86 -38.37 -2.58
C GLU D 607 -11.60 -38.20 -3.41
N VAL D 608 -11.76 -37.94 -4.70
CA VAL D 608 -10.61 -37.76 -5.58
C VAL D 608 -9.89 -36.43 -5.31
N CYS D 609 -10.57 -35.52 -4.62
CA CYS D 609 -9.96 -34.25 -4.30
C CYS D 609 -9.61 -34.22 -2.82
N GLY D 610 -9.89 -35.33 -2.13
CA GLY D 610 -9.58 -35.45 -0.73
C GLY D 610 -10.28 -34.49 0.22
N THR D 611 -11.50 -34.09 -0.11
CA THR D 611 -12.25 -33.17 0.75
C THR D 611 -13.46 -33.92 1.30
N GLU D 612 -14.34 -33.20 1.98
CA GLU D 612 -15.55 -33.82 2.53
C GLU D 612 -16.78 -32.95 2.44
N GLY D 613 -17.85 -33.56 1.93
CA GLY D 613 -19.12 -32.85 1.79
C GLY D 613 -19.09 -31.65 0.88
N GLU D 614 -18.03 -31.49 0.11
CA GLU D 614 -17.90 -30.36 -0.81
C GLU D 614 -18.86 -30.51 -1.99
N ALA D 615 -19.72 -29.52 -2.22
CA ALA D 615 -20.68 -29.60 -3.31
C ALA D 615 -20.08 -29.18 -4.65
N PHE D 616 -19.80 -30.16 -5.51
CA PHE D 616 -19.23 -29.89 -6.82
C PHE D 616 -20.27 -29.59 -7.90
N VAL D 617 -21.46 -30.17 -7.78
CA VAL D 617 -22.50 -29.88 -8.78
C VAL D 617 -23.25 -28.67 -8.26
N LEU D 618 -23.08 -27.56 -8.98
CA LEU D 618 -23.68 -26.28 -8.63
C LEU D 618 -25.10 -26.14 -9.06
N TYR D 619 -25.45 -26.84 -10.13
CA TYR D 619 -26.80 -26.77 -10.66
C TYR D 619 -27.14 -27.93 -11.58
N GLY D 620 -28.36 -28.43 -11.44
CA GLY D 620 -28.80 -29.51 -12.28
C GLY D 620 -30.15 -29.15 -12.83
N ASP D 621 -30.55 -29.77 -13.94
CA ASP D 621 -31.87 -29.49 -14.50
C ASP D 621 -32.30 -30.47 -15.58
N THR D 622 -33.25 -31.28 -15.16
CA THR D 622 -33.87 -32.31 -15.96
C THR D 622 -32.94 -33.25 -16.68
N ASP D 623 -31.92 -32.72 -17.33
CA ASP D 623 -31.01 -33.56 -18.11
C ASP D 623 -29.54 -33.15 -18.09
N SER D 624 -29.23 -32.04 -17.41
CA SER D 624 -27.87 -31.54 -17.36
C SER D 624 -27.40 -31.25 -15.95
N ILE D 625 -26.10 -31.38 -15.75
CA ILE D 625 -25.50 -31.12 -14.46
C ILE D 625 -24.33 -30.21 -14.76
N TYR D 626 -24.09 -29.26 -13.87
CA TYR D 626 -22.97 -28.35 -14.02
C TYR D 626 -22.05 -28.51 -12.82
N VAL D 627 -20.79 -28.85 -13.09
CA VAL D 627 -19.82 -29.05 -12.03
C VAL D 627 -18.80 -27.91 -11.94
N SER D 628 -18.42 -27.56 -10.72
CA SER D 628 -17.43 -26.50 -10.50
C SER D 628 -16.04 -27.15 -10.49
N ALA D 629 -15.25 -26.88 -11.52
CA ALA D 629 -13.91 -27.44 -11.64
C ALA D 629 -12.87 -26.75 -10.75
N ASP D 630 -13.25 -25.64 -10.13
CA ASP D 630 -12.38 -24.89 -9.24
C ASP D 630 -11.42 -25.82 -8.49
N LYS D 631 -12.00 -26.66 -7.64
CA LYS D 631 -11.26 -27.59 -6.81
C LYS D 631 -10.32 -28.51 -7.59
N ILE D 632 -10.68 -28.80 -8.84
CA ILE D 632 -9.86 -29.66 -9.68
C ILE D 632 -8.65 -28.90 -10.21
N ILE D 633 -8.91 -27.69 -10.70
CA ILE D 633 -7.86 -26.85 -11.23
C ILE D 633 -6.85 -26.52 -10.12
N ASP D 634 -7.32 -26.43 -8.87
CA ASP D 634 -6.46 -26.14 -7.73
C ASP D 634 -5.52 -27.28 -7.39
N LYS D 635 -6.04 -28.50 -7.53
CA LYS D 635 -5.30 -29.71 -7.24
C LYS D 635 -3.99 -29.74 -8.04
N VAL D 636 -3.85 -28.82 -8.98
CA VAL D 636 -2.62 -28.75 -9.73
C VAL D 636 -2.08 -27.31 -9.76
N GLY D 637 -2.98 -26.33 -9.67
CA GLY D 637 -2.56 -24.93 -9.66
C GLY D 637 -2.52 -24.25 -11.02
N GLU D 638 -3.30 -23.18 -11.18
CA GLU D 638 -3.33 -22.46 -12.44
C GLU D 638 -1.92 -22.14 -12.92
N SER D 639 -0.99 -22.09 -11.97
CA SER D 639 0.42 -21.81 -12.25
C SER D 639 1.00 -22.83 -13.22
N LYS D 640 0.61 -24.09 -13.02
CA LYS D 640 1.05 -25.24 -13.83
C LYS D 640 0.62 -25.24 -15.28
N PHE D 641 -0.21 -24.28 -15.68
CA PHE D 641 -0.66 -24.32 -17.06
C PHE D 641 -0.06 -23.27 -17.98
N ARG D 642 0.41 -23.75 -19.13
CA ARG D 642 1.04 -22.92 -20.14
C ARG D 642 0.15 -21.75 -20.57
N ASP D 643 -1.07 -22.08 -21.01
CA ASP D 643 -2.03 -21.09 -21.49
C ASP D 643 -3.45 -21.52 -21.13
N THR D 644 -4.44 -20.81 -21.66
CA THR D 644 -5.84 -21.15 -21.40
C THR D 644 -6.15 -22.53 -21.96
N ASN D 645 -5.83 -22.72 -23.24
CA ASN D 645 -6.11 -23.99 -23.90
C ASN D 645 -5.49 -25.18 -23.16
N HIS D 646 -4.52 -24.92 -22.31
CA HIS D 646 -3.87 -26.00 -21.57
C HIS D 646 -4.74 -26.58 -20.46
N TRP D 647 -5.43 -25.74 -19.69
CA TRP D 647 -6.26 -26.29 -18.64
C TRP D 647 -7.57 -26.77 -19.21
N VAL D 648 -7.94 -26.29 -20.40
CA VAL D 648 -9.18 -26.75 -20.99
C VAL D 648 -8.94 -28.21 -21.40
N ASP D 649 -7.74 -28.50 -21.90
CA ASP D 649 -7.34 -29.87 -22.27
C ASP D 649 -7.33 -30.77 -21.04
N PHE D 650 -6.69 -30.29 -19.97
CA PHE D 650 -6.61 -31.05 -18.73
C PHE D 650 -7.98 -31.45 -18.24
N LEU D 651 -8.92 -30.50 -18.22
CA LEU D 651 -10.27 -30.79 -17.77
C LEU D 651 -10.95 -31.74 -18.74
N ASP D 652 -10.71 -31.57 -20.03
CA ASP D 652 -11.32 -32.47 -21.00
C ASP D 652 -10.83 -33.90 -20.77
N LYS D 653 -9.53 -34.03 -20.51
CA LYS D 653 -8.94 -35.35 -20.26
C LYS D 653 -9.48 -35.90 -18.95
N PHE D 654 -9.48 -35.07 -17.91
CA PHE D 654 -9.94 -35.51 -16.61
C PHE D 654 -11.40 -35.93 -16.60
N ALA D 655 -12.23 -35.26 -17.40
CA ALA D 655 -13.65 -35.60 -17.45
C ALA D 655 -13.83 -36.95 -18.14
N ARG D 656 -13.29 -37.07 -19.36
CA ARG D 656 -13.41 -38.31 -20.12
C ARG D 656 -12.79 -39.53 -19.44
N GLU D 657 -11.53 -39.42 -18.99
CA GLU D 657 -10.89 -40.56 -18.38
C GLU D 657 -11.16 -40.85 -16.92
N ARG D 658 -11.55 -39.85 -16.14
CA ARG D 658 -11.82 -40.06 -14.72
C ARG D 658 -13.31 -39.98 -14.36
N MET D 659 -13.97 -38.91 -14.80
CA MET D 659 -15.39 -38.67 -14.52
C MET D 659 -16.36 -39.57 -15.29
N GLU D 660 -16.23 -39.61 -16.61
CA GLU D 660 -17.13 -40.45 -17.39
C GLU D 660 -17.29 -41.84 -16.77
N PRO D 661 -16.17 -42.56 -16.55
CA PRO D 661 -16.19 -43.90 -15.96
C PRO D 661 -16.91 -43.93 -14.62
N ALA D 662 -16.61 -42.95 -13.79
CA ALA D 662 -17.24 -42.86 -12.48
C ALA D 662 -18.75 -42.78 -12.65
N ILE D 663 -19.17 -41.96 -13.61
CA ILE D 663 -20.58 -41.74 -13.92
C ILE D 663 -21.28 -43.02 -14.39
N ASP D 664 -20.74 -43.69 -15.40
CA ASP D 664 -21.37 -44.91 -15.89
C ASP D 664 -21.42 -45.98 -14.81
N ARG D 665 -20.36 -46.11 -14.02
CA ARG D 665 -20.41 -47.10 -12.97
C ARG D 665 -21.55 -46.75 -12.01
N GLY D 666 -21.69 -45.48 -11.67
CA GLY D 666 -22.78 -45.06 -10.78
C GLY D 666 -24.17 -45.33 -11.35
N PHE D 667 -24.34 -45.18 -12.65
CA PHE D 667 -25.63 -45.42 -13.28
C PHE D 667 -25.96 -46.90 -13.35
N ARG D 668 -24.95 -47.72 -13.65
CA ARG D 668 -25.19 -49.15 -13.74
C ARG D 668 -25.71 -49.61 -12.39
N GLU D 669 -25.17 -49.00 -11.33
CA GLU D 669 -25.57 -49.30 -9.96
C GLU D 669 -27.08 -49.03 -9.85
N MET D 670 -27.51 -47.85 -10.29
CA MET D 670 -28.90 -47.46 -10.22
C MET D 670 -29.79 -48.40 -11.04
N CYS D 671 -29.29 -48.77 -12.20
CA CYS D 671 -30.02 -49.67 -13.08
C CYS D 671 -30.33 -50.99 -12.36
N GLU D 672 -29.36 -51.48 -11.61
CA GLU D 672 -29.53 -52.72 -10.86
C GLU D 672 -30.51 -52.47 -9.72
N TYR D 673 -30.32 -51.35 -9.03
CA TYR D 673 -31.18 -50.98 -7.91
C TYR D 673 -32.64 -51.10 -8.32
N MET D 674 -32.99 -50.52 -9.46
CA MET D 674 -34.37 -50.59 -9.91
C MET D 674 -34.65 -51.85 -10.71
N ASN D 675 -33.61 -52.63 -10.98
CA ASN D 675 -33.71 -53.86 -11.75
C ASN D 675 -34.43 -53.58 -13.07
N ASN D 676 -33.86 -52.66 -13.84
CA ASN D 676 -34.43 -52.27 -15.12
C ASN D 676 -34.06 -53.25 -16.21
N LYS D 677 -34.83 -53.24 -17.30
CA LYS D 677 -34.57 -54.13 -18.42
C LYS D 677 -33.23 -53.89 -19.14
N GLN D 678 -32.72 -52.66 -19.12
CA GLN D 678 -31.41 -52.39 -19.75
C GLN D 678 -30.85 -51.01 -19.47
N HIS D 679 -29.56 -50.99 -19.19
CA HIS D 679 -28.84 -49.77 -18.87
C HIS D 679 -28.72 -48.85 -20.08
N LEU D 680 -29.34 -47.68 -19.98
CA LEU D 680 -29.33 -46.73 -21.08
C LEU D 680 -29.13 -45.30 -20.62
N MET D 681 -28.73 -45.12 -19.36
CA MET D 681 -28.50 -43.78 -18.85
C MET D 681 -27.05 -43.38 -19.20
N PHE D 682 -26.92 -42.61 -20.27
CA PHE D 682 -25.60 -42.18 -20.74
C PHE D 682 -25.46 -40.67 -20.60
N MET D 683 -24.34 -40.23 -20.03
CA MET D 683 -24.11 -38.80 -19.88
C MET D 683 -22.73 -38.43 -20.44
N ASP D 684 -22.68 -37.34 -21.22
CA ASP D 684 -21.43 -36.91 -21.85
C ASP D 684 -21.02 -35.48 -21.47
N ARG D 685 -19.72 -35.28 -21.27
CA ARG D 685 -19.20 -33.95 -20.93
C ARG D 685 -19.66 -33.05 -22.08
N GLU D 686 -20.25 -31.93 -21.72
CA GLU D 686 -20.74 -30.99 -22.71
C GLU D 686 -19.87 -29.78 -22.94
N ALA D 687 -19.87 -28.89 -21.99
CA ALA D 687 -19.06 -27.70 -22.13
C ALA D 687 -17.99 -27.55 -21.06
N ILE D 688 -16.96 -26.79 -21.40
CA ILE D 688 -15.88 -26.50 -20.48
C ILE D 688 -15.75 -24.97 -20.53
N ALA D 689 -15.93 -24.34 -19.38
CA ALA D 689 -15.89 -22.89 -19.32
C ALA D 689 -15.05 -22.39 -18.18
N GLY D 690 -14.53 -21.18 -18.34
CA GLY D 690 -13.71 -20.55 -17.33
C GLY D 690 -13.16 -19.28 -17.94
N PRO D 691 -12.38 -18.49 -17.19
CA PRO D 691 -11.80 -17.23 -17.68
C PRO D 691 -10.50 -17.48 -18.45
N PRO D 692 -10.16 -16.58 -19.39
CA PRO D 692 -8.90 -16.80 -20.11
C PRO D 692 -7.82 -16.84 -19.05
N LEU D 693 -6.88 -17.77 -19.15
CA LEU D 693 -5.82 -17.88 -18.16
C LEU D 693 -5.04 -16.57 -17.99
N GLY D 694 -4.96 -16.13 -16.73
CA GLY D 694 -4.27 -14.90 -16.43
C GLY D 694 -5.10 -13.63 -16.59
N SER D 695 -6.43 -13.79 -16.70
CA SER D 695 -7.29 -12.63 -16.86
C SER D 695 -7.99 -12.41 -15.53
N LYS D 696 -8.74 -11.32 -15.42
CA LYS D 696 -9.45 -11.07 -14.18
C LYS D 696 -10.93 -11.39 -14.42
N GLY D 697 -11.19 -12.19 -15.46
CA GLY D 697 -12.54 -12.57 -15.78
C GLY D 697 -13.05 -13.54 -14.72
N ILE D 698 -14.36 -13.61 -14.54
CA ILE D 698 -14.93 -14.51 -13.55
C ILE D 698 -15.39 -15.84 -14.18
N GLY D 699 -15.21 -15.98 -15.48
CA GLY D 699 -15.61 -17.23 -16.13
C GLY D 699 -17.09 -17.48 -16.29
N GLY D 700 -17.91 -17.09 -15.31
CA GLY D 700 -19.35 -17.29 -15.42
C GLY D 700 -20.11 -17.02 -14.13
N PHE D 701 -21.43 -17.00 -14.23
CA PHE D 701 -22.25 -16.75 -13.05
C PHE D 701 -23.68 -17.27 -13.20
N TRP D 702 -24.39 -17.33 -12.08
CA TRP D 702 -25.77 -17.77 -12.09
C TRP D 702 -26.61 -16.80 -11.27
N THR D 703 -27.76 -16.44 -11.83
CA THR D 703 -28.68 -15.53 -11.19
C THR D 703 -29.69 -16.35 -10.40
N GLY D 704 -30.13 -17.44 -11.02
CA GLY D 704 -31.10 -18.35 -10.40
C GLY D 704 -31.44 -19.47 -11.36
N LYS D 705 -32.50 -20.23 -11.04
CA LYS D 705 -32.91 -21.37 -11.90
C LYS D 705 -32.86 -20.91 -13.36
N LYS D 706 -32.20 -21.70 -14.20
CA LYS D 706 -32.08 -21.41 -15.62
C LYS D 706 -31.71 -19.98 -16.04
N ARG D 707 -30.89 -19.32 -15.23
CA ARG D 707 -30.44 -17.96 -15.60
C ARG D 707 -28.94 -17.90 -15.37
N TYR D 708 -28.18 -18.11 -16.43
CA TYR D 708 -26.72 -18.11 -16.33
C TYR D 708 -26.02 -17.60 -17.59
N ALA D 709 -24.69 -17.52 -17.47
CA ALA D 709 -23.84 -17.12 -18.57
C ALA D 709 -22.43 -17.62 -18.29
N LEU D 710 -21.83 -18.25 -19.29
CA LEU D 710 -20.48 -18.75 -19.13
C LEU D 710 -19.65 -18.64 -20.39
N ASN D 711 -18.35 -18.43 -20.19
CA ASN D 711 -17.38 -18.29 -21.27
C ASN D 711 -16.85 -19.69 -21.66
N VAL D 712 -17.44 -20.26 -22.70
CA VAL D 712 -17.05 -21.60 -23.14
C VAL D 712 -15.91 -21.65 -24.14
N TRP D 713 -15.02 -22.62 -23.93
CA TRP D 713 -13.89 -22.81 -24.82
C TRP D 713 -14.07 -24.10 -25.62
N ASP D 714 -14.62 -25.13 -24.99
CA ASP D 714 -14.85 -26.36 -25.71
C ASP D 714 -16.25 -26.88 -25.48
N MET D 715 -16.88 -27.31 -26.58
CA MET D 715 -18.23 -27.84 -26.54
C MET D 715 -18.26 -29.24 -27.18
N GLU D 716 -18.40 -30.28 -26.36
CA GLU D 716 -18.48 -31.65 -26.90
C GLU D 716 -17.30 -32.03 -27.78
N GLY D 717 -16.08 -31.78 -27.32
CA GLY D 717 -14.92 -32.12 -28.12
C GLY D 717 -14.51 -31.02 -29.08
N THR D 718 -15.45 -30.16 -29.46
CA THR D 718 -15.13 -29.07 -30.38
C THR D 718 -14.55 -27.86 -29.65
N ARG D 719 -13.27 -27.57 -29.92
CA ARG D 719 -12.60 -26.42 -29.30
C ARG D 719 -12.70 -25.20 -30.19
N TYR D 720 -13.36 -24.16 -29.69
CA TYR D 720 -13.55 -22.93 -30.44
C TYR D 720 -12.26 -22.15 -30.58
N ALA D 721 -12.13 -21.40 -31.66
CA ALA D 721 -10.93 -20.58 -31.84
C ALA D 721 -11.04 -19.41 -30.85
N GLU D 722 -12.22 -18.79 -30.83
CA GLU D 722 -12.49 -17.67 -29.96
C GLU D 722 -13.56 -18.17 -28.98
N PRO D 723 -13.41 -17.90 -27.68
CA PRO D 723 -14.41 -18.36 -26.71
C PRO D 723 -15.81 -17.84 -27.04
N LYS D 724 -16.82 -18.69 -26.84
CA LYS D 724 -18.18 -18.28 -27.12
C LYS D 724 -18.95 -18.16 -25.81
N LEU D 725 -19.80 -17.15 -25.74
CA LEU D 725 -20.58 -16.90 -24.54
C LEU D 725 -21.88 -17.68 -24.60
N LYS D 726 -22.14 -18.46 -23.56
CA LYS D 726 -23.36 -19.23 -23.50
C LYS D 726 -24.23 -18.50 -22.48
N ILE D 727 -25.22 -17.77 -22.97
CA ILE D 727 -26.11 -17.02 -22.10
C ILE D 727 -27.52 -17.64 -22.11
N MET D 728 -28.02 -18.03 -20.93
CA MET D 728 -29.34 -18.64 -20.85
C MET D 728 -30.21 -17.98 -19.81
N GLY D 729 -31.33 -17.45 -20.28
CA GLY D 729 -32.25 -16.79 -19.37
C GLY D 729 -31.97 -15.34 -19.02
N LEU D 730 -30.78 -14.82 -19.36
CA LEU D 730 -30.45 -13.42 -19.07
C LEU D 730 -31.18 -12.50 -20.03
N GLU D 731 -31.91 -11.52 -19.50
CA GLU D 731 -32.70 -10.58 -20.32
C GLU D 731 -32.03 -9.98 -21.55
N THR D 732 -30.71 -9.79 -21.49
CA THR D 732 -29.92 -9.20 -22.58
C THR D 732 -30.60 -8.96 -23.91
N GLN D 733 -30.75 -10.04 -24.66
CA GLN D 733 -31.34 -10.01 -25.99
C GLN D 733 -32.78 -9.51 -26.07
N LYS D 734 -33.27 -8.84 -25.04
CA LYS D 734 -34.63 -8.34 -25.03
C LYS D 734 -34.99 -7.72 -26.37
N SER D 735 -36.28 -7.66 -26.66
CA SER D 735 -36.74 -7.05 -27.91
C SER D 735 -37.11 -5.61 -27.59
N SER D 736 -37.50 -5.38 -26.34
CA SER D 736 -37.85 -4.04 -25.89
C SER D 736 -36.62 -3.17 -26.03
N THR D 737 -35.63 -3.44 -25.18
CA THR D 737 -34.37 -2.70 -25.14
C THR D 737 -33.73 -2.42 -26.51
N PRO D 738 -33.30 -1.17 -26.74
CA PRO D 738 -32.67 -0.76 -28.00
C PRO D 738 -31.42 -1.56 -28.30
N LYS D 739 -31.06 -1.59 -29.57
CA LYS D 739 -29.90 -2.33 -30.01
C LYS D 739 -28.59 -1.84 -29.39
N ALA D 740 -28.54 -0.56 -29.06
CA ALA D 740 -27.34 0.01 -28.46
C ALA D 740 -27.02 -0.78 -27.20
N VAL D 741 -27.96 -0.79 -26.28
CA VAL D 741 -27.83 -1.51 -25.02
C VAL D 741 -27.65 -3.00 -25.29
N GLN D 742 -28.49 -3.53 -26.18
CA GLN D 742 -28.45 -4.93 -26.56
C GLN D 742 -27.05 -5.38 -26.98
N LYS D 743 -26.16 -4.41 -27.17
CA LYS D 743 -24.78 -4.69 -27.56
C LYS D 743 -23.90 -4.30 -26.38
N ALA D 744 -24.42 -3.38 -25.57
CA ALA D 744 -23.71 -2.90 -24.40
C ALA D 744 -23.64 -3.99 -23.34
N LEU D 745 -24.81 -4.57 -23.05
CA LEU D 745 -24.92 -5.63 -22.06
C LEU D 745 -24.07 -6.85 -22.42
N LYS D 746 -24.17 -7.29 -23.66
CA LYS D 746 -23.39 -8.43 -24.10
C LYS D 746 -21.92 -8.11 -23.79
N GLU D 747 -21.53 -6.88 -24.09
CA GLU D 747 -20.17 -6.40 -23.88
C GLU D 747 -19.81 -6.40 -22.40
N CYS D 748 -20.78 -6.03 -21.56
CA CYS D 748 -20.56 -6.03 -20.11
C CYS D 748 -20.26 -7.44 -19.65
N ILE D 749 -20.96 -8.41 -20.23
CA ILE D 749 -20.75 -9.80 -19.87
C ILE D 749 -19.42 -10.29 -20.38
N ARG D 750 -19.21 -10.15 -21.68
CA ARG D 750 -17.97 -10.56 -22.31
C ARG D 750 -16.80 -10.20 -21.42
N ARG D 751 -16.85 -8.97 -20.91
CA ARG D 751 -15.78 -8.48 -20.07
C ARG D 751 -15.71 -9.11 -18.69
N MET D 752 -16.87 -9.25 -18.04
CA MET D 752 -16.88 -9.84 -16.73
C MET D 752 -16.34 -11.26 -16.76
N LEU D 753 -16.36 -11.89 -17.93
CA LEU D 753 -15.89 -13.26 -18.03
C LEU D 753 -14.48 -13.41 -18.54
N GLN D 754 -14.01 -12.45 -19.33
CA GLN D 754 -12.67 -12.52 -19.89
C GLN D 754 -11.70 -11.43 -19.45
N GLU D 755 -12.11 -10.51 -18.60
CA GLU D 755 -11.20 -9.44 -18.25
C GLU D 755 -11.02 -8.97 -16.81
N GLY D 756 -12.10 -8.82 -16.06
CA GLY D 756 -11.93 -8.40 -14.68
C GLY D 756 -12.64 -7.15 -14.27
N GLU D 757 -13.25 -7.21 -13.09
CA GLU D 757 -14.02 -6.10 -12.52
C GLU D 757 -13.59 -4.71 -13.00
N GLU D 758 -12.29 -4.55 -13.24
CA GLU D 758 -11.76 -3.28 -13.71
C GLU D 758 -12.40 -2.97 -15.06
N SER D 759 -12.17 -3.83 -16.04
CA SER D 759 -12.68 -3.65 -17.38
C SER D 759 -14.15 -3.29 -17.37
N LEU D 760 -14.95 -3.99 -16.57
CA LEU D 760 -16.36 -3.68 -16.49
C LEU D 760 -16.49 -2.20 -16.13
N GLN D 761 -15.90 -1.80 -15.01
CA GLN D 761 -15.97 -0.40 -14.56
C GLN D 761 -15.50 0.57 -15.63
N GLU D 762 -14.40 0.24 -16.30
CA GLU D 762 -13.85 1.08 -17.36
C GLU D 762 -14.90 1.27 -18.46
N TYR D 763 -15.47 0.15 -18.90
CA TYR D 763 -16.48 0.12 -19.93
C TYR D 763 -17.77 0.82 -19.54
N PHE D 764 -18.11 0.78 -18.26
CA PHE D 764 -19.34 1.40 -17.79
C PHE D 764 -19.28 2.90 -18.06
N LYS D 765 -18.32 3.56 -17.45
CA LYS D 765 -18.17 4.99 -17.65
C LYS D 765 -18.10 5.27 -19.15
N GLU D 766 -17.30 4.49 -19.87
CA GLU D 766 -17.12 4.65 -21.32
C GLU D 766 -18.43 4.77 -22.10
N PHE D 767 -19.35 3.85 -21.86
CA PHE D 767 -20.64 3.83 -22.53
C PHE D 767 -21.45 5.07 -22.14
N GLU D 768 -21.38 5.44 -20.86
CA GLU D 768 -22.08 6.61 -20.35
C GLU D 768 -21.95 7.77 -21.33
N LYS D 769 -20.74 7.96 -21.85
CA LYS D 769 -20.49 9.02 -22.81
C LYS D 769 -21.16 8.61 -24.12
N GLU D 770 -20.55 7.65 -24.81
CA GLU D 770 -21.07 7.16 -26.08
C GLU D 770 -22.59 7.16 -26.14
N PHE D 771 -23.23 6.88 -25.02
CA PHE D 771 -24.70 6.81 -24.95
C PHE D 771 -25.43 8.08 -25.38
N ARG D 772 -25.46 9.06 -24.49
CA ARG D 772 -26.17 10.31 -24.73
C ARG D 772 -25.80 11.02 -26.03
N GLN D 773 -24.72 10.59 -26.67
CA GLN D 773 -24.31 11.21 -27.92
C GLN D 773 -24.48 10.26 -29.11
N LEU D 774 -25.40 9.30 -28.96
CA LEU D 774 -25.69 8.34 -30.02
C LEU D 774 -26.97 8.80 -30.74
N ASN D 775 -27.20 8.32 -31.95
CA ASN D 775 -28.40 8.72 -32.67
C ASN D 775 -29.61 8.33 -31.84
N TYR D 776 -30.69 9.10 -31.92
CA TYR D 776 -31.87 8.79 -31.14
C TYR D 776 -32.56 7.48 -31.52
N ILE D 777 -32.76 7.25 -32.81
CA ILE D 777 -33.40 6.02 -33.26
C ILE D 777 -32.71 4.80 -32.66
N SER D 778 -31.50 5.00 -32.13
CA SER D 778 -30.73 3.90 -31.54
C SER D 778 -31.04 3.68 -30.08
N ILE D 779 -31.64 4.66 -29.42
CA ILE D 779 -31.96 4.49 -28.02
C ILE D 779 -33.45 4.25 -27.91
N ALA D 780 -34.14 4.33 -29.04
CA ALA D 780 -35.57 4.13 -29.05
C ALA D 780 -35.93 2.66 -28.92
N SER D 781 -36.77 2.34 -27.95
CA SER D 781 -37.22 0.98 -27.72
C SER D 781 -38.30 0.73 -28.78
N VAL D 782 -38.79 -0.49 -28.87
CA VAL D 782 -39.79 -0.81 -29.88
C VAL D 782 -40.99 -1.61 -29.37
N SER D 783 -42.13 -1.43 -30.04
CA SER D 783 -43.38 -2.12 -29.70
C SER D 783 -44.42 -1.93 -30.79
N SER D 784 -45.49 -2.71 -30.73
CA SER D 784 -46.56 -2.67 -31.72
C SER D 784 -47.78 -1.85 -31.27
N ALA D 785 -48.27 -0.99 -32.17
CA ALA D 785 -49.42 -0.13 -31.89
C ALA D 785 -50.77 -0.84 -31.96
N ASN D 786 -50.97 -1.82 -31.09
CA ASN D 786 -52.22 -2.57 -31.09
C ASN D 786 -53.28 -2.00 -30.14
N ASN D 787 -54.54 -2.02 -30.59
CA ASN D 787 -55.68 -1.52 -29.82
C ASN D 787 -55.62 -0.01 -29.62
N ILE D 788 -55.35 0.72 -30.70
CA ILE D 788 -55.26 2.17 -30.61
C ILE D 788 -56.59 2.79 -30.20
N ALA D 789 -57.69 2.25 -30.74
CA ALA D 789 -59.02 2.78 -30.45
C ALA D 789 -59.59 2.38 -29.09
N LYS D 790 -59.24 1.19 -28.61
CA LYS D 790 -59.75 0.76 -27.31
C LYS D 790 -59.22 1.66 -26.21
N TYR D 791 -58.21 2.47 -26.53
CA TYR D 791 -57.61 3.36 -25.55
C TYR D 791 -57.63 4.81 -26.00
N ASP D 792 -58.25 5.05 -27.14
CA ASP D 792 -58.36 6.39 -27.71
C ASP D 792 -59.57 7.10 -27.13
N VAL D 793 -59.47 7.66 -25.93
CA VAL D 793 -60.62 8.37 -25.37
C VAL D 793 -60.44 9.84 -25.74
N GLY D 794 -61.16 10.27 -26.76
CA GLY D 794 -61.07 11.64 -27.23
C GLY D 794 -59.74 11.86 -27.94
N GLY D 795 -58.78 11.01 -27.62
CA GLY D 795 -57.47 11.11 -28.23
C GLY D 795 -56.43 11.19 -27.14
N PHE D 796 -56.83 10.84 -25.92
CA PHE D 796 -55.92 10.87 -24.78
C PHE D 796 -55.85 9.51 -24.11
N PRO D 797 -54.82 9.29 -23.29
CA PRO D 797 -54.69 8.02 -22.60
C PRO D 797 -55.94 7.67 -21.82
N GLY D 798 -56.71 6.73 -22.36
CA GLY D 798 -57.91 6.29 -21.68
C GLY D 798 -57.50 5.50 -20.44
N PRO D 799 -58.44 4.90 -19.70
CA PRO D 799 -58.03 4.15 -18.51
C PRO D 799 -57.34 2.83 -18.82
N LYS D 800 -56.33 2.48 -18.03
CA LYS D 800 -55.60 1.23 -18.19
C LYS D 800 -54.72 1.17 -19.45
N CYS D 801 -54.56 2.32 -20.09
CA CYS D 801 -53.75 2.44 -21.29
C CYS D 801 -52.28 2.05 -21.13
N PRO D 802 -51.72 1.28 -22.09
CA PRO D 802 -50.32 0.82 -22.09
C PRO D 802 -49.33 1.93 -22.46
N PHE D 803 -48.31 2.08 -21.63
CA PHE D 803 -47.27 3.08 -21.82
C PHE D 803 -46.90 3.45 -23.26
N HIS D 804 -46.81 2.45 -24.15
CA HIS D 804 -46.46 2.75 -25.52
C HIS D 804 -47.65 3.27 -26.32
N ILE D 805 -48.86 2.87 -25.92
CA ILE D 805 -50.05 3.34 -26.59
C ILE D 805 -50.20 4.81 -26.23
N ARG D 806 -49.81 5.13 -25.00
CA ARG D 806 -49.86 6.50 -24.52
C ARG D 806 -48.95 7.27 -25.47
N GLY D 807 -47.70 6.85 -25.57
CA GLY D 807 -46.75 7.51 -26.45
C GLY D 807 -47.24 7.67 -27.87
N ILE D 808 -48.06 6.72 -28.31
CA ILE D 808 -48.61 6.76 -29.66
C ILE D 808 -49.63 7.87 -29.84
N LEU D 809 -50.62 7.90 -28.94
CA LEU D 809 -51.68 8.92 -28.97
C LEU D 809 -51.09 10.32 -28.83
N THR D 810 -50.10 10.44 -27.93
CA THR D 810 -49.38 11.67 -27.65
C THR D 810 -48.84 12.23 -28.98
N TYR D 811 -48.12 11.37 -29.69
CA TYR D 811 -47.55 11.70 -30.98
C TYR D 811 -48.66 12.13 -31.94
N ASN D 812 -49.70 11.30 -32.03
CA ASN D 812 -50.82 11.57 -32.90
C ASN D 812 -51.40 12.97 -32.79
N ARG D 813 -51.64 13.44 -31.57
CA ARG D 813 -52.20 14.77 -31.41
C ARG D 813 -51.09 15.80 -31.53
N ALA D 814 -49.86 15.33 -31.43
CA ALA D 814 -48.70 16.20 -31.55
C ALA D 814 -48.55 16.71 -32.99
N ILE D 815 -49.08 15.93 -33.95
CA ILE D 815 -49.02 16.31 -35.36
C ILE D 815 -50.42 16.40 -35.99
N LYS D 816 -51.45 16.34 -35.14
CA LYS D 816 -52.83 16.42 -35.60
C LYS D 816 -53.06 17.77 -36.23
N GLY D 817 -52.98 17.80 -37.55
CA GLY D 817 -53.16 19.03 -38.28
C GLY D 817 -52.51 18.88 -39.64
N ASN D 818 -51.21 18.61 -39.61
CA ASN D 818 -50.45 18.43 -40.83
C ASN D 818 -50.78 17.05 -41.36
N ILE D 819 -51.85 16.96 -42.13
CA ILE D 819 -52.29 15.70 -42.69
C ILE D 819 -51.25 15.12 -43.67
N ASP D 820 -50.02 15.61 -43.56
CA ASP D 820 -48.92 15.13 -44.41
C ASP D 820 -47.73 14.65 -43.57
N ALA D 821 -47.98 14.35 -42.30
CA ALA D 821 -46.96 13.86 -41.39
C ALA D 821 -47.39 12.45 -40.98
N PRO D 822 -46.56 11.44 -41.32
CA PRO D 822 -46.84 10.04 -41.00
C PRO D 822 -47.61 9.79 -39.72
N GLN D 823 -48.93 9.68 -39.85
CA GLN D 823 -49.77 9.41 -38.69
C GLN D 823 -49.31 8.03 -38.21
N VAL D 824 -49.30 7.81 -36.90
CA VAL D 824 -48.86 6.51 -36.37
C VAL D 824 -49.62 5.36 -37.02
N VAL D 825 -48.95 4.22 -37.14
CA VAL D 825 -49.53 3.01 -37.75
C VAL D 825 -50.38 2.17 -36.76
N GLU D 826 -51.54 1.71 -37.22
CA GLU D 826 -52.45 0.92 -36.38
C GLU D 826 -52.04 -0.54 -36.29
N GLY D 827 -51.98 -1.06 -35.08
CA GLY D 827 -51.59 -2.44 -34.87
C GLY D 827 -50.24 -2.77 -35.49
N GLU D 828 -49.36 -1.77 -35.56
CA GLU D 828 -48.04 -1.97 -36.15
C GLU D 828 -46.86 -1.47 -35.31
N LYS D 829 -45.67 -1.97 -35.61
CA LYS D 829 -44.45 -1.61 -34.89
C LYS D 829 -44.11 -0.13 -34.98
N VAL D 830 -43.77 0.45 -33.83
CA VAL D 830 -43.44 1.87 -33.72
C VAL D 830 -42.36 2.07 -32.65
N TYR D 831 -41.54 3.11 -32.81
CA TYR D 831 -40.47 3.44 -31.88
C TYR D 831 -41.03 4.17 -30.65
N VAL D 832 -40.34 4.11 -29.52
CA VAL D 832 -40.83 4.76 -28.32
C VAL D 832 -39.77 5.35 -27.40
N LEU D 833 -39.80 6.67 -27.24
CA LEU D 833 -38.87 7.38 -26.38
C LEU D 833 -39.57 7.98 -25.16
N PRO D 834 -38.86 8.03 -24.02
CA PRO D 834 -39.45 8.60 -22.80
C PRO D 834 -39.21 10.11 -22.75
N LEU D 835 -40.14 10.83 -22.11
CA LEU D 835 -40.04 12.29 -22.02
C LEU D 835 -39.95 12.85 -20.60
N ARG D 836 -38.95 13.72 -20.38
CA ARG D 836 -38.72 14.36 -19.09
C ARG D 836 -39.95 15.13 -18.64
N GLU D 837 -40.05 15.35 -17.35
CA GLU D 837 -41.18 16.08 -16.78
C GLU D 837 -41.14 17.55 -17.20
N GLY D 838 -42.28 18.06 -17.65
CA GLY D 838 -42.36 19.43 -18.08
C GLY D 838 -42.28 19.61 -19.58
N ASN D 839 -42.11 18.52 -20.31
CA ASN D 839 -42.03 18.64 -21.77
C ASN D 839 -43.32 19.24 -22.33
N PRO D 840 -43.33 19.56 -23.64
CA PRO D 840 -44.53 20.14 -24.24
C PRO D 840 -45.41 19.19 -25.03
N PHE D 841 -45.45 17.90 -24.67
CA PHE D 841 -46.27 16.98 -25.43
C PHE D 841 -47.49 16.49 -24.67
N GLY D 842 -47.47 16.62 -23.35
CA GLY D 842 -48.62 16.20 -22.58
C GLY D 842 -48.46 14.97 -21.72
N ASP D 843 -47.66 14.01 -22.17
CA ASP D 843 -47.45 12.78 -21.40
C ASP D 843 -45.99 12.56 -21.05
N LYS D 844 -45.65 11.33 -20.69
CA LYS D 844 -44.29 10.97 -20.32
C LYS D 844 -43.55 10.20 -21.40
N CYS D 845 -44.16 10.07 -22.58
CA CYS D 845 -43.54 9.34 -23.68
C CYS D 845 -44.16 9.67 -25.04
N ILE D 846 -43.48 9.24 -26.10
CA ILE D 846 -43.95 9.47 -27.46
C ILE D 846 -43.54 8.29 -28.34
N ALA D 847 -44.31 8.02 -29.39
CA ALA D 847 -44.02 6.91 -30.30
C ALA D 847 -44.37 7.24 -31.76
N TRP D 848 -43.39 7.12 -32.65
CA TRP D 848 -43.52 7.41 -34.08
C TRP D 848 -43.39 6.15 -34.92
N PRO D 849 -44.04 6.12 -36.10
CA PRO D 849 -43.96 4.93 -36.97
C PRO D 849 -42.55 4.37 -37.12
N SER D 850 -42.36 3.15 -36.60
CA SER D 850 -41.07 2.46 -36.60
C SER D 850 -40.42 2.33 -37.96
N GLY D 851 -39.09 2.46 -37.98
CA GLY D 851 -38.36 2.35 -39.22
C GLY D 851 -38.51 3.61 -40.05
N THR D 852 -38.58 4.75 -39.37
CA THR D 852 -38.71 6.06 -40.02
C THR D 852 -38.14 7.08 -39.07
N GLU D 853 -37.80 8.26 -39.58
CA GLU D 853 -37.29 9.32 -38.73
C GLU D 853 -38.51 10.08 -38.22
N ILE D 854 -38.32 10.92 -37.21
CA ILE D 854 -39.42 11.67 -36.65
C ILE D 854 -39.50 13.04 -37.33
N THR D 855 -40.69 13.36 -37.87
CA THR D 855 -40.92 14.62 -38.57
C THR D 855 -40.30 15.84 -37.88
N ASP D 856 -39.67 16.72 -38.67
CA ASP D 856 -39.01 17.92 -38.14
C ASP D 856 -39.94 18.82 -37.36
N LEU D 857 -41.25 18.62 -37.51
CA LEU D 857 -42.22 19.42 -36.78
C LEU D 857 -41.99 19.24 -35.29
N ILE D 858 -41.65 18.01 -34.90
CA ILE D 858 -41.40 17.68 -33.50
C ILE D 858 -39.96 17.23 -33.23
N LYS D 859 -39.28 16.79 -34.28
CA LYS D 859 -37.89 16.32 -34.19
C LYS D 859 -37.01 16.90 -33.08
N ASP D 860 -36.46 18.09 -33.31
CA ASP D 860 -35.59 18.71 -32.33
C ASP D 860 -36.30 19.01 -31.00
N ASP D 861 -37.60 18.78 -30.93
CA ASP D 861 -38.36 19.02 -29.71
C ASP D 861 -38.37 17.79 -28.81
N VAL D 862 -38.51 16.61 -29.42
CA VAL D 862 -38.51 15.35 -28.72
C VAL D 862 -37.07 15.04 -28.28
N LEU D 863 -36.14 15.09 -29.23
CA LEU D 863 -34.74 14.83 -28.93
C LEU D 863 -34.20 15.81 -27.92
N HIS D 864 -35.02 16.78 -27.55
CA HIS D 864 -34.63 17.80 -26.58
C HIS D 864 -35.13 17.36 -25.19
N TRP D 865 -36.33 16.79 -25.19
CA TRP D 865 -36.95 16.35 -23.96
C TRP D 865 -36.78 14.86 -23.68
N MET D 866 -35.87 14.20 -24.38
CA MET D 866 -35.67 12.78 -24.13
C MET D 866 -35.20 12.53 -22.72
N ASP D 867 -35.76 11.49 -22.11
CA ASP D 867 -35.41 11.12 -20.75
C ASP D 867 -34.23 10.15 -20.71
N TYR D 868 -33.03 10.66 -20.92
CA TYR D 868 -31.84 9.81 -20.89
C TYR D 868 -31.71 9.05 -19.58
N THR D 869 -32.20 9.65 -18.50
CA THR D 869 -32.14 9.03 -17.18
C THR D 869 -33.07 7.83 -17.08
N VAL D 870 -34.36 8.09 -17.06
CA VAL D 870 -35.33 7.02 -16.96
C VAL D 870 -35.12 5.97 -18.04
N LEU D 871 -34.37 6.31 -19.08
CA LEU D 871 -34.14 5.38 -20.17
C LEU D 871 -32.96 4.48 -19.87
N LEU D 872 -31.82 5.10 -19.64
CA LEU D 872 -30.59 4.38 -19.34
C LEU D 872 -30.67 3.62 -18.03
N GLU D 873 -31.52 4.08 -17.12
CA GLU D 873 -31.67 3.47 -15.80
C GLU D 873 -32.36 2.12 -15.82
N LYS D 874 -33.54 2.06 -16.44
CA LYS D 874 -34.28 0.81 -16.47
C LYS D 874 -34.01 -0.12 -17.64
N THR D 875 -33.07 0.22 -18.52
CA THR D 875 -32.80 -0.67 -19.65
C THR D 875 -31.34 -1.09 -19.76
N PHE D 876 -30.51 -0.52 -18.91
CA PHE D 876 -29.10 -0.84 -18.93
C PHE D 876 -28.51 -0.98 -17.55
N ILE D 877 -28.71 0.05 -16.72
CA ILE D 877 -28.17 0.04 -15.37
C ILE D 877 -28.86 -1.03 -14.52
N LYS D 878 -30.18 -1.02 -14.49
CA LYS D 878 -30.91 -2.02 -13.72
C LYS D 878 -30.44 -3.44 -14.11
N PRO D 879 -30.68 -3.86 -15.37
CA PRO D 879 -30.26 -5.20 -15.78
C PRO D 879 -28.80 -5.55 -15.49
N LEU D 880 -27.93 -4.55 -15.50
CA LEU D 880 -26.52 -4.78 -15.25
C LEU D 880 -26.18 -5.01 -13.79
N GLU D 881 -27.01 -4.50 -12.89
CA GLU D 881 -26.76 -4.66 -11.46
C GLU D 881 -27.04 -6.12 -11.08
N GLY D 882 -28.06 -6.69 -11.70
CA GLY D 882 -28.39 -8.07 -11.41
C GLY D 882 -27.16 -8.91 -11.65
N PHE D 883 -26.60 -8.80 -12.85
CA PHE D 883 -25.41 -9.55 -13.24
C PHE D 883 -24.28 -9.29 -12.27
N THR D 884 -23.92 -8.03 -12.12
CA THR D 884 -22.84 -7.64 -11.22
C THR D 884 -23.11 -8.12 -9.80
N SER D 885 -24.30 -7.83 -9.31
CA SER D 885 -24.69 -8.22 -7.96
C SER D 885 -24.46 -9.71 -7.75
N ALA D 886 -24.80 -10.52 -8.74
CA ALA D 886 -24.64 -11.96 -8.65
C ALA D 886 -23.17 -12.36 -8.63
N ALA D 887 -22.39 -11.88 -9.60
CA ALA D 887 -20.97 -12.19 -9.66
C ALA D 887 -20.27 -11.50 -8.50
N LYS D 888 -21.06 -10.83 -7.68
CA LYS D 888 -20.57 -10.11 -6.50
C LYS D 888 -19.58 -9.01 -6.85
N LEU D 889 -19.77 -8.40 -8.02
CA LEU D 889 -18.91 -7.33 -8.50
C LEU D 889 -19.62 -5.98 -8.41
N ASP D 890 -19.10 -5.02 -9.15
CA ASP D 890 -19.64 -3.66 -9.18
C ASP D 890 -19.11 -2.92 -10.40
N TYR D 891 -19.99 -2.19 -11.08
CA TYR D 891 -19.62 -1.45 -12.27
C TYR D 891 -19.06 -0.05 -11.95
N GLU D 892 -19.27 0.42 -10.72
CA GLU D 892 -18.75 1.71 -10.31
C GLU D 892 -17.52 1.44 -9.44
N LYS D 893 -16.40 2.08 -9.76
CA LYS D 893 -15.16 1.88 -9.00
C LYS D 893 -15.20 2.57 -7.63
N LYS D 894 -14.85 1.82 -6.59
CA LYS D 894 -14.86 2.35 -5.23
C LYS D 894 -13.48 2.80 -4.71
N ALA D 895 -13.42 3.06 -3.41
CA ALA D 895 -12.21 3.51 -2.71
C ALA D 895 -10.89 2.96 -3.28
N SER D 896 -9.78 3.64 -2.97
CA SER D 896 -8.46 3.22 -3.44
C SER D 896 -7.62 2.59 -2.34
N LEU D 897 -6.69 3.39 -1.83
CA LEU D 897 -5.76 2.96 -0.78
C LEU D 897 -4.75 1.98 -1.38
#